data_6CUI
#
_entry.id   6CUI
#
_entity_poly.entity_id   1
_entity_poly.type   'polypeptide(L)'
_entity_poly.pdbx_seq_one_letter_code
;SMKTAPPALPTGYDSEEEEESRPMSYDEKRQLSLDINKLPGEKLGRVVHIIQAREPSLRDSNPEEIEIDFETLKPSTLRE
LERYVLSCLRKKPRKPYTIKKPVGKTKEELALEKKRELEKRLQDVSGQLNST
;
_entity_poly.pdbx_strand_id   A
#
# COMPACT_ATOMS: atom_id res chain seq x y z
N SER A 1 -19.52 8.67 -16.05
CA SER A 1 -20.09 9.01 -14.74
C SER A 1 -19.55 8.03 -13.68
N MET A 2 -18.53 8.46 -12.93
CA MET A 2 -17.91 7.70 -11.83
C MET A 2 -18.32 8.31 -10.47
N LYS A 3 -18.03 7.58 -9.39
CA LYS A 3 -18.25 8.07 -8.02
C LYS A 3 -17.08 8.98 -7.60
N THR A 4 -17.41 10.14 -7.03
CA THR A 4 -16.44 11.07 -6.47
C THR A 4 -16.15 10.70 -5.00
N ALA A 5 -14.87 10.89 -4.58
CA ALA A 5 -14.39 10.48 -3.25
C ALA A 5 -15.00 11.34 -2.10
N PRO A 6 -15.45 10.71 -0.98
CA PRO A 6 -15.95 11.46 0.21
C PRO A 6 -14.77 12.06 1.03
N PRO A 7 -15.01 13.20 1.79
CA PRO A 7 -13.96 13.78 2.67
C PRO A 7 -13.55 12.81 3.79
N ALA A 8 -12.26 12.52 3.86
CA ALA A 8 -11.70 11.57 4.84
C ALA A 8 -11.28 12.31 6.13
N LEU A 9 -11.31 11.60 7.26
CA LEU A 9 -10.91 12.15 8.58
C LEU A 9 -9.48 11.71 8.93
N PRO A 10 -8.44 12.60 8.77
CA PRO A 10 -7.06 12.30 9.19
C PRO A 10 -6.84 12.58 10.70
N THR A 11 -7.94 12.93 11.38
CA THR A 11 -7.96 13.32 12.78
C THR A 11 -9.39 13.12 13.36
N GLY A 12 -9.55 13.34 14.68
CA GLY A 12 -10.85 13.27 15.34
C GLY A 12 -11.18 11.87 15.82
N TYR A 13 -11.43 10.96 14.87
CA TYR A 13 -11.75 9.55 15.14
C TYR A 13 -10.45 8.78 15.47
N ASP A 14 -9.62 8.53 14.42
CA ASP A 14 -8.31 7.82 14.53
C ASP A 14 -8.46 6.37 15.06
N SER A 15 -7.31 5.65 15.13
CA SER A 15 -7.17 4.32 15.76
C SER A 15 -7.94 3.21 15.01
N GLU A 16 -8.51 3.54 13.83
CA GLU A 16 -9.27 2.60 13.00
C GLU A 16 -8.36 1.47 12.48
N GLU A 17 -7.20 1.87 11.97
CA GLU A 17 -6.20 0.96 11.39
C GLU A 17 -5.16 0.57 12.44
N GLU A 18 -4.97 1.45 13.44
CA GLU A 18 -3.92 1.33 14.46
C GLU A 18 -4.26 0.20 15.46
N GLU A 19 -5.55 0.16 15.87
CA GLU A 19 -6.05 -0.92 16.76
C GLU A 19 -6.38 -2.19 15.95
N GLU A 20 -6.51 -2.03 14.61
CA GLU A 20 -6.70 -3.16 13.68
C GLU A 20 -5.35 -3.90 13.54
N SER A 21 -4.44 -3.36 12.69
CA SER A 21 -3.06 -3.86 12.43
C SER A 21 -2.94 -5.41 12.46
N ARG A 22 -3.50 -6.06 11.43
CA ARG A 22 -3.51 -7.53 11.33
C ARG A 22 -2.73 -8.01 10.09
N PRO A 23 -2.13 -9.25 10.13
CA PRO A 23 -1.47 -9.86 8.96
C PRO A 23 -2.49 -10.11 7.83
N MET A 24 -2.08 -9.76 6.61
CA MET A 24 -2.91 -9.91 5.40
C MET A 24 -2.68 -11.30 4.78
N SER A 25 -3.41 -11.62 3.71
CA SER A 25 -3.24 -12.89 3.00
C SER A 25 -1.88 -12.91 2.29
N TYR A 26 -1.13 -14.01 2.48
CA TYR A 26 0.20 -14.24 1.88
C TYR A 26 0.12 -14.21 0.34
N ASP A 27 -1.06 -14.58 -0.19
CA ASP A 27 -1.38 -14.55 -1.64
C ASP A 27 -1.18 -13.15 -2.20
N GLU A 28 -1.81 -12.17 -1.55
CA GLU A 28 -1.82 -10.76 -1.99
C GLU A 28 -0.39 -10.21 -2.05
N LYS A 29 0.32 -10.32 -0.90
CA LYS A 29 1.64 -9.71 -0.68
C LYS A 29 2.75 -10.37 -1.52
N ARG A 30 2.76 -11.71 -1.57
CA ARG A 30 3.82 -12.47 -2.25
C ARG A 30 3.75 -12.27 -3.78
N GLN A 31 2.50 -12.16 -4.30
CA GLN A 31 2.26 -11.85 -5.72
C GLN A 31 2.43 -10.34 -5.99
N LEU A 32 2.22 -9.51 -4.93
CA LEU A 32 2.45 -8.04 -4.98
C LEU A 32 3.94 -7.75 -5.21
N SER A 33 4.83 -8.64 -4.70
CA SER A 33 6.29 -8.55 -4.89
C SER A 33 6.67 -8.53 -6.39
N LEU A 34 5.89 -9.24 -7.21
CA LEU A 34 6.05 -9.29 -8.68
C LEU A 34 5.55 -7.98 -9.33
N ASP A 35 4.57 -7.33 -8.70
CA ASP A 35 4.05 -6.00 -9.13
C ASP A 35 5.02 -4.87 -8.73
N ILE A 36 5.76 -5.09 -7.64
CA ILE A 36 6.84 -4.17 -7.20
C ILE A 36 8.05 -4.33 -8.14
N ASN A 37 8.24 -5.58 -8.61
CA ASN A 37 9.32 -5.95 -9.56
C ASN A 37 9.19 -5.21 -10.91
N LYS A 38 7.95 -4.77 -11.23
CA LYS A 38 7.63 -4.02 -12.47
C LYS A 38 8.15 -2.58 -12.41
N LEU A 39 8.31 -2.08 -11.19
CA LEU A 39 8.87 -0.74 -10.92
C LEU A 39 10.42 -0.77 -11.15
N PRO A 40 11.07 0.38 -11.52
CA PRO A 40 12.56 0.43 -11.71
C PRO A 40 13.32 0.19 -10.39
N GLY A 41 14.59 -0.25 -10.49
CA GLY A 41 15.41 -0.63 -9.31
C GLY A 41 15.54 0.49 -8.28
N GLU A 42 15.66 1.72 -8.77
CA GLU A 42 15.72 2.95 -7.95
C GLU A 42 14.46 3.13 -7.07
N LYS A 43 13.32 2.62 -7.58
CA LYS A 43 12.01 2.72 -6.90
C LYS A 43 11.92 1.64 -5.82
N LEU A 44 12.51 0.46 -6.10
CA LEU A 44 12.63 -0.64 -5.12
C LEU A 44 13.55 -0.20 -3.98
N GLY A 45 14.58 0.61 -4.30
CA GLY A 45 15.52 1.11 -3.29
C GLY A 45 14.90 2.11 -2.31
N ARG A 46 13.78 2.72 -2.73
CA ARG A 46 12.99 3.63 -1.88
C ARG A 46 12.02 2.82 -1.00
N VAL A 47 11.42 1.77 -1.61
CA VAL A 47 10.54 0.81 -0.91
C VAL A 47 11.31 0.10 0.21
N VAL A 48 12.53 -0.35 -0.12
CA VAL A 48 13.42 -1.07 0.82
C VAL A 48 13.88 -0.15 1.94
N HIS A 49 14.02 1.16 1.65
CA HIS A 49 14.43 2.15 2.65
C HIS A 49 13.37 2.28 3.78
N ILE A 50 12.10 2.48 3.38
CA ILE A 50 10.98 2.66 4.33
C ILE A 50 10.71 1.35 5.11
N ILE A 51 11.02 0.20 4.49
CA ILE A 51 10.96 -1.11 5.16
C ILE A 51 12.07 -1.22 6.22
N GLN A 52 13.35 -1.14 5.78
CA GLN A 52 14.53 -1.44 6.63
C GLN A 52 14.70 -0.43 7.79
N ALA A 53 14.18 0.80 7.60
CA ALA A 53 14.25 1.87 8.62
C ALA A 53 13.31 1.56 9.81
N ARG A 54 12.28 0.74 9.56
CA ARG A 54 11.35 0.26 10.60
C ARG A 54 11.74 -1.15 11.09
N GLU A 55 12.26 -1.98 10.16
CA GLU A 55 12.63 -3.39 10.43
C GLU A 55 14.12 -3.47 10.83
N PRO A 56 14.45 -3.69 12.15
CA PRO A 56 15.85 -3.60 12.65
C PRO A 56 16.79 -4.69 12.10
N SER A 57 16.22 -5.84 11.72
CA SER A 57 16.97 -6.96 11.13
C SER A 57 17.39 -6.65 9.68
N LEU A 58 16.51 -5.92 8.96
CA LEU A 58 16.64 -5.66 7.52
C LEU A 58 17.56 -4.45 7.23
N ARG A 59 17.80 -3.58 8.25
CA ARG A 59 18.70 -2.40 8.07
C ARG A 59 20.17 -2.83 7.93
N ASP A 60 20.52 -3.96 8.58
CA ASP A 60 21.87 -4.53 8.55
C ASP A 60 22.15 -5.23 7.21
N SER A 61 21.07 -5.74 6.58
CA SER A 61 21.13 -6.40 5.27
C SER A 61 21.30 -5.34 4.15
N ASN A 62 22.08 -5.70 3.11
CA ASN A 62 22.33 -4.83 1.95
C ASN A 62 21.04 -4.65 1.12
N PRO A 63 20.59 -3.37 0.85
CA PRO A 63 19.36 -3.07 0.06
C PRO A 63 19.38 -3.63 -1.38
N GLU A 64 20.56 -4.06 -1.86
CA GLU A 64 20.70 -4.72 -3.18
C GLU A 64 20.30 -6.21 -3.06
N GLU A 65 20.81 -6.85 -1.98
CA GLU A 65 20.63 -8.30 -1.72
C GLU A 65 19.42 -8.54 -0.79
N ILE A 66 18.56 -7.52 -0.66
CA ILE A 66 17.45 -7.47 0.31
C ILE A 66 16.43 -8.60 0.08
N GLU A 67 15.84 -9.08 1.18
CA GLU A 67 14.76 -10.09 1.19
C GLU A 67 13.56 -9.53 1.93
N ILE A 68 12.54 -9.11 1.17
CA ILE A 68 11.29 -8.59 1.75
C ILE A 68 10.38 -9.78 2.11
N ASP A 69 10.59 -10.29 3.34
CA ASP A 69 9.92 -11.50 3.84
C ASP A 69 8.62 -11.09 4.55
N PHE A 70 7.51 -11.11 3.79
CA PHE A 70 6.19 -10.58 4.23
C PHE A 70 5.67 -11.23 5.52
N GLU A 71 6.11 -12.47 5.77
CA GLU A 71 5.64 -13.26 6.93
C GLU A 71 6.31 -12.77 8.24
N THR A 72 7.57 -12.28 8.15
CA THR A 72 8.30 -11.73 9.32
C THR A 72 8.21 -10.19 9.39
N LEU A 73 7.82 -9.52 8.29
CA LEU A 73 7.64 -8.05 8.28
C LEU A 73 6.38 -7.66 9.09
N LYS A 74 6.41 -6.46 9.69
CA LYS A 74 5.31 -5.95 10.53
C LYS A 74 4.03 -5.69 9.69
N PRO A 75 2.81 -6.06 10.20
CA PRO A 75 1.51 -5.82 9.48
C PRO A 75 1.33 -4.36 9.01
N SER A 76 1.84 -3.40 9.82
CA SER A 76 1.79 -1.97 9.52
C SER A 76 2.73 -1.63 8.33
N THR A 77 3.88 -2.31 8.26
CA THR A 77 4.86 -2.13 7.16
C THR A 77 4.26 -2.64 5.83
N LEU A 78 3.41 -3.68 5.91
CA LEU A 78 2.64 -4.20 4.75
C LEU A 78 1.58 -3.18 4.28
N ARG A 79 1.04 -2.39 5.25
CA ARG A 79 0.10 -1.29 4.94
C ARG A 79 0.83 -0.16 4.19
N GLU A 80 1.98 0.26 4.76
CA GLU A 80 2.84 1.32 4.19
C GLU A 80 3.37 0.93 2.81
N LEU A 81 3.56 -0.39 2.62
CA LEU A 81 3.99 -0.98 1.35
C LEU A 81 2.94 -0.74 0.26
N GLU A 82 1.70 -1.22 0.50
CA GLU A 82 0.59 -1.11 -0.47
C GLU A 82 0.29 0.36 -0.81
N ARG A 83 0.39 1.23 0.21
CA ARG A 83 0.21 2.69 0.05
C ARG A 83 1.24 3.28 -0.93
N TYR A 84 2.51 2.88 -0.75
CA TYR A 84 3.63 3.40 -1.55
C TYR A 84 3.52 2.89 -3.01
N VAL A 85 3.17 1.60 -3.16
CA VAL A 85 3.07 0.93 -4.47
C VAL A 85 1.91 1.53 -5.30
N LEU A 86 0.70 1.61 -4.70
CA LEU A 86 -0.51 2.15 -5.38
C LEU A 86 -0.33 3.64 -5.76
N SER A 87 0.44 4.36 -4.94
CA SER A 87 0.78 5.78 -5.18
C SER A 87 1.71 5.91 -6.41
N CYS A 88 2.68 4.98 -6.54
CA CYS A 88 3.60 4.91 -7.70
C CYS A 88 2.83 4.49 -8.98
N LEU A 89 1.88 3.55 -8.82
CA LEU A 89 1.06 3.03 -9.92
C LEU A 89 0.00 4.05 -10.36
N ARG A 90 -0.30 5.01 -9.44
CA ARG A 90 -1.27 6.12 -9.66
C ARG A 90 -2.72 5.60 -9.78
N LYS A 91 -2.94 4.33 -9.40
CA LYS A 91 -4.22 3.65 -9.57
C LYS A 91 -5.12 3.87 -8.36
N LYS A 92 -6.42 3.64 -8.56
CA LYS A 92 -7.46 3.85 -7.55
C LYS A 92 -7.37 2.74 -6.48
N PRO A 93 -7.77 3.03 -5.19
CA PRO A 93 -7.75 2.03 -4.10
C PRO A 93 -8.98 1.08 -4.16
N ARG A 94 -9.25 0.52 -5.36
CA ARG A 94 -10.33 -0.44 -5.56
C ARG A 94 -9.94 -1.79 -4.95
N LYS A 95 -10.21 -1.91 -3.65
CA LYS A 95 -10.05 -3.13 -2.89
C LYS A 95 -11.14 -3.13 -1.78
N PRO A 96 -12.45 -3.30 -2.18
CA PRO A 96 -13.59 -3.23 -1.25
C PRO A 96 -13.64 -4.47 -0.35
N TYR A 97 -13.14 -4.31 0.90
CA TYR A 97 -13.17 -5.36 1.92
C TYR A 97 -14.63 -5.71 2.28
N THR A 98 -14.90 -6.99 2.53
CA THR A 98 -16.24 -7.48 2.88
C THR A 98 -16.12 -8.54 3.98
N ILE A 99 -16.93 -8.39 5.05
CA ILE A 99 -16.96 -9.32 6.18
C ILE A 99 -17.78 -10.58 5.81
N LYS A 100 -17.17 -11.77 5.93
CA LYS A 100 -17.83 -13.05 5.58
C LYS A 100 -18.73 -13.49 6.74
N LYS A 101 -18.11 -13.65 7.91
CA LYS A 101 -18.78 -14.01 9.17
C LYS A 101 -18.38 -13.01 10.25
N PRO A 102 -19.31 -12.64 11.21
CA PRO A 102 -18.99 -11.72 12.35
C PRO A 102 -17.94 -12.29 13.33
N VAL A 103 -17.67 -13.61 13.21
CA VAL A 103 -16.65 -14.35 13.98
C VAL A 103 -16.98 -14.36 15.49
N GLY A 104 -16.62 -13.28 16.20
CA GLY A 104 -16.83 -13.18 17.64
C GLY A 104 -18.28 -12.83 18.00
N LYS A 105 -18.90 -11.97 17.16
CA LYS A 105 -20.26 -11.47 17.38
C LYS A 105 -21.29 -12.57 17.05
N THR A 106 -21.57 -13.41 18.05
CA THR A 106 -22.53 -14.52 17.93
C THR A 106 -23.53 -14.49 19.10
N LYS A 107 -24.63 -15.24 18.96
CA LYS A 107 -25.65 -15.39 20.00
C LYS A 107 -25.08 -16.15 21.22
N GLU A 108 -24.08 -17.03 20.95
CA GLU A 108 -23.33 -17.77 21.97
C GLU A 108 -22.56 -16.81 22.90
N GLU A 109 -21.97 -15.77 22.29
CA GLU A 109 -21.25 -14.70 23.00
C GLU A 109 -22.22 -13.95 23.93
N LEU A 110 -23.34 -13.49 23.33
CA LEU A 110 -24.38 -12.71 24.04
C LEU A 110 -25.05 -13.54 25.16
N ALA A 111 -25.10 -14.87 24.95
CA ALA A 111 -25.62 -15.84 25.93
C ALA A 111 -24.67 -15.97 27.13
N LEU A 112 -23.35 -15.88 26.84
CA LEU A 112 -22.29 -15.98 27.84
C LEU A 112 -22.29 -14.70 28.71
N GLU A 113 -22.44 -13.53 28.06
CA GLU A 113 -22.51 -12.20 28.74
C GLU A 113 -23.75 -12.13 29.65
N LYS A 114 -24.88 -12.61 29.11
CA LYS A 114 -26.17 -12.69 29.83
C LYS A 114 -26.05 -13.62 31.05
N LYS A 115 -25.38 -14.78 30.83
CA LYS A 115 -25.20 -15.80 31.87
C LYS A 115 -24.31 -15.25 32.99
N ARG A 116 -23.26 -14.50 32.61
CA ARG A 116 -22.29 -13.91 33.55
C ARG A 116 -22.99 -12.94 34.51
N GLU A 117 -23.92 -12.15 33.95
CA GLU A 117 -24.79 -11.23 34.70
C GLU A 117 -25.70 -12.03 35.68
N LEU A 118 -26.20 -13.17 35.20
CA LEU A 118 -27.13 -14.03 35.96
C LEU A 118 -26.40 -14.70 37.16
N GLU A 119 -25.11 -15.02 36.95
CA GLU A 119 -24.23 -15.59 38.00
C GLU A 119 -23.92 -14.50 39.04
N LYS A 120 -23.67 -13.27 38.55
CA LYS A 120 -23.37 -12.10 39.39
C LYS A 120 -24.58 -11.76 40.29
N ARG A 121 -25.77 -11.91 39.70
CA ARG A 121 -27.05 -11.55 40.32
C ARG A 121 -27.31 -12.39 41.59
N LEU A 122 -26.77 -13.62 41.60
CA LEU A 122 -26.85 -14.53 42.75
C LEU A 122 -26.16 -13.92 43.99
N GLN A 123 -24.99 -13.29 43.77
CA GLN A 123 -24.21 -12.63 44.84
C GLN A 123 -24.73 -11.20 45.10
N ASP A 124 -25.27 -10.57 44.05
CA ASP A 124 -25.71 -9.15 44.07
C ASP A 124 -26.95 -8.97 44.99
N VAL A 125 -27.91 -9.90 44.87
CA VAL A 125 -29.14 -9.90 45.70
C VAL A 125 -28.78 -10.25 47.17
N SER A 126 -27.73 -11.09 47.35
CA SER A 126 -27.28 -11.57 48.66
C SER A 126 -26.76 -10.41 49.55
N GLY A 127 -27.22 -10.40 50.82
CA GLY A 127 -26.75 -9.43 51.82
C GLY A 127 -25.46 -9.87 52.50
N GLN A 128 -24.61 -8.90 52.89
CA GLN A 128 -23.31 -9.16 53.53
C GLN A 128 -23.47 -9.44 55.05
N LEU A 129 -22.57 -10.27 55.59
CA LEU A 129 -22.55 -10.64 57.01
C LEU A 129 -22.04 -9.47 57.88
N ASN A 130 -22.78 -9.14 58.95
CA ASN A 130 -22.38 -8.11 59.92
C ASN A 130 -21.35 -8.68 60.90
N SER A 131 -20.07 -8.61 60.50
CA SER A 131 -18.94 -9.12 61.29
C SER A 131 -18.72 -8.24 62.54
N THR A 132 -19.12 -8.75 63.72
CA THR A 132 -18.98 -8.06 65.00
C THR A 132 -17.56 -8.32 65.60
N SER A 1 -21.38 21.15 53.91
CA SER A 1 -22.56 21.14 53.05
C SER A 1 -22.55 19.87 52.17
N MET A 2 -23.67 19.13 52.14
CA MET A 2 -23.79 17.80 51.51
C MET A 2 -24.31 17.91 50.05
N LYS A 3 -23.37 18.03 49.09
CA LYS A 3 -23.68 18.07 47.65
C LYS A 3 -22.39 17.79 46.83
N THR A 4 -22.53 17.76 45.50
CA THR A 4 -21.39 17.64 44.57
C THR A 4 -21.74 18.36 43.25
N ALA A 5 -20.74 19.00 42.62
CA ALA A 5 -20.89 19.67 41.31
C ALA A 5 -20.76 18.63 40.18
N PRO A 6 -21.37 18.86 38.96
CA PRO A 6 -21.23 17.93 37.80
C PRO A 6 -19.75 17.76 37.37
N PRO A 7 -19.34 16.54 36.90
CA PRO A 7 -17.95 16.30 36.41
C PRO A 7 -17.74 16.87 34.99
N ALA A 8 -16.63 16.47 34.35
CA ALA A 8 -16.32 16.86 32.96
C ALA A 8 -17.08 15.96 31.95
N LEU A 9 -16.82 16.20 30.65
CA LEU A 9 -17.46 15.45 29.55
C LEU A 9 -16.71 14.11 29.32
N PRO A 10 -17.43 12.94 29.29
CA PRO A 10 -16.77 11.61 29.10
C PRO A 10 -16.20 11.43 27.67
N THR A 11 -14.89 11.70 27.53
CA THR A 11 -14.17 11.60 26.25
C THR A 11 -13.47 10.22 26.14
N GLY A 12 -13.85 9.44 25.11
CA GLY A 12 -13.31 8.10 24.87
C GLY A 12 -12.68 7.96 23.49
N TYR A 13 -12.05 6.80 23.24
CA TYR A 13 -11.33 6.50 21.97
C TYR A 13 -11.74 5.11 21.44
N ASP A 14 -11.36 4.83 20.18
CA ASP A 14 -11.67 3.55 19.49
C ASP A 14 -10.39 2.72 19.40
N SER A 15 -10.37 1.56 20.08
CA SER A 15 -9.30 0.55 19.98
C SER A 15 -9.94 -0.82 19.63
N GLU A 16 -11.10 -0.72 18.96
CA GLU A 16 -12.01 -1.85 18.72
C GLU A 16 -11.53 -2.71 17.53
N GLU A 17 -11.46 -2.06 16.34
CA GLU A 17 -11.11 -2.72 15.07
C GLU A 17 -9.58 -2.71 14.83
N GLU A 18 -8.83 -1.97 15.68
CA GLU A 18 -7.35 -1.92 15.59
C GLU A 18 -6.72 -3.27 16.01
N GLU A 19 -7.51 -4.09 16.71
CA GLU A 19 -7.11 -5.45 17.12
C GLU A 19 -7.29 -6.44 15.96
N GLU A 20 -8.20 -6.09 15.03
CA GLU A 20 -8.48 -6.88 13.81
C GLU A 20 -7.48 -6.60 12.68
N SER A 21 -6.50 -5.70 12.94
CA SER A 21 -5.38 -5.45 12.02
C SER A 21 -4.56 -6.74 11.82
N ARG A 22 -4.78 -7.40 10.68
CA ARG A 22 -4.07 -8.64 10.31
C ARG A 22 -3.46 -8.50 8.90
N PRO A 23 -2.25 -9.14 8.63
CA PRO A 23 -1.58 -9.10 7.30
C PRO A 23 -2.50 -9.61 6.18
N MET A 24 -2.46 -8.93 5.02
CA MET A 24 -3.19 -9.34 3.79
C MET A 24 -2.63 -10.68 3.27
N SER A 25 -3.35 -11.29 2.32
CA SER A 25 -3.04 -12.66 1.82
C SER A 25 -1.59 -12.77 1.35
N TYR A 26 -0.92 -13.85 1.77
CA TYR A 26 0.50 -14.11 1.43
C TYR A 26 0.67 -14.19 -0.09
N ASP A 27 -0.38 -14.66 -0.78
CA ASP A 27 -0.49 -14.65 -2.25
C ASP A 27 -0.29 -13.24 -2.81
N GLU A 28 -1.07 -12.28 -2.27
CA GLU A 28 -0.97 -10.85 -2.66
C GLU A 28 0.44 -10.32 -2.44
N LYS A 29 1.05 -10.73 -1.31
CA LYS A 29 2.39 -10.29 -0.88
C LYS A 29 3.51 -10.85 -1.79
N ARG A 30 3.31 -12.07 -2.30
CA ARG A 30 4.25 -12.71 -3.25
C ARG A 30 4.17 -12.02 -4.62
N GLN A 31 2.93 -11.68 -5.02
CA GLN A 31 2.67 -10.90 -6.25
C GLN A 31 3.16 -9.46 -6.10
N LEU A 32 3.10 -8.95 -4.85
CA LEU A 32 3.48 -7.57 -4.50
C LEU A 32 4.98 -7.40 -4.63
N SER A 33 5.74 -8.46 -4.28
CA SER A 33 7.19 -8.51 -4.47
C SER A 33 7.56 -8.40 -5.97
N LEU A 34 6.73 -9.04 -6.83
CA LEU A 34 6.88 -8.95 -8.30
C LEU A 34 6.52 -7.53 -8.80
N ASP A 35 5.55 -6.90 -8.12
CA ASP A 35 5.11 -5.52 -8.41
C ASP A 35 6.20 -4.50 -8.04
N ILE A 36 7.02 -4.83 -7.03
CA ILE A 36 8.18 -4.02 -6.64
C ILE A 36 9.33 -4.25 -7.65
N ASN A 37 9.46 -5.50 -8.15
CA ASN A 37 10.50 -5.86 -9.13
C ASN A 37 10.29 -5.15 -10.50
N LYS A 38 9.01 -4.93 -10.88
CA LYS A 38 8.67 -4.25 -12.15
C LYS A 38 8.73 -2.70 -12.03
N LEU A 39 9.07 -2.18 -10.82
CA LEU A 39 9.27 -0.74 -10.60
C LEU A 39 10.68 -0.29 -11.08
N PRO A 40 10.87 1.02 -11.45
CA PRO A 40 12.22 1.58 -11.75
C PRO A 40 13.12 1.69 -10.48
N GLY A 41 14.43 1.92 -10.72
CA GLY A 41 15.50 1.75 -9.72
C GLY A 41 15.31 2.51 -8.40
N GLU A 42 15.01 3.83 -8.51
CA GLU A 42 14.86 4.72 -7.33
C GLU A 42 13.55 4.42 -6.55
N LYS A 43 12.61 3.70 -7.19
CA LYS A 43 11.35 3.28 -6.55
C LYS A 43 11.57 2.02 -5.71
N LEU A 44 12.56 1.19 -6.10
CA LEU A 44 13.02 0.06 -5.25
C LEU A 44 13.73 0.62 -4.01
N GLY A 45 14.65 1.58 -4.26
CA GLY A 45 15.39 2.27 -3.19
C GLY A 45 14.50 3.10 -2.27
N ARG A 46 13.25 3.35 -2.69
CA ARG A 46 12.24 4.09 -1.91
C ARG A 46 11.40 3.13 -1.04
N VAL A 47 10.90 2.05 -1.68
CA VAL A 47 10.03 1.03 -1.03
C VAL A 47 10.82 0.23 0.03
N VAL A 48 11.94 -0.36 -0.42
CA VAL A 48 12.84 -1.20 0.42
C VAL A 48 13.37 -0.39 1.63
N HIS A 49 13.54 0.93 1.46
CA HIS A 49 14.14 1.81 2.48
C HIS A 49 13.34 1.85 3.79
N ILE A 50 12.01 2.12 3.67
CA ILE A 50 11.11 2.25 4.84
C ILE A 50 10.97 0.91 5.60
N ILE A 51 11.08 -0.18 4.83
CA ILE A 51 10.97 -1.57 5.33
C ILE A 51 12.21 -1.96 6.17
N GLN A 52 13.40 -1.69 5.59
CA GLN A 52 14.70 -2.09 6.19
C GLN A 52 15.05 -1.16 7.37
N ALA A 53 14.58 0.11 7.31
CA ALA A 53 14.76 1.09 8.40
C ALA A 53 13.99 0.65 9.65
N ARG A 54 12.83 0.03 9.41
CA ARG A 54 11.93 -0.46 10.46
C ARG A 54 12.48 -1.77 11.08
N GLU A 55 12.94 -2.69 10.22
CA GLU A 55 13.53 -3.98 10.62
C GLU A 55 15.07 -3.91 10.54
N PRO A 56 15.78 -3.64 11.69
CA PRO A 56 17.25 -3.39 11.70
C PRO A 56 18.10 -4.63 11.34
N SER A 57 17.47 -5.81 11.28
CA SER A 57 18.10 -7.05 10.82
C SER A 57 18.27 -7.02 9.28
N LEU A 58 17.22 -6.56 8.58
CA LEU A 58 17.14 -6.63 7.11
C LEU A 58 18.00 -5.55 6.41
N ARG A 59 18.24 -4.41 7.12
CA ARG A 59 19.01 -3.28 6.54
C ARG A 59 20.51 -3.61 6.35
N ASP A 60 20.99 -4.66 7.06
CA ASP A 60 22.41 -5.06 7.00
C ASP A 60 22.74 -5.66 5.62
N SER A 61 21.80 -6.43 5.07
CA SER A 61 21.91 -7.02 3.72
C SER A 61 21.65 -5.93 2.66
N ASN A 62 22.38 -6.02 1.54
CA ASN A 62 22.27 -5.08 0.41
C ASN A 62 20.91 -5.24 -0.30
N PRO A 63 20.37 -4.20 -1.04
CA PRO A 63 19.02 -4.27 -1.67
C PRO A 63 18.86 -5.38 -2.75
N GLU A 64 19.99 -5.95 -3.21
CA GLU A 64 19.98 -7.13 -4.11
C GLU A 64 19.88 -8.43 -3.31
N GLU A 65 20.45 -8.41 -2.10
CA GLU A 65 20.50 -9.58 -1.20
C GLU A 65 19.23 -9.67 -0.33
N ILE A 66 18.61 -8.49 -0.08
CA ILE A 66 17.53 -8.34 0.91
C ILE A 66 16.25 -9.09 0.51
N GLU A 67 15.45 -9.45 1.50
CA GLU A 67 14.13 -10.04 1.30
C GLU A 67 13.14 -9.39 2.25
N ILE A 68 11.98 -9.01 1.70
CA ILE A 68 10.91 -8.35 2.46
C ILE A 68 10.08 -9.44 3.13
N ASP A 69 10.45 -9.79 4.37
CA ASP A 69 9.68 -10.72 5.19
C ASP A 69 8.45 -9.98 5.73
N PHE A 70 7.32 -10.22 5.07
CA PHE A 70 6.06 -9.49 5.32
C PHE A 70 5.47 -9.82 6.71
N GLU A 71 5.77 -11.02 7.23
CA GLU A 71 5.22 -11.49 8.51
C GLU A 71 5.97 -10.87 9.71
N THR A 72 7.29 -10.60 9.53
CA THR A 72 8.10 -9.91 10.58
C THR A 72 7.76 -8.41 10.62
N LEU A 73 7.20 -7.90 9.50
CA LEU A 73 6.60 -6.55 9.43
C LEU A 73 5.22 -6.59 10.11
N LYS A 74 4.78 -5.43 10.64
CA LYS A 74 3.45 -5.31 11.29
C LYS A 74 2.34 -5.26 10.22
N PRO A 75 1.07 -5.64 10.58
CA PRO A 75 -0.11 -5.51 9.67
C PRO A 75 -0.30 -4.07 9.15
N SER A 76 -0.04 -3.11 10.05
CA SER A 76 -0.12 -1.66 9.77
C SER A 76 1.03 -1.21 8.84
N THR A 77 2.21 -1.84 8.99
CA THR A 77 3.37 -1.63 8.09
C THR A 77 3.01 -2.07 6.66
N LEU A 78 2.40 -3.26 6.55
CA LEU A 78 1.95 -3.82 5.28
C LEU A 78 0.82 -2.99 4.66
N ARG A 79 -0.03 -2.43 5.53
CA ARG A 79 -1.17 -1.57 5.13
C ARG A 79 -0.65 -0.27 4.49
N GLU A 80 0.43 0.26 5.06
CA GLU A 80 1.16 1.42 4.51
C GLU A 80 1.83 1.03 3.18
N LEU A 81 2.37 -0.20 3.14
CA LEU A 81 3.11 -0.76 1.99
C LEU A 81 2.16 -0.98 0.78
N GLU A 82 0.86 -1.25 1.05
CA GLU A 82 -0.18 -1.36 -0.01
C GLU A 82 -0.24 -0.06 -0.81
N ARG A 83 -0.46 1.05 -0.06
CA ARG A 83 -0.56 2.40 -0.63
C ARG A 83 0.74 2.82 -1.32
N TYR A 84 1.88 2.36 -0.75
CA TYR A 84 3.23 2.80 -1.16
C TYR A 84 3.61 2.25 -2.56
N VAL A 85 3.48 0.91 -2.73
CA VAL A 85 3.83 0.22 -3.98
C VAL A 85 2.78 0.50 -5.07
N LEU A 86 1.50 0.43 -4.69
CA LEU A 86 0.36 0.63 -5.62
C LEU A 86 0.32 2.08 -6.15
N SER A 87 0.87 3.04 -5.38
CA SER A 87 1.03 4.45 -5.84
C SER A 87 2.02 4.52 -7.02
N CYS A 88 3.07 3.68 -6.96
CA CYS A 88 4.11 3.60 -7.99
C CYS A 88 3.63 2.78 -9.22
N LEU A 89 2.66 1.88 -8.99
CA LEU A 89 2.05 1.06 -10.07
C LEU A 89 1.04 1.88 -10.90
N ARG A 90 0.17 2.62 -10.18
CA ARG A 90 -0.89 3.45 -10.78
C ARG A 90 -0.29 4.70 -11.45
N LYS A 91 0.46 5.48 -10.66
CA LYS A 91 1.12 6.69 -11.15
C LYS A 91 2.48 6.31 -11.75
N LYS A 92 2.56 6.40 -13.08
CA LYS A 92 3.73 6.00 -13.87
C LYS A 92 4.80 7.12 -13.85
N PRO A 93 6.14 6.76 -13.82
CA PRO A 93 7.25 7.75 -13.94
C PRO A 93 7.11 8.61 -15.21
N ARG A 94 6.64 9.86 -15.02
CA ARG A 94 6.25 10.73 -16.13
C ARG A 94 7.43 11.62 -16.55
N LYS A 95 8.42 10.95 -17.18
CA LYS A 95 9.61 11.55 -17.81
C LYS A 95 10.42 12.48 -16.85
N PRO A 96 11.09 11.91 -15.80
CA PRO A 96 11.92 12.70 -14.86
C PRO A 96 13.31 13.02 -15.47
N TYR A 97 13.36 14.11 -16.28
CA TYR A 97 14.61 14.58 -16.93
C TYR A 97 15.63 15.06 -15.86
N THR A 98 16.92 15.14 -16.26
CA THR A 98 18.09 15.32 -15.34
C THR A 98 18.35 14.02 -14.56
N ILE A 99 19.57 13.86 -14.02
CA ILE A 99 19.97 12.68 -13.22
C ILE A 99 19.03 12.48 -11.99
N LYS A 100 17.99 11.65 -12.19
CA LYS A 100 16.98 11.33 -11.16
C LYS A 100 17.64 10.51 -10.03
N LYS A 101 18.44 9.53 -10.46
CA LYS A 101 19.25 8.67 -9.58
C LYS A 101 20.60 8.42 -10.28
N PRO A 102 21.72 8.11 -9.52
CA PRO A 102 23.07 7.84 -10.10
C PRO A 102 23.05 6.80 -11.25
N VAL A 103 23.19 7.28 -12.50
CA VAL A 103 23.18 6.43 -13.72
C VAL A 103 24.60 6.00 -14.13
N GLY A 104 25.61 6.58 -13.46
CA GLY A 104 27.02 6.27 -13.71
C GLY A 104 27.90 6.64 -12.53
N LYS A 105 27.38 7.56 -11.67
CA LYS A 105 28.04 7.99 -10.43
C LYS A 105 28.21 6.81 -9.46
N THR A 106 29.44 6.62 -8.98
CA THR A 106 29.80 5.54 -8.07
C THR A 106 30.03 6.10 -6.65
N LYS A 107 29.87 5.25 -5.63
CA LYS A 107 30.13 5.60 -4.21
C LYS A 107 31.62 5.92 -3.96
N GLU A 108 32.51 5.24 -4.72
CA GLU A 108 33.96 5.45 -4.68
C GLU A 108 34.34 6.86 -5.18
N GLU A 109 33.54 7.34 -6.16
CA GLU A 109 33.74 8.65 -6.82
C GLU A 109 33.68 9.79 -5.78
N LEU A 110 32.61 9.78 -4.97
CA LEU A 110 32.36 10.81 -3.93
C LEU A 110 33.47 10.84 -2.87
N ALA A 111 33.89 9.64 -2.42
CA ALA A 111 34.92 9.46 -1.39
C ALA A 111 36.30 9.94 -1.86
N LEU A 112 36.62 9.65 -3.12
CA LEU A 112 37.91 9.99 -3.74
C LEU A 112 38.05 11.51 -3.94
N GLU A 113 36.93 12.16 -4.33
CA GLU A 113 36.83 13.62 -4.47
C GLU A 113 36.91 14.31 -3.09
N LYS A 114 36.27 13.70 -2.08
CA LYS A 114 36.21 14.24 -0.71
C LYS A 114 37.61 14.28 -0.09
N LYS A 115 38.43 13.27 -0.41
CA LYS A 115 39.82 13.17 0.08
C LYS A 115 40.64 14.40 -0.38
N ARG A 116 40.57 14.69 -1.68
CA ARG A 116 41.32 15.81 -2.30
C ARG A 116 40.74 17.17 -1.88
N GLU A 117 39.43 17.18 -1.54
CA GLU A 117 38.76 18.35 -0.97
C GLU A 117 39.32 18.61 0.45
N LEU A 118 39.49 17.53 1.22
CA LEU A 118 39.98 17.57 2.62
C LEU A 118 41.46 18.03 2.66
N GLU A 119 42.24 17.61 1.65
CA GLU A 119 43.64 18.04 1.46
C GLU A 119 43.72 19.56 1.26
N LYS A 120 42.73 20.12 0.55
CA LYS A 120 42.56 21.58 0.43
C LYS A 120 42.23 22.18 1.81
N ARG A 121 41.21 21.60 2.48
CA ARG A 121 40.64 22.11 3.76
C ARG A 121 41.63 22.02 4.93
N LEU A 122 42.79 21.36 4.69
CA LEU A 122 43.95 21.36 5.59
C LEU A 122 44.44 22.81 5.79
N GLN A 123 44.84 23.46 4.67
CA GLN A 123 45.38 24.85 4.68
C GLN A 123 44.27 25.90 4.50
N ASP A 124 43.11 25.47 3.94
CA ASP A 124 41.99 26.37 3.57
C ASP A 124 41.32 27.03 4.81
N VAL A 125 41.60 26.47 6.01
CA VAL A 125 41.17 27.07 7.30
C VAL A 125 41.66 28.54 7.42
N SER A 126 42.84 28.81 6.79
CA SER A 126 43.45 30.15 6.64
C SER A 126 44.01 30.66 7.98
N GLY A 127 43.10 31.02 8.90
CA GLY A 127 43.44 31.48 10.23
C GLY A 127 42.17 31.92 10.94
N GLN A 128 42.10 33.22 11.31
CA GLN A 128 40.89 33.79 11.92
C GLN A 128 39.77 33.88 10.87
N LEU A 129 38.61 33.31 11.22
CA LEU A 129 37.40 33.33 10.38
C LEU A 129 36.45 34.47 10.82
N ASN A 130 37.08 35.61 11.19
CA ASN A 130 36.42 36.81 11.78
C ASN A 130 35.90 36.54 13.21
N SER A 131 36.05 37.56 14.07
CA SER A 131 35.60 37.49 15.47
C SER A 131 34.10 37.85 15.54
N THR A 132 33.25 36.92 15.09
CA THR A 132 31.80 37.13 14.98
C THR A 132 31.12 37.04 16.38
N SER A 1 -46.95 -11.50 32.27
CA SER A 1 -46.30 -12.52 33.13
C SER A 1 -44.95 -12.93 32.50
N MET A 2 -43.86 -12.27 32.97
CA MET A 2 -42.47 -12.58 32.62
C MET A 2 -42.19 -12.48 31.10
N LYS A 3 -41.86 -11.25 30.65
CA LYS A 3 -41.32 -10.98 29.29
C LYS A 3 -39.81 -10.74 29.39
N THR A 4 -39.07 -11.22 28.38
CA THR A 4 -37.62 -10.97 28.26
C THR A 4 -37.38 -9.53 27.75
N ALA A 5 -36.21 -8.99 28.06
CA ALA A 5 -35.75 -7.69 27.55
C ALA A 5 -34.84 -7.92 26.33
N PRO A 6 -34.91 -7.04 25.26
CA PRO A 6 -34.03 -7.17 24.08
C PRO A 6 -32.55 -6.81 24.44
N PRO A 7 -31.55 -7.63 24.00
CA PRO A 7 -30.11 -7.33 24.24
C PRO A 7 -29.63 -6.10 23.43
N ALA A 8 -28.39 -5.69 23.68
CA ALA A 8 -27.72 -4.63 22.91
C ALA A 8 -27.29 -5.16 21.52
N LEU A 9 -27.01 -4.24 20.59
CA LEU A 9 -26.66 -4.57 19.19
C LEU A 9 -25.45 -3.75 18.71
N PRO A 10 -24.19 -4.14 19.12
CA PRO A 10 -22.94 -3.50 18.66
C PRO A 10 -22.71 -3.70 17.13
N THR A 11 -23.23 -2.76 16.34
CA THR A 11 -23.17 -2.80 14.86
C THR A 11 -22.07 -1.85 14.33
N GLY A 12 -20.87 -1.94 14.95
CA GLY A 12 -19.73 -1.11 14.54
C GLY A 12 -18.43 -1.53 15.22
N TYR A 13 -18.09 -2.83 15.10
CA TYR A 13 -16.85 -3.40 15.66
C TYR A 13 -15.98 -3.93 14.51
N ASP A 14 -15.19 -3.02 13.91
CA ASP A 14 -14.23 -3.35 12.84
C ASP A 14 -13.47 -2.07 12.41
N SER A 15 -12.17 -2.01 12.75
CA SER A 15 -11.27 -0.92 12.34
C SER A 15 -9.80 -1.36 12.56
N GLU A 16 -8.88 -0.68 11.87
CA GLU A 16 -7.42 -0.98 11.91
C GLU A 16 -6.81 -0.49 13.23
N GLU A 17 -7.26 0.71 13.64
CA GLU A 17 -6.69 1.46 14.79
C GLU A 17 -7.22 0.96 16.15
N GLU A 18 -8.06 -0.10 16.15
CA GLU A 18 -8.62 -0.66 17.41
C GLU A 18 -7.52 -1.28 18.28
N GLU A 19 -6.52 -1.90 17.63
CA GLU A 19 -5.42 -2.60 18.31
C GLU A 19 -4.06 -2.02 17.84
N GLU A 20 -3.59 -2.50 16.68
CA GLU A 20 -2.27 -2.20 16.10
C GLU A 20 -2.42 -2.02 14.59
N SER A 21 -2.59 -3.17 13.89
CA SER A 21 -2.66 -3.23 12.42
C SER A 21 -3.09 -4.65 12.01
N ARG A 22 -3.66 -4.78 10.80
CA ARG A 22 -4.17 -6.07 10.27
C ARG A 22 -3.28 -6.58 9.13
N PRO A 23 -2.81 -7.89 9.20
CA PRO A 23 -2.09 -8.54 8.09
C PRO A 23 -3.03 -8.93 6.95
N MET A 24 -2.49 -8.94 5.73
CA MET A 24 -3.25 -9.24 4.49
C MET A 24 -2.95 -10.67 4.01
N SER A 25 -3.63 -11.08 2.91
CA SER A 25 -3.44 -12.38 2.27
C SER A 25 -1.98 -12.58 1.81
N TYR A 26 -1.42 -13.75 2.12
CA TYR A 26 -0.04 -14.12 1.76
C TYR A 26 0.07 -14.27 0.23
N ASP A 27 -1.05 -14.67 -0.39
CA ASP A 27 -1.16 -14.76 -1.86
C ASP A 27 -1.06 -13.37 -2.52
N GLU A 28 -1.77 -12.38 -1.92
CA GLU A 28 -1.65 -10.97 -2.33
C GLU A 28 -0.21 -10.47 -2.17
N LYS A 29 0.46 -10.91 -1.09
CA LYS A 29 1.86 -10.52 -0.80
C LYS A 29 2.85 -11.11 -1.81
N ARG A 30 2.50 -12.28 -2.39
CA ARG A 30 3.31 -12.91 -3.47
C ARG A 30 3.14 -12.18 -4.82
N GLN A 31 1.93 -11.65 -5.05
CA GLN A 31 1.62 -10.86 -6.27
C GLN A 31 2.29 -9.47 -6.20
N LEU A 32 2.12 -8.81 -5.04
CA LEU A 32 2.75 -7.51 -4.74
C LEU A 32 4.28 -7.64 -4.61
N SER A 33 4.78 -8.87 -4.33
CA SER A 33 6.23 -9.17 -4.34
C SER A 33 6.80 -9.04 -5.77
N LEU A 34 6.05 -9.53 -6.75
CA LEU A 34 6.44 -9.44 -8.17
C LEU A 34 6.21 -8.01 -8.71
N ASP A 35 5.23 -7.31 -8.10
CA ASP A 35 4.84 -5.94 -8.50
C ASP A 35 5.82 -4.88 -7.93
N ILE A 36 6.44 -5.18 -6.77
CA ILE A 36 7.44 -4.28 -6.14
C ILE A 36 8.83 -4.45 -6.82
N ASN A 37 9.19 -5.70 -7.16
CA ASN A 37 10.51 -6.02 -7.77
C ASN A 37 10.54 -5.73 -9.29
N LYS A 38 9.39 -5.31 -9.88
CA LYS A 38 9.35 -4.86 -11.28
C LYS A 38 9.80 -3.38 -11.38
N LEU A 39 9.78 -2.68 -10.23
CA LEU A 39 10.18 -1.25 -10.15
C LEU A 39 11.72 -1.12 -10.30
N PRO A 40 12.25 0.05 -10.76
CA PRO A 40 13.72 0.32 -10.79
C PRO A 40 14.39 0.20 -9.40
N GLY A 41 15.68 -0.21 -9.40
CA GLY A 41 16.47 -0.41 -8.17
C GLY A 41 16.52 0.80 -7.25
N GLU A 42 16.51 2.00 -7.87
CA GLU A 42 16.46 3.29 -7.15
C GLU A 42 15.16 3.40 -6.30
N LYS A 43 14.05 2.90 -6.87
CA LYS A 43 12.72 2.96 -6.24
C LYS A 43 12.55 1.81 -5.24
N LEU A 44 13.34 0.73 -5.43
CA LEU A 44 13.52 -0.30 -4.41
C LEU A 44 14.25 0.31 -3.20
N GLY A 45 15.23 1.19 -3.47
CA GLY A 45 15.94 1.93 -2.41
C GLY A 45 15.03 2.88 -1.62
N ARG A 46 13.87 3.23 -2.21
CA ARG A 46 12.83 4.07 -1.56
C ARG A 46 11.90 3.21 -0.68
N VAL A 47 11.27 2.20 -1.29
CA VAL A 47 10.25 1.36 -0.61
C VAL A 47 10.87 0.43 0.46
N VAL A 48 12.14 0.04 0.26
CA VAL A 48 12.89 -0.76 1.26
C VAL A 48 13.31 0.12 2.44
N HIS A 49 13.48 1.43 2.20
CA HIS A 49 13.90 2.38 3.23
C HIS A 49 12.89 2.43 4.40
N ILE A 50 11.58 2.38 4.07
CA ILE A 50 10.49 2.37 5.08
C ILE A 50 10.43 0.99 5.77
N ILE A 51 10.74 -0.08 5.02
CA ILE A 51 10.77 -1.48 5.52
C ILE A 51 11.85 -1.66 6.60
N GLN A 52 13.03 -1.09 6.34
CA GLN A 52 14.24 -1.30 7.17
C GLN A 52 14.29 -0.29 8.33
N ALA A 53 13.67 0.90 8.14
CA ALA A 53 13.56 1.94 9.18
C ALA A 53 12.61 1.46 10.29
N ARG A 54 11.57 0.70 9.88
CA ARG A 54 10.69 -0.02 10.80
C ARG A 54 11.45 -1.21 11.41
N GLU A 55 11.68 -2.25 10.59
CA GLU A 55 12.30 -3.51 11.04
C GLU A 55 13.78 -3.56 10.59
N PRO A 56 14.77 -3.42 11.53
CA PRO A 56 16.22 -3.40 11.19
C PRO A 56 16.79 -4.79 10.80
N SER A 57 15.90 -5.81 10.74
CA SER A 57 16.24 -7.17 10.27
C SER A 57 16.75 -7.15 8.81
N LEU A 58 16.22 -6.20 8.02
CA LEU A 58 16.49 -6.06 6.58
C LEU A 58 17.22 -4.74 6.28
N ARG A 59 17.88 -4.17 7.31
CA ARG A 59 18.60 -2.88 7.21
C ARG A 59 19.93 -3.07 6.46
N ASP A 60 20.61 -4.16 6.82
CA ASP A 60 21.90 -4.56 6.22
C ASP A 60 21.70 -5.18 4.81
N SER A 61 20.47 -5.65 4.53
CA SER A 61 20.12 -6.33 3.28
C SER A 61 20.04 -5.33 2.12
N ASN A 62 20.74 -5.65 1.01
CA ASN A 62 20.86 -4.77 -0.19
C ASN A 62 19.48 -4.54 -0.82
N PRO A 63 18.99 -3.26 -0.93
CA PRO A 63 17.57 -2.94 -1.27
C PRO A 63 17.12 -3.40 -2.67
N GLU A 64 18.10 -3.59 -3.57
CA GLU A 64 17.83 -3.99 -4.96
C GLU A 64 17.63 -5.52 -5.08
N GLU A 65 18.22 -6.28 -4.14
CA GLU A 65 18.14 -7.77 -4.14
C GLU A 65 17.78 -8.27 -2.71
N ILE A 66 17.02 -7.42 -1.99
CA ILE A 66 16.55 -7.73 -0.62
C ILE A 66 15.50 -8.85 -0.66
N GLU A 67 15.49 -9.67 0.40
CA GLU A 67 14.47 -10.69 0.64
C GLU A 67 13.49 -10.17 1.71
N ILE A 68 12.39 -9.59 1.21
CA ILE A 68 11.38 -8.94 2.06
C ILE A 68 10.47 -10.00 2.71
N ASP A 69 10.87 -10.44 3.91
CA ASP A 69 10.14 -11.45 4.67
C ASP A 69 8.96 -10.76 5.38
N PHE A 70 7.74 -10.96 4.85
CA PHE A 70 6.53 -10.25 5.30
C PHE A 70 6.10 -10.64 6.73
N GLU A 71 6.58 -11.81 7.22
CA GLU A 71 6.29 -12.29 8.60
C GLU A 71 7.12 -11.52 9.63
N THR A 72 8.42 -11.30 9.32
CA THR A 72 9.35 -10.56 10.20
C THR A 72 9.05 -9.05 10.20
N LEU A 73 8.24 -8.59 9.22
CA LEU A 73 7.74 -7.20 9.18
C LEU A 73 6.42 -7.10 9.96
N LYS A 74 6.13 -5.88 10.46
CA LYS A 74 4.83 -5.56 11.10
C LYS A 74 3.73 -5.45 10.02
N PRO A 75 2.45 -5.83 10.35
CA PRO A 75 1.30 -5.69 9.40
C PRO A 75 1.11 -4.24 8.89
N SER A 76 1.48 -3.26 9.75
CA SER A 76 1.49 -1.82 9.43
C SER A 76 2.53 -1.49 8.35
N THR A 77 3.69 -2.18 8.41
CA THR A 77 4.78 -2.04 7.43
C THR A 77 4.34 -2.61 6.06
N LEU A 78 3.52 -3.69 6.09
CA LEU A 78 2.94 -4.29 4.86
C LEU A 78 1.90 -3.33 4.22
N ARG A 79 1.04 -2.73 5.07
CA ARG A 79 0.01 -1.75 4.63
C ARG A 79 0.68 -0.57 3.89
N GLU A 80 1.74 -0.02 4.53
CA GLU A 80 2.48 1.14 4.01
C GLU A 80 3.29 0.77 2.75
N LEU A 81 3.81 -0.48 2.72
CA LEU A 81 4.55 -1.05 1.58
C LEU A 81 3.66 -1.03 0.32
N GLU A 82 2.44 -1.57 0.49
CA GLU A 82 1.45 -1.68 -0.59
C GLU A 82 1.07 -0.29 -1.12
N ARG A 83 0.81 0.65 -0.20
CA ARG A 83 0.40 2.02 -0.57
C ARG A 83 1.55 2.80 -1.24
N TYR A 84 2.79 2.46 -0.87
CA TYR A 84 4.01 3.12 -1.39
C TYR A 84 4.22 2.73 -2.87
N VAL A 85 4.03 1.43 -3.15
CA VAL A 85 4.13 0.87 -4.52
C VAL A 85 2.90 1.27 -5.36
N LEU A 86 1.71 1.22 -4.73
CA LEU A 86 0.42 1.52 -5.38
C LEU A 86 0.32 3.01 -5.76
N SER A 87 1.10 3.86 -5.08
CA SER A 87 1.24 5.29 -5.43
C SER A 87 1.77 5.45 -6.88
N CYS A 88 2.59 4.49 -7.34
CA CYS A 88 3.16 4.45 -8.69
C CYS A 88 2.16 3.85 -9.71
N LEU A 89 1.40 2.82 -9.28
CA LEU A 89 0.45 2.09 -10.16
C LEU A 89 -0.93 2.79 -10.24
N ARG A 90 -1.21 3.64 -9.24
CA ARG A 90 -2.53 4.26 -8.98
C ARG A 90 -3.59 3.20 -8.62
N LYS A 91 -4.07 2.46 -9.66
CA LYS A 91 -5.11 1.42 -9.53
C LYS A 91 -5.25 0.70 -10.90
N LYS A 92 -5.72 -0.57 -10.85
CA LYS A 92 -6.15 -1.31 -12.05
C LYS A 92 -7.68 -1.22 -12.14
N PRO A 93 -8.27 -0.40 -13.09
CA PRO A 93 -9.74 -0.25 -13.24
C PRO A 93 -10.40 -1.56 -13.72
N ARG A 94 -9.61 -2.37 -14.45
CA ARG A 94 -9.99 -3.72 -14.93
C ARG A 94 -8.80 -4.65 -14.82
N LYS A 95 -9.09 -5.93 -14.58
CA LYS A 95 -8.12 -7.01 -14.40
C LYS A 95 -7.88 -7.71 -15.75
N PRO A 96 -6.68 -7.55 -16.39
CA PRO A 96 -6.34 -8.20 -17.69
C PRO A 96 -5.71 -9.60 -17.50
N TYR A 97 -6.11 -10.30 -16.43
CA TYR A 97 -5.57 -11.61 -16.05
C TYR A 97 -6.21 -12.72 -16.91
N THR A 98 -5.38 -13.64 -17.43
CA THR A 98 -5.82 -14.75 -18.31
C THR A 98 -6.65 -15.80 -17.54
N ILE A 99 -7.24 -16.77 -18.28
CA ILE A 99 -8.05 -17.85 -17.70
C ILE A 99 -7.11 -18.93 -17.07
N LYS A 100 -6.53 -18.58 -15.91
CA LYS A 100 -5.68 -19.46 -15.12
C LYS A 100 -6.53 -20.60 -14.54
N LYS A 101 -7.66 -20.19 -13.95
CA LYS A 101 -8.66 -21.10 -13.37
C LYS A 101 -10.05 -20.70 -13.91
N PRO A 102 -10.76 -21.61 -14.65
CA PRO A 102 -12.16 -21.38 -15.06
C PRO A 102 -13.10 -21.31 -13.82
N VAL A 103 -13.32 -20.08 -13.31
CA VAL A 103 -14.07 -19.83 -12.07
C VAL A 103 -15.53 -20.31 -12.20
N GLY A 104 -15.84 -21.45 -11.53
CA GLY A 104 -17.20 -22.01 -11.48
C GLY A 104 -17.77 -22.39 -12.84
N LYS A 105 -16.88 -22.56 -13.85
CA LYS A 105 -17.27 -22.85 -15.27
C LYS A 105 -17.77 -24.32 -15.42
N THR A 106 -17.68 -25.08 -14.33
CA THR A 106 -18.28 -26.42 -14.17
C THR A 106 -19.83 -26.33 -14.20
N LYS A 107 -20.51 -27.47 -13.92
CA LYS A 107 -21.98 -27.52 -13.77
C LYS A 107 -22.53 -26.52 -12.74
N GLU A 108 -21.65 -25.98 -11.86
CA GLU A 108 -22.01 -24.93 -10.88
C GLU A 108 -22.52 -23.66 -11.60
N GLU A 109 -21.95 -23.37 -12.79
CA GLU A 109 -22.33 -22.21 -13.62
C GLU A 109 -23.83 -22.26 -14.02
N LEU A 110 -24.40 -23.48 -14.13
CA LEU A 110 -25.82 -23.68 -14.46
C LEU A 110 -26.76 -23.01 -13.41
N ALA A 111 -26.34 -23.08 -12.12
CA ALA A 111 -27.02 -22.39 -11.01
C ALA A 111 -26.73 -20.88 -11.04
N LEU A 112 -25.49 -20.53 -11.47
CA LEU A 112 -25.05 -19.12 -11.62
C LEU A 112 -25.84 -18.40 -12.75
N GLU A 113 -26.30 -19.19 -13.75
CA GLU A 113 -27.16 -18.69 -14.84
C GLU A 113 -28.52 -18.27 -14.28
N LYS A 114 -29.00 -19.04 -13.28
CA LYS A 114 -30.28 -18.77 -12.59
C LYS A 114 -30.14 -17.61 -11.59
N LYS A 115 -28.92 -17.42 -11.04
CA LYS A 115 -28.60 -16.26 -10.19
C LYS A 115 -28.63 -14.97 -11.03
N ARG A 116 -28.00 -15.07 -12.22
CA ARG A 116 -27.97 -13.97 -13.20
C ARG A 116 -29.36 -13.72 -13.76
N GLU A 117 -30.18 -14.79 -13.86
CA GLU A 117 -31.58 -14.74 -14.31
C GLU A 117 -32.46 -14.04 -13.25
N LEU A 118 -32.10 -14.20 -11.96
CA LEU A 118 -32.75 -13.51 -10.83
C LEU A 118 -32.47 -11.99 -10.88
N GLU A 119 -31.29 -11.64 -11.40
CA GLU A 119 -30.88 -10.25 -11.64
C GLU A 119 -31.52 -9.72 -12.95
N LYS A 120 -31.59 -10.62 -13.95
CA LYS A 120 -31.99 -10.30 -15.35
C LYS A 120 -33.51 -10.11 -15.47
N ARG A 121 -34.29 -10.82 -14.62
CA ARG A 121 -35.78 -10.80 -14.64
C ARG A 121 -36.32 -9.37 -14.41
N LEU A 122 -35.51 -8.54 -13.73
CA LEU A 122 -35.84 -7.14 -13.42
C LEU A 122 -35.92 -6.28 -14.69
N GLN A 123 -34.97 -6.52 -15.61
CA GLN A 123 -34.91 -5.81 -16.91
C GLN A 123 -35.80 -6.53 -17.94
N ASP A 124 -35.99 -7.85 -17.75
CA ASP A 124 -36.78 -8.70 -18.65
C ASP A 124 -38.26 -8.29 -18.66
N VAL A 125 -38.94 -8.49 -17.52
CA VAL A 125 -40.38 -8.16 -17.38
C VAL A 125 -40.57 -6.64 -17.26
N SER A 126 -39.50 -5.95 -16.78
CA SER A 126 -39.42 -4.48 -16.65
C SER A 126 -40.40 -3.92 -15.60
N GLY A 127 -40.32 -2.59 -15.39
CA GLY A 127 -41.27 -1.86 -14.55
C GLY A 127 -42.02 -0.82 -15.36
N GLN A 128 -42.34 0.33 -14.74
CA GLN A 128 -42.95 1.48 -15.42
C GLN A 128 -42.13 2.75 -15.10
N LEU A 129 -41.63 3.40 -16.16
CA LEU A 129 -40.85 4.64 -16.08
C LEU A 129 -40.98 5.36 -17.44
N ASN A 130 -41.70 6.49 -17.44
CA ASN A 130 -41.95 7.31 -18.64
C ASN A 130 -42.20 8.76 -18.22
N SER A 131 -41.70 9.70 -19.03
CA SER A 131 -41.86 11.15 -18.80
C SER A 131 -42.92 11.71 -19.78
N THR A 132 -43.83 12.55 -19.26
CA THR A 132 -44.86 13.22 -20.07
C THR A 132 -44.27 14.55 -20.66
N SER A 1 11.09 -25.13 -18.17
CA SER A 1 9.91 -25.82 -18.74
C SER A 1 9.01 -26.39 -17.62
N MET A 2 9.08 -25.77 -16.43
CA MET A 2 8.36 -26.20 -15.21
C MET A 2 6.82 -26.11 -15.37
N LYS A 3 6.36 -25.21 -16.26
CA LYS A 3 4.93 -24.93 -16.50
C LYS A 3 4.24 -24.44 -15.20
N THR A 4 4.29 -23.12 -14.97
CA THR A 4 3.72 -22.47 -13.79
C THR A 4 2.19 -22.59 -13.76
N ALA A 5 1.61 -22.52 -12.55
CA ALA A 5 0.16 -22.51 -12.32
C ALA A 5 -0.38 -21.05 -12.40
N PRO A 6 -1.71 -20.84 -12.67
CA PRO A 6 -2.32 -19.48 -12.70
C PRO A 6 -2.30 -18.80 -11.30
N PRO A 7 -1.60 -17.62 -11.14
CA PRO A 7 -1.58 -16.86 -9.86
C PRO A 7 -2.97 -16.33 -9.45
N ALA A 8 -3.33 -16.50 -8.17
CA ALA A 8 -4.57 -15.98 -7.57
C ALA A 8 -4.57 -14.45 -7.63
N LEU A 9 -5.56 -13.87 -8.32
CA LEU A 9 -5.62 -12.41 -8.60
C LEU A 9 -6.08 -11.62 -7.33
N PRO A 10 -5.17 -10.81 -6.67
CA PRO A 10 -5.53 -10.00 -5.49
C PRO A 10 -6.32 -8.73 -5.88
N THR A 11 -7.66 -8.85 -5.89
CA THR A 11 -8.56 -7.78 -6.35
C THR A 11 -9.91 -7.82 -5.58
N GLY A 12 -9.89 -8.48 -4.41
CA GLY A 12 -11.09 -8.65 -3.58
C GLY A 12 -10.78 -8.63 -2.10
N TYR A 13 -9.70 -7.91 -1.73
CA TYR A 13 -9.27 -7.73 -0.34
C TYR A 13 -10.02 -6.53 0.28
N ASP A 14 -10.57 -6.72 1.47
CA ASP A 14 -11.32 -5.69 2.20
C ASP A 14 -10.34 -4.69 2.84
N SER A 15 -10.41 -3.43 2.39
CA SER A 15 -9.51 -2.35 2.84
C SER A 15 -10.10 -1.61 4.08
N GLU A 16 -10.88 -2.35 4.88
CA GLU A 16 -11.45 -1.86 6.16
C GLU A 16 -10.58 -2.31 7.33
N GLU A 17 -9.87 -3.45 7.13
CA GLU A 17 -9.07 -4.12 8.17
C GLU A 17 -7.65 -3.54 8.31
N GLU A 18 -7.30 -2.55 7.44
CA GLU A 18 -5.96 -1.93 7.44
C GLU A 18 -5.80 -0.91 8.59
N GLU A 19 -6.93 -0.32 9.07
CA GLU A 19 -6.94 0.51 10.30
C GLU A 19 -6.59 -0.36 11.53
N GLU A 20 -7.14 -1.59 11.52
CA GLU A 20 -6.85 -2.60 12.55
C GLU A 20 -5.41 -3.15 12.38
N SER A 21 -4.90 -3.03 11.14
CA SER A 21 -3.60 -3.56 10.69
C SER A 21 -3.51 -5.07 11.00
N ARG A 22 -4.26 -5.84 10.21
CA ARG A 22 -4.18 -7.31 10.25
C ARG A 22 -3.04 -7.79 9.32
N PRO A 23 -2.42 -8.99 9.58
CA PRO A 23 -1.39 -9.54 8.69
C PRO A 23 -1.99 -9.86 7.31
N MET A 24 -1.64 -9.02 6.31
CA MET A 24 -2.12 -9.15 4.92
C MET A 24 -1.67 -10.50 4.35
N SER A 25 -2.52 -11.12 3.49
CA SER A 25 -2.25 -12.46 2.96
C SER A 25 -0.87 -12.51 2.25
N TYR A 26 -0.05 -13.47 2.69
CA TYR A 26 1.37 -13.52 2.35
C TYR A 26 1.56 -13.93 0.89
N ASP A 27 0.64 -14.80 0.42
CA ASP A 27 0.64 -15.27 -0.99
C ASP A 27 0.43 -14.09 -1.95
N GLU A 28 -0.52 -13.18 -1.60
CA GLU A 28 -0.77 -11.94 -2.38
C GLU A 28 0.52 -11.11 -2.47
N LYS A 29 1.19 -10.94 -1.31
CA LYS A 29 2.41 -10.11 -1.17
C LYS A 29 3.61 -10.73 -1.94
N ARG A 30 3.62 -12.06 -2.09
CA ARG A 30 4.64 -12.78 -2.90
C ARG A 30 4.40 -12.51 -4.40
N GLN A 31 3.15 -12.24 -4.77
CA GLN A 31 2.78 -11.84 -6.14
C GLN A 31 3.03 -10.34 -6.34
N LEU A 32 2.85 -9.55 -5.25
CA LEU A 32 3.01 -8.09 -5.26
C LEU A 32 4.47 -7.65 -5.42
N SER A 33 5.43 -8.57 -5.13
CA SER A 33 6.87 -8.32 -5.38
C SER A 33 7.14 -8.05 -6.88
N LEU A 34 6.30 -8.65 -7.76
CA LEU A 34 6.34 -8.46 -9.22
C LEU A 34 5.81 -7.04 -9.59
N ASP A 35 4.82 -6.55 -8.80
CA ASP A 35 4.24 -5.20 -8.95
C ASP A 35 5.20 -4.11 -8.43
N ILE A 36 6.01 -4.48 -7.42
CA ILE A 36 7.07 -3.61 -6.87
C ILE A 36 8.27 -3.60 -7.86
N ASN A 37 8.45 -4.74 -8.58
CA ASN A 37 9.53 -4.91 -9.59
C ASN A 37 9.28 -4.04 -10.85
N LYS A 38 8.08 -3.42 -10.94
CA LYS A 38 7.74 -2.48 -12.05
C LYS A 38 8.48 -1.15 -11.87
N LEU A 39 8.84 -0.84 -10.62
CA LEU A 39 9.58 0.38 -10.27
C LEU A 39 11.10 0.16 -10.51
N PRO A 40 11.82 1.12 -11.18
CA PRO A 40 13.27 0.98 -11.54
C PRO A 40 14.18 0.69 -10.33
N GLY A 41 15.42 0.23 -10.59
CA GLY A 41 16.37 -0.20 -9.55
C GLY A 41 16.77 0.91 -8.57
N GLU A 42 16.90 2.15 -9.09
CA GLU A 42 17.23 3.34 -8.27
C GLU A 42 16.04 3.75 -7.36
N LYS A 43 14.82 3.37 -7.80
CA LYS A 43 13.59 3.58 -7.02
C LYS A 43 13.42 2.44 -6.00
N LEU A 44 13.84 1.23 -6.42
CA LEU A 44 13.65 -0.02 -5.68
C LEU A 44 14.47 -0.01 -4.38
N GLY A 45 15.67 0.59 -4.45
CA GLY A 45 16.56 0.75 -3.30
C GLY A 45 16.00 1.67 -2.20
N ARG A 46 15.03 2.55 -2.59
CA ARG A 46 14.37 3.48 -1.66
C ARG A 46 12.96 2.94 -1.26
N VAL A 47 12.37 2.07 -2.11
CA VAL A 47 11.12 1.36 -1.79
C VAL A 47 11.36 0.38 -0.63
N VAL A 48 12.47 -0.36 -0.70
CA VAL A 48 12.89 -1.27 0.39
C VAL A 48 13.39 -0.45 1.60
N HIS A 49 13.88 0.79 1.37
CA HIS A 49 14.47 1.62 2.45
C HIS A 49 13.44 1.94 3.56
N ILE A 50 12.21 2.30 3.17
CA ILE A 50 11.12 2.60 4.14
C ILE A 50 10.68 1.33 4.90
N ILE A 51 10.78 0.18 4.21
CA ILE A 51 10.43 -1.14 4.79
C ILE A 51 11.48 -1.58 5.83
N GLN A 52 12.77 -1.38 5.48
CA GLN A 52 13.93 -1.82 6.30
C GLN A 52 14.25 -0.77 7.38
N ALA A 53 13.68 0.45 7.24
CA ALA A 53 13.75 1.49 8.28
C ALA A 53 12.88 1.08 9.47
N ARG A 54 11.67 0.59 9.15
CA ARG A 54 10.71 0.07 10.14
C ARG A 54 11.19 -1.28 10.71
N GLU A 55 11.70 -2.14 9.83
CA GLU A 55 12.21 -3.48 10.18
C GLU A 55 13.74 -3.52 10.01
N PRO A 56 14.54 -3.16 11.09
CA PRO A 56 16.03 -2.99 11.01
C PRO A 56 16.79 -4.29 10.72
N SER A 57 16.12 -5.43 10.92
CA SER A 57 16.66 -6.76 10.57
C SER A 57 16.95 -6.87 9.06
N LEU A 58 16.06 -6.23 8.26
CA LEU A 58 16.20 -6.17 6.79
C LEU A 58 17.27 -5.14 6.38
N ARG A 59 17.48 -4.13 7.25
CA ARG A 59 18.44 -3.02 7.00
C ARG A 59 19.90 -3.48 7.19
N ASP A 60 20.07 -4.59 7.93
CA ASP A 60 21.39 -5.21 8.16
C ASP A 60 21.88 -5.92 6.89
N SER A 61 20.94 -6.40 6.06
CA SER A 61 21.25 -7.06 4.77
C SER A 61 21.41 -6.02 3.65
N ASN A 62 22.14 -6.39 2.58
CA ASN A 62 22.28 -5.60 1.36
C ASN A 62 20.91 -5.46 0.65
N PRO A 63 20.55 -4.24 0.12
CA PRO A 63 19.27 -4.02 -0.60
C PRO A 63 19.28 -4.64 -2.04
N GLU A 64 20.39 -5.32 -2.38
CA GLU A 64 20.57 -6.05 -3.64
C GLU A 64 19.90 -7.44 -3.55
N GLU A 65 20.26 -8.18 -2.48
CA GLU A 65 19.82 -9.57 -2.25
C GLU A 65 18.68 -9.63 -1.22
N ILE A 66 18.03 -8.47 -0.99
CA ILE A 66 17.03 -8.30 0.07
C ILE A 66 15.79 -9.22 -0.13
N GLU A 67 15.50 -10.01 0.91
CA GLU A 67 14.24 -10.77 1.00
C GLU A 67 13.34 -10.13 2.05
N ILE A 68 12.14 -9.74 1.61
CA ILE A 68 11.15 -9.05 2.45
C ILE A 68 10.22 -10.10 3.08
N ASP A 69 10.52 -10.48 4.32
CA ASP A 69 9.72 -11.46 5.08
C ASP A 69 8.52 -10.76 5.74
N PHE A 70 7.36 -10.87 5.08
CA PHE A 70 6.10 -10.15 5.44
C PHE A 70 5.50 -10.62 6.79
N GLU A 71 5.92 -11.82 7.24
CA GLU A 71 5.49 -12.37 8.54
C GLU A 71 6.23 -11.70 9.70
N THR A 72 7.54 -11.44 9.49
CA THR A 72 8.41 -10.76 10.49
C THR A 72 8.29 -9.23 10.34
N LEU A 73 7.66 -8.81 9.24
CA LEU A 73 7.37 -7.41 8.91
C LEU A 73 6.06 -7.01 9.65
N LYS A 74 6.06 -5.86 10.37
CA LYS A 74 4.89 -5.43 11.17
C LYS A 74 3.72 -5.02 10.24
N PRO A 75 2.46 -5.56 10.50
CA PRO A 75 1.24 -5.27 9.68
C PRO A 75 0.88 -3.78 9.49
N SER A 76 1.44 -2.92 10.36
CA SER A 76 1.33 -1.45 10.26
C SER A 76 2.13 -0.93 9.04
N THR A 77 3.31 -1.51 8.82
CA THR A 77 4.16 -1.21 7.66
C THR A 77 3.57 -1.86 6.38
N LEU A 78 2.93 -3.05 6.54
CA LEU A 78 2.16 -3.70 5.45
C LEU A 78 1.01 -2.79 4.98
N ARG A 79 0.30 -2.19 5.96
CA ARG A 79 -0.79 -1.23 5.72
C ARG A 79 -0.32 -0.08 4.81
N GLU A 80 0.84 0.48 5.17
CA GLU A 80 1.47 1.57 4.43
C GLU A 80 1.97 1.10 3.05
N LEU A 81 2.47 -0.17 2.97
CA LEU A 81 3.07 -0.74 1.75
C LEU A 81 2.00 -0.98 0.66
N GLU A 82 0.82 -1.49 1.07
CA GLU A 82 -0.34 -1.71 0.16
C GLU A 82 -0.74 -0.39 -0.50
N ARG A 83 -0.85 0.65 0.34
CA ARG A 83 -1.22 2.01 -0.07
C ARG A 83 -0.10 2.65 -0.93
N TYR A 84 1.17 2.34 -0.59
CA TYR A 84 2.36 2.91 -1.24
C TYR A 84 2.47 2.44 -2.70
N VAL A 85 2.46 1.12 -2.92
CA VAL A 85 2.61 0.50 -4.24
C VAL A 85 1.39 0.85 -5.15
N LEU A 86 0.20 0.95 -4.53
CA LEU A 86 -1.05 1.33 -5.23
C LEU A 86 -1.03 2.83 -5.61
N SER A 87 -0.39 3.66 -4.77
CA SER A 87 -0.24 5.12 -5.02
C SER A 87 0.76 5.38 -6.15
N CYS A 88 1.78 4.51 -6.23
CA CYS A 88 2.79 4.56 -7.32
C CYS A 88 2.16 4.10 -8.66
N LEU A 89 1.28 3.09 -8.56
CA LEU A 89 0.61 2.48 -9.73
C LEU A 89 -0.47 3.41 -10.33
N ARG A 90 -1.23 4.08 -9.44
CA ARG A 90 -2.32 4.99 -9.85
C ARG A 90 -1.71 6.35 -10.22
N LYS A 91 -1.57 6.59 -11.55
CA LYS A 91 -0.93 7.79 -12.12
C LYS A 91 -1.50 9.10 -11.52
N LYS A 92 -0.62 9.97 -11.01
CA LYS A 92 -0.96 11.32 -10.54
C LYS A 92 -0.10 12.33 -11.32
N PRO A 93 -0.59 12.86 -12.50
CA PRO A 93 0.11 13.91 -13.29
C PRO A 93 0.48 15.15 -12.46
N ARG A 94 -0.51 15.69 -11.72
CA ARG A 94 -0.33 16.82 -10.81
C ARG A 94 0.15 16.30 -9.44
N LYS A 95 1.45 16.01 -9.37
CA LYS A 95 2.13 15.57 -8.13
C LYS A 95 2.17 16.72 -7.11
N PRO A 96 2.05 16.42 -5.76
CA PRO A 96 2.09 17.44 -4.69
C PRO A 96 3.33 18.37 -4.77
N TYR A 97 3.07 19.69 -4.85
CA TYR A 97 4.13 20.72 -4.88
C TYR A 97 4.93 20.74 -3.58
N THR A 98 6.15 21.32 -3.64
CA THR A 98 7.13 21.37 -2.53
C THR A 98 7.52 19.93 -2.12
N ILE A 99 8.42 19.33 -2.92
CA ILE A 99 8.87 17.93 -2.74
C ILE A 99 9.76 17.76 -1.49
N LYS A 100 10.22 16.52 -1.25
CA LYS A 100 11.13 16.19 -0.13
C LYS A 100 12.53 16.78 -0.44
N LYS A 101 12.73 18.04 -0.02
CA LYS A 101 14.00 18.75 -0.21
C LYS A 101 15.05 18.24 0.83
N PRO A 102 16.16 17.59 0.37
CA PRO A 102 17.18 16.97 1.27
C PRO A 102 18.17 18.00 1.87
N VAL A 103 17.62 19.07 2.48
CA VAL A 103 18.37 20.23 3.02
C VAL A 103 19.22 20.86 1.88
N GLY A 104 18.50 21.27 0.84
CA GLY A 104 19.10 21.80 -0.39
C GLY A 104 18.05 21.97 -1.47
N LYS A 105 18.50 21.96 -2.74
CA LYS A 105 17.62 21.95 -3.95
C LYS A 105 16.84 23.27 -4.14
N THR A 106 17.35 24.37 -3.55
CA THR A 106 16.81 25.73 -3.74
C THR A 106 17.68 26.51 -4.76
N LYS A 107 17.15 27.63 -5.29
CA LYS A 107 17.88 28.55 -6.19
C LYS A 107 19.17 29.07 -5.52
N GLU A 108 19.15 29.17 -4.19
CA GLU A 108 20.30 29.61 -3.37
C GLU A 108 21.47 28.61 -3.45
N GLU A 109 21.14 27.31 -3.55
CA GLU A 109 22.13 26.24 -3.76
C GLU A 109 22.73 26.33 -5.17
N LEU A 110 21.92 26.76 -6.16
CA LEU A 110 22.38 26.98 -7.54
C LEU A 110 23.37 28.17 -7.60
N ALA A 111 23.11 29.19 -6.76
CA ALA A 111 23.97 30.38 -6.60
C ALA A 111 25.31 30.01 -5.92
N LEU A 112 25.25 29.01 -5.04
CA LEU A 112 26.43 28.45 -4.35
C LEU A 112 27.29 27.61 -5.33
N GLU A 113 26.61 26.86 -6.21
CA GLU A 113 27.26 26.06 -7.27
C GLU A 113 27.82 26.97 -8.36
N LYS A 114 27.21 28.16 -8.55
CA LYS A 114 27.70 29.21 -9.46
C LYS A 114 29.00 29.82 -8.92
N LYS A 115 29.05 29.97 -7.58
CA LYS A 115 30.24 30.47 -6.87
C LYS A 115 31.43 29.52 -7.10
N ARG A 116 31.15 28.21 -6.97
CA ARG A 116 32.14 27.15 -7.19
C ARG A 116 32.41 26.94 -8.69
N GLU A 117 31.43 27.30 -9.56
CA GLU A 117 31.56 27.17 -11.04
C GLU A 117 32.66 28.12 -11.56
N LEU A 118 32.84 29.28 -10.88
CA LEU A 118 33.92 30.24 -11.16
C LEU A 118 35.31 29.54 -11.18
N GLU A 119 35.62 28.79 -10.10
CA GLU A 119 36.90 28.08 -9.94
C GLU A 119 36.92 26.74 -10.70
N LYS A 120 35.72 26.18 -10.95
CA LYS A 120 35.52 24.89 -11.65
C LYS A 120 35.98 25.03 -13.12
N ARG A 121 35.42 26.04 -13.81
CA ARG A 121 35.61 26.24 -15.28
C ARG A 121 36.98 26.87 -15.62
N LEU A 122 37.74 27.27 -14.58
CA LEU A 122 39.06 27.88 -14.74
C LEU A 122 40.02 26.93 -15.51
N GLN A 123 39.87 25.61 -15.30
CA GLN A 123 40.67 24.58 -16.01
C GLN A 123 40.14 24.31 -17.42
N ASP A 124 38.83 24.59 -17.65
CA ASP A 124 38.14 24.29 -18.93
C ASP A 124 38.74 25.10 -20.09
N VAL A 125 39.27 26.30 -19.77
CA VAL A 125 39.88 27.22 -20.76
C VAL A 125 41.09 26.57 -21.50
N SER A 126 41.74 25.60 -20.82
CA SER A 126 42.87 24.85 -21.39
C SER A 126 42.38 23.52 -21.99
N GLY A 127 41.42 22.89 -21.28
CA GLY A 127 40.96 21.53 -21.60
C GLY A 127 40.03 21.45 -22.79
N GLN A 128 40.60 21.20 -23.97
CA GLN A 128 39.84 20.92 -25.21
C GLN A 128 40.70 20.10 -26.19
N LEU A 129 40.03 19.43 -27.15
CA LEU A 129 40.69 18.52 -28.13
C LEU A 129 39.87 18.44 -29.43
N ASN A 130 40.50 17.87 -30.49
CA ASN A 130 39.86 17.68 -31.82
C ASN A 130 38.69 16.68 -31.68
N SER A 131 37.49 17.15 -32.00
CA SER A 131 36.24 16.35 -31.93
C SER A 131 35.91 15.74 -33.30
N THR A 132 35.14 14.64 -33.31
CA THR A 132 34.76 13.93 -34.54
C THR A 132 33.79 14.77 -35.40
N SER A 1 -10.00 -35.18 2.54
CA SER A 1 -10.27 -34.27 3.67
C SER A 1 -11.74 -33.82 3.66
N MET A 2 -12.34 -33.65 4.85
CA MET A 2 -13.70 -33.11 5.01
C MET A 2 -13.62 -31.60 5.29
N LYS A 3 -13.11 -30.87 4.28
CA LYS A 3 -12.90 -29.40 4.34
C LYS A 3 -13.71 -28.72 3.22
N THR A 4 -14.92 -28.23 3.57
CA THR A 4 -15.76 -27.47 2.63
C THR A 4 -15.15 -26.06 2.40
N ALA A 5 -14.38 -25.92 1.30
CA ALA A 5 -13.68 -24.68 0.96
C ALA A 5 -14.67 -23.61 0.45
N PRO A 6 -14.64 -22.35 1.00
CA PRO A 6 -15.52 -21.24 0.53
C PRO A 6 -15.30 -20.89 -0.96
N PRO A 7 -16.39 -20.53 -1.72
CA PRO A 7 -16.29 -20.06 -3.14
C PRO A 7 -15.47 -18.75 -3.30
N ALA A 8 -15.45 -18.20 -4.53
CA ALA A 8 -14.82 -16.90 -4.83
C ALA A 8 -15.54 -15.74 -4.12
N LEU A 9 -14.83 -14.61 -3.99
CA LEU A 9 -15.33 -13.37 -3.32
C LEU A 9 -15.60 -13.60 -1.81
N PRO A 10 -14.52 -13.55 -0.95
CA PRO A 10 -14.70 -13.53 0.52
C PRO A 10 -15.38 -12.22 0.98
N THR A 11 -16.22 -12.31 2.02
CA THR A 11 -17.02 -11.16 2.52
C THR A 11 -16.12 -10.25 3.40
N GLY A 12 -15.29 -9.45 2.73
CA GLY A 12 -14.36 -8.51 3.35
C GLY A 12 -14.17 -7.26 2.51
N TYR A 13 -15.28 -6.80 1.92
CA TYR A 13 -15.33 -5.59 1.07
C TYR A 13 -15.27 -4.31 1.92
N ASP A 14 -15.79 -4.42 3.16
CA ASP A 14 -15.78 -3.32 4.15
C ASP A 14 -14.43 -3.34 4.92
N SER A 15 -14.25 -2.39 5.86
CA SER A 15 -12.96 -2.12 6.56
C SER A 15 -12.60 -3.16 7.66
N GLU A 16 -12.78 -4.47 7.36
CA GLU A 16 -12.48 -5.57 8.29
C GLU A 16 -10.96 -5.59 8.61
N GLU A 17 -10.15 -5.57 7.54
CA GLU A 17 -8.67 -5.64 7.58
C GLU A 17 -8.03 -4.58 8.50
N GLU A 18 -8.67 -3.40 8.58
CA GLU A 18 -8.17 -2.25 9.35
C GLU A 18 -8.46 -2.43 10.86
N GLU A 19 -9.72 -2.73 11.19
CA GLU A 19 -10.21 -2.76 12.59
C GLU A 19 -10.13 -4.16 13.23
N GLU A 20 -9.61 -5.14 12.48
CA GLU A 20 -9.16 -6.43 13.05
C GLU A 20 -7.62 -6.44 13.13
N SER A 21 -6.98 -5.72 12.18
CA SER A 21 -5.51 -5.68 11.99
C SER A 21 -4.91 -7.10 11.85
N ARG A 22 -5.20 -7.71 10.69
CA ARG A 22 -4.59 -8.98 10.26
C ARG A 22 -3.60 -8.66 9.12
N PRO A 23 -2.41 -9.34 9.08
CA PRO A 23 -1.50 -9.24 7.92
C PRO A 23 -2.17 -9.89 6.69
N MET A 24 -2.47 -9.04 5.66
CA MET A 24 -3.18 -9.43 4.41
C MET A 24 -2.49 -10.63 3.72
N SER A 25 -3.27 -11.37 2.89
CA SER A 25 -2.93 -12.72 2.39
C SER A 25 -1.51 -12.77 1.76
N TYR A 26 -0.70 -13.78 2.19
CA TYR A 26 0.71 -13.92 1.78
C TYR A 26 0.81 -14.25 0.29
N ASP A 27 -0.23 -14.89 -0.29
CA ASP A 27 -0.33 -15.15 -1.74
C ASP A 27 -0.35 -13.80 -2.53
N GLU A 28 -1.24 -12.90 -2.09
CA GLU A 28 -1.36 -11.53 -2.65
C GLU A 28 -0.02 -10.79 -2.55
N LYS A 29 0.64 -10.95 -1.39
CA LYS A 29 1.89 -10.27 -1.04
C LYS A 29 3.09 -10.82 -1.84
N ARG A 30 3.06 -12.12 -2.19
CA ARG A 30 4.12 -12.76 -3.00
C ARG A 30 4.05 -12.31 -4.46
N GLN A 31 2.82 -12.14 -4.97
CA GLN A 31 2.59 -11.56 -6.31
C GLN A 31 2.88 -10.05 -6.29
N LEU A 32 2.62 -9.43 -5.13
CA LEU A 32 2.91 -8.01 -4.87
C LEU A 32 4.43 -7.78 -4.81
N SER A 33 5.20 -8.82 -4.45
CA SER A 33 6.68 -8.76 -4.41
C SER A 33 7.24 -8.43 -5.80
N LEU A 34 6.67 -9.06 -6.85
CA LEU A 34 7.04 -8.80 -8.26
C LEU A 34 6.51 -7.41 -8.70
N ASP A 35 5.38 -7.00 -8.11
CA ASP A 35 4.74 -5.70 -8.38
C ASP A 35 5.55 -4.54 -7.75
N ILE A 36 6.28 -4.85 -6.68
CA ILE A 36 7.24 -3.92 -6.06
C ILE A 36 8.55 -3.93 -6.88
N ASN A 37 8.95 -5.13 -7.31
CA ASN A 37 10.21 -5.37 -8.06
C ASN A 37 10.11 -4.95 -9.55
N LYS A 38 8.89 -4.56 -10.00
CA LYS A 38 8.70 -4.00 -11.36
C LYS A 38 9.19 -2.54 -11.41
N LEU A 39 9.25 -1.89 -10.22
CA LEU A 39 9.73 -0.51 -10.06
C LEU A 39 11.25 -0.45 -10.36
N PRO A 40 11.78 0.71 -10.87
CA PRO A 40 13.23 0.88 -11.14
C PRO A 40 14.06 0.92 -9.84
N GLY A 41 15.40 0.78 -9.97
CA GLY A 41 16.33 0.68 -8.84
C GLY A 41 16.28 1.89 -7.89
N GLU A 42 16.05 3.08 -8.48
CA GLU A 42 15.83 4.34 -7.74
C GLU A 42 14.61 4.23 -6.77
N LYS A 43 13.56 3.53 -7.21
CA LYS A 43 12.33 3.32 -6.42
C LYS A 43 12.49 2.13 -5.46
N LEU A 44 13.28 1.12 -5.88
CA LEU A 44 13.55 -0.08 -5.06
C LEU A 44 14.33 0.31 -3.79
N GLY A 45 15.34 1.17 -3.96
CA GLY A 45 16.17 1.66 -2.85
C GLY A 45 15.42 2.59 -1.88
N ARG A 46 14.15 2.91 -2.20
CA ARG A 46 13.31 3.81 -1.39
C ARG A 46 12.14 3.01 -0.74
N VAL A 47 11.52 2.10 -1.52
CA VAL A 47 10.38 1.28 -1.07
C VAL A 47 10.85 0.17 -0.12
N VAL A 48 12.08 -0.31 -0.34
CA VAL A 48 12.75 -1.25 0.55
C VAL A 48 13.28 -0.51 1.80
N HIS A 49 13.69 0.77 1.65
CA HIS A 49 14.34 1.51 2.76
C HIS A 49 13.37 1.79 3.94
N ILE A 50 12.07 1.95 3.64
CA ILE A 50 11.02 2.09 4.68
C ILE A 50 10.88 0.77 5.49
N ILE A 51 11.15 -0.35 4.82
CA ILE A 51 11.19 -1.71 5.43
C ILE A 51 12.46 -1.87 6.30
N GLN A 52 13.59 -1.30 5.80
CA GLN A 52 14.90 -1.30 6.50
C GLN A 52 14.81 -0.52 7.82
N ALA A 53 13.95 0.53 7.81
CA ALA A 53 13.70 1.39 8.98
C ALA A 53 13.00 0.63 10.13
N ARG A 54 12.23 -0.43 9.77
CA ARG A 54 11.55 -1.30 10.77
C ARG A 54 12.51 -2.37 11.28
N GLU A 55 13.22 -3.02 10.35
CA GLU A 55 14.07 -4.18 10.65
C GLU A 55 15.56 -3.83 10.47
N PRO A 56 16.31 -3.50 11.60
CA PRO A 56 17.78 -3.24 11.55
C PRO A 56 18.59 -4.46 11.09
N SER A 57 18.04 -5.67 11.33
CA SER A 57 18.62 -6.94 10.89
C SER A 57 18.64 -7.02 9.35
N LEU A 58 17.49 -6.63 8.75
CA LEU A 58 17.31 -6.61 7.28
C LEU A 58 17.95 -5.34 6.68
N ARG A 59 18.19 -4.30 7.51
CA ARG A 59 18.85 -3.04 7.08
C ARG A 59 20.29 -3.35 6.61
N ASP A 60 20.93 -4.28 7.32
CA ASP A 60 22.29 -4.77 6.99
C ASP A 60 22.32 -5.48 5.62
N SER A 61 21.18 -6.10 5.25
CA SER A 61 21.04 -6.83 3.98
C SER A 61 21.04 -5.86 2.79
N ASN A 62 21.62 -6.33 1.67
CA ASN A 62 21.76 -5.54 0.43
C ASN A 62 20.37 -5.31 -0.21
N PRO A 63 19.90 -4.01 -0.35
CA PRO A 63 18.48 -3.69 -0.66
C PRO A 63 18.03 -4.12 -2.09
N GLU A 64 18.99 -4.54 -2.93
CA GLU A 64 18.72 -5.11 -4.26
C GLU A 64 18.48 -6.63 -4.17
N GLU A 65 19.30 -7.30 -3.34
CA GLU A 65 19.34 -8.77 -3.22
C GLU A 65 18.36 -9.27 -2.14
N ILE A 66 17.89 -8.33 -1.29
CA ILE A 66 17.11 -8.62 -0.08
C ILE A 66 15.74 -9.29 -0.40
N GLU A 67 15.22 -10.02 0.59
CA GLU A 67 13.88 -10.59 0.58
C GLU A 67 13.00 -9.79 1.55
N ILE A 68 11.76 -9.51 1.12
CA ILE A 68 10.79 -8.76 1.94
C ILE A 68 9.89 -9.76 2.68
N ASP A 69 10.26 -10.08 3.94
CA ASP A 69 9.48 -10.97 4.79
C ASP A 69 8.34 -10.16 5.42
N PHE A 70 7.11 -10.47 5.01
CA PHE A 70 5.89 -9.73 5.39
C PHE A 70 5.44 -10.05 6.83
N GLU A 71 6.04 -11.08 7.45
CA GLU A 71 5.68 -11.52 8.81
C GLU A 71 6.56 -10.83 9.87
N THR A 72 7.77 -10.37 9.47
CA THR A 72 8.65 -9.54 10.33
C THR A 72 8.14 -8.09 10.38
N LEU A 73 7.46 -7.66 9.30
CA LEU A 73 6.83 -6.33 9.20
C LEU A 73 5.44 -6.35 9.88
N LYS A 74 5.04 -5.18 10.42
CA LYS A 74 3.75 -5.00 11.11
C LYS A 74 2.61 -4.92 10.06
N PRO A 75 1.36 -5.45 10.32
CA PRO A 75 0.18 -5.31 9.41
C PRO A 75 -0.11 -3.86 8.95
N SER A 76 0.26 -2.88 9.79
CA SER A 76 0.19 -1.45 9.46
C SER A 76 1.24 -1.10 8.36
N THR A 77 2.48 -1.62 8.54
CA THR A 77 3.59 -1.47 7.57
C THR A 77 3.28 -2.22 6.26
N LEU A 78 2.44 -3.28 6.35
CA LEU A 78 1.98 -4.09 5.21
C LEU A 78 1.08 -3.25 4.29
N ARG A 79 0.01 -2.69 4.86
CA ARG A 79 -0.97 -1.88 4.12
C ARG A 79 -0.36 -0.52 3.69
N GLU A 80 0.69 -0.10 4.44
CA GLU A 80 1.53 1.06 4.09
C GLU A 80 2.33 0.77 2.82
N LEU A 81 2.91 -0.44 2.77
CA LEU A 81 3.72 -0.91 1.64
C LEU A 81 2.83 -1.06 0.38
N GLU A 82 1.59 -1.54 0.59
CA GLU A 82 0.59 -1.74 -0.47
C GLU A 82 0.17 -0.41 -1.10
N ARG A 83 -0.20 0.59 -0.25
CA ARG A 83 -0.67 1.92 -0.74
C ARG A 83 0.49 2.71 -1.40
N TYR A 84 1.73 2.41 -0.96
CA TYR A 84 2.95 3.06 -1.45
C TYR A 84 3.24 2.63 -2.91
N VAL A 85 3.22 1.32 -3.16
CA VAL A 85 3.46 0.76 -4.51
C VAL A 85 2.23 0.96 -5.42
N LEU A 86 1.03 1.03 -4.81
CA LEU A 86 -0.24 1.25 -5.53
C LEU A 86 -0.29 2.65 -6.17
N SER A 87 0.23 3.68 -5.47
CA SER A 87 0.25 5.06 -5.97
C SER A 87 1.23 5.22 -7.16
N CYS A 88 2.32 4.41 -7.15
CA CYS A 88 3.31 4.40 -8.26
C CYS A 88 2.77 3.60 -9.47
N LEU A 89 1.99 2.53 -9.16
CA LEU A 89 1.34 1.65 -10.16
C LEU A 89 0.29 2.47 -10.93
N ARG A 90 -0.60 3.10 -10.15
CA ARG A 90 -1.76 3.83 -10.64
C ARG A 90 -1.30 5.15 -11.29
N LYS A 91 -2.18 5.73 -12.12
CA LYS A 91 -1.86 6.91 -12.95
C LYS A 91 -1.83 8.19 -12.08
N LYS A 92 -1.57 9.35 -12.75
CA LYS A 92 -1.54 10.67 -12.09
C LYS A 92 -2.88 10.93 -11.35
N PRO A 93 -2.84 11.32 -10.03
CA PRO A 93 -4.05 11.36 -9.18
C PRO A 93 -5.08 12.43 -9.61
N ARG A 94 -6.34 11.98 -9.75
CA ARG A 94 -7.53 12.84 -9.83
C ARG A 94 -7.68 13.62 -8.50
N LYS A 95 -8.40 14.78 -8.51
CA LYS A 95 -8.77 15.54 -7.29
C LYS A 95 -9.47 14.59 -6.29
N PRO A 96 -8.73 14.08 -5.24
CA PRO A 96 -9.17 12.94 -4.42
C PRO A 96 -9.88 13.35 -3.12
N TYR A 97 -11.16 12.95 -2.96
CA TYR A 97 -11.82 12.97 -1.66
C TYR A 97 -11.42 11.68 -0.92
N THR A 98 -10.24 11.72 -0.32
CA THR A 98 -9.62 10.58 0.41
C THR A 98 -9.61 10.86 1.92
N ILE A 99 -10.00 12.08 2.30
CA ILE A 99 -10.06 12.52 3.70
C ILE A 99 -11.44 13.11 3.97
N LYS A 100 -12.12 12.56 4.98
CA LYS A 100 -13.37 13.09 5.50
C LYS A 100 -13.01 14.18 6.53
N LYS A 101 -13.09 15.45 6.07
CA LYS A 101 -12.77 16.67 6.86
C LYS A 101 -13.42 16.63 8.28
N PRO A 102 -12.60 16.54 9.38
CA PRO A 102 -13.12 16.58 10.77
C PRO A 102 -13.16 18.01 11.35
N VAL A 103 -13.83 18.16 12.51
CA VAL A 103 -13.84 19.42 13.27
C VAL A 103 -12.43 19.64 13.87
N GLY A 104 -11.61 20.40 13.12
CA GLY A 104 -10.19 20.56 13.46
C GLY A 104 -9.36 19.43 12.87
N LYS A 105 -8.93 19.61 11.61
CA LYS A 105 -8.08 18.64 10.89
C LYS A 105 -6.71 18.50 11.59
N THR A 106 -6.20 19.65 12.05
CA THR A 106 -4.85 19.78 12.63
C THR A 106 -4.95 19.84 14.16
N LYS A 107 -3.85 19.42 14.84
CA LYS A 107 -3.77 19.35 16.31
C LYS A 107 -3.96 20.73 16.97
N GLU A 108 -3.42 21.76 16.30
CA GLU A 108 -3.52 23.17 16.73
C GLU A 108 -4.99 23.64 16.74
N GLU A 109 -5.76 23.20 15.73
CA GLU A 109 -7.19 23.53 15.60
C GLU A 109 -8.02 22.86 16.73
N LEU A 110 -7.64 21.62 17.07
CA LEU A 110 -8.24 20.85 18.18
C LEU A 110 -8.00 21.52 19.55
N ALA A 111 -6.88 22.24 19.66
CA ALA A 111 -6.53 23.01 20.85
C ALA A 111 -7.15 24.42 20.84
N LEU A 112 -7.39 24.96 19.62
CA LEU A 112 -7.80 26.37 19.41
C LEU A 112 -9.32 26.59 19.62
N GLU A 113 -10.14 25.57 19.29
CA GLU A 113 -11.64 25.64 19.26
C GLU A 113 -12.28 26.21 20.57
N LYS A 114 -11.56 26.06 21.70
CA LYS A 114 -11.95 26.59 23.03
C LYS A 114 -12.12 28.12 23.05
N LYS A 115 -11.63 28.81 22.01
CA LYS A 115 -11.75 30.27 21.84
C LYS A 115 -13.24 30.68 21.67
N ARG A 116 -14.03 29.78 21.06
CA ARG A 116 -15.49 29.95 20.93
C ARG A 116 -16.19 29.64 22.27
N GLU A 117 -15.65 28.65 22.99
CA GLU A 117 -16.21 28.14 24.25
C GLU A 117 -16.02 29.16 25.39
N LEU A 118 -14.82 29.74 25.45
CA LEU A 118 -14.35 30.56 26.58
C LEU A 118 -15.18 31.84 26.71
N GLU A 119 -15.33 32.58 25.60
CA GLU A 119 -16.08 33.85 25.56
C GLU A 119 -17.60 33.67 25.86
N LYS A 120 -18.14 32.48 25.55
CA LYS A 120 -19.57 32.14 25.83
C LYS A 120 -19.79 31.89 27.34
N ARG A 121 -18.75 31.37 28.00
CA ARG A 121 -18.74 31.21 29.47
C ARG A 121 -18.51 32.58 30.15
N LEU A 122 -17.59 33.35 29.55
CA LEU A 122 -17.17 34.69 30.00
C LEU A 122 -18.04 35.79 29.35
N GLN A 123 -19.29 35.45 28.97
CA GLN A 123 -20.25 36.37 28.28
C GLN A 123 -20.63 37.59 29.13
N ASP A 124 -20.31 37.54 30.43
CA ASP A 124 -20.54 38.63 31.39
C ASP A 124 -19.58 39.82 31.21
N VAL A 125 -18.56 39.66 30.33
CA VAL A 125 -17.68 40.78 29.90
C VAL A 125 -18.41 41.73 28.93
N SER A 126 -19.62 41.32 28.48
CA SER A 126 -20.49 42.16 27.64
C SER A 126 -21.16 43.25 28.51
N GLY A 127 -20.36 44.29 28.82
CA GLY A 127 -20.85 45.46 29.54
C GLY A 127 -21.41 46.47 28.55
N GLN A 128 -22.73 46.75 28.64
CA GLN A 128 -23.42 47.64 27.70
C GLN A 128 -22.96 49.09 27.98
N LEU A 129 -21.93 49.51 27.23
CA LEU A 129 -21.31 50.84 27.35
C LEU A 129 -22.06 51.88 26.50
N ASN A 130 -22.39 53.02 27.12
CA ASN A 130 -23.09 54.15 26.47
C ASN A 130 -22.08 55.19 25.94
N SER A 131 -20.91 54.68 25.47
CA SER A 131 -19.80 55.50 24.95
C SER A 131 -20.20 56.14 23.60
N THR A 132 -20.79 57.34 23.66
CA THR A 132 -21.23 58.11 22.48
C THR A 132 -20.41 59.41 22.41
N SER A 1 12.40 -19.05 -13.49
CA SER A 1 11.01 -18.81 -13.88
C SER A 1 10.20 -18.39 -12.64
N MET A 2 9.57 -17.20 -12.70
CA MET A 2 8.94 -16.54 -11.53
C MET A 2 7.45 -16.23 -11.79
N LYS A 3 6.78 -17.05 -12.64
CA LYS A 3 5.34 -16.91 -12.91
C LYS A 3 4.51 -17.43 -11.72
N THR A 4 4.40 -16.61 -10.68
CA THR A 4 3.58 -16.91 -9.50
C THR A 4 2.13 -16.50 -9.79
N ALA A 5 1.29 -17.50 -10.12
CA ALA A 5 -0.13 -17.27 -10.43
C ALA A 5 -0.93 -17.07 -9.13
N PRO A 6 -1.81 -16.01 -9.05
CA PRO A 6 -2.71 -15.80 -7.88
C PRO A 6 -3.85 -16.85 -7.88
N PRO A 7 -4.58 -17.07 -6.73
CA PRO A 7 -5.66 -18.07 -6.66
C PRO A 7 -6.85 -17.70 -7.58
N ALA A 8 -7.54 -18.73 -8.11
CA ALA A 8 -8.67 -18.53 -9.05
C ALA A 8 -9.78 -17.70 -8.40
N LEU A 9 -10.05 -16.52 -8.97
CA LEU A 9 -10.98 -15.50 -8.44
C LEU A 9 -10.51 -15.05 -7.02
N PRO A 10 -9.51 -14.10 -6.93
CA PRO A 10 -9.00 -13.56 -5.64
C PRO A 10 -9.95 -12.49 -5.03
N THR A 11 -11.23 -12.84 -4.95
CA THR A 11 -12.32 -11.96 -4.50
C THR A 11 -12.25 -11.70 -2.97
N GLY A 12 -12.34 -10.43 -2.58
CA GLY A 12 -12.27 -10.04 -1.16
C GLY A 12 -12.75 -8.62 -0.90
N TYR A 13 -12.86 -8.25 0.39
CA TYR A 13 -13.31 -6.92 0.84
C TYR A 13 -12.80 -6.64 2.28
N ASP A 14 -13.39 -7.34 3.26
CA ASP A 14 -13.21 -7.03 4.70
C ASP A 14 -11.93 -7.69 5.26
N SER A 15 -11.10 -6.85 5.90
CA SER A 15 -9.89 -7.23 6.66
C SER A 15 -9.63 -6.12 7.69
N GLU A 16 -9.79 -4.89 7.19
CA GLU A 16 -9.73 -3.65 7.99
C GLU A 16 -11.07 -3.37 8.72
N GLU A 17 -12.19 -3.79 8.08
CA GLU A 17 -13.55 -3.73 8.66
C GLU A 17 -13.74 -4.82 9.73
N GLU A 18 -12.98 -5.92 9.59
CA GLU A 18 -13.09 -7.08 10.47
C GLU A 18 -12.51 -6.75 11.87
N GLU A 19 -11.34 -6.07 11.90
CA GLU A 19 -10.75 -5.53 13.16
C GLU A 19 -10.28 -4.07 12.93
N GLU A 20 -9.05 -3.88 12.42
CA GLU A 20 -8.45 -2.55 12.16
C GLU A 20 -7.63 -2.62 10.85
N SER A 21 -6.71 -3.60 10.82
CA SER A 21 -5.91 -3.94 9.65
C SER A 21 -5.28 -5.32 9.88
N ARG A 22 -6.03 -6.37 9.50
CA ARG A 22 -5.49 -7.76 9.52
C ARG A 22 -4.51 -7.94 8.35
N PRO A 23 -3.52 -8.91 8.43
CA PRO A 23 -2.54 -9.13 7.35
C PRO A 23 -3.24 -9.58 6.05
N MET A 24 -3.18 -8.70 5.03
CA MET A 24 -3.76 -8.92 3.69
C MET A 24 -3.16 -10.16 3.01
N SER A 25 -3.85 -10.67 1.96
CA SER A 25 -3.55 -11.97 1.33
C SER A 25 -2.06 -12.11 0.92
N TYR A 26 -1.47 -13.25 1.31
CA TYR A 26 -0.02 -13.52 1.11
C TYR A 26 0.33 -13.73 -0.37
N ASP A 27 -0.67 -14.17 -1.17
CA ASP A 27 -0.54 -14.29 -2.65
C ASP A 27 -0.39 -12.92 -3.31
N GLU A 28 -1.11 -11.94 -2.75
CA GLU A 28 -1.02 -10.54 -3.18
C GLU A 28 0.39 -9.99 -2.81
N LYS A 29 0.93 -10.45 -1.65
CA LYS A 29 2.30 -10.12 -1.17
C LYS A 29 3.39 -10.80 -2.03
N ARG A 30 3.08 -11.99 -2.60
CA ARG A 30 3.98 -12.70 -3.54
C ARG A 30 4.16 -11.86 -4.82
N GLN A 31 3.03 -11.38 -5.35
CA GLN A 31 3.01 -10.49 -6.51
C GLN A 31 3.63 -9.13 -6.14
N LEU A 32 3.36 -8.67 -4.89
CA LEU A 32 3.71 -7.32 -4.40
C LEU A 32 5.23 -7.08 -4.47
N SER A 33 6.00 -7.98 -3.84
CA SER A 33 7.47 -7.91 -3.78
C SER A 33 8.07 -7.99 -5.21
N LEU A 34 7.51 -8.93 -6.00
CA LEU A 34 7.90 -9.19 -7.40
C LEU A 34 7.58 -7.94 -8.26
N ASP A 35 6.52 -7.20 -7.86
CA ASP A 35 6.02 -6.02 -8.57
C ASP A 35 6.85 -4.77 -8.22
N ILE A 36 7.38 -4.73 -7.00
CA ILE A 36 8.30 -3.64 -6.56
C ILE A 36 9.55 -3.63 -7.44
N ASN A 37 10.03 -4.84 -7.77
CA ASN A 37 11.18 -5.05 -8.67
C ASN A 37 10.92 -4.48 -10.10
N LYS A 38 9.65 -4.37 -10.50
CA LYS A 38 9.24 -3.88 -11.84
C LYS A 38 9.32 -2.35 -11.94
N LEU A 39 9.29 -1.68 -10.78
CA LEU A 39 9.54 -0.23 -10.66
C LEU A 39 11.00 0.11 -11.08
N PRO A 40 11.31 1.38 -11.49
CA PRO A 40 12.72 1.83 -11.69
C PRO A 40 13.56 1.65 -10.40
N GLY A 41 14.89 1.45 -10.56
CA GLY A 41 15.80 1.15 -9.45
C GLY A 41 15.73 2.15 -8.30
N GLU A 42 15.51 3.44 -8.64
CA GLU A 42 15.35 4.56 -7.68
C GLU A 42 14.22 4.27 -6.66
N LYS A 43 13.17 3.58 -7.12
CA LYS A 43 11.98 3.30 -6.31
C LYS A 43 12.27 2.11 -5.39
N LEU A 44 13.08 1.12 -5.86
CA LEU A 44 13.49 -0.04 -5.04
C LEU A 44 14.31 0.44 -3.83
N GLY A 45 15.26 1.35 -4.07
CA GLY A 45 16.10 1.91 -3.02
C GLY A 45 15.33 2.73 -1.98
N ARG A 46 14.11 3.17 -2.35
CA ARG A 46 13.25 4.00 -1.49
C ARG A 46 12.21 3.13 -0.74
N VAL A 47 11.72 2.06 -1.42
CA VAL A 47 10.76 1.10 -0.84
C VAL A 47 11.46 0.22 0.21
N VAL A 48 12.65 -0.30 -0.15
CA VAL A 48 13.53 -1.04 0.77
C VAL A 48 13.94 -0.14 1.97
N HIS A 49 14.04 1.20 1.72
CA HIS A 49 14.45 2.18 2.75
C HIS A 49 13.40 2.32 3.87
N ILE A 50 12.10 2.38 3.49
CA ILE A 50 11.00 2.52 4.47
C ILE A 50 10.83 1.21 5.29
N ILE A 51 11.17 0.06 4.68
CA ILE A 51 11.14 -1.26 5.36
C ILE A 51 12.24 -1.33 6.46
N GLN A 52 13.49 -1.02 6.06
CA GLN A 52 14.68 -1.08 6.95
C GLN A 52 14.64 0.00 8.03
N ALA A 53 13.85 1.09 7.79
CA ALA A 53 13.65 2.18 8.77
C ALA A 53 12.99 1.65 10.06
N ARG A 54 12.12 0.63 9.91
CA ARG A 54 11.50 -0.08 11.04
C ARG A 54 12.44 -1.19 11.54
N GLU A 55 12.84 -2.09 10.63
CA GLU A 55 13.61 -3.30 10.96
C GLU A 55 15.12 -3.11 10.65
N PRO A 56 16.00 -2.99 11.70
CA PRO A 56 17.48 -2.85 11.52
C PRO A 56 18.13 -4.08 10.86
N SER A 57 17.51 -5.26 11.04
CA SER A 57 18.00 -6.54 10.48
C SER A 57 17.88 -6.56 8.94
N LEU A 58 16.94 -5.76 8.39
CA LEU A 58 16.66 -5.69 6.94
C LEU A 58 17.43 -4.52 6.28
N ARG A 59 18.44 -3.96 7.00
CA ARG A 59 19.27 -2.86 6.46
C ARG A 59 20.50 -3.41 5.71
N ASP A 60 21.12 -4.45 6.28
CA ASP A 60 22.34 -5.08 5.73
C ASP A 60 22.01 -6.00 4.55
N SER A 61 20.78 -6.55 4.56
CA SER A 61 20.28 -7.43 3.49
C SER A 61 20.21 -6.65 2.16
N ASN A 62 21.00 -7.12 1.17
CA ASN A 62 21.27 -6.42 -0.09
C ASN A 62 19.97 -6.23 -0.91
N PRO A 63 19.68 -4.98 -1.43
CA PRO A 63 18.32 -4.61 -1.95
C PRO A 63 17.76 -5.47 -3.12
N GLU A 64 18.60 -6.25 -3.85
CA GLU A 64 18.06 -7.19 -4.89
C GLU A 64 17.79 -8.58 -4.27
N GLU A 65 18.59 -8.92 -3.27
CA GLU A 65 18.56 -10.23 -2.58
C GLU A 65 17.72 -10.17 -1.28
N ILE A 66 17.25 -8.96 -0.90
CA ILE A 66 16.51 -8.73 0.35
C ILE A 66 15.18 -9.46 0.34
N GLU A 67 14.89 -10.18 1.42
CA GLU A 67 13.59 -10.84 1.64
C GLU A 67 12.79 -9.98 2.60
N ILE A 68 11.73 -9.35 2.08
CA ILE A 68 10.81 -8.48 2.85
C ILE A 68 10.07 -9.38 3.86
N ASP A 69 10.59 -9.41 5.09
CA ASP A 69 10.20 -10.39 6.11
C ASP A 69 8.79 -10.07 6.67
N PHE A 70 7.74 -10.56 5.98
CA PHE A 70 6.33 -10.29 6.32
C PHE A 70 5.92 -10.87 7.68
N GLU A 71 6.71 -11.85 8.19
CA GLU A 71 6.45 -12.50 9.49
C GLU A 71 6.76 -11.51 10.63
N THR A 72 7.94 -10.88 10.58
CA THR A 72 8.38 -9.88 11.59
C THR A 72 7.63 -8.56 11.38
N LEU A 73 7.34 -8.21 10.10
CA LEU A 73 6.58 -7.02 9.75
C LEU A 73 5.11 -7.20 10.20
N LYS A 74 4.77 -6.53 11.31
CA LYS A 74 3.39 -6.36 11.79
C LYS A 74 2.46 -5.79 10.67
N PRO A 75 1.16 -6.25 10.59
CA PRO A 75 0.19 -5.91 9.49
C PRO A 75 0.14 -4.43 9.06
N SER A 76 0.39 -3.50 10.01
CA SER A 76 0.45 -2.04 9.72
C SER A 76 1.49 -1.71 8.65
N THR A 77 2.68 -2.31 8.78
CA THR A 77 3.81 -2.11 7.85
C THR A 77 3.44 -2.58 6.44
N LEU A 78 2.74 -3.74 6.35
CA LEU A 78 2.26 -4.31 5.08
C LEU A 78 1.30 -3.33 4.40
N ARG A 79 0.28 -2.88 5.14
CA ARG A 79 -0.80 -1.99 4.63
C ARG A 79 -0.22 -0.71 3.98
N GLU A 80 0.77 -0.13 4.67
CA GLU A 80 1.47 1.08 4.22
C GLU A 80 2.34 0.78 2.97
N LEU A 81 3.06 -0.36 3.02
CA LEU A 81 4.07 -0.76 2.01
C LEU A 81 3.41 -1.08 0.65
N GLU A 82 2.33 -1.87 0.70
CA GLU A 82 1.62 -2.34 -0.50
C GLU A 82 0.84 -1.20 -1.15
N ARG A 83 0.27 -0.30 -0.30
CA ARG A 83 -0.44 0.91 -0.78
C ARG A 83 0.54 1.99 -1.29
N TYR A 84 1.80 1.92 -0.82
CA TYR A 84 2.88 2.83 -1.25
C TYR A 84 3.20 2.63 -2.75
N VAL A 85 3.20 1.36 -3.20
CA VAL A 85 3.44 1.01 -4.62
C VAL A 85 2.11 0.93 -5.41
N LEU A 86 0.99 0.73 -4.68
CA LEU A 86 -0.37 0.70 -5.26
C LEU A 86 -0.80 2.10 -5.75
N SER A 87 -0.19 3.15 -5.16
CA SER A 87 -0.40 4.54 -5.60
C SER A 87 0.17 4.77 -7.01
N CYS A 88 1.20 3.97 -7.36
CA CYS A 88 1.81 3.95 -8.68
C CYS A 88 0.93 3.13 -9.66
N LEU A 89 0.51 1.92 -9.20
CA LEU A 89 -0.24 0.94 -10.02
C LEU A 89 -1.65 1.48 -10.41
N ARG A 90 -2.46 1.73 -9.38
CA ARG A 90 -3.84 2.21 -9.54
C ARG A 90 -3.85 3.72 -9.80
N LYS A 91 -4.63 4.12 -10.82
CA LYS A 91 -4.79 5.55 -11.22
C LYS A 91 -5.50 6.35 -10.12
N LYS A 92 -6.28 5.65 -9.28
CA LYS A 92 -7.00 6.22 -8.15
C LYS A 92 -6.82 5.30 -6.92
N PRO A 93 -5.74 5.50 -6.10
CA PRO A 93 -5.53 4.76 -4.84
C PRO A 93 -6.38 5.29 -3.67
N ARG A 94 -6.78 6.60 -3.76
CA ARG A 94 -7.49 7.37 -2.71
C ARG A 94 -6.59 7.70 -1.48
N LYS A 95 -5.39 7.05 -1.41
CA LYS A 95 -4.49 7.04 -0.23
C LYS A 95 -5.14 6.23 0.95
N PRO A 96 -4.33 5.41 1.71
CA PRO A 96 -4.84 4.66 2.88
C PRO A 96 -5.04 5.58 4.12
N TYR A 97 -6.07 6.44 4.06
CA TYR A 97 -6.43 7.36 5.15
C TYR A 97 -6.96 6.56 6.36
N THR A 98 -6.04 6.24 7.27
CA THR A 98 -6.34 5.50 8.51
C THR A 98 -5.73 6.29 9.67
N ILE A 99 -6.41 6.29 10.84
CA ILE A 99 -5.96 7.04 12.04
C ILE A 99 -4.50 6.67 12.40
N LYS A 100 -4.21 5.35 12.47
CA LYS A 100 -2.90 4.79 12.85
C LYS A 100 -2.44 5.33 14.21
N LYS A 101 -2.67 4.53 15.28
CA LYS A 101 -2.47 4.91 16.69
C LYS A 101 -3.59 5.86 17.18
N PRO A 102 -4.39 5.46 18.24
CA PRO A 102 -5.39 6.34 18.86
C PRO A 102 -4.70 7.43 19.71
N VAL A 103 -4.24 8.51 19.01
CA VAL A 103 -3.42 9.58 19.60
C VAL A 103 -4.13 10.24 20.80
N GLY A 104 -5.38 10.69 20.60
CA GLY A 104 -6.18 11.36 21.64
C GLY A 104 -6.54 10.46 22.82
N LYS A 105 -6.63 9.13 22.55
CA LYS A 105 -7.01 8.11 23.57
C LYS A 105 -5.82 7.74 24.47
N THR A 106 -4.60 8.11 24.06
CA THR A 106 -3.35 7.80 24.78
C THR A 106 -3.37 8.43 26.21
N LYS A 107 -2.73 7.73 27.16
CA LYS A 107 -2.69 8.08 28.59
C LYS A 107 -2.08 9.48 28.78
N GLU A 108 -0.87 9.65 28.23
CA GLU A 108 -0.07 10.88 28.35
C GLU A 108 -0.72 12.07 27.63
N GLU A 109 -1.56 11.77 26.61
CA GLU A 109 -2.14 12.79 25.71
C GLU A 109 -3.28 13.58 26.39
N LEU A 110 -4.21 12.83 27.01
CA LEU A 110 -5.35 13.42 27.75
C LEU A 110 -4.85 14.12 29.04
N ALA A 111 -3.68 13.67 29.54
CA ALA A 111 -2.99 14.29 30.66
C ALA A 111 -2.18 15.53 30.21
N LEU A 112 -1.77 15.54 28.92
CA LEU A 112 -0.94 16.63 28.31
C LEU A 112 -1.76 17.93 28.24
N GLU A 113 -2.99 17.83 27.70
CA GLU A 113 -3.92 18.98 27.61
C GLU A 113 -4.39 19.43 29.02
N LYS A 114 -4.60 18.45 29.91
CA LYS A 114 -5.10 18.68 31.28
C LYS A 114 -3.98 19.19 32.22
N LYS A 115 -2.71 19.04 31.77
CA LYS A 115 -1.55 19.54 32.53
C LYS A 115 -1.62 21.08 32.60
N ARG A 116 -1.94 21.71 31.45
CA ARG A 116 -2.10 23.17 31.36
C ARG A 116 -3.30 23.63 32.23
N GLU A 117 -4.36 22.79 32.27
CA GLU A 117 -5.55 23.03 33.11
C GLU A 117 -5.18 23.05 34.62
N LEU A 118 -4.26 22.16 35.00
CA LEU A 118 -3.74 22.06 36.38
C LEU A 118 -2.99 23.35 36.77
N GLU A 119 -2.29 23.95 35.80
CA GLU A 119 -1.60 25.24 35.98
C GLU A 119 -2.63 26.37 36.13
N LYS A 120 -3.65 26.35 35.24
CA LYS A 120 -4.75 27.35 35.19
C LYS A 120 -5.49 27.40 36.54
N ARG A 121 -5.51 26.28 37.25
CA ARG A 121 -6.18 26.18 38.56
C ARG A 121 -5.54 27.14 39.59
N LEU A 122 -4.20 27.29 39.48
CA LEU A 122 -3.41 28.20 40.34
C LEU A 122 -3.30 29.62 39.72
N GLN A 123 -3.49 29.72 38.38
CA GLN A 123 -3.40 31.01 37.65
C GLN A 123 -4.70 31.82 37.74
N ASP A 124 -5.84 31.11 37.83
CA ASP A 124 -7.19 31.70 37.76
C ASP A 124 -7.76 31.95 39.18
N VAL A 125 -6.86 32.19 40.17
CA VAL A 125 -7.24 32.51 41.56
C VAL A 125 -8.29 33.65 41.63
N SER A 126 -8.08 34.69 40.79
CA SER A 126 -9.00 35.84 40.62
C SER A 126 -9.14 36.72 41.89
N GLY A 127 -9.26 38.03 41.69
CA GLY A 127 -9.48 38.98 42.78
C GLY A 127 -8.77 40.30 42.55
N GLN A 128 -9.13 41.30 43.37
CA GLN A 128 -8.52 42.65 43.31
C GLN A 128 -7.09 42.62 43.90
N LEU A 129 -6.10 43.06 43.12
CA LEU A 129 -4.74 43.27 43.62
C LEU A 129 -4.70 44.65 44.32
N ASN A 130 -4.47 44.62 45.65
CA ASN A 130 -4.39 45.84 46.48
C ASN A 130 -3.18 46.71 46.08
N SER A 131 -3.22 47.99 46.45
CA SER A 131 -2.18 48.98 46.10
C SER A 131 -0.92 48.81 46.99
N THR A 132 -0.14 47.76 46.66
CA THR A 132 1.11 47.38 47.35
C THR A 132 0.88 47.04 48.86
N SER A 1 -48.57 8.44 24.71
CA SER A 1 -47.22 8.92 25.06
C SER A 1 -46.22 7.77 24.93
N MET A 2 -45.05 8.04 24.31
CA MET A 2 -43.95 7.07 24.16
C MET A 2 -42.66 7.72 24.68
N LYS A 3 -42.23 7.28 25.86
CA LYS A 3 -41.00 7.74 26.50
C LYS A 3 -40.08 6.53 26.74
N THR A 4 -39.08 6.38 25.88
CA THR A 4 -38.07 5.32 25.99
C THR A 4 -36.94 5.80 26.93
N ALA A 5 -36.34 4.87 27.70
CA ALA A 5 -35.23 5.16 28.62
C ALA A 5 -33.92 5.42 27.85
N PRO A 6 -33.01 6.33 28.35
CA PRO A 6 -31.65 6.55 27.75
C PRO A 6 -30.82 5.24 27.68
N PRO A 7 -29.80 5.14 26.75
CA PRO A 7 -28.90 3.95 26.65
C PRO A 7 -28.08 3.71 27.94
N ALA A 8 -27.41 2.55 27.99
CA ALA A 8 -26.48 2.21 29.08
C ALA A 8 -25.27 3.16 29.09
N LEU A 9 -24.59 3.25 30.24
CA LEU A 9 -23.35 4.03 30.38
C LEU A 9 -22.22 3.41 29.53
N PRO A 10 -21.28 4.23 28.96
CA PRO A 10 -20.10 3.70 28.24
C PRO A 10 -19.22 2.84 29.18
N THR A 11 -19.19 1.52 28.93
CA THR A 11 -18.39 0.57 29.72
C THR A 11 -16.88 0.77 29.48
N GLY A 12 -16.55 1.45 28.38
CA GLY A 12 -15.18 1.80 28.02
C GLY A 12 -14.93 1.63 26.53
N TYR A 13 -13.72 2.02 26.11
CA TYR A 13 -13.26 1.91 24.70
C TYR A 13 -13.10 0.42 24.27
N ASP A 14 -13.43 0.14 23.00
CA ASP A 14 -13.30 -1.21 22.43
C ASP A 14 -11.81 -1.56 22.22
N SER A 15 -11.24 -2.38 23.13
CA SER A 15 -9.93 -3.02 22.90
C SER A 15 -10.16 -4.32 22.10
N GLU A 16 -10.56 -4.12 20.84
CA GLU A 16 -11.02 -5.19 19.94
C GLU A 16 -10.37 -5.03 18.57
N GLU A 17 -10.35 -3.77 18.12
CA GLU A 17 -9.77 -3.35 16.83
C GLU A 17 -8.26 -3.70 16.78
N GLU A 18 -7.62 -3.59 17.95
CA GLU A 18 -6.19 -3.84 18.16
C GLU A 18 -5.88 -5.36 18.27
N GLU A 19 -6.92 -6.19 18.52
CA GLU A 19 -6.75 -7.65 18.70
C GLU A 19 -6.53 -8.35 17.35
N GLU A 20 -7.09 -7.77 16.28
CA GLU A 20 -7.03 -8.34 14.92
C GLU A 20 -5.89 -7.71 14.10
N SER A 21 -4.91 -7.06 14.78
CA SER A 21 -3.73 -6.49 14.13
C SER A 21 -2.76 -7.65 13.72
N ARG A 22 -2.99 -8.17 12.51
CA ARG A 22 -2.25 -9.32 11.95
C ARG A 22 -1.63 -8.92 10.58
N PRO A 23 -0.49 -9.55 10.16
CA PRO A 23 0.01 -9.40 8.78
C PRO A 23 -1.03 -9.93 7.77
N MET A 24 -1.16 -9.25 6.64
CA MET A 24 -2.17 -9.57 5.60
C MET A 24 -1.75 -10.81 4.78
N SER A 25 -2.62 -11.22 3.82
CA SER A 25 -2.34 -12.33 2.90
C SER A 25 -1.00 -12.10 2.15
N TYR A 26 -0.15 -13.13 2.17
CA TYR A 26 1.19 -13.10 1.61
C TYR A 26 1.14 -13.10 0.08
N ASP A 27 0.14 -13.82 -0.47
CA ASP A 27 -0.02 -14.07 -1.92
C ASP A 27 -0.31 -12.78 -2.69
N GLU A 28 -1.12 -11.89 -2.08
CA GLU A 28 -1.48 -10.59 -2.69
C GLU A 28 -0.23 -9.71 -2.82
N LYS A 29 0.47 -9.57 -1.69
CA LYS A 29 1.65 -8.69 -1.53
C LYS A 29 2.89 -9.25 -2.25
N ARG A 30 2.92 -10.58 -2.46
CA ARG A 30 4.00 -11.26 -3.21
C ARG A 30 3.80 -11.02 -4.72
N GLN A 31 2.52 -10.91 -5.13
CA GLN A 31 2.15 -10.46 -6.49
C GLN A 31 2.56 -8.98 -6.66
N LEU A 32 2.37 -8.18 -5.58
CA LEU A 32 2.77 -6.75 -5.57
C LEU A 32 4.30 -6.61 -5.57
N SER A 33 5.01 -7.63 -5.03
CA SER A 33 6.49 -7.69 -5.03
C SER A 33 7.03 -7.94 -6.46
N LEU A 34 6.19 -8.58 -7.31
CA LEU A 34 6.46 -8.75 -8.75
C LEU A 34 6.24 -7.42 -9.49
N ASP A 35 5.28 -6.62 -8.98
CA ASP A 35 5.02 -5.24 -9.46
C ASP A 35 6.17 -4.30 -9.04
N ILE A 36 6.81 -4.60 -7.88
CA ILE A 36 8.01 -3.85 -7.42
C ILE A 36 9.21 -4.21 -8.31
N ASN A 37 9.29 -5.49 -8.74
CA ASN A 37 10.30 -5.95 -9.71
C ASN A 37 10.07 -5.30 -11.10
N LYS A 38 8.78 -5.00 -11.38
CA LYS A 38 8.36 -4.27 -12.60
C LYS A 38 8.71 -2.77 -12.49
N LEU A 39 8.78 -2.25 -11.25
CA LEU A 39 9.19 -0.87 -10.98
C LEU A 39 10.73 -0.76 -11.13
N PRO A 40 11.26 0.34 -11.75
CA PRO A 40 12.73 0.58 -11.86
C PRO A 40 13.39 0.76 -10.46
N GLY A 41 14.74 0.61 -10.44
CA GLY A 41 15.54 0.63 -9.19
C GLY A 41 15.34 1.87 -8.32
N GLU A 42 15.08 3.03 -8.97
CA GLU A 42 14.78 4.32 -8.30
C GLU A 42 13.56 4.22 -7.34
N LYS A 43 12.60 3.35 -7.70
CA LYS A 43 11.35 3.15 -6.93
C LYS A 43 11.65 2.23 -5.75
N LEU A 44 12.54 1.25 -5.97
CA LEU A 44 12.99 0.30 -4.93
C LEU A 44 13.72 1.06 -3.82
N GLY A 45 14.51 2.09 -4.21
CA GLY A 45 15.23 2.95 -3.24
C GLY A 45 14.32 3.64 -2.21
N ARG A 46 13.01 3.63 -2.48
CA ARG A 46 11.96 4.13 -1.58
C ARG A 46 11.17 2.96 -0.95
N VAL A 47 10.86 1.94 -1.78
CA VAL A 47 10.06 0.78 -1.35
C VAL A 47 10.81 -0.07 -0.32
N VAL A 48 12.02 -0.56 -0.68
CA VAL A 48 12.87 -1.36 0.23
C VAL A 48 13.30 -0.52 1.45
N HIS A 49 13.41 0.81 1.25
CA HIS A 49 13.88 1.74 2.28
C HIS A 49 12.97 1.71 3.52
N ILE A 50 11.63 1.83 3.31
CA ILE A 50 10.64 1.80 4.42
C ILE A 50 10.61 0.41 5.08
N ILE A 51 10.79 -0.65 4.28
CA ILE A 51 10.80 -2.06 4.77
C ILE A 51 11.97 -2.25 5.77
N GLN A 52 13.16 -1.81 5.37
CA GLN A 52 14.40 -2.00 6.17
C GLN A 52 14.57 -0.89 7.23
N ALA A 53 13.80 0.20 7.11
CA ALA A 53 13.77 1.27 8.13
C ALA A 53 12.98 0.81 9.36
N ARG A 54 11.89 0.08 9.10
CA ARG A 54 11.06 -0.55 10.14
C ARG A 54 11.75 -1.82 10.67
N GLU A 55 12.39 -2.58 9.76
CA GLU A 55 13.15 -3.82 10.09
C GLU A 55 14.67 -3.53 10.00
N PRO A 56 15.32 -3.05 11.10
CA PRO A 56 16.72 -2.56 11.07
C PRO A 56 17.75 -3.67 10.77
N SER A 57 17.35 -4.94 10.99
CA SER A 57 18.15 -6.12 10.65
C SER A 57 18.38 -6.20 9.14
N LEU A 58 17.30 -5.92 8.37
CA LEU A 58 17.30 -5.92 6.89
C LEU A 58 18.11 -4.71 6.35
N ARG A 59 18.18 -3.64 7.16
CA ARG A 59 18.96 -2.42 6.85
C ARG A 59 20.47 -2.68 6.95
N ASP A 60 20.86 -3.43 8.00
CA ASP A 60 22.25 -3.85 8.24
C ASP A 60 22.67 -4.97 7.27
N SER A 61 21.67 -5.68 6.68
CA SER A 61 21.92 -6.66 5.61
C SER A 61 22.22 -5.95 4.29
N ASN A 62 22.98 -6.63 3.40
CA ASN A 62 23.25 -6.15 2.03
C ASN A 62 21.93 -6.13 1.20
N PRO A 63 21.56 -4.96 0.57
CA PRO A 63 20.33 -4.86 -0.29
C PRO A 63 20.41 -5.71 -1.58
N GLU A 64 21.56 -6.36 -1.84
CA GLU A 64 21.72 -7.34 -2.93
C GLU A 64 21.08 -8.69 -2.54
N GLU A 65 21.02 -8.95 -1.22
CA GLU A 65 20.51 -10.21 -0.63
C GLU A 65 19.14 -9.98 0.09
N ILE A 66 18.55 -8.79 -0.13
CA ILE A 66 17.30 -8.39 0.56
C ILE A 66 16.11 -9.30 0.16
N GLU A 67 15.25 -9.61 1.14
CA GLU A 67 13.97 -10.33 0.94
C GLU A 67 12.86 -9.58 1.70
N ILE A 68 11.72 -9.37 1.04
CA ILE A 68 10.56 -8.72 1.66
C ILE A 68 9.67 -9.82 2.30
N ASP A 69 9.95 -10.14 3.56
CA ASP A 69 9.22 -11.18 4.31
C ASP A 69 8.04 -10.53 5.04
N PHE A 70 6.82 -10.82 4.56
CA PHE A 70 5.58 -10.16 5.04
C PHE A 70 5.12 -10.69 6.41
N GLU A 71 5.84 -11.72 6.92
CA GLU A 71 5.55 -12.33 8.23
C GLU A 71 6.29 -11.56 9.35
N THR A 72 7.55 -11.16 9.07
CA THR A 72 8.36 -10.35 10.01
C THR A 72 7.88 -8.88 9.98
N LEU A 73 7.26 -8.48 8.84
CA LEU A 73 6.59 -7.17 8.71
C LEU A 73 5.30 -7.16 9.54
N LYS A 74 5.21 -6.23 10.50
CA LYS A 74 4.01 -6.02 11.35
C LYS A 74 2.84 -5.46 10.49
N PRO A 75 1.54 -5.58 10.97
CA PRO A 75 0.34 -5.04 10.26
C PRO A 75 0.47 -3.54 9.87
N SER A 76 1.19 -2.78 10.72
CA SER A 76 1.43 -1.34 10.51
C SER A 76 2.33 -1.08 9.29
N THR A 77 3.46 -1.82 9.22
CA THR A 77 4.41 -1.74 8.10
C THR A 77 3.81 -2.37 6.83
N LEU A 78 2.93 -3.38 7.04
CA LEU A 78 2.27 -4.14 5.97
C LEU A 78 1.32 -3.19 5.22
N ARG A 79 0.45 -2.51 6.00
CA ARG A 79 -0.51 -1.49 5.50
C ARG A 79 0.22 -0.41 4.70
N GLU A 80 1.30 0.12 5.29
CA GLU A 80 2.11 1.19 4.67
C GLU A 80 2.68 0.74 3.31
N LEU A 81 3.29 -0.47 3.30
CA LEU A 81 4.01 -1.02 2.13
C LEU A 81 3.05 -1.30 0.95
N GLU A 82 1.95 -2.03 1.20
CA GLU A 82 1.03 -2.47 0.13
C GLU A 82 0.29 -1.26 -0.47
N ARG A 83 -0.07 -0.29 0.38
CA ARG A 83 -0.71 0.97 -0.05
C ARG A 83 0.29 1.81 -0.89
N TYR A 84 1.57 1.74 -0.49
CA TYR A 84 2.69 2.51 -1.10
C TYR A 84 2.93 2.07 -2.57
N VAL A 85 3.07 0.75 -2.78
CA VAL A 85 3.33 0.17 -4.12
C VAL A 85 2.11 0.37 -5.05
N LEU A 86 0.89 0.26 -4.48
CA LEU A 86 -0.37 0.48 -5.24
C LEU A 86 -0.53 1.96 -5.66
N SER A 87 0.07 2.88 -4.88
CA SER A 87 0.16 4.30 -5.24
C SER A 87 1.12 4.51 -6.44
N CYS A 88 2.22 3.73 -6.47
CA CYS A 88 3.22 3.76 -7.57
C CYS A 88 2.65 3.15 -8.87
N LEU A 89 1.71 2.18 -8.71
CA LEU A 89 0.95 1.61 -9.84
C LEU A 89 -0.21 2.52 -10.26
N ARG A 90 -0.59 3.49 -9.37
CA ARG A 90 -1.74 4.40 -9.55
C ARG A 90 -3.08 3.60 -9.54
N LYS A 91 -3.02 2.37 -8.94
CA LYS A 91 -4.09 1.35 -9.00
C LYS A 91 -4.26 0.86 -10.45
N LYS A 92 -3.63 -0.29 -10.75
CA LYS A 92 -3.68 -0.92 -12.08
C LYS A 92 -3.51 -2.46 -11.91
N PRO A 93 -4.59 -3.19 -11.48
CA PRO A 93 -4.58 -4.65 -11.37
C PRO A 93 -5.06 -5.36 -12.66
N ARG A 94 -4.79 -6.67 -12.73
CA ARG A 94 -5.27 -7.55 -13.80
C ARG A 94 -5.85 -8.83 -13.18
N LYS A 95 -6.17 -9.81 -14.03
CA LYS A 95 -6.75 -11.11 -13.62
C LYS A 95 -6.17 -12.22 -14.50
N PRO A 96 -6.10 -13.51 -14.00
CA PRO A 96 -5.74 -14.68 -14.83
C PRO A 96 -6.74 -14.87 -15.99
N TYR A 97 -6.22 -15.24 -17.16
CA TYR A 97 -7.04 -15.49 -18.36
C TYR A 97 -7.68 -16.89 -18.27
N THR A 98 -8.73 -17.14 -19.07
CA THR A 98 -9.45 -18.42 -19.08
C THR A 98 -8.56 -19.55 -19.63
N ILE A 99 -7.83 -20.21 -18.72
CA ILE A 99 -7.00 -21.40 -19.01
C ILE A 99 -7.20 -22.42 -17.89
N LYS A 100 -7.55 -23.65 -18.29
CA LYS A 100 -7.73 -24.78 -17.36
C LYS A 100 -6.65 -25.83 -17.66
N LYS A 101 -6.51 -26.14 -18.96
CA LYS A 101 -5.38 -26.91 -19.50
C LYS A 101 -4.86 -26.20 -20.77
N PRO A 102 -3.49 -26.11 -20.98
CA PRO A 102 -2.90 -25.53 -22.22
C PRO A 102 -3.14 -26.43 -23.46
N VAL A 103 -4.41 -26.45 -23.94
CA VAL A 103 -4.83 -27.22 -25.13
C VAL A 103 -4.63 -26.39 -26.41
N GLY A 104 -4.68 -25.06 -26.25
CA GLY A 104 -4.45 -24.09 -27.32
C GLY A 104 -3.42 -23.06 -26.90
N LYS A 105 -2.39 -23.53 -26.19
CA LYS A 105 -1.27 -22.71 -25.71
C LYS A 105 0.04 -23.51 -25.87
N THR A 106 0.82 -23.14 -26.89
CA THR A 106 2.14 -23.71 -27.16
C THR A 106 3.22 -23.01 -26.29
N LYS A 107 4.46 -23.50 -26.36
CA LYS A 107 5.61 -22.83 -25.72
C LYS A 107 5.98 -21.55 -26.48
N GLU A 108 5.69 -21.53 -27.79
CA GLU A 108 5.83 -20.33 -28.62
C GLU A 108 4.78 -19.27 -28.24
N GLU A 109 3.62 -19.74 -27.76
CA GLU A 109 2.50 -18.88 -27.35
C GLU A 109 2.87 -18.10 -26.08
N LEU A 110 3.39 -18.83 -25.06
CA LEU A 110 3.81 -18.22 -23.77
C LEU A 110 5.07 -17.34 -23.94
N ALA A 111 5.84 -17.61 -25.01
CA ALA A 111 7.03 -16.83 -25.39
C ALA A 111 6.64 -15.53 -26.12
N LEU A 112 5.58 -15.60 -26.95
CA LEU A 112 5.12 -14.47 -27.78
C LEU A 112 4.33 -13.44 -26.94
N GLU A 113 3.51 -13.95 -25.99
CA GLU A 113 2.76 -13.09 -25.04
C GLU A 113 3.72 -12.41 -24.04
N LYS A 114 4.89 -13.06 -23.79
CA LYS A 114 5.98 -12.49 -22.96
C LYS A 114 6.57 -11.24 -23.64
N LYS A 115 6.71 -11.30 -24.98
CA LYS A 115 7.19 -10.16 -25.79
C LYS A 115 6.14 -9.03 -25.71
N ARG A 116 4.84 -9.40 -25.74
CA ARG A 116 3.73 -8.45 -25.54
C ARG A 116 3.87 -7.74 -24.17
N GLU A 117 4.16 -8.52 -23.11
CA GLU A 117 4.34 -8.00 -21.74
C GLU A 117 5.53 -7.02 -21.66
N LEU A 118 6.59 -7.31 -22.44
CA LEU A 118 7.79 -6.46 -22.57
C LEU A 118 7.41 -5.09 -23.18
N GLU A 119 6.71 -5.15 -24.32
CA GLU A 119 6.25 -3.96 -25.08
C GLU A 119 5.25 -3.14 -24.25
N LYS A 120 4.40 -3.86 -23.49
CA LYS A 120 3.31 -3.24 -22.72
C LYS A 120 3.89 -2.46 -21.54
N ARG A 121 4.73 -3.11 -20.72
CA ARG A 121 5.31 -2.49 -19.50
C ARG A 121 6.23 -1.31 -19.88
N LEU A 122 6.87 -1.39 -21.06
CA LEU A 122 7.78 -0.35 -21.57
C LEU A 122 7.03 0.99 -21.79
N GLN A 123 5.84 0.90 -22.38
CA GLN A 123 4.99 2.09 -22.66
C GLN A 123 4.06 2.40 -21.46
N ASP A 124 3.83 1.39 -20.60
CA ASP A 124 2.88 1.50 -19.45
C ASP A 124 3.45 2.36 -18.30
N VAL A 125 4.78 2.66 -18.38
CA VAL A 125 5.45 3.58 -17.44
C VAL A 125 4.85 5.01 -17.53
N SER A 126 4.19 5.32 -18.67
CA SER A 126 3.44 6.57 -18.86
C SER A 126 2.33 6.68 -17.78
N GLY A 127 2.49 7.65 -16.86
CA GLY A 127 1.56 7.85 -15.75
C GLY A 127 2.12 8.82 -14.74
N GLN A 128 3.26 8.46 -14.16
CA GLN A 128 3.96 9.25 -13.13
C GLN A 128 5.48 9.12 -13.30
N LEU A 129 6.25 9.88 -12.49
CA LEU A 129 7.73 9.84 -12.48
C LEU A 129 8.25 10.13 -11.07
N ASN A 130 9.59 10.06 -10.90
CA ASN A 130 10.26 10.36 -9.61
C ASN A 130 10.14 11.86 -9.28
N SER A 131 9.91 12.15 -7.99
CA SER A 131 9.79 13.53 -7.45
C SER A 131 10.55 13.61 -6.11
N THR A 132 11.40 14.64 -5.96
CA THR A 132 12.29 14.84 -4.80
C THR A 132 11.48 15.07 -3.49
N SER A 1 -1.45 30.86 -13.10
CA SER A 1 -2.33 29.69 -12.89
C SER A 1 -2.79 29.60 -11.42
N MET A 2 -1.81 29.57 -10.49
CA MET A 2 -2.04 29.42 -9.03
C MET A 2 -2.84 28.13 -8.73
N LYS A 3 -2.14 27.00 -8.79
CA LYS A 3 -2.71 25.66 -8.56
C LYS A 3 -2.28 25.14 -7.18
N THR A 4 -2.88 24.01 -6.77
CA THR A 4 -2.53 23.31 -5.51
C THR A 4 -2.51 21.79 -5.76
N ALA A 5 -1.69 21.07 -4.99
CA ALA A 5 -1.64 19.60 -5.03
C ALA A 5 -2.76 19.02 -4.15
N PRO A 6 -3.38 17.84 -4.54
CA PRO A 6 -4.36 17.13 -3.69
C PRO A 6 -3.73 16.74 -2.33
N PRO A 7 -4.19 17.35 -1.18
CA PRO A 7 -3.54 17.21 0.15
C PRO A 7 -3.39 15.74 0.57
N ALA A 8 -4.52 15.03 0.58
CA ALA A 8 -4.62 13.59 0.90
C ALA A 8 -6.06 13.10 0.63
N LEU A 9 -6.25 11.77 0.62
CA LEU A 9 -7.57 11.14 0.43
C LEU A 9 -8.34 11.07 1.79
N PRO A 10 -9.73 11.02 1.76
CA PRO A 10 -10.56 10.94 2.99
C PRO A 10 -10.17 9.76 3.90
N THR A 11 -9.51 10.06 5.02
CA THR A 11 -9.11 9.08 6.04
C THR A 11 -10.26 8.87 7.04
N GLY A 12 -10.96 9.97 7.38
CA GLY A 12 -12.08 9.95 8.30
C GLY A 12 -11.63 9.71 9.74
N TYR A 13 -12.12 8.62 10.35
CA TYR A 13 -11.79 8.24 11.73
C TYR A 13 -11.97 6.72 11.91
N ASP A 14 -11.02 6.12 12.63
CA ASP A 14 -11.05 4.70 13.02
C ASP A 14 -10.17 4.56 14.27
N SER A 15 -10.63 3.75 15.21
CA SER A 15 -9.86 3.32 16.40
C SER A 15 -10.34 1.89 16.79
N GLU A 16 -11.00 1.24 15.82
CA GLU A 16 -11.77 0.01 16.02
C GLU A 16 -11.02 -1.21 15.46
N GLU A 17 -10.22 -0.98 14.42
CA GLU A 17 -9.56 -2.06 13.66
C GLU A 17 -8.10 -1.71 13.32
N GLU A 18 -7.83 -0.41 13.08
CA GLU A 18 -6.45 0.08 12.78
C GLU A 18 -5.52 -0.09 14.01
N GLU A 19 -6.12 -0.10 15.23
CA GLU A 19 -5.37 -0.32 16.50
C GLU A 19 -4.67 -1.70 16.49
N GLU A 20 -5.32 -2.67 15.83
CA GLU A 20 -4.78 -4.02 15.66
C GLU A 20 -3.93 -4.10 14.37
N SER A 21 -4.60 -3.96 13.21
CA SER A 21 -4.02 -4.18 11.88
C SER A 21 -3.31 -5.56 11.80
N ARG A 22 -4.13 -6.61 11.64
CA ARG A 22 -3.66 -8.00 11.46
C ARG A 22 -2.94 -8.17 10.09
N PRO A 23 -2.07 -9.24 9.92
CA PRO A 23 -1.44 -9.56 8.62
C PRO A 23 -2.50 -9.71 7.51
N MET A 24 -2.41 -8.81 6.52
CA MET A 24 -3.34 -8.72 5.37
C MET A 24 -3.17 -9.93 4.42
N SER A 25 -4.00 -9.95 3.36
CA SER A 25 -4.10 -11.10 2.45
C SER A 25 -2.74 -11.42 1.80
N TYR A 26 -2.32 -12.68 1.96
CA TYR A 26 -1.10 -13.25 1.37
C TYR A 26 -1.20 -13.26 -0.15
N ASP A 27 -2.43 -13.50 -0.64
CA ASP A 27 -2.75 -13.53 -2.07
C ASP A 27 -2.32 -12.23 -2.76
N GLU A 28 -2.83 -11.10 -2.23
CA GLU A 28 -2.67 -9.78 -2.84
C GLU A 28 -1.24 -9.25 -2.65
N LYS A 29 -0.74 -9.33 -1.40
CA LYS A 29 0.55 -8.76 -0.99
C LYS A 29 1.75 -9.47 -1.65
N ARG A 30 1.72 -10.82 -1.69
CA ARG A 30 2.83 -11.61 -2.29
C ARG A 30 2.75 -11.61 -3.83
N GLN A 31 1.55 -11.39 -4.40
CA GLN A 31 1.41 -11.09 -5.84
C GLN A 31 1.90 -9.65 -6.14
N LEU A 32 1.72 -8.75 -5.16
CA LEU A 32 2.16 -7.34 -5.23
C LEU A 32 3.70 -7.26 -5.12
N SER A 33 4.32 -8.31 -4.53
CA SER A 33 5.78 -8.47 -4.48
C SER A 33 6.36 -8.64 -5.90
N LEU A 34 5.56 -9.25 -6.79
CA LEU A 34 5.91 -9.43 -8.23
C LEU A 34 5.85 -8.09 -8.98
N ASP A 35 4.99 -7.18 -8.48
CA ASP A 35 4.91 -5.78 -8.95
C ASP A 35 6.13 -4.98 -8.47
N ILE A 36 6.64 -5.33 -7.27
CA ILE A 36 7.87 -4.71 -6.71
C ILE A 36 9.11 -5.18 -7.50
N ASN A 37 9.04 -6.42 -8.02
CA ASN A 37 10.10 -6.99 -8.89
C ASN A 37 10.21 -6.23 -10.23
N LYS A 38 9.15 -5.48 -10.59
CA LYS A 38 9.12 -4.62 -11.80
C LYS A 38 9.71 -3.23 -11.51
N LEU A 39 9.78 -2.85 -10.22
CA LEU A 39 10.31 -1.56 -9.80
C LEU A 39 11.86 -1.57 -9.90
N PRO A 40 12.48 -0.63 -10.70
CA PRO A 40 13.97 -0.49 -10.80
C PRO A 40 14.64 -0.04 -9.47
N GLY A 41 15.99 -0.07 -9.46
CA GLY A 41 16.80 0.28 -8.27
C GLY A 41 16.48 1.65 -7.68
N GLU A 42 16.14 2.62 -8.56
CA GLU A 42 15.72 3.98 -8.15
C GLU A 42 14.49 3.96 -7.22
N LYS A 43 13.57 3.01 -7.47
CA LYS A 43 12.33 2.87 -6.70
C LYS A 43 12.62 2.16 -5.38
N LEU A 44 13.61 1.25 -5.38
CA LEU A 44 14.08 0.52 -4.18
C LEU A 44 14.69 1.49 -3.16
N GLY A 45 15.24 2.63 -3.65
CA GLY A 45 15.71 3.72 -2.78
C GLY A 45 14.60 4.35 -1.92
N ARG A 46 13.33 4.02 -2.25
CA ARG A 46 12.13 4.47 -1.49
C ARG A 46 11.41 3.25 -0.85
N VAL A 47 10.97 2.32 -1.72
CA VAL A 47 10.18 1.11 -1.37
C VAL A 47 10.89 0.20 -0.35
N VAL A 48 12.18 -0.06 -0.58
CA VAL A 48 13.01 -0.85 0.36
C VAL A 48 13.39 0.00 1.58
N HIS A 49 13.57 1.31 1.37
CA HIS A 49 14.01 2.25 2.42
C HIS A 49 12.99 2.36 3.58
N ILE A 50 11.68 2.40 3.23
CA ILE A 50 10.59 2.50 4.22
C ILE A 50 10.50 1.20 5.06
N ILE A 51 10.83 0.06 4.43
CA ILE A 51 10.92 -1.25 5.10
C ILE A 51 12.09 -1.27 6.09
N GLN A 52 13.26 -0.79 5.63
CA GLN A 52 14.49 -0.74 6.43
C GLN A 52 14.34 0.16 7.67
N ALA A 53 13.64 1.29 7.50
CA ALA A 53 13.39 2.29 8.56
C ALA A 53 12.57 1.69 9.72
N ARG A 54 11.73 0.69 9.39
CA ARG A 54 10.89 -0.04 10.38
C ARG A 54 11.60 -1.30 10.89
N GLU A 55 12.35 -1.98 10.01
CA GLU A 55 12.95 -3.31 10.29
C GLU A 55 14.49 -3.18 10.31
N PRO A 56 15.14 -3.03 11.54
CA PRO A 56 16.62 -2.90 11.66
C PRO A 56 17.39 -4.16 11.20
N SER A 57 16.72 -5.32 11.26
CA SER A 57 17.25 -6.61 10.79
C SER A 57 17.54 -6.56 9.27
N LEU A 58 16.59 -5.94 8.53
CA LEU A 58 16.66 -5.82 7.07
C LEU A 58 17.33 -4.50 6.66
N ARG A 59 17.51 -3.58 7.63
CA ARG A 59 18.22 -2.29 7.43
C ARG A 59 19.71 -2.57 7.15
N ASP A 60 20.26 -3.52 7.94
CA ASP A 60 21.67 -3.94 7.84
C ASP A 60 21.94 -4.66 6.49
N SER A 61 20.89 -5.21 5.88
CA SER A 61 20.98 -5.90 4.59
C SER A 61 21.09 -4.89 3.43
N ASN A 62 21.73 -5.35 2.33
CA ASN A 62 21.91 -4.56 1.10
C ASN A 62 20.56 -4.50 0.34
N PRO A 63 20.05 -3.27 -0.05
CA PRO A 63 18.77 -3.09 -0.83
C PRO A 63 18.69 -3.92 -2.15
N GLU A 64 19.84 -4.37 -2.65
CA GLU A 64 19.91 -5.30 -3.81
C GLU A 64 19.54 -6.73 -3.37
N GLU A 65 20.13 -7.16 -2.24
CA GLU A 65 20.06 -8.56 -1.74
C GLU A 65 19.06 -8.70 -0.56
N ILE A 66 18.29 -7.65 -0.27
CA ILE A 66 17.37 -7.62 0.88
C ILE A 66 16.16 -8.56 0.65
N GLU A 67 15.77 -9.28 1.71
CA GLU A 67 14.58 -10.12 1.69
C GLU A 67 13.37 -9.36 2.20
N ILE A 68 12.36 -9.27 1.35
CA ILE A 68 11.08 -8.65 1.68
C ILE A 68 10.01 -9.77 1.71
N ASP A 69 9.91 -10.39 2.89
CA ASP A 69 9.03 -11.54 3.14
C ASP A 69 7.94 -11.12 4.11
N PHE A 70 6.68 -11.18 3.65
CA PHE A 70 5.52 -10.60 4.35
C PHE A 70 5.18 -11.35 5.64
N GLU A 71 5.81 -12.51 5.86
CA GLU A 71 5.66 -13.29 7.11
C GLU A 71 6.67 -12.83 8.18
N THR A 72 7.94 -12.60 7.76
CA THR A 72 9.02 -12.21 8.68
C THR A 72 8.92 -10.72 9.07
N LEU A 73 8.32 -9.92 8.17
CA LEU A 73 8.10 -8.47 8.39
C LEU A 73 6.84 -8.25 9.24
N LYS A 74 6.82 -7.14 9.99
CA LYS A 74 5.67 -6.72 10.81
C LYS A 74 4.50 -6.24 9.91
N PRO A 75 3.20 -6.53 10.29
CA PRO A 75 2.00 -6.05 9.55
C PRO A 75 1.95 -4.51 9.36
N SER A 76 2.63 -3.79 10.27
CA SER A 76 2.84 -2.33 10.18
C SER A 76 3.65 -1.97 8.91
N THR A 77 4.76 -2.71 8.73
CA THR A 77 5.66 -2.58 7.57
C THR A 77 4.93 -3.00 6.28
N LEU A 78 4.09 -4.05 6.38
CA LEU A 78 3.22 -4.51 5.28
C LEU A 78 2.24 -3.41 4.83
N ARG A 79 1.65 -2.69 5.81
CA ARG A 79 0.65 -1.62 5.56
C ARG A 79 1.23 -0.51 4.68
N GLU A 80 2.38 0.03 5.11
CA GLU A 80 3.04 1.14 4.41
C GLU A 80 3.58 0.69 3.05
N LEU A 81 4.10 -0.54 2.99
CA LEU A 81 4.66 -1.15 1.76
C LEU A 81 3.58 -1.29 0.65
N GLU A 82 2.46 -1.95 1.00
CA GLU A 82 1.40 -2.30 0.03
C GLU A 82 0.72 -1.05 -0.54
N ARG A 83 0.54 -0.03 0.33
CA ARG A 83 -0.04 1.26 -0.02
C ARG A 83 0.89 2.00 -1.01
N TYR A 84 2.21 2.00 -0.69
CA TYR A 84 3.23 2.75 -1.44
C TYR A 84 3.36 2.21 -2.88
N VAL A 85 3.43 0.88 -2.99
CA VAL A 85 3.60 0.18 -4.26
C VAL A 85 2.30 0.28 -5.10
N LEU A 86 1.13 0.13 -4.43
CA LEU A 86 -0.19 0.22 -5.11
C LEU A 86 -0.43 1.64 -5.70
N SER A 87 0.23 2.66 -5.10
CA SER A 87 0.20 4.05 -5.60
C SER A 87 0.95 4.18 -6.94
N CYS A 88 1.99 3.33 -7.13
CA CYS A 88 2.78 3.30 -8.37
C CYS A 88 1.98 2.61 -9.50
N LEU A 89 1.39 1.44 -9.19
CA LEU A 89 0.59 0.65 -10.16
C LEU A 89 -0.76 1.35 -10.46
N ARG A 90 -1.26 2.15 -9.49
CA ARG A 90 -2.52 2.93 -9.61
C ARG A 90 -3.77 2.06 -9.87
N LYS A 91 -4.42 1.61 -8.77
CA LYS A 91 -5.74 0.97 -8.83
C LYS A 91 -6.33 0.86 -7.42
N LYS A 92 -7.63 1.16 -7.29
CA LYS A 92 -8.36 1.06 -6.02
C LYS A 92 -9.23 -0.22 -6.01
N PRO A 93 -9.30 -0.97 -4.86
CA PRO A 93 -10.08 -2.23 -4.75
C PRO A 93 -11.60 -2.05 -5.01
N ARG A 94 -12.20 -3.07 -5.64
CA ARG A 94 -13.66 -3.15 -5.86
C ARG A 94 -14.29 -3.70 -4.56
N LYS A 95 -15.07 -2.86 -3.86
CA LYS A 95 -15.63 -3.20 -2.53
C LYS A 95 -16.95 -4.00 -2.65
N PRO A 96 -16.99 -5.27 -2.13
CA PRO A 96 -18.24 -6.05 -2.01
C PRO A 96 -19.00 -5.75 -0.69
N TYR A 97 -20.33 -5.91 -0.69
CA TYR A 97 -21.17 -5.80 0.53
C TYR A 97 -20.96 -7.05 1.39
N THR A 98 -19.98 -6.97 2.30
CA THR A 98 -19.58 -8.06 3.20
C THR A 98 -20.66 -8.33 4.27
N ILE A 99 -21.32 -7.25 4.71
CA ILE A 99 -22.46 -7.33 5.66
C ILE A 99 -23.72 -7.89 4.95
N LYS A 100 -23.81 -7.62 3.62
CA LYS A 100 -24.93 -8.00 2.75
C LYS A 100 -26.27 -7.42 3.30
N LYS A 101 -27.16 -8.27 3.88
CA LYS A 101 -28.44 -7.86 4.48
C LYS A 101 -28.75 -8.77 5.69
N PRO A 102 -28.49 -8.32 6.95
CA PRO A 102 -28.92 -9.04 8.17
C PRO A 102 -30.40 -8.69 8.55
N VAL A 103 -30.92 -9.32 9.60
CA VAL A 103 -32.30 -9.06 10.09
C VAL A 103 -32.34 -7.73 10.85
N GLY A 104 -31.59 -7.65 11.95
CA GLY A 104 -31.54 -6.47 12.81
C GLY A 104 -30.18 -6.31 13.44
N LYS A 105 -29.57 -5.12 13.26
CA LYS A 105 -28.25 -4.80 13.83
C LYS A 105 -28.19 -3.31 14.24
N THR A 106 -29.31 -2.57 14.05
CA THR A 106 -29.39 -1.15 14.41
C THR A 106 -29.50 -1.02 15.94
N LYS A 107 -29.05 0.13 16.46
CA LYS A 107 -28.86 0.37 17.90
C LYS A 107 -30.16 0.20 18.70
N GLU A 108 -31.30 0.44 18.05
CA GLU A 108 -32.63 0.34 18.69
C GLU A 108 -33.01 -1.12 18.99
N GLU A 109 -32.80 -2.03 18.00
CA GLU A 109 -33.10 -3.48 18.17
C GLU A 109 -32.31 -4.05 19.36
N LEU A 110 -30.96 -3.94 19.26
CA LEU A 110 -30.03 -4.50 20.25
C LEU A 110 -30.20 -3.84 21.63
N ALA A 111 -30.72 -2.58 21.67
CA ALA A 111 -31.06 -1.89 22.92
C ALA A 111 -32.12 -2.67 23.71
N LEU A 112 -33.21 -3.00 23.02
CA LEU A 112 -34.34 -3.76 23.61
C LEU A 112 -33.95 -5.22 23.91
N GLU A 113 -33.00 -5.79 23.13
CA GLU A 113 -32.53 -7.18 23.33
C GLU A 113 -31.69 -7.30 24.63
N LYS A 114 -30.83 -6.32 24.87
CA LYS A 114 -30.02 -6.26 26.10
C LYS A 114 -30.89 -5.85 27.31
N LYS A 115 -31.89 -4.98 27.07
CA LYS A 115 -32.86 -4.58 28.09
C LYS A 115 -33.75 -5.78 28.48
N ARG A 116 -33.95 -6.70 27.52
CA ARG A 116 -34.74 -7.92 27.74
C ARG A 116 -34.08 -8.81 28.82
N GLU A 117 -32.73 -8.88 28.76
CA GLU A 117 -31.91 -9.55 29.78
C GLU A 117 -31.91 -8.75 31.10
N LEU A 118 -31.91 -7.41 30.97
CA LEU A 118 -31.85 -6.45 32.09
C LEU A 118 -33.10 -6.56 32.99
N GLU A 119 -34.24 -6.96 32.37
CA GLU A 119 -35.49 -7.33 33.08
C GLU A 119 -35.26 -8.59 33.93
N LYS A 120 -34.67 -9.62 33.29
CA LYS A 120 -34.34 -10.91 33.93
C LYS A 120 -33.17 -10.79 34.92
N ARG A 121 -32.44 -9.67 34.88
CA ARG A 121 -31.30 -9.43 35.77
C ARG A 121 -31.80 -9.21 37.21
N LEU A 122 -32.77 -8.29 37.36
CA LEU A 122 -33.29 -7.84 38.67
C LEU A 122 -34.37 -8.78 39.26
N GLN A 123 -34.56 -9.97 38.65
CA GLN A 123 -35.63 -10.95 39.03
C GLN A 123 -35.47 -11.44 40.50
N ASP A 124 -34.22 -11.43 40.98
CA ASP A 124 -33.85 -11.90 42.32
C ASP A 124 -34.40 -11.00 43.43
N VAL A 125 -34.56 -9.70 43.11
CA VAL A 125 -35.01 -8.68 44.06
C VAL A 125 -36.49 -8.92 44.44
N SER A 126 -37.38 -8.81 43.41
CA SER A 126 -38.86 -8.88 43.58
C SER A 126 -39.37 -7.73 44.50
N GLY A 127 -40.64 -7.83 44.94
CA GLY A 127 -41.23 -6.82 45.83
C GLY A 127 -40.88 -7.04 47.29
N GLN A 128 -41.29 -8.21 47.83
CA GLN A 128 -41.17 -8.53 49.27
C GLN A 128 -39.74 -8.95 49.65
N LEU A 129 -39.33 -8.62 50.90
CA LEU A 129 -38.07 -9.06 51.50
C LEU A 129 -38.36 -9.57 52.93
N ASN A 130 -38.44 -10.91 53.09
CA ASN A 130 -38.67 -11.54 54.40
C ASN A 130 -37.38 -11.46 55.24
N SER A 131 -37.23 -10.35 55.98
CA SER A 131 -36.05 -10.08 56.82
C SER A 131 -36.16 -10.81 58.16
N THR A 132 -35.01 -11.08 58.79
CA THR A 132 -34.93 -11.74 60.11
C THR A 132 -35.35 -10.76 61.25
N SER A 1 -3.57 -25.11 -13.73
CA SER A 1 -4.66 -24.18 -13.37
C SER A 1 -4.22 -22.74 -13.62
N MET A 2 -5.04 -21.99 -14.39
CA MET A 2 -4.83 -20.54 -14.60
C MET A 2 -5.29 -19.77 -13.35
N LYS A 3 -4.74 -18.57 -13.16
CA LYS A 3 -5.01 -17.72 -11.99
C LYS A 3 -5.42 -16.31 -12.46
N THR A 4 -6.73 -16.03 -12.37
CA THR A 4 -7.29 -14.72 -12.71
C THR A 4 -7.09 -13.74 -11.54
N ALA A 5 -6.09 -12.84 -11.68
CA ALA A 5 -5.78 -11.81 -10.68
C ALA A 5 -6.94 -10.79 -10.56
N PRO A 6 -7.31 -10.35 -9.30
CA PRO A 6 -8.41 -9.38 -9.09
C PRO A 6 -8.09 -8.01 -9.72
N PRO A 7 -9.11 -7.27 -10.26
CA PRO A 7 -8.91 -5.94 -10.88
C PRO A 7 -8.58 -4.86 -9.82
N ALA A 8 -8.16 -3.66 -10.30
CA ALA A 8 -7.88 -2.50 -9.43
C ALA A 8 -9.17 -2.08 -8.70
N LEU A 9 -9.03 -1.80 -7.39
CA LEU A 9 -10.16 -1.63 -6.45
C LEU A 9 -10.97 -2.96 -6.37
N PRO A 10 -10.44 -4.01 -5.65
CA PRO A 10 -11.17 -5.28 -5.41
C PRO A 10 -12.50 -5.05 -4.63
N THR A 11 -13.55 -5.82 -5.00
CA THR A 11 -14.87 -5.73 -4.34
C THR A 11 -14.78 -6.33 -2.92
N GLY A 12 -14.60 -5.44 -1.94
CA GLY A 12 -14.51 -5.82 -0.53
C GLY A 12 -14.67 -4.61 0.37
N TYR A 13 -14.13 -4.67 1.60
CA TYR A 13 -14.22 -3.55 2.55
C TYR A 13 -12.82 -3.24 3.11
N ASP A 14 -12.30 -2.05 2.77
CA ASP A 14 -11.00 -1.56 3.26
C ASP A 14 -11.14 -1.10 4.72
N SER A 15 -11.15 -2.09 5.62
CA SER A 15 -11.33 -1.91 7.06
C SER A 15 -9.99 -2.04 7.80
N GLU A 16 -9.77 -1.13 8.74
CA GLU A 16 -8.51 -0.99 9.48
C GLU A 16 -8.76 -0.95 11.00
N GLU A 17 -9.89 -0.35 11.39
CA GLU A 17 -10.25 -0.02 12.81
C GLU A 17 -10.56 -1.29 13.63
N GLU A 18 -10.70 -2.45 12.96
CA GLU A 18 -11.08 -3.73 13.58
C GLU A 18 -10.04 -4.20 14.61
N GLU A 19 -8.76 -4.09 14.24
CA GLU A 19 -7.64 -4.53 15.09
C GLU A 19 -6.49 -3.50 14.93
N GLU A 20 -5.64 -3.68 13.90
CA GLU A 20 -4.59 -2.71 13.52
C GLU A 20 -4.75 -2.39 12.03
N SER A 21 -4.63 -3.44 11.21
CA SER A 21 -4.91 -3.44 9.77
C SER A 21 -5.06 -4.92 9.39
N ARG A 22 -6.21 -5.30 8.78
CA ARG A 22 -6.43 -6.71 8.37
C ARG A 22 -5.31 -7.18 7.41
N PRO A 23 -4.59 -8.31 7.71
CA PRO A 23 -3.52 -8.84 6.84
C PRO A 23 -4.10 -9.36 5.50
N MET A 24 -3.87 -8.55 4.43
CA MET A 24 -4.13 -8.94 3.03
C MET A 24 -3.41 -10.29 2.73
N SER A 25 -4.10 -11.19 2.00
CA SER A 25 -3.71 -12.61 1.88
C SER A 25 -2.28 -12.82 1.32
N TYR A 26 -1.69 -13.97 1.74
CA TYR A 26 -0.31 -14.42 1.42
C TYR A 26 0.03 -14.34 -0.08
N ASP A 27 -0.96 -14.69 -0.94
CA ASP A 27 -0.77 -14.73 -2.40
C ASP A 27 -0.42 -13.34 -2.94
N GLU A 28 -1.13 -12.32 -2.43
CA GLU A 28 -0.92 -10.92 -2.77
C GLU A 28 0.48 -10.44 -2.36
N LYS A 29 1.02 -11.02 -1.26
CA LYS A 29 2.36 -10.65 -0.72
C LYS A 29 3.50 -11.18 -1.59
N ARG A 30 3.30 -12.38 -2.16
CA ARG A 30 4.30 -13.01 -3.03
C ARG A 30 4.43 -12.24 -4.37
N GLN A 31 3.28 -11.99 -5.03
CA GLN A 31 3.22 -11.21 -6.28
C GLN A 31 3.55 -9.72 -6.03
N LEU A 32 3.40 -9.25 -4.77
CA LEU A 32 3.77 -7.88 -4.35
C LEU A 32 5.29 -7.70 -4.35
N SER A 33 6.02 -8.71 -3.85
CA SER A 33 7.51 -8.71 -3.86
C SER A 33 8.03 -8.68 -5.31
N LEU A 34 7.28 -9.35 -6.21
CA LEU A 34 7.56 -9.37 -7.65
C LEU A 34 7.19 -8.02 -8.29
N ASP A 35 6.19 -7.33 -7.70
CA ASP A 35 5.78 -5.98 -8.14
C ASP A 35 6.85 -4.94 -7.73
N ILE A 36 7.44 -5.13 -6.55
CA ILE A 36 8.58 -4.31 -6.07
C ILE A 36 9.77 -4.46 -7.05
N ASN A 37 9.93 -5.69 -7.59
CA ASN A 37 10.98 -6.01 -8.59
C ASN A 37 10.78 -5.23 -9.92
N LYS A 38 9.50 -5.02 -10.34
CA LYS A 38 9.17 -4.26 -11.59
C LYS A 38 9.06 -2.74 -11.36
N LEU A 39 9.19 -2.28 -10.10
CA LEU A 39 9.30 -0.83 -9.78
C LEU A 39 10.69 -0.29 -10.25
N PRO A 40 10.83 1.05 -10.52
CA PRO A 40 12.15 1.69 -10.86
C PRO A 40 13.24 1.40 -9.80
N GLY A 41 14.51 1.27 -10.25
CA GLY A 41 15.62 0.82 -9.39
C GLY A 41 15.84 1.67 -8.14
N GLU A 42 15.79 3.00 -8.32
CA GLU A 42 15.91 4.00 -7.23
C GLU A 42 14.64 4.02 -6.33
N LYS A 43 13.51 3.50 -6.86
CA LYS A 43 12.26 3.37 -6.09
C LYS A 43 12.28 2.11 -5.21
N LEU A 44 13.09 1.08 -5.59
CA LEU A 44 13.40 -0.03 -4.65
C LEU A 44 14.15 0.54 -3.44
N GLY A 45 15.08 1.48 -3.71
CA GLY A 45 15.80 2.20 -2.65
C GLY A 45 14.91 3.13 -1.81
N ARG A 46 13.58 3.14 -2.06
CA ARG A 46 12.57 3.88 -1.27
C ARG A 46 11.61 2.90 -0.55
N VAL A 47 10.99 1.97 -1.31
CA VAL A 47 9.99 1.03 -0.75
C VAL A 47 10.65 0.01 0.19
N VAL A 48 11.83 -0.49 -0.20
CA VAL A 48 12.68 -1.35 0.65
C VAL A 48 13.19 -0.53 1.85
N HIS A 49 13.52 0.75 1.59
CA HIS A 49 14.16 1.64 2.57
C HIS A 49 13.25 1.92 3.78
N ILE A 50 11.96 2.29 3.52
CA ILE A 50 10.98 2.60 4.60
C ILE A 50 10.76 1.39 5.53
N ILE A 51 10.92 0.18 4.95
CA ILE A 51 10.86 -1.09 5.69
C ILE A 51 12.11 -1.26 6.58
N GLN A 52 13.30 -1.27 5.93
CA GLN A 52 14.59 -1.62 6.59
C GLN A 52 15.11 -0.46 7.49
N ALA A 53 14.52 0.74 7.36
CA ALA A 53 14.81 1.88 8.26
C ALA A 53 14.20 1.63 9.65
N ARG A 54 13.05 0.93 9.66
CA ARG A 54 12.35 0.49 10.87
C ARG A 54 12.93 -0.84 11.37
N GLU A 55 13.22 -1.74 10.41
CA GLU A 55 13.70 -3.12 10.68
C GLU A 55 15.22 -3.20 10.39
N PRO A 56 16.10 -3.02 11.44
CA PRO A 56 17.57 -2.93 11.24
C PRO A 56 18.19 -4.25 10.72
N SER A 57 17.51 -5.38 11.02
CA SER A 57 17.93 -6.72 10.57
C SER A 57 17.88 -6.85 9.03
N LEU A 58 16.91 -6.15 8.40
CA LEU A 58 16.72 -6.18 6.93
C LEU A 58 17.64 -5.17 6.22
N ARG A 59 18.19 -4.20 6.96
CA ARG A 59 19.04 -3.12 6.39
C ARG A 59 20.45 -3.63 6.06
N ASP A 60 20.81 -4.81 6.62
CA ASP A 60 22.14 -5.45 6.40
C ASP A 60 22.28 -5.96 4.95
N SER A 61 21.17 -6.50 4.39
CA SER A 61 21.13 -7.02 3.01
C SER A 61 20.85 -5.87 2.02
N ASN A 62 21.47 -5.93 0.83
CA ASN A 62 21.33 -4.91 -0.23
C ASN A 62 19.91 -4.96 -0.84
N PRO A 63 19.30 -3.79 -1.25
CA PRO A 63 17.87 -3.70 -1.65
C PRO A 63 17.51 -4.48 -2.95
N GLU A 64 18.52 -5.07 -3.61
CA GLU A 64 18.31 -5.96 -4.78
C GLU A 64 18.06 -7.41 -4.29
N GLU A 65 18.95 -7.88 -3.41
CA GLU A 65 18.99 -9.29 -2.96
C GLU A 65 18.08 -9.51 -1.72
N ILE A 66 17.68 -8.40 -1.06
CA ILE A 66 16.99 -8.42 0.25
C ILE A 66 15.74 -9.32 0.27
N GLU A 67 15.66 -10.19 1.28
CA GLU A 67 14.49 -11.04 1.52
C GLU A 67 13.53 -10.31 2.50
N ILE A 68 12.54 -9.63 1.94
CA ILE A 68 11.52 -8.90 2.71
C ILE A 68 10.39 -9.87 3.07
N ASP A 69 10.53 -10.49 4.25
CA ASP A 69 9.51 -11.37 4.80
C ASP A 69 8.41 -10.50 5.43
N PHE A 70 7.22 -10.52 4.83
CA PHE A 70 6.09 -9.68 5.23
C PHE A 70 5.41 -10.19 6.53
N GLU A 71 5.83 -11.38 7.01
CA GLU A 71 5.30 -11.97 8.26
C GLU A 71 6.14 -11.52 9.48
N THR A 72 7.39 -11.05 9.25
CA THR A 72 8.17 -10.35 10.30
C THR A 72 7.62 -8.93 10.47
N LEU A 73 7.15 -8.35 9.34
CA LEU A 73 6.57 -7.00 9.30
C LEU A 73 5.17 -6.98 9.95
N LYS A 74 4.83 -5.85 10.59
CA LYS A 74 3.53 -5.64 11.24
C LYS A 74 2.41 -5.48 10.19
N PRO A 75 1.14 -5.92 10.51
CA PRO A 75 -0.03 -5.78 9.58
C PRO A 75 -0.25 -4.32 9.11
N SER A 76 0.08 -3.37 10.00
CA SER A 76 0.01 -1.93 9.72
C SER A 76 1.05 -1.53 8.64
N THR A 77 2.28 -2.09 8.78
CA THR A 77 3.39 -1.85 7.84
C THR A 77 3.04 -2.36 6.43
N LEU A 78 2.29 -3.48 6.37
CA LEU A 78 1.76 -4.05 5.11
C LEU A 78 0.87 -3.02 4.38
N ARG A 79 -0.14 -2.51 5.12
CA ARG A 79 -1.14 -1.56 4.57
C ARG A 79 -0.47 -0.23 4.12
N GLU A 80 0.69 0.08 4.74
CA GLU A 80 1.52 1.23 4.36
C GLU A 80 2.23 0.98 3.02
N LEU A 81 3.07 -0.08 2.94
CA LEU A 81 3.96 -0.33 1.79
C LEU A 81 3.16 -0.70 0.52
N GLU A 82 1.97 -1.30 0.70
CA GLU A 82 1.03 -1.59 -0.40
C GLU A 82 0.43 -0.30 -0.98
N ARG A 83 0.20 0.69 -0.11
CA ARG A 83 -0.27 2.02 -0.51
C ARG A 83 0.86 2.81 -1.17
N TYR A 84 2.10 2.57 -0.68
CA TYR A 84 3.31 3.26 -1.15
C TYR A 84 3.69 2.81 -2.57
N VAL A 85 3.41 1.54 -2.91
CA VAL A 85 3.57 1.03 -4.28
C VAL A 85 2.33 1.36 -5.14
N LEU A 86 1.15 1.51 -4.47
CA LEU A 86 -0.14 1.79 -5.16
C LEU A 86 -0.06 3.14 -5.91
N SER A 87 0.68 4.11 -5.33
CA SER A 87 0.93 5.43 -5.97
C SER A 87 1.68 5.28 -7.32
N CYS A 88 2.50 4.21 -7.44
CA CYS A 88 3.20 3.85 -8.69
C CYS A 88 2.27 3.05 -9.62
N LEU A 89 1.34 2.27 -9.02
CA LEU A 89 0.31 1.48 -9.77
C LEU A 89 -0.82 2.39 -10.29
N ARG A 90 -0.85 3.65 -9.81
CA ARG A 90 -1.67 4.72 -10.39
C ARG A 90 -1.19 5.06 -11.82
N LYS A 91 0.12 4.79 -12.08
CA LYS A 91 0.82 4.95 -13.37
C LYS A 91 0.97 6.43 -13.75
N LYS A 92 -0.19 7.08 -14.06
CA LYS A 92 -0.37 8.50 -14.46
C LYS A 92 0.53 8.94 -15.68
N PRO A 93 0.00 9.81 -16.60
CA PRO A 93 0.71 10.21 -17.85
C PRO A 93 1.95 11.12 -17.60
N ARG A 94 2.21 11.49 -16.33
CA ARG A 94 3.37 12.29 -15.93
C ARG A 94 4.31 11.46 -15.04
N LYS A 95 5.58 11.33 -15.49
CA LYS A 95 6.63 10.59 -14.77
C LYS A 95 7.88 11.51 -14.65
N PRO A 96 8.00 12.33 -13.56
CA PRO A 96 9.17 13.19 -13.33
C PRO A 96 10.44 12.36 -13.00
N TYR A 97 11.34 12.25 -13.99
CA TYR A 97 12.63 11.54 -13.82
C TYR A 97 13.64 12.43 -13.07
N THR A 98 14.30 11.86 -12.04
CA THR A 98 15.30 12.58 -11.23
C THR A 98 16.44 11.62 -10.84
N ILE A 99 17.57 11.74 -11.56
CA ILE A 99 18.83 11.05 -11.23
C ILE A 99 19.90 12.12 -10.96
N LYS A 100 20.46 12.11 -9.74
CA LYS A 100 21.46 13.10 -9.28
C LYS A 100 22.72 12.37 -8.82
N LYS A 101 22.55 11.40 -7.89
CA LYS A 101 23.69 10.67 -7.28
C LYS A 101 23.47 9.14 -7.44
N PRO A 102 24.09 8.51 -8.48
CA PRO A 102 24.18 7.04 -8.57
C PRO A 102 25.31 6.50 -7.67
N VAL A 103 24.92 5.95 -6.50
CA VAL A 103 25.86 5.41 -5.49
C VAL A 103 26.14 3.91 -5.76
N GLY A 104 26.67 3.64 -6.96
CA GLY A 104 26.88 2.27 -7.44
C GLY A 104 25.64 1.76 -8.18
N LYS A 105 25.34 2.40 -9.32
CA LYS A 105 24.10 2.15 -10.10
C LYS A 105 24.41 2.11 -11.62
N THR A 106 25.70 1.99 -11.95
CA THR A 106 26.21 2.07 -13.35
C THR A 106 26.45 0.66 -13.94
N LYS A 107 26.60 0.61 -15.29
CA LYS A 107 26.98 -0.61 -16.06
C LYS A 107 28.31 -1.23 -15.54
N GLU A 108 29.19 -0.36 -15.02
CA GLU A 108 30.45 -0.75 -14.38
C GLU A 108 30.20 -1.73 -13.22
N GLU A 109 29.16 -1.41 -12.42
CA GLU A 109 28.78 -2.18 -11.22
C GLU A 109 28.15 -3.52 -11.60
N LEU A 110 27.52 -3.56 -12.79
CA LEU A 110 26.95 -4.80 -13.34
C LEU A 110 28.05 -5.81 -13.66
N ALA A 111 29.25 -5.31 -14.01
CA ALA A 111 30.45 -6.15 -14.23
C ALA A 111 31.02 -6.65 -12.88
N LEU A 112 30.98 -5.77 -11.86
CA LEU A 112 31.45 -6.10 -10.48
C LEU A 112 30.61 -7.23 -9.83
N GLU A 113 29.26 -7.18 -10.00
CA GLU A 113 28.35 -8.19 -9.42
C GLU A 113 28.26 -9.44 -10.31
N LYS A 114 28.54 -9.28 -11.63
CA LYS A 114 28.68 -10.42 -12.57
C LYS A 114 29.84 -11.32 -12.10
N LYS A 115 30.94 -10.69 -11.63
CA LYS A 115 32.13 -11.39 -11.09
C LYS A 115 31.74 -12.35 -9.97
N ARG A 116 30.88 -11.86 -9.05
CA ARG A 116 30.44 -12.64 -7.87
C ARG A 116 29.73 -13.93 -8.32
N GLU A 117 28.77 -13.77 -9.26
CA GLU A 117 27.97 -14.89 -9.81
C GLU A 117 28.78 -15.78 -10.75
N LEU A 118 29.85 -15.23 -11.34
CA LEU A 118 30.79 -16.01 -12.17
C LEU A 118 31.63 -16.95 -11.27
N GLU A 119 31.95 -16.47 -10.05
CA GLU A 119 32.64 -17.26 -9.01
C GLU A 119 31.71 -18.37 -8.46
N LYS A 120 30.39 -18.06 -8.37
CA LYS A 120 29.37 -19.03 -7.94
C LYS A 120 29.31 -20.21 -8.93
N ARG A 121 29.23 -19.87 -10.23
CA ARG A 121 29.16 -20.86 -11.33
C ARG A 121 30.47 -21.67 -11.45
N LEU A 122 31.60 -20.99 -11.21
CA LEU A 122 32.94 -21.61 -11.25
C LEU A 122 33.09 -22.65 -10.11
N GLN A 123 32.39 -22.40 -9.00
CA GLN A 123 32.35 -23.31 -7.85
C GLN A 123 31.28 -24.42 -8.07
N ASP A 124 30.18 -24.04 -8.74
CA ASP A 124 28.98 -24.90 -8.93
C ASP A 124 29.06 -25.69 -10.25
N VAL A 125 30.30 -25.82 -10.78
CA VAL A 125 30.62 -26.65 -11.97
C VAL A 125 30.26 -28.14 -11.74
N SER A 126 30.31 -28.59 -10.48
CA SER A 126 30.00 -29.97 -10.10
C SER A 126 28.48 -30.21 -10.17
N GLY A 127 28.04 -31.00 -11.16
CA GLY A 127 26.65 -31.37 -11.32
C GLY A 127 26.53 -32.69 -12.07
N GLN A 128 26.56 -32.61 -13.40
CA GLN A 128 26.43 -33.77 -14.31
C GLN A 128 26.78 -33.30 -15.73
N LEU A 129 26.04 -32.27 -16.17
CA LEU A 129 26.30 -31.53 -17.42
C LEU A 129 27.58 -30.68 -17.27
N ASN A 130 28.21 -30.37 -18.43
CA ASN A 130 29.43 -29.54 -18.53
C ASN A 130 30.62 -30.22 -17.80
N SER A 131 31.72 -29.46 -17.61
CA SER A 131 32.89 -29.89 -16.78
C SER A 131 33.58 -31.18 -17.31
N THR A 132 33.23 -31.58 -18.55
CA THR A 132 33.68 -32.84 -19.18
C THR A 132 33.21 -34.08 -18.35
N SER A 1 -48.27 17.41 36.80
CA SER A 1 -47.48 18.54 36.27
C SER A 1 -46.36 18.01 35.36
N MET A 2 -45.54 17.07 35.88
CA MET A 2 -44.36 16.51 35.19
C MET A 2 -44.44 14.96 35.16
N LYS A 3 -43.38 14.32 34.64
CA LYS A 3 -43.26 12.85 34.59
C LYS A 3 -42.00 12.36 35.31
N THR A 4 -41.97 11.05 35.62
CA THR A 4 -40.85 10.40 36.30
C THR A 4 -39.70 10.11 35.29
N ALA A 5 -38.68 10.98 35.25
CA ALA A 5 -37.53 10.82 34.36
C ALA A 5 -36.60 9.68 34.88
N PRO A 6 -36.20 8.70 34.02
CA PRO A 6 -35.34 7.56 34.43
C PRO A 6 -33.82 7.87 34.25
N PRO A 7 -32.91 7.15 34.99
CA PRO A 7 -31.44 7.23 34.75
C PRO A 7 -31.07 6.68 33.36
N ALA A 8 -30.08 7.31 32.71
CA ALA A 8 -29.59 6.92 31.38
C ALA A 8 -28.54 5.79 31.49
N LEU A 9 -28.16 5.21 30.33
CA LEU A 9 -27.22 4.07 30.27
C LEU A 9 -26.08 4.37 29.24
N PRO A 10 -24.99 5.08 29.67
CA PRO A 10 -23.82 5.36 28.81
C PRO A 10 -22.97 4.09 28.54
N THR A 11 -22.97 3.62 27.28
CA THR A 11 -22.12 2.50 26.83
C THR A 11 -20.67 3.02 26.63
N GLY A 12 -19.80 2.73 27.60
CA GLY A 12 -18.47 3.32 27.67
C GLY A 12 -17.38 2.52 26.96
N TYR A 13 -17.11 2.91 25.69
CA TYR A 13 -15.94 2.45 24.90
C TYR A 13 -15.98 0.94 24.51
N ASP A 14 -16.33 0.65 23.26
CA ASP A 14 -16.15 -0.69 22.64
C ASP A 14 -15.11 -0.55 21.51
N SER A 15 -13.83 -0.67 21.87
CA SER A 15 -12.69 -0.38 20.98
C SER A 15 -11.79 -1.62 20.80
N GLU A 16 -12.43 -2.78 20.59
CA GLU A 16 -11.72 -4.03 20.20
C GLU A 16 -11.29 -3.97 18.72
N GLU A 17 -11.99 -3.08 17.96
CA GLU A 17 -11.72 -2.82 16.54
C GLU A 17 -10.29 -2.28 16.29
N GLU A 18 -9.71 -1.65 17.33
CA GLU A 18 -8.32 -1.13 17.32
C GLU A 18 -7.31 -2.26 17.07
N GLU A 19 -7.58 -3.42 17.72
CA GLU A 19 -6.68 -4.62 17.69
C GLU A 19 -7.22 -5.69 16.73
N GLU A 20 -8.28 -5.33 15.97
CA GLU A 20 -8.94 -6.23 14.98
C GLU A 20 -8.02 -6.46 13.78
N SER A 21 -7.35 -5.38 13.32
CA SER A 21 -6.48 -5.39 12.13
C SER A 21 -5.29 -6.36 12.28
N ARG A 22 -5.49 -7.61 11.77
CA ARG A 22 -4.47 -8.65 11.71
C ARG A 22 -3.48 -8.38 10.54
N PRO A 23 -2.21 -8.90 10.61
CA PRO A 23 -1.25 -8.82 9.47
C PRO A 23 -1.81 -9.59 8.26
N MET A 24 -2.04 -8.87 7.16
CA MET A 24 -2.57 -9.45 5.90
C MET A 24 -1.56 -10.43 5.29
N SER A 25 -2.08 -11.38 4.49
CA SER A 25 -1.32 -12.51 3.98
C SER A 25 -0.05 -12.09 3.21
N TYR A 26 1.06 -12.76 3.53
CA TYR A 26 2.36 -12.58 2.86
C TYR A 26 2.19 -12.82 1.36
N ASP A 27 1.31 -13.80 1.03
CA ASP A 27 1.09 -14.35 -0.32
C ASP A 27 0.58 -13.28 -1.31
N GLU A 28 -0.29 -12.39 -0.82
CA GLU A 28 -0.86 -11.28 -1.61
C GLU A 28 0.24 -10.29 -1.99
N LYS A 29 0.93 -9.80 -0.94
CA LYS A 29 2.06 -8.85 -1.05
C LYS A 29 3.28 -9.48 -1.78
N ARG A 30 3.35 -10.82 -1.77
CA ARG A 30 4.43 -11.59 -2.43
C ARG A 30 4.23 -11.57 -3.96
N GLN A 31 2.96 -11.52 -4.39
CA GLN A 31 2.60 -11.25 -5.79
C GLN A 31 3.00 -9.82 -6.16
N LEU A 32 2.72 -8.88 -5.22
CA LEU A 32 3.03 -7.45 -5.40
C LEU A 32 4.55 -7.21 -5.45
N SER A 33 5.34 -8.15 -4.88
CA SER A 33 6.81 -8.07 -4.86
C SER A 33 7.39 -8.08 -6.29
N LEU A 34 6.70 -8.79 -7.21
CA LEU A 34 7.05 -8.82 -8.65
C LEU A 34 6.86 -7.43 -9.29
N ASP A 35 5.79 -6.74 -8.84
CA ASP A 35 5.47 -5.35 -9.27
C ASP A 35 6.48 -4.34 -8.67
N ILE A 36 7.01 -4.67 -7.47
CA ILE A 36 8.07 -3.88 -6.81
C ILE A 36 9.39 -4.00 -7.61
N ASN A 37 9.63 -5.20 -8.19
CA ASN A 37 10.81 -5.47 -9.04
C ASN A 37 10.77 -4.67 -10.36
N LYS A 38 9.55 -4.29 -10.83
CA LYS A 38 9.41 -3.53 -12.09
C LYS A 38 9.76 -2.03 -11.86
N LEU A 39 9.64 -1.57 -10.60
CA LEU A 39 9.93 -0.17 -10.22
C LEU A 39 11.41 0.16 -10.52
N PRO A 40 11.73 1.35 -11.12
CA PRO A 40 13.12 1.73 -11.48
C PRO A 40 14.00 1.84 -10.22
N GLY A 41 15.31 1.60 -10.37
CA GLY A 41 16.25 1.53 -9.23
C GLY A 41 16.27 2.80 -8.37
N GLU A 42 16.11 3.96 -9.05
CA GLU A 42 16.05 5.28 -8.39
C GLU A 42 14.80 5.44 -7.47
N LYS A 43 13.76 4.63 -7.76
CA LYS A 43 12.55 4.53 -6.92
C LYS A 43 12.70 3.38 -5.89
N LEU A 44 13.36 2.30 -6.37
CA LEU A 44 13.34 0.98 -5.73
C LEU A 44 14.18 0.95 -4.44
N GLY A 45 15.43 1.43 -4.53
CA GLY A 45 16.34 1.44 -3.38
C GLY A 45 15.86 2.33 -2.22
N ARG A 46 14.99 3.31 -2.55
CA ARG A 46 14.40 4.24 -1.56
C ARG A 46 13.20 3.57 -0.85
N VAL A 47 12.47 2.72 -1.61
CA VAL A 47 11.40 1.85 -1.09
C VAL A 47 11.99 0.84 -0.08
N VAL A 48 13.16 0.28 -0.42
CA VAL A 48 13.88 -0.68 0.44
C VAL A 48 14.29 -0.01 1.77
N HIS A 49 14.73 1.27 1.69
CA HIS A 49 15.23 2.05 2.85
C HIS A 49 14.21 2.14 4.00
N ILE A 50 12.93 2.34 3.65
CA ILE A 50 11.85 2.54 4.66
C ILE A 50 11.45 1.21 5.34
N ILE A 51 11.57 0.10 4.59
CA ILE A 51 11.34 -1.27 5.12
C ILE A 51 12.46 -1.64 6.12
N GLN A 52 13.70 -1.21 5.79
CA GLN A 52 14.87 -1.31 6.69
C GLN A 52 14.67 -0.45 7.95
N ALA A 53 14.01 0.71 7.77
CA ALA A 53 13.73 1.69 8.84
C ALA A 53 12.60 1.19 9.77
N ARG A 54 11.71 0.35 9.24
CA ARG A 54 10.63 -0.29 10.03
C ARG A 54 11.21 -1.49 10.79
N GLU A 55 11.46 -2.57 10.07
CA GLU A 55 12.04 -3.80 10.61
C GLU A 55 13.57 -3.80 10.34
N PRO A 56 14.42 -3.58 11.41
CA PRO A 56 15.90 -3.44 11.26
C PRO A 56 16.60 -4.76 10.90
N SER A 57 15.84 -5.86 10.89
CA SER A 57 16.31 -7.19 10.47
C SER A 57 16.67 -7.21 8.98
N LEU A 58 16.01 -6.33 8.19
CA LEU A 58 16.22 -6.23 6.73
C LEU A 58 17.25 -5.13 6.37
N ARG A 59 17.80 -4.45 7.40
CA ARG A 59 18.77 -3.33 7.23
C ARG A 59 20.11 -3.82 6.64
N ASP A 60 20.55 -5.00 7.11
CA ASP A 60 21.81 -5.62 6.65
C ASP A 60 21.60 -6.39 5.32
N SER A 61 20.31 -6.56 4.92
CA SER A 61 19.92 -7.27 3.69
C SER A 61 19.94 -6.29 2.50
N ASN A 62 20.85 -6.56 1.55
CA ASN A 62 21.09 -5.68 0.39
C ASN A 62 19.86 -5.66 -0.57
N PRO A 63 19.49 -4.45 -1.15
CA PRO A 63 18.29 -4.29 -2.02
C PRO A 63 18.27 -5.24 -3.26
N GLU A 64 19.44 -5.77 -3.63
CA GLU A 64 19.59 -6.74 -4.73
C GLU A 64 18.96 -8.09 -4.34
N GLU A 65 19.36 -8.60 -3.16
CA GLU A 65 19.03 -9.98 -2.72
C GLU A 65 18.06 -9.97 -1.52
N ILE A 66 17.40 -8.82 -1.26
CA ILE A 66 16.50 -8.67 -0.10
C ILE A 66 15.16 -9.37 -0.35
N GLU A 67 14.81 -10.30 0.54
CA GLU A 67 13.44 -10.85 0.63
C GLU A 67 12.69 -10.09 1.72
N ILE A 68 11.44 -9.71 1.46
CA ILE A 68 10.64 -8.95 2.43
C ILE A 68 9.82 -9.94 3.26
N ASP A 69 10.23 -10.14 4.52
CA ASP A 69 9.58 -11.07 5.44
C ASP A 69 8.27 -10.46 5.98
N PHE A 70 7.20 -10.60 5.18
CA PHE A 70 5.83 -10.10 5.53
C PHE A 70 5.27 -10.79 6.79
N GLU A 71 5.81 -11.99 7.05
CA GLU A 71 5.54 -12.79 8.25
C GLU A 71 5.93 -12.03 9.53
N THR A 72 7.07 -11.30 9.47
CA THR A 72 7.65 -10.62 10.64
C THR A 72 7.41 -9.09 10.60
N LEU A 73 6.85 -8.55 9.48
CA LEU A 73 6.46 -7.12 9.42
C LEU A 73 5.21 -6.89 10.31
N LYS A 74 5.09 -5.67 10.87
CA LYS A 74 3.91 -5.28 11.67
C LYS A 74 2.63 -5.16 10.80
N PRO A 75 1.39 -5.32 11.40
CA PRO A 75 0.09 -5.21 10.66
C PRO A 75 -0.01 -3.89 9.85
N SER A 76 0.54 -2.82 10.46
CA SER A 76 0.55 -1.48 9.87
C SER A 76 1.54 -1.41 8.69
N THR A 77 2.68 -2.15 8.81
CA THR A 77 3.72 -2.20 7.75
C THR A 77 3.17 -2.90 6.48
N LEU A 78 2.37 -3.97 6.67
CA LEU A 78 1.66 -4.67 5.56
C LEU A 78 0.76 -3.68 4.78
N ARG A 79 -0.01 -2.90 5.55
CA ARG A 79 -0.97 -1.90 5.02
C ARG A 79 -0.26 -0.81 4.20
N GLU A 80 0.78 -0.23 4.81
CA GLU A 80 1.49 0.93 4.27
C GLU A 80 2.39 0.53 3.08
N LEU A 81 2.93 -0.71 3.11
CA LEU A 81 3.81 -1.23 2.05
C LEU A 81 3.03 -1.35 0.75
N GLU A 82 1.91 -2.10 0.80
CA GLU A 82 1.03 -2.34 -0.36
C GLU A 82 0.39 -1.02 -0.85
N ARG A 83 0.27 -0.03 0.07
CA ARG A 83 -0.40 1.26 -0.20
C ARG A 83 0.33 2.05 -1.30
N TYR A 84 1.66 2.28 -1.12
CA TYR A 84 2.48 3.05 -2.09
C TYR A 84 2.81 2.22 -3.35
N VAL A 85 2.87 0.87 -3.21
CA VAL A 85 3.12 -0.05 -4.36
C VAL A 85 1.93 -0.01 -5.34
N LEU A 86 0.72 -0.14 -4.77
CA LEU A 86 -0.54 -0.10 -5.53
C LEU A 86 -0.78 1.31 -6.10
N SER A 87 -0.32 2.34 -5.36
CA SER A 87 -0.41 3.76 -5.80
C SER A 87 0.63 4.06 -6.91
N CYS A 88 1.75 3.32 -6.91
CA CYS A 88 2.78 3.46 -7.95
C CYS A 88 2.27 2.85 -9.27
N LEU A 89 1.63 1.68 -9.14
CA LEU A 89 1.02 0.96 -10.27
C LEU A 89 -0.22 1.73 -10.80
N ARG A 90 -0.96 2.38 -9.89
CA ARG A 90 -2.15 3.17 -10.22
C ARG A 90 -2.43 4.16 -9.07
N LYS A 91 -2.15 5.46 -9.31
CA LYS A 91 -2.34 6.52 -8.31
C LYS A 91 -3.80 6.60 -7.84
N LYS A 92 -3.99 6.55 -6.51
CA LYS A 92 -5.31 6.68 -5.85
C LYS A 92 -5.98 8.04 -6.21
N PRO A 93 -7.36 8.09 -6.26
CA PRO A 93 -8.09 9.37 -6.47
C PRO A 93 -7.88 10.37 -5.30
N ARG A 94 -8.43 11.59 -5.47
CA ARG A 94 -8.26 12.69 -4.49
C ARG A 94 -9.21 12.49 -3.29
N LYS A 95 -8.84 11.50 -2.44
CA LYS A 95 -9.49 11.20 -1.16
C LYS A 95 -8.68 10.10 -0.41
N PRO A 96 -7.42 10.40 0.06
CA PRO A 96 -6.69 9.53 0.99
C PRO A 96 -7.11 9.83 2.46
N TYR A 97 -7.61 8.79 3.15
CA TYR A 97 -8.07 8.90 4.55
C TYR A 97 -6.89 9.25 5.48
N THR A 98 -6.88 10.50 5.96
CA THR A 98 -5.91 10.99 6.93
C THR A 98 -6.51 10.88 8.35
N ILE A 99 -6.03 9.89 9.12
CA ILE A 99 -6.47 9.70 10.52
C ILE A 99 -5.84 10.76 11.44
N LYS A 100 -6.69 11.56 12.10
CA LYS A 100 -6.25 12.63 13.01
C LYS A 100 -6.09 12.08 14.43
N LYS A 101 -4.87 11.57 14.74
CA LYS A 101 -4.45 11.12 16.08
C LYS A 101 -3.03 11.63 16.35
N PRO A 102 -2.61 11.87 17.66
CA PRO A 102 -1.25 12.35 18.02
C PRO A 102 -0.13 11.53 17.32
N VAL A 103 0.52 12.18 16.31
CA VAL A 103 1.51 11.56 15.40
C VAL A 103 0.81 10.49 14.51
N GLY A 104 0.53 9.31 15.09
CA GLY A 104 -0.13 8.21 14.37
C GLY A 104 -0.83 7.23 15.30
N LYS A 105 -0.41 7.23 16.60
CA LYS A 105 -0.93 6.36 17.67
C LYS A 105 -0.56 4.87 17.41
N THR A 106 0.55 4.44 18.03
CA THR A 106 1.01 3.04 18.02
C THR A 106 0.64 2.38 19.37
N LYS A 107 0.47 1.05 19.36
CA LYS A 107 0.05 0.26 20.54
C LYS A 107 0.97 0.48 21.76
N GLU A 108 2.29 0.56 21.51
CA GLU A 108 3.34 0.66 22.56
C GLU A 108 3.18 1.92 23.43
N GLU A 109 2.53 2.98 22.90
CA GLU A 109 2.32 4.25 23.63
C GLU A 109 1.53 4.07 24.94
N LEU A 110 0.74 2.98 25.05
CA LEU A 110 -0.02 2.65 26.28
C LEU A 110 0.94 2.35 27.46
N ALA A 111 2.10 1.74 27.15
CA ALA A 111 3.19 1.50 28.12
C ALA A 111 3.94 2.82 28.40
N LEU A 112 4.16 3.58 27.31
CA LEU A 112 4.84 4.89 27.34
C LEU A 112 4.04 5.94 28.14
N GLU A 113 2.71 5.72 28.31
CA GLU A 113 1.84 6.59 29.14
C GLU A 113 2.40 6.70 30.56
N LYS A 114 2.70 5.54 31.17
CA LYS A 114 3.23 5.46 32.56
C LYS A 114 4.55 6.23 32.70
N LYS A 115 5.40 6.10 31.67
CA LYS A 115 6.71 6.76 31.60
C LYS A 115 6.54 8.28 31.44
N ARG A 116 5.55 8.65 30.62
CA ARG A 116 5.22 10.06 30.31
C ARG A 116 4.70 10.78 31.56
N GLU A 117 3.89 10.06 32.34
CA GLU A 117 3.32 10.57 33.60
C GLU A 117 4.42 10.75 34.65
N LEU A 118 5.32 9.75 34.73
CA LEU A 118 6.43 9.73 35.71
C LEU A 118 7.40 10.90 35.47
N GLU A 119 7.83 11.07 34.20
CA GLU A 119 8.76 12.14 33.79
C GLU A 119 8.08 13.51 33.91
N LYS A 120 6.74 13.55 33.70
CA LYS A 120 5.93 14.79 33.82
C LYS A 120 5.89 15.27 35.28
N ARG A 121 5.69 14.32 36.21
CA ARG A 121 5.61 14.58 37.66
C ARG A 121 7.01 14.95 38.24
N LEU A 122 8.05 14.63 37.46
CA LEU A 122 9.45 14.99 37.78
C LEU A 122 9.81 16.36 37.12
N GLN A 123 9.19 16.64 35.95
CA GLN A 123 9.54 17.78 35.07
C GLN A 123 8.78 19.06 35.43
N ASP A 124 7.54 18.91 35.95
CA ASP A 124 6.63 20.05 36.23
C ASP A 124 7.21 20.97 37.33
N VAL A 125 8.06 20.37 38.19
CA VAL A 125 8.85 21.07 39.22
C VAL A 125 9.65 22.22 38.59
N SER A 126 10.25 21.92 37.40
CA SER A 126 10.97 22.90 36.53
C SER A 126 12.09 23.69 37.26
N GLY A 127 12.60 24.74 36.60
CA GLY A 127 13.58 25.64 37.19
C GLY A 127 13.26 27.08 36.83
N GLN A 128 12.98 27.31 35.55
CA GLN A 128 12.63 28.64 35.01
C GLN A 128 11.91 28.50 33.65
N LEU A 129 11.01 29.45 33.35
CA LEU A 129 10.25 29.50 32.10
C LEU A 129 10.95 30.45 31.11
N ASN A 130 11.59 29.87 30.08
CA ASN A 130 12.29 30.62 29.01
C ASN A 130 11.64 30.30 27.64
N SER A 131 10.36 29.88 27.69
CA SER A 131 9.59 29.43 26.51
C SER A 131 9.18 30.62 25.60
N THR A 132 9.09 30.34 24.29
CA THR A 132 8.78 31.35 23.25
C THR A 132 7.39 31.03 22.64
N SER A 1 -3.66 17.30 -20.11
CA SER A 1 -3.48 17.36 -18.64
C SER A 1 -4.33 18.49 -18.06
N MET A 2 -5.02 18.21 -16.93
CA MET A 2 -5.85 19.20 -16.21
C MET A 2 -5.70 18.99 -14.70
N LYS A 3 -6.10 17.79 -14.23
CA LYS A 3 -6.02 17.43 -12.81
C LYS A 3 -4.78 16.54 -12.56
N THR A 4 -3.73 17.13 -12.00
CA THR A 4 -2.52 16.42 -11.58
C THR A 4 -2.71 15.81 -10.17
N ALA A 5 -3.49 16.53 -9.33
CA ALA A 5 -3.73 16.15 -7.93
C ALA A 5 -4.46 14.78 -7.83
N PRO A 6 -3.97 13.84 -6.94
CA PRO A 6 -4.63 12.54 -6.74
C PRO A 6 -5.90 12.65 -5.86
N PRO A 7 -6.92 11.75 -6.07
CA PRO A 7 -8.08 11.62 -5.15
C PRO A 7 -7.65 11.23 -3.72
N ALA A 8 -8.40 11.72 -2.72
CA ALA A 8 -8.18 11.39 -1.30
C ALA A 8 -8.54 9.91 -1.05
N LEU A 9 -7.79 9.25 -0.12
CA LEU A 9 -7.96 7.83 0.19
C LEU A 9 -9.38 7.54 0.74
N PRO A 10 -10.13 6.54 0.16
CA PRO A 10 -11.49 6.17 0.64
C PRO A 10 -11.44 5.57 2.06
N THR A 11 -11.56 6.47 3.06
CA THR A 11 -11.52 6.08 4.48
C THR A 11 -12.91 5.57 4.91
N GLY A 12 -13.11 4.28 4.64
CA GLY A 12 -14.36 3.58 4.93
C GLY A 12 -14.28 2.15 4.43
N TYR A 13 -13.35 1.40 5.04
CA TYR A 13 -13.07 0.02 4.66
C TYR A 13 -14.18 -0.92 5.18
N ASP A 14 -15.14 -1.27 4.30
CA ASP A 14 -16.23 -2.19 4.64
C ASP A 14 -15.69 -3.63 4.77
N SER A 15 -15.15 -3.94 5.96
CA SER A 15 -14.49 -5.21 6.26
C SER A 15 -14.36 -5.37 7.79
N GLU A 16 -14.37 -6.63 8.27
CA GLU A 16 -14.22 -6.93 9.72
C GLU A 16 -12.74 -7.22 10.07
N GLU A 17 -11.85 -7.08 9.08
CA GLU A 17 -10.41 -7.28 9.26
C GLU A 17 -9.71 -5.95 9.64
N GLU A 18 -10.22 -4.83 9.09
CA GLU A 18 -9.59 -3.50 9.22
C GLU A 18 -9.64 -2.95 10.66
N GLU A 19 -10.74 -3.28 11.39
CA GLU A 19 -10.95 -2.89 12.79
C GLU A 19 -9.82 -3.41 13.71
N GLU A 20 -9.45 -4.68 13.48
CA GLU A 20 -8.37 -5.36 14.23
C GLU A 20 -7.01 -5.13 13.54
N SER A 21 -7.06 -4.73 12.25
CA SER A 21 -5.92 -4.66 11.35
C SER A 21 -5.19 -6.03 11.31
N ARG A 22 -5.71 -6.93 10.47
CA ARG A 22 -5.18 -8.29 10.33
C ARG A 22 -4.14 -8.37 9.18
N PRO A 23 -3.14 -9.32 9.25
CA PRO A 23 -2.19 -9.56 8.14
C PRO A 23 -2.91 -10.17 6.92
N MET A 24 -2.31 -9.98 5.74
CA MET A 24 -2.93 -10.36 4.45
C MET A 24 -2.31 -11.69 3.93
N SER A 25 -2.83 -12.19 2.79
CA SER A 25 -2.53 -13.55 2.28
C SER A 25 -1.05 -13.69 1.84
N TYR A 26 -0.42 -14.85 2.18
CA TYR A 26 1.04 -15.11 1.98
C TYR A 26 1.44 -15.12 0.49
N ASP A 27 0.79 -15.99 -0.29
CA ASP A 27 1.08 -16.16 -1.74
C ASP A 27 0.89 -14.84 -2.51
N GLU A 28 -0.18 -14.12 -2.16
CA GLU A 28 -0.51 -12.79 -2.70
C GLU A 28 0.59 -11.76 -2.34
N LYS A 29 1.03 -11.80 -1.07
CA LYS A 29 2.11 -10.94 -0.51
C LYS A 29 3.45 -11.17 -1.24
N ARG A 30 3.73 -12.44 -1.51
CA ARG A 30 5.01 -12.90 -2.09
C ARG A 30 5.11 -12.41 -3.54
N GLN A 31 4.02 -12.63 -4.30
CA GLN A 31 3.92 -12.19 -5.69
C GLN A 31 3.88 -10.65 -5.77
N LEU A 32 3.37 -10.01 -4.69
CA LEU A 32 3.33 -8.56 -4.56
C LEU A 32 4.76 -7.99 -4.40
N SER A 33 5.65 -8.71 -3.67
CA SER A 33 7.07 -8.33 -3.56
C SER A 33 7.71 -8.29 -4.97
N LEU A 34 7.43 -9.35 -5.73
CA LEU A 34 7.86 -9.50 -7.13
C LEU A 34 7.28 -8.36 -8.02
N ASP A 35 6.07 -7.88 -7.64
CA ASP A 35 5.37 -6.76 -8.33
C ASP A 35 5.96 -5.39 -7.91
N ILE A 36 6.51 -5.28 -6.69
CA ILE A 36 7.16 -4.03 -6.22
C ILE A 36 8.48 -3.81 -6.99
N ASN A 37 9.14 -4.93 -7.33
CA ASN A 37 10.41 -4.92 -8.09
C ASN A 37 10.22 -4.51 -9.58
N LYS A 38 8.96 -4.32 -10.05
CA LYS A 38 8.69 -3.88 -11.46
C LYS A 38 9.00 -2.38 -11.63
N LEU A 39 9.01 -1.65 -10.50
CA LEU A 39 9.39 -0.23 -10.46
C LEU A 39 10.93 -0.09 -10.71
N PRO A 40 11.43 1.09 -11.22
CA PRO A 40 12.89 1.31 -11.46
C PRO A 40 13.76 1.07 -10.20
N GLY A 41 15.01 0.61 -10.43
CA GLY A 41 15.96 0.33 -9.34
C GLY A 41 16.25 1.56 -8.48
N GLU A 42 16.28 2.75 -9.12
CA GLU A 42 16.44 4.05 -8.45
C GLU A 42 15.27 4.32 -7.47
N LYS A 43 14.08 3.80 -7.80
CA LYS A 43 12.87 3.98 -6.97
C LYS A 43 12.89 2.98 -5.81
N LEU A 44 13.42 1.76 -6.09
CA LEU A 44 13.65 0.72 -5.06
C LEU A 44 14.68 1.20 -4.03
N GLY A 45 15.63 2.06 -4.48
CA GLY A 45 16.63 2.65 -3.58
C GLY A 45 16.02 3.45 -2.43
N ARG A 46 14.74 3.87 -2.58
CA ARG A 46 13.99 4.62 -1.56
C ARG A 46 12.89 3.74 -0.93
N VAL A 47 12.30 2.81 -1.72
CA VAL A 47 11.27 1.85 -1.22
C VAL A 47 11.89 0.93 -0.16
N VAL A 48 13.06 0.36 -0.49
CA VAL A 48 13.86 -0.48 0.44
C VAL A 48 14.24 0.33 1.69
N HIS A 49 14.51 1.64 1.50
CA HIS A 49 14.98 2.53 2.58
C HIS A 49 13.93 2.68 3.70
N ILE A 50 12.63 2.77 3.32
CA ILE A 50 11.52 2.91 4.30
C ILE A 50 11.28 1.57 5.04
N ILE A 51 11.47 0.44 4.31
CA ILE A 51 11.28 -0.93 4.86
C ILE A 51 12.36 -1.25 5.92
N GLN A 52 13.61 -0.98 5.56
CA GLN A 52 14.78 -1.31 6.39
C GLN A 52 14.90 -0.34 7.59
N ALA A 53 14.28 0.86 7.46
CA ALA A 53 14.17 1.84 8.55
C ALA A 53 13.29 1.28 9.69
N ARG A 54 12.25 0.52 9.30
CA ARG A 54 11.31 -0.12 10.25
C ARG A 54 11.88 -1.44 10.78
N GLU A 55 12.59 -2.17 9.91
CA GLU A 55 13.13 -3.51 10.21
C GLU A 55 14.67 -3.50 10.27
N PRO A 56 15.29 -3.52 11.49
CA PRO A 56 16.75 -3.75 11.65
C PRO A 56 17.15 -5.19 11.27
N SER A 57 16.13 -6.06 11.14
CA SER A 57 16.28 -7.46 10.73
C SER A 57 16.51 -7.59 9.20
N LEU A 58 16.17 -6.54 8.42
CA LEU A 58 16.24 -6.58 6.93
C LEU A 58 17.28 -5.60 6.34
N ARG A 59 17.82 -4.69 7.17
CA ARG A 59 18.72 -3.60 6.70
C ARG A 59 20.07 -4.12 6.16
N ASP A 60 20.46 -5.30 6.64
CA ASP A 60 21.73 -5.98 6.30
C ASP A 60 21.62 -6.68 4.93
N SER A 61 20.38 -6.97 4.50
CA SER A 61 20.10 -7.64 3.23
C SER A 61 20.33 -6.67 2.04
N ASN A 62 21.08 -7.13 1.02
CA ASN A 62 21.38 -6.35 -0.20
C ASN A 62 20.07 -5.86 -0.89
N PRO A 63 19.94 -4.54 -1.23
CA PRO A 63 18.65 -3.88 -1.57
C PRO A 63 17.94 -4.44 -2.82
N GLU A 64 18.71 -5.08 -3.73
CA GLU A 64 18.15 -5.75 -4.91
C GLU A 64 17.31 -6.97 -4.49
N GLU A 65 17.93 -7.85 -3.67
CA GLU A 65 17.33 -9.11 -3.23
C GLU A 65 16.92 -9.03 -1.74
N ILE A 66 16.61 -7.81 -1.23
CA ILE A 66 16.18 -7.64 0.17
C ILE A 66 14.88 -8.43 0.40
N GLU A 67 14.97 -9.46 1.25
CA GLU A 67 13.84 -10.34 1.53
C GLU A 67 12.83 -9.61 2.43
N ILE A 68 11.84 -8.98 1.79
CA ILE A 68 10.80 -8.22 2.48
C ILE A 68 9.87 -9.24 3.17
N ASP A 69 10.20 -9.57 4.43
CA ASP A 69 9.54 -10.62 5.18
C ASP A 69 8.21 -10.09 5.75
N PHE A 70 7.13 -10.28 4.97
CA PHE A 70 5.79 -9.75 5.29
C PHE A 70 5.17 -10.44 6.53
N GLU A 71 5.67 -11.64 6.84
CA GLU A 71 5.23 -12.43 8.00
C GLU A 71 5.69 -11.72 9.30
N THR A 72 6.94 -11.21 9.28
CA THR A 72 7.51 -10.45 10.42
C THR A 72 7.11 -8.96 10.37
N LEU A 73 6.69 -8.46 9.18
CA LEU A 73 6.13 -7.10 9.05
C LEU A 73 4.77 -7.05 9.79
N LYS A 74 4.54 -5.93 10.49
CA LYS A 74 3.26 -5.69 11.18
C LYS A 74 2.16 -5.36 10.15
N PRO A 75 0.86 -5.70 10.42
CA PRO A 75 -0.29 -5.30 9.53
C PRO A 75 -0.31 -3.78 9.21
N SER A 76 0.28 -3.00 10.13
CA SER A 76 0.55 -1.57 9.96
C SER A 76 1.49 -1.33 8.75
N THR A 77 2.62 -2.05 8.77
CA THR A 77 3.67 -1.95 7.73
C THR A 77 3.16 -2.48 6.37
N LEU A 78 2.25 -3.49 6.42
CA LEU A 78 1.56 -4.02 5.22
C LEU A 78 0.75 -2.90 4.55
N ARG A 79 -0.23 -2.35 5.30
CA ARG A 79 -1.19 -1.33 4.81
C ARG A 79 -0.46 -0.08 4.27
N GLU A 80 0.67 0.26 4.92
CA GLU A 80 1.47 1.46 4.60
C GLU A 80 2.35 1.27 3.35
N LEU A 81 3.05 0.11 3.27
CA LEU A 81 3.96 -0.19 2.14
C LEU A 81 3.16 -0.33 0.83
N GLU A 82 2.01 -1.01 0.93
CA GLU A 82 1.16 -1.34 -0.22
C GLU A 82 0.50 -0.09 -0.84
N ARG A 83 0.10 0.88 0.01
CA ARG A 83 -0.51 2.15 -0.46
C ARG A 83 0.58 3.07 -1.06
N TYR A 84 1.84 2.91 -0.59
CA TYR A 84 3.00 3.65 -1.13
C TYR A 84 3.28 3.20 -2.58
N VAL A 85 3.37 1.87 -2.76
CA VAL A 85 3.57 1.24 -4.08
C VAL A 85 2.34 1.47 -4.99
N LEU A 86 1.14 1.50 -4.37
CA LEU A 86 -0.13 1.78 -5.07
C LEU A 86 -0.14 3.19 -5.69
N SER A 87 0.52 4.14 -4.99
CA SER A 87 0.69 5.53 -5.48
C SER A 87 1.63 5.58 -6.69
N CYS A 88 2.62 4.67 -6.71
CA CYS A 88 3.58 4.53 -7.84
C CYS A 88 2.89 3.85 -9.04
N LEU A 89 1.98 2.90 -8.75
CA LEU A 89 1.20 2.17 -9.77
C LEU A 89 0.01 3.04 -10.27
N ARG A 90 -0.36 4.05 -9.44
CA ARG A 90 -1.45 5.02 -9.68
C ARG A 90 -2.84 4.34 -9.61
N LYS A 91 -3.14 3.49 -10.63
CA LYS A 91 -4.42 2.74 -10.75
C LYS A 91 -5.62 3.70 -10.84
N LYS A 92 -6.82 3.23 -10.48
CA LYS A 92 -8.01 4.07 -10.31
C LYS A 92 -8.40 4.10 -8.82
N PRO A 93 -7.86 5.08 -8.01
CA PRO A 93 -8.23 5.23 -6.58
C PRO A 93 -9.61 5.91 -6.43
N ARG A 94 -10.12 6.49 -7.53
CA ARG A 94 -11.44 7.15 -7.57
C ARG A 94 -12.51 6.09 -7.90
N LYS A 95 -13.37 5.79 -6.92
CA LYS A 95 -14.50 4.88 -7.10
C LYS A 95 -15.62 5.29 -6.11
N PRO A 96 -16.52 6.27 -6.51
CA PRO A 96 -17.60 6.79 -5.64
C PRO A 96 -18.81 5.82 -5.49
N TYR A 97 -18.53 4.51 -5.34
CA TYR A 97 -19.55 3.46 -5.18
C TYR A 97 -19.82 3.19 -3.69
N THR A 98 -21.10 3.31 -3.31
CA THR A 98 -21.62 3.03 -1.94
C THR A 98 -20.79 3.74 -0.83
N ILE A 99 -21.17 4.98 -0.55
CA ILE A 99 -20.54 5.79 0.52
C ILE A 99 -21.34 5.64 1.83
N LYS A 100 -20.64 5.79 2.98
CA LYS A 100 -21.28 5.72 4.30
C LYS A 100 -21.92 7.09 4.61
N LYS A 101 -23.26 7.12 4.67
CA LYS A 101 -24.03 8.38 4.73
C LYS A 101 -25.29 8.26 5.63
N PRO A 102 -25.65 9.35 6.39
CA PRO A 102 -26.94 9.43 7.13
C PRO A 102 -28.15 9.53 6.18
N VAL A 103 -29.36 9.48 6.77
CA VAL A 103 -30.64 9.51 6.03
C VAL A 103 -30.85 10.86 5.29
N GLY A 104 -30.28 11.94 5.84
CA GLY A 104 -30.33 13.26 5.22
C GLY A 104 -28.98 13.68 4.64
N LYS A 105 -27.94 13.62 5.49
CA LYS A 105 -26.55 14.06 5.18
C LYS A 105 -26.51 15.57 4.82
N THR A 106 -27.46 16.32 5.40
CA THR A 106 -27.62 17.77 5.13
C THR A 106 -27.16 18.60 6.33
N LYS A 107 -26.80 19.88 6.10
CA LYS A 107 -26.37 20.80 7.19
C LYS A 107 -27.56 21.13 8.12
N GLU A 108 -28.79 21.07 7.57
CA GLU A 108 -30.04 21.23 8.34
C GLU A 108 -30.21 20.08 9.35
N GLU A 109 -29.78 18.86 8.94
CA GLU A 109 -29.74 17.67 9.83
C GLU A 109 -28.64 17.84 10.91
N LEU A 110 -27.47 18.35 10.48
CA LEU A 110 -26.30 18.58 11.36
C LEU A 110 -26.57 19.70 12.39
N ALA A 111 -27.52 20.60 12.06
CA ALA A 111 -28.01 21.64 12.97
C ALA A 111 -29.17 21.11 13.85
N LEU A 112 -30.01 20.24 13.24
CA LEU A 112 -31.23 19.68 13.86
C LEU A 112 -30.90 18.83 15.09
N GLU A 113 -29.73 18.17 15.07
CA GLU A 113 -29.28 17.33 16.19
C GLU A 113 -29.13 18.15 17.49
N LYS A 114 -28.70 19.42 17.39
CA LYS A 114 -28.62 20.35 18.55
C LYS A 114 -30.01 20.79 19.01
N LYS A 115 -30.89 21.07 18.03
CA LYS A 115 -32.27 21.53 18.29
C LYS A 115 -32.99 20.52 19.20
N ARG A 116 -32.87 19.23 18.86
CA ARG A 116 -33.49 18.13 19.62
C ARG A 116 -32.71 17.89 20.93
N GLU A 117 -31.37 17.90 20.84
CA GLU A 117 -30.44 17.68 21.98
C GLU A 117 -30.72 18.65 23.14
N LEU A 118 -31.14 19.87 22.80
CA LEU A 118 -31.46 20.94 23.77
C LEU A 118 -32.71 20.55 24.60
N GLU A 119 -33.68 19.94 23.92
CA GLU A 119 -34.92 19.44 24.54
C GLU A 119 -34.62 18.20 25.40
N LYS A 120 -33.69 17.36 24.89
CA LYS A 120 -33.19 16.15 25.58
C LYS A 120 -32.30 16.52 26.79
N ARG A 121 -31.75 17.74 26.76
CA ARG A 121 -30.96 18.28 27.88
C ARG A 121 -31.91 18.78 28.98
N LEU A 122 -32.71 19.82 28.62
CA LEU A 122 -33.47 20.66 29.58
C LEU A 122 -34.48 19.84 30.42
N GLN A 123 -34.96 18.70 29.89
CA GLN A 123 -35.99 17.84 30.53
C GLN A 123 -35.63 17.41 31.98
N ASP A 124 -34.33 17.35 32.31
CA ASP A 124 -33.83 16.88 33.62
C ASP A 124 -34.23 17.86 34.75
N VAL A 125 -34.37 19.16 34.41
CA VAL A 125 -34.74 20.21 35.38
C VAL A 125 -36.19 20.03 35.86
N SER A 126 -37.03 19.43 34.99
CA SER A 126 -38.44 19.12 35.29
C SER A 126 -38.61 17.64 35.70
N GLY A 127 -37.48 16.97 36.01
CA GLY A 127 -37.46 15.58 36.44
C GLY A 127 -37.75 15.45 37.94
N GLN A 128 -38.96 15.87 38.35
CA GLN A 128 -39.40 15.82 39.75
C GLN A 128 -40.73 15.08 39.83
N LEU A 129 -40.82 14.12 40.77
CA LEU A 129 -42.05 13.33 41.01
C LEU A 129 -42.18 13.11 42.54
N ASN A 130 -43.38 13.41 43.09
CA ASN A 130 -43.60 13.37 44.54
C ASN A 130 -43.58 11.92 45.07
N SER A 131 -42.76 11.70 46.10
CA SER A 131 -42.66 10.40 46.78
C SER A 131 -43.96 10.13 47.56
N THR A 132 -44.44 8.87 47.47
CA THR A 132 -45.74 8.41 48.01
C THR A 132 -46.91 8.89 47.08
N SER A 1 -10.41 11.89 -16.15
CA SER A 1 -11.27 10.95 -16.90
C SER A 1 -10.41 9.96 -17.70
N MET A 2 -9.99 8.87 -17.03
CA MET A 2 -9.19 7.78 -17.64
C MET A 2 -9.78 6.44 -17.18
N LYS A 3 -10.18 5.59 -18.15
CA LYS A 3 -10.73 4.24 -17.92
C LYS A 3 -12.13 4.29 -17.25
N THR A 4 -13.19 4.11 -18.08
CA THR A 4 -14.56 3.95 -17.58
C THR A 4 -14.75 2.49 -17.10
N ALA A 5 -14.76 2.32 -15.77
CA ALA A 5 -14.83 1.02 -15.10
C ALA A 5 -16.29 0.52 -15.03
N PRO A 6 -16.54 -0.82 -15.20
CA PRO A 6 -17.88 -1.42 -15.00
C PRO A 6 -18.26 -1.51 -13.50
N PRO A 7 -19.58 -1.57 -13.14
CA PRO A 7 -20.04 -1.82 -11.74
C PRO A 7 -19.89 -3.32 -11.32
N ALA A 8 -19.06 -4.09 -12.05
CA ALA A 8 -18.84 -5.53 -11.82
C ALA A 8 -17.40 -5.79 -11.34
N LEU A 9 -16.74 -4.76 -10.79
CA LEU A 9 -15.40 -4.88 -10.17
C LEU A 9 -15.50 -5.65 -8.82
N PRO A 10 -14.42 -6.42 -8.41
CA PRO A 10 -14.40 -7.14 -7.12
C PRO A 10 -14.32 -6.17 -5.90
N THR A 11 -15.48 -5.58 -5.57
CA THR A 11 -15.63 -4.68 -4.43
C THR A 11 -16.25 -5.47 -3.25
N GLY A 12 -15.38 -6.16 -2.50
CA GLY A 12 -15.80 -6.97 -1.35
C GLY A 12 -15.90 -6.14 -0.07
N TYR A 13 -15.21 -6.57 0.98
CA TYR A 13 -15.24 -5.92 2.31
C TYR A 13 -14.00 -6.29 3.13
N ASP A 14 -13.84 -5.62 4.27
CA ASP A 14 -12.77 -5.93 5.25
C ASP A 14 -13.38 -6.72 6.43
N SER A 15 -12.60 -7.65 6.99
CA SER A 15 -13.02 -8.45 8.15
C SER A 15 -11.77 -8.87 8.97
N GLU A 16 -10.72 -8.03 8.94
CA GLU A 16 -9.44 -8.32 9.62
C GLU A 16 -8.88 -7.05 10.30
N GLU A 17 -8.99 -5.90 9.62
CA GLU A 17 -8.52 -4.60 10.14
C GLU A 17 -9.63 -3.90 10.96
N GLU A 18 -10.84 -4.47 10.93
CA GLU A 18 -11.95 -4.06 11.81
C GLU A 18 -11.66 -4.46 13.27
N GLU A 19 -10.94 -5.59 13.43
CA GLU A 19 -10.50 -6.08 14.76
C GLU A 19 -9.48 -5.09 15.34
N GLU A 20 -8.36 -4.98 14.63
CA GLU A 20 -7.42 -3.86 14.76
C GLU A 20 -6.62 -3.80 13.44
N SER A 21 -5.98 -4.94 13.11
CA SER A 21 -5.16 -5.17 11.90
C SER A 21 -4.28 -6.40 12.15
N ARG A 22 -3.93 -7.12 11.08
CA ARG A 22 -3.05 -8.30 11.15
C ARG A 22 -1.91 -8.16 10.13
N PRO A 23 -0.78 -8.95 10.29
CA PRO A 23 0.12 -9.27 9.16
C PRO A 23 -0.71 -10.03 8.11
N MET A 24 -1.15 -9.30 7.06
CA MET A 24 -2.11 -9.80 6.07
C MET A 24 -1.53 -11.01 5.29
N SER A 25 -2.40 -11.76 4.58
CA SER A 25 -2.03 -13.04 3.95
C SER A 25 -0.80 -12.85 3.04
N TYR A 26 0.24 -13.68 3.29
CA TYR A 26 1.57 -13.47 2.71
C TYR A 26 1.56 -13.73 1.20
N ASP A 27 0.83 -14.78 0.78
CA ASP A 27 0.76 -15.25 -0.63
C ASP A 27 0.48 -14.10 -1.61
N GLU A 28 -0.56 -13.33 -1.29
CA GLU A 28 -1.06 -12.24 -2.13
C GLU A 28 -0.01 -11.10 -2.24
N LYS A 29 0.56 -10.75 -1.07
CA LYS A 29 1.50 -9.63 -0.91
C LYS A 29 2.90 -9.97 -1.42
N ARG A 30 3.21 -11.28 -1.48
CA ARG A 30 4.44 -11.80 -2.11
C ARG A 30 4.32 -11.75 -3.65
N GLN A 31 3.06 -11.79 -4.14
CA GLN A 31 2.74 -11.56 -5.57
C GLN A 31 2.68 -10.04 -5.86
N LEU A 32 2.44 -9.23 -4.81
CA LEU A 32 2.56 -7.76 -4.90
C LEU A 32 4.05 -7.35 -4.90
N SER A 33 4.92 -8.26 -4.38
CA SER A 33 6.38 -8.09 -4.45
C SER A 33 6.85 -8.07 -5.92
N LEU A 34 6.13 -8.76 -6.82
CA LEU A 34 6.43 -8.71 -8.27
C LEU A 34 6.30 -7.27 -8.82
N ASP A 35 5.36 -6.51 -8.22
CA ASP A 35 5.07 -5.12 -8.64
C ASP A 35 6.15 -4.16 -8.14
N ILE A 36 6.72 -4.44 -6.94
CA ILE A 36 7.81 -3.62 -6.37
C ILE A 36 9.17 -4.01 -7.02
N ASN A 37 9.29 -5.28 -7.48
CA ASN A 37 10.54 -5.80 -8.12
C ASN A 37 10.77 -5.19 -9.51
N LYS A 38 9.67 -4.84 -10.23
CA LYS A 38 9.77 -4.21 -11.56
C LYS A 38 10.06 -2.69 -11.45
N LEU A 39 10.00 -2.14 -10.22
CA LEU A 39 10.47 -0.78 -9.93
C LEU A 39 12.02 -0.79 -9.96
N PRO A 40 12.69 0.23 -10.61
CA PRO A 40 14.18 0.27 -10.76
C PRO A 40 14.94 0.07 -9.44
N GLY A 41 16.13 -0.58 -9.53
CA GLY A 41 16.97 -0.86 -8.34
C GLY A 41 17.38 0.40 -7.58
N GLU A 42 17.63 1.49 -8.35
CA GLU A 42 17.94 2.84 -7.82
C GLU A 42 16.71 3.41 -7.05
N LYS A 43 15.51 3.04 -7.53
CA LYS A 43 14.23 3.53 -6.98
C LYS A 43 13.84 2.71 -5.74
N LEU A 44 14.31 1.45 -5.68
CA LEU A 44 14.09 0.56 -4.52
C LEU A 44 14.94 0.99 -3.33
N GLY A 45 16.06 1.68 -3.62
CA GLY A 45 16.83 2.37 -2.57
C GLY A 45 16.06 3.53 -1.91
N ARG A 46 14.87 3.85 -2.45
CA ARG A 46 13.94 4.87 -1.91
C ARG A 46 12.67 4.19 -1.34
N VAL A 47 12.07 3.31 -2.17
CA VAL A 47 10.78 2.64 -1.87
C VAL A 47 10.93 1.62 -0.73
N VAL A 48 11.92 0.73 -0.87
CA VAL A 48 12.24 -0.28 0.15
C VAL A 48 12.87 0.38 1.40
N HIS A 49 13.49 1.56 1.23
CA HIS A 49 14.29 2.22 2.29
C HIS A 49 13.48 2.45 3.58
N ILE A 50 12.19 2.82 3.44
CA ILE A 50 11.26 3.03 4.57
C ILE A 50 10.92 1.69 5.27
N ILE A 51 10.79 0.62 4.46
CA ILE A 51 10.38 -0.72 4.92
C ILE A 51 11.51 -1.38 5.74
N GLN A 52 12.75 -1.24 5.24
CA GLN A 52 13.95 -1.81 5.87
C GLN A 52 14.42 -0.94 7.05
N ALA A 53 14.01 0.35 7.06
CA ALA A 53 14.25 1.26 8.20
C ALA A 53 13.39 0.84 9.40
N ARG A 54 12.16 0.37 9.08
CA ARG A 54 11.21 -0.16 10.06
C ARG A 54 11.77 -1.44 10.73
N GLU A 55 12.04 -2.46 9.91
CA GLU A 55 12.56 -3.76 10.40
C GLU A 55 14.08 -3.83 10.17
N PRO A 56 14.90 -3.78 11.29
CA PRO A 56 16.39 -3.77 11.22
C PRO A 56 16.98 -5.00 10.48
N SER A 57 16.26 -6.12 10.55
CA SER A 57 16.64 -7.39 9.90
C SER A 57 16.71 -7.24 8.37
N LEU A 58 15.83 -6.38 7.82
CA LEU A 58 15.73 -6.13 6.37
C LEU A 58 16.86 -5.23 5.83
N ARG A 59 17.27 -4.20 6.62
CA ARG A 59 18.34 -3.24 6.19
C ARG A 59 19.74 -3.87 6.24
N ASP A 60 19.84 -5.09 6.81
CA ASP A 60 21.09 -5.88 6.83
C ASP A 60 21.35 -6.57 5.48
N SER A 61 20.46 -6.33 4.50
CA SER A 61 20.63 -6.74 3.09
C SER A 61 20.38 -5.52 2.17
N ASN A 62 21.09 -5.48 1.03
CA ASN A 62 21.01 -4.36 0.06
C ASN A 62 19.61 -4.30 -0.59
N PRO A 63 19.05 -3.07 -0.87
CA PRO A 63 17.73 -2.90 -1.55
C PRO A 63 17.70 -3.44 -3.00
N GLU A 64 18.89 -3.81 -3.51
CA GLU A 64 19.07 -4.38 -4.86
C GLU A 64 18.71 -5.88 -4.90
N GLU A 65 18.87 -6.57 -3.75
CA GLU A 65 18.68 -8.04 -3.66
C GLU A 65 17.60 -8.41 -2.63
N ILE A 66 17.26 -7.44 -1.74
CA ILE A 66 16.43 -7.67 -0.53
C ILE A 66 15.10 -8.41 -0.82
N GLU A 67 14.82 -9.45 -0.03
CA GLU A 67 13.51 -10.08 0.02
C GLU A 67 12.84 -9.63 1.33
N ILE A 68 11.60 -9.14 1.23
CA ILE A 68 10.86 -8.58 2.37
C ILE A 68 9.91 -9.65 2.93
N ASP A 69 10.16 -10.12 4.17
CA ASP A 69 9.37 -11.18 4.81
C ASP A 69 8.00 -10.65 5.25
N PHE A 70 6.99 -10.78 4.38
CA PHE A 70 5.61 -10.26 4.61
C PHE A 70 4.92 -10.92 5.82
N GLU A 71 5.39 -12.12 6.19
CA GLU A 71 4.88 -12.87 7.36
C GLU A 71 5.29 -12.18 8.68
N THR A 72 6.55 -11.71 8.73
CA THR A 72 7.14 -11.11 9.94
C THR A 72 6.89 -9.60 10.02
N LEU A 73 6.35 -9.00 8.93
CA LEU A 73 5.97 -7.58 8.92
C LEU A 73 4.79 -7.34 9.87
N LYS A 74 4.92 -6.30 10.70
CA LYS A 74 3.85 -5.86 11.61
C LYS A 74 2.70 -5.20 10.79
N PRO A 75 1.42 -5.28 11.29
CA PRO A 75 0.20 -4.84 10.55
C PRO A 75 0.30 -3.46 9.87
N SER A 76 0.84 -2.47 10.61
CA SER A 76 0.96 -1.07 10.16
C SER A 76 1.91 -0.93 8.97
N THR A 77 3.00 -1.72 9.00
CA THR A 77 4.03 -1.74 7.94
C THR A 77 3.53 -2.45 6.68
N LEU A 78 2.72 -3.51 6.90
CA LEU A 78 2.11 -4.30 5.81
C LEU A 78 1.16 -3.38 4.99
N ARG A 79 0.29 -2.65 5.72
CA ARG A 79 -0.67 -1.69 5.15
C ARG A 79 0.06 -0.57 4.39
N GLU A 80 1.14 -0.06 4.99
CA GLU A 80 1.95 1.03 4.42
C GLU A 80 2.62 0.56 3.12
N LEU A 81 3.16 -0.68 3.14
CA LEU A 81 3.93 -1.26 2.02
C LEU A 81 3.04 -1.42 0.80
N GLU A 82 1.92 -2.16 0.96
CA GLU A 82 1.01 -2.49 -0.16
C GLU A 82 0.45 -1.22 -0.81
N ARG A 83 0.10 -0.23 0.05
CA ARG A 83 -0.51 1.04 -0.38
C ARG A 83 0.54 1.92 -1.08
N TYR A 84 1.81 1.82 -0.64
CA TYR A 84 2.94 2.60 -1.19
C TYR A 84 3.32 2.08 -2.59
N VAL A 85 3.24 0.75 -2.77
CA VAL A 85 3.50 0.07 -4.06
C VAL A 85 2.33 0.36 -5.03
N LEU A 86 1.10 0.33 -4.51
CA LEU A 86 -0.13 0.68 -5.27
C LEU A 86 -0.20 2.19 -5.55
N SER A 87 0.52 2.99 -4.75
CA SER A 87 0.68 4.46 -4.97
C SER A 87 1.70 4.72 -6.09
N CYS A 88 2.79 3.92 -6.12
CA CYS A 88 3.80 3.95 -7.20
C CYS A 88 3.16 3.52 -8.54
N LEU A 89 2.32 2.49 -8.45
CA LEU A 89 1.54 1.97 -9.59
C LEU A 89 0.36 2.92 -9.92
N ARG A 90 -0.13 3.63 -8.88
CA ARG A 90 -1.26 4.60 -8.93
C ARG A 90 -2.58 3.92 -9.39
N LYS A 91 -2.63 2.57 -9.30
CA LYS A 91 -3.78 1.78 -9.77
C LYS A 91 -4.94 1.84 -8.78
N LYS A 92 -4.64 1.51 -7.50
CA LYS A 92 -5.65 1.47 -6.44
C LYS A 92 -4.98 1.86 -5.10
N PRO A 93 -4.76 3.18 -4.82
CA PRO A 93 -4.17 3.65 -3.55
C PRO A 93 -5.19 3.63 -2.38
N ARG A 94 -6.50 3.64 -2.71
CA ARG A 94 -7.58 3.58 -1.70
C ARG A 94 -7.92 2.12 -1.33
N LYS A 95 -7.81 1.83 -0.04
CA LYS A 95 -8.42 0.65 0.61
C LYS A 95 -9.89 1.03 0.97
N PRO A 96 -10.88 0.06 0.92
CA PRO A 96 -12.32 0.36 1.21
C PRO A 96 -12.53 1.04 2.59
N TYR A 97 -12.10 0.34 3.66
CA TYR A 97 -12.13 0.84 5.04
C TYR A 97 -11.13 0.02 5.89
N THR A 98 -10.67 0.63 7.00
CA THR A 98 -9.66 0.05 7.89
C THR A 98 -9.85 0.60 9.33
N ILE A 99 -8.92 0.28 10.26
CA ILE A 99 -9.00 0.71 11.66
C ILE A 99 -9.02 2.25 11.80
N LYS A 100 -10.12 2.75 12.34
CA LYS A 100 -10.26 4.15 12.77
C LYS A 100 -10.56 4.14 14.27
N LYS A 101 -11.54 3.30 14.64
CA LYS A 101 -11.92 3.01 16.02
C LYS A 101 -12.58 1.60 16.07
N PRO A 102 -11.87 0.55 16.59
CA PRO A 102 -12.41 -0.83 16.67
C PRO A 102 -13.21 -1.07 17.97
N VAL A 103 -13.33 -2.35 18.39
CA VAL A 103 -14.10 -2.75 19.58
C VAL A 103 -13.49 -2.16 20.87
N GLY A 104 -12.18 -2.38 21.06
CA GLY A 104 -11.50 -1.99 22.29
C GLY A 104 -10.12 -1.39 22.05
N LYS A 105 -9.22 -2.21 21.45
CA LYS A 105 -7.74 -1.96 21.37
C LYS A 105 -7.17 -1.45 22.72
N THR A 106 -7.76 -1.98 23.81
CA THR A 106 -7.42 -1.62 25.19
C THR A 106 -6.15 -2.35 25.62
N LYS A 107 -5.38 -1.73 26.55
CA LYS A 107 -4.11 -2.28 27.07
C LYS A 107 -4.23 -3.76 27.46
N GLU A 108 -5.28 -4.08 28.24
CA GLU A 108 -5.55 -5.44 28.74
C GLU A 108 -6.04 -6.37 27.60
N GLU A 109 -6.76 -5.82 26.61
CA GLU A 109 -7.32 -6.61 25.50
C GLU A 109 -6.17 -7.11 24.58
N LEU A 110 -5.40 -6.16 24.03
CA LEU A 110 -4.31 -6.46 23.08
C LEU A 110 -3.17 -7.27 23.74
N ALA A 111 -2.97 -7.09 25.06
CA ALA A 111 -1.91 -7.79 25.79
C ALA A 111 -2.33 -9.22 26.13
N LEU A 112 -3.49 -9.37 26.81
CA LEU A 112 -3.93 -10.67 27.39
C LEU A 112 -4.51 -11.63 26.34
N GLU A 113 -5.41 -11.13 25.48
CA GLU A 113 -6.23 -11.96 24.56
C GLU A 113 -5.38 -12.57 23.43
N LYS A 114 -4.42 -11.78 22.91
CA LYS A 114 -3.49 -12.25 21.88
C LYS A 114 -2.32 -13.05 22.51
N LYS A 115 -2.12 -12.89 23.84
CA LYS A 115 -1.11 -13.67 24.62
C LYS A 115 -1.58 -15.13 24.81
N ARG A 116 -2.91 -15.34 24.78
CA ARG A 116 -3.52 -16.70 24.83
C ARG A 116 -2.97 -17.58 23.68
N GLU A 117 -2.85 -16.95 22.51
CA GLU A 117 -2.31 -17.59 21.29
C GLU A 117 -0.78 -17.72 21.40
N LEU A 118 -0.16 -16.65 21.92
CA LEU A 118 1.31 -16.49 22.03
C LEU A 118 1.95 -17.63 22.85
N GLU A 119 1.44 -17.84 24.07
CA GLU A 119 1.95 -18.85 25.00
C GLU A 119 1.55 -20.27 24.57
N LYS A 120 0.42 -20.37 23.86
CA LYS A 120 -0.08 -21.64 23.31
C LYS A 120 0.93 -22.22 22.30
N ARG A 121 1.32 -21.39 21.30
CA ARG A 121 2.27 -21.78 20.23
C ARG A 121 3.72 -21.89 20.77
N LEU A 122 3.97 -21.24 21.93
CA LEU A 122 5.27 -21.30 22.61
C LEU A 122 5.46 -22.69 23.26
N GLN A 123 4.41 -23.16 23.97
CA GLN A 123 4.44 -24.45 24.71
C GLN A 123 4.23 -25.66 23.78
N ASP A 124 3.45 -25.45 22.70
CA ASP A 124 3.06 -26.52 21.73
C ASP A 124 4.28 -27.22 21.10
N VAL A 125 5.42 -26.52 21.06
CA VAL A 125 6.67 -27.00 20.43
C VAL A 125 7.23 -28.26 21.15
N SER A 126 7.02 -28.34 22.48
CA SER A 126 7.60 -29.41 23.34
C SER A 126 6.62 -29.86 24.44
N GLY A 127 5.34 -29.42 24.33
CA GLY A 127 4.29 -29.74 25.31
C GLY A 127 4.59 -29.16 26.70
N GLN A 128 5.34 -29.94 27.50
CA GLN A 128 5.82 -29.52 28.82
C GLN A 128 6.96 -28.47 28.68
N LEU A 129 7.93 -28.80 27.79
CA LEU A 129 9.19 -28.05 27.61
C LEU A 129 10.04 -28.11 28.90
N ASN A 130 11.03 -29.02 28.91
CA ASN A 130 12.00 -29.16 30.00
C ASN A 130 13.40 -29.34 29.41
N SER A 131 14.38 -28.62 29.99
CA SER A 131 15.81 -28.62 29.57
C SER A 131 16.00 -28.02 28.16
N THR A 132 17.26 -27.91 27.71
CA THR A 132 17.62 -27.37 26.39
C THR A 132 18.12 -28.51 25.45
N SER A 1 -2.87 39.56 1.36
CA SER A 1 -2.97 40.36 2.61
C SER A 1 -2.51 39.56 3.82
N MET A 2 -2.99 38.30 3.93
CA MET A 2 -2.66 37.38 5.04
C MET A 2 -1.14 37.12 5.07
N LYS A 3 -0.63 36.48 3.98
CA LYS A 3 0.80 36.15 3.77
C LYS A 3 1.35 35.34 4.96
N THR A 4 1.22 34.02 4.88
CA THR A 4 1.64 33.10 5.95
C THR A 4 2.22 31.81 5.37
N ALA A 5 3.04 31.14 6.19
CA ALA A 5 3.56 29.80 5.90
C ALA A 5 2.63 28.73 6.53
N PRO A 6 2.52 27.49 5.92
CA PRO A 6 1.66 26.41 6.47
C PRO A 6 2.09 25.96 7.89
N PRO A 7 1.13 25.45 8.74
CA PRO A 7 1.46 24.91 10.10
C PRO A 7 2.51 23.77 10.05
N ALA A 8 3.30 23.67 11.13
CA ALA A 8 4.35 22.62 11.29
C ALA A 8 3.74 21.21 11.34
N LEU A 9 4.63 20.17 11.31
CA LEU A 9 4.26 18.74 11.19
C LEU A 9 3.17 18.32 12.21
N PRO A 10 1.88 18.09 11.76
CA PRO A 10 0.76 17.76 12.66
C PRO A 10 0.75 16.26 13.05
N THR A 11 1.51 15.96 14.11
CA THR A 11 1.66 14.59 14.62
C THR A 11 0.46 14.21 15.52
N GLY A 12 -0.62 13.74 14.86
CA GLY A 12 -1.84 13.32 15.54
C GLY A 12 -1.74 11.91 16.10
N TYR A 13 -1.51 11.80 17.41
CA TYR A 13 -1.45 10.50 18.10
C TYR A 13 -2.85 9.90 18.22
N ASP A 14 -3.09 8.77 17.53
CA ASP A 14 -4.40 8.10 17.50
C ASP A 14 -4.19 6.60 17.21
N SER A 15 -5.24 5.77 17.47
CA SER A 15 -5.11 4.29 17.44
C SER A 15 -6.34 3.59 16.82
N GLU A 16 -7.14 4.30 16.01
CA GLU A 16 -8.32 3.70 15.34
C GLU A 16 -7.90 2.84 14.12
N GLU A 17 -6.97 3.39 13.32
CA GLU A 17 -6.59 2.80 12.02
C GLU A 17 -5.70 1.56 12.19
N GLU A 18 -4.85 1.55 13.24
CA GLU A 18 -3.89 0.44 13.52
C GLU A 18 -4.63 -0.84 13.97
N GLU A 19 -5.81 -0.65 14.58
CA GLU A 19 -6.71 -1.75 14.94
C GLU A 19 -7.38 -2.32 13.67
N GLU A 20 -7.76 -1.39 12.76
CA GLU A 20 -8.35 -1.74 11.45
C GLU A 20 -7.29 -2.29 10.48
N SER A 21 -5.99 -2.08 10.79
CA SER A 21 -4.89 -2.65 10.01
C SER A 21 -4.77 -4.14 10.33
N ARG A 22 -5.62 -4.92 9.64
CA ARG A 22 -5.57 -6.38 9.66
C ARG A 22 -4.38 -6.84 8.79
N PRO A 23 -3.71 -7.98 9.13
CA PRO A 23 -2.65 -8.53 8.25
C PRO A 23 -3.27 -9.20 7.01
N MET A 24 -3.31 -8.44 5.89
CA MET A 24 -3.61 -8.98 4.54
C MET A 24 -2.61 -10.12 4.25
N SER A 25 -3.13 -11.26 3.78
CA SER A 25 -2.37 -12.52 3.74
C SER A 25 -1.03 -12.39 2.97
N TYR A 26 0.07 -12.83 3.63
CA TYR A 26 1.44 -12.57 3.15
C TYR A 26 1.71 -13.25 1.80
N ASP A 27 1.07 -14.40 1.57
CA ASP A 27 1.21 -15.21 0.35
C ASP A 27 0.72 -14.44 -0.90
N GLU A 28 -0.40 -13.70 -0.74
CA GLU A 28 -0.94 -12.82 -1.79
C GLU A 28 0.01 -11.64 -2.00
N LYS A 29 0.61 -11.15 -0.90
CA LYS A 29 1.65 -10.08 -0.93
C LYS A 29 2.95 -10.57 -1.58
N ARG A 30 3.20 -11.90 -1.57
CA ARG A 30 4.38 -12.50 -2.22
C ARG A 30 4.25 -12.36 -3.74
N GLN A 31 3.03 -12.65 -4.25
CA GLN A 31 2.69 -12.43 -5.67
C GLN A 31 2.71 -10.92 -6.01
N LEU A 32 2.18 -10.11 -5.07
CA LEU A 32 2.11 -8.63 -5.14
C LEU A 32 3.52 -8.00 -5.06
N SER A 33 4.50 -8.75 -4.50
CA SER A 33 5.90 -8.30 -4.37
C SER A 33 6.60 -8.24 -5.74
N LEU A 34 6.11 -9.06 -6.71
CA LEU A 34 6.57 -9.00 -8.12
C LEU A 34 6.20 -7.64 -8.75
N ASP A 35 5.07 -7.06 -8.28
CA ASP A 35 4.59 -5.74 -8.74
C ASP A 35 5.41 -4.62 -8.09
N ILE A 36 5.80 -4.83 -6.83
CA ILE A 36 6.70 -3.91 -6.10
C ILE A 36 8.10 -3.91 -6.76
N ASN A 37 8.49 -5.08 -7.30
CA ASN A 37 9.79 -5.31 -7.95
C ASN A 37 9.90 -4.56 -9.31
N LYS A 38 8.73 -4.07 -9.83
CA LYS A 38 8.66 -3.36 -11.13
C LYS A 38 9.24 -1.94 -11.03
N LEU A 39 9.30 -1.40 -9.79
CA LEU A 39 9.92 -0.09 -9.52
C LEU A 39 11.42 -0.16 -9.85
N PRO A 40 11.95 0.75 -10.75
CA PRO A 40 13.38 0.71 -11.21
C PRO A 40 14.36 0.89 -10.03
N GLY A 41 15.62 0.46 -10.20
CA GLY A 41 16.60 0.26 -9.11
C GLY A 41 16.66 1.31 -7.99
N GLU A 42 16.71 2.61 -8.36
CA GLU A 42 16.80 3.73 -7.36
C GLU A 42 15.47 3.92 -6.62
N LYS A 43 14.35 3.57 -7.30
CA LYS A 43 13.00 3.59 -6.69
C LYS A 43 12.77 2.31 -5.88
N LEU A 44 13.39 1.19 -6.34
CA LEU A 44 13.26 -0.12 -5.70
C LEU A 44 13.88 -0.08 -4.31
N GLY A 45 15.11 0.45 -4.26
CA GLY A 45 15.86 0.59 -3.03
C GLY A 45 15.25 1.60 -2.07
N ARG A 46 14.41 2.51 -2.61
CA ARG A 46 13.67 3.51 -1.81
C ARG A 46 12.42 2.87 -1.16
N VAL A 47 11.72 2.03 -1.94
CA VAL A 47 10.55 1.26 -1.46
C VAL A 47 11.00 0.22 -0.42
N VAL A 48 12.22 -0.32 -0.62
CA VAL A 48 12.85 -1.27 0.30
C VAL A 48 13.41 -0.53 1.53
N HIS A 49 13.87 0.72 1.35
CA HIS A 49 14.52 1.51 2.41
C HIS A 49 13.59 1.73 3.61
N ILE A 50 12.32 2.08 3.33
CA ILE A 50 11.30 2.33 4.36
C ILE A 50 11.01 1.04 5.17
N ILE A 51 11.11 -0.11 4.49
CA ILE A 51 10.86 -1.45 5.09
C ILE A 51 11.95 -1.76 6.13
N GLN A 52 13.23 -1.62 5.71
CA GLN A 52 14.40 -1.97 6.53
C GLN A 52 14.78 -0.85 7.54
N ALA A 53 14.22 0.37 7.35
CA ALA A 53 14.42 1.50 8.28
C ALA A 53 13.52 1.34 9.52
N ARG A 54 12.40 0.63 9.35
CA ARG A 54 11.48 0.28 10.44
C ARG A 54 11.92 -1.05 11.09
N GLU A 55 12.06 -2.08 10.25
CA GLU A 55 12.40 -3.45 10.68
C GLU A 55 13.95 -3.63 10.60
N PRO A 56 14.66 -3.66 11.79
CA PRO A 56 16.15 -3.62 11.85
C PRO A 56 16.83 -4.91 11.35
N SER A 57 16.03 -5.99 11.22
CA SER A 57 16.49 -7.30 10.73
C SER A 57 16.94 -7.21 9.26
N LEU A 58 16.25 -6.35 8.49
CA LEU A 58 16.50 -6.17 7.06
C LEU A 58 17.49 -5.01 6.78
N ARG A 59 17.86 -4.27 7.84
CA ARG A 59 18.67 -3.02 7.72
C ARG A 59 20.07 -3.29 7.14
N ASP A 60 20.68 -4.39 7.60
CA ASP A 60 22.03 -4.83 7.19
C ASP A 60 22.02 -5.44 5.75
N SER A 61 20.83 -5.83 5.27
CA SER A 61 20.64 -6.44 3.95
C SER A 61 20.44 -5.33 2.88
N ASN A 62 21.41 -5.27 1.94
CA ASN A 62 21.37 -4.31 0.81
C ASN A 62 20.17 -4.60 -0.12
N PRO A 63 19.49 -3.54 -0.69
CA PRO A 63 18.31 -3.71 -1.59
C PRO A 63 18.60 -4.51 -2.89
N GLU A 64 19.89 -4.72 -3.18
CA GLU A 64 20.35 -5.47 -4.37
C GLU A 64 20.21 -7.00 -4.16
N GLU A 65 20.28 -7.42 -2.89
CA GLU A 65 20.30 -8.86 -2.51
C GLU A 65 19.11 -9.22 -1.60
N ILE A 66 18.37 -8.20 -1.12
CA ILE A 66 17.29 -8.37 -0.13
C ILE A 66 16.04 -9.00 -0.77
N GLU A 67 15.15 -9.51 0.08
CA GLU A 67 13.80 -9.91 -0.28
C GLU A 67 12.85 -9.29 0.75
N ILE A 68 11.63 -8.94 0.31
CA ILE A 68 10.62 -8.34 1.20
C ILE A 68 9.92 -9.47 1.98
N ASP A 69 10.40 -9.71 3.21
CA ASP A 69 9.91 -10.77 4.09
C ASP A 69 8.62 -10.31 4.81
N PHE A 70 7.46 -10.46 4.14
CA PHE A 70 6.13 -10.05 4.68
C PHE A 70 5.73 -10.83 5.95
N GLU A 71 6.40 -11.96 6.14
CA GLU A 71 6.15 -12.92 7.23
C GLU A 71 6.64 -12.33 8.58
N THR A 72 7.64 -11.43 8.52
CA THR A 72 8.17 -10.75 9.71
C THR A 72 7.63 -9.30 9.80
N LEU A 73 7.16 -8.74 8.67
CA LEU A 73 6.62 -7.35 8.63
C LEU A 73 5.29 -7.27 9.38
N LYS A 74 4.97 -6.06 9.88
CA LYS A 74 3.78 -5.80 10.69
C LYS A 74 2.54 -5.56 9.79
N PRO A 75 1.27 -5.82 10.28
CA PRO A 75 0.03 -5.53 9.50
C PRO A 75 -0.06 -4.05 9.01
N SER A 76 0.48 -3.15 9.85
CA SER A 76 0.61 -1.71 9.53
C SER A 76 1.62 -1.48 8.40
N THR A 77 2.74 -2.25 8.42
CA THR A 77 3.81 -2.15 7.42
C THR A 77 3.33 -2.63 6.04
N LEU A 78 2.52 -3.71 6.00
CA LEU A 78 1.89 -4.22 4.75
C LEU A 78 0.91 -3.19 4.19
N ARG A 79 0.04 -2.66 5.09
CA ARG A 79 -1.02 -1.70 4.72
C ARG A 79 -0.44 -0.40 4.12
N GLU A 80 0.66 0.05 4.73
CA GLU A 80 1.40 1.25 4.28
C GLU A 80 2.06 0.96 2.93
N LEU A 81 2.79 -0.18 2.86
CA LEU A 81 3.63 -0.56 1.70
C LEU A 81 2.82 -0.69 0.42
N GLU A 82 1.66 -1.34 0.52
CA GLU A 82 0.76 -1.57 -0.63
C GLU A 82 0.23 -0.25 -1.20
N ARG A 83 -0.07 0.72 -0.32
CA ARG A 83 -0.53 2.07 -0.73
C ARG A 83 0.65 2.90 -1.29
N TYR A 84 1.85 2.66 -0.73
CA TYR A 84 3.09 3.36 -1.12
C TYR A 84 3.50 2.97 -2.55
N VAL A 85 3.31 1.68 -2.85
CA VAL A 85 3.56 1.13 -4.19
C VAL A 85 2.45 1.54 -5.15
N LEU A 86 1.18 1.54 -4.66
CA LEU A 86 -0.02 1.89 -5.46
C LEU A 86 0.05 3.34 -5.99
N SER A 87 0.59 4.26 -5.16
CA SER A 87 0.77 5.67 -5.55
C SER A 87 1.86 5.82 -6.62
N CYS A 88 2.89 4.93 -6.56
CA CYS A 88 3.97 4.86 -7.59
C CYS A 88 3.52 4.06 -8.83
N LEU A 89 2.50 3.20 -8.65
CA LEU A 89 1.99 2.28 -9.68
C LEU A 89 0.95 2.98 -10.57
N ARG A 90 0.12 3.85 -9.94
CA ARG A 90 -1.08 4.48 -10.56
C ARG A 90 -2.16 3.43 -10.88
N LYS A 91 -3.32 3.90 -11.39
CA LYS A 91 -4.47 3.05 -11.82
C LYS A 91 -5.07 2.28 -10.62
N LYS A 92 -6.28 2.67 -10.18
CA LYS A 92 -7.01 1.91 -9.16
C LYS A 92 -7.90 0.84 -9.87
N PRO A 93 -7.61 -0.49 -9.67
CA PRO A 93 -8.48 -1.58 -10.16
C PRO A 93 -9.51 -2.00 -9.09
N ARG A 94 -9.76 -1.07 -8.12
CA ARG A 94 -10.65 -1.29 -6.99
C ARG A 94 -12.10 -1.44 -7.46
N LYS A 95 -12.56 -2.68 -7.50
CA LYS A 95 -13.95 -3.04 -7.84
C LYS A 95 -14.87 -2.67 -6.66
N PRO A 96 -16.18 -2.31 -6.91
CA PRO A 96 -17.14 -1.99 -5.82
C PRO A 96 -17.42 -3.23 -4.95
N TYR A 97 -17.62 -3.02 -3.64
CA TYR A 97 -17.90 -4.10 -2.68
C TYR A 97 -19.38 -4.54 -2.78
N THR A 98 -19.69 -5.68 -2.15
CA THR A 98 -21.04 -6.20 -2.03
C THR A 98 -21.21 -6.81 -0.62
N ILE A 99 -22.44 -6.74 -0.08
CA ILE A 99 -22.75 -7.32 1.24
C ILE A 99 -22.74 -8.86 1.13
N LYS A 100 -22.28 -9.54 2.21
CA LYS A 100 -22.09 -11.00 2.22
C LYS A 100 -23.46 -11.72 2.11
N LYS A 101 -24.36 -11.43 3.08
CA LYS A 101 -25.76 -11.92 3.05
C LYS A 101 -26.63 -11.02 3.97
N PRO A 102 -27.66 -10.29 3.39
CA PRO A 102 -28.58 -9.46 4.18
C PRO A 102 -29.62 -10.33 4.93
N VAL A 103 -29.25 -10.80 6.12
CA VAL A 103 -30.13 -11.60 6.99
C VAL A 103 -30.80 -10.68 8.05
N GLY A 104 -32.13 -10.80 8.18
CA GLY A 104 -32.93 -9.91 9.04
C GLY A 104 -33.02 -8.49 8.49
N LYS A 105 -32.89 -8.37 7.15
CA LYS A 105 -32.84 -7.09 6.43
C LYS A 105 -33.81 -7.14 5.23
N THR A 106 -35.13 -7.21 5.52
CA THR A 106 -36.17 -7.29 4.47
C THR A 106 -36.95 -5.98 4.39
N LYS A 107 -37.43 -5.66 3.17
CA LYS A 107 -38.19 -4.42 2.86
C LYS A 107 -39.47 -4.32 3.70
N GLU A 108 -40.14 -5.47 3.82
CA GLU A 108 -41.44 -5.62 4.50
C GLU A 108 -41.29 -5.37 6.00
N GLU A 109 -40.14 -5.78 6.56
CA GLU A 109 -39.80 -5.58 7.97
C GLU A 109 -39.54 -4.09 8.25
N LEU A 110 -38.74 -3.46 7.38
CA LEU A 110 -38.36 -2.03 7.51
C LEU A 110 -39.60 -1.13 7.38
N ALA A 111 -40.50 -1.50 6.44
CA ALA A 111 -41.77 -0.80 6.20
C ALA A 111 -42.77 -1.05 7.35
N LEU A 112 -42.65 -2.23 8.01
CA LEU A 112 -43.45 -2.59 9.20
C LEU A 112 -43.01 -1.76 10.42
N GLU A 113 -41.72 -1.41 10.47
CA GLU A 113 -41.16 -0.57 11.53
C GLU A 113 -41.61 0.90 11.36
N LYS A 114 -41.69 1.35 10.09
CA LYS A 114 -42.25 2.67 9.73
C LYS A 114 -43.76 2.71 10.01
N LYS A 115 -44.42 1.56 9.76
CA LYS A 115 -45.85 1.34 10.01
C LYS A 115 -46.16 1.42 11.50
N ARG A 116 -45.21 0.89 12.32
CA ARG A 116 -45.32 0.91 13.79
C ARG A 116 -45.30 2.34 14.32
N GLU A 117 -44.40 3.16 13.74
CA GLU A 117 -44.28 4.58 14.07
C GLU A 117 -45.50 5.39 13.60
N LEU A 118 -46.08 4.96 12.44
CA LEU A 118 -47.28 5.59 11.86
C LEU A 118 -48.49 5.36 12.77
N GLU A 119 -48.81 4.09 13.06
CA GLU A 119 -49.96 3.71 13.88
C GLU A 119 -49.82 4.23 15.32
N LYS A 120 -48.56 4.33 15.80
CA LYS A 120 -48.23 4.88 17.12
C LYS A 120 -48.65 6.36 17.21
N ARG A 121 -48.24 7.15 16.20
CA ARG A 121 -48.55 8.59 16.15
C ARG A 121 -50.03 8.83 15.81
N LEU A 122 -50.69 7.85 15.14
CA LEU A 122 -52.14 7.91 14.87
C LEU A 122 -52.95 7.89 16.19
N GLN A 123 -52.40 7.19 17.20
CA GLN A 123 -53.00 7.11 18.55
C GLN A 123 -52.55 8.32 19.40
N ASP A 124 -51.24 8.62 19.32
CA ASP A 124 -50.57 9.63 20.17
C ASP A 124 -51.08 11.04 19.84
N VAL A 125 -50.95 11.41 18.56
CA VAL A 125 -51.50 12.68 18.02
C VAL A 125 -53.04 12.65 18.05
N SER A 126 -53.60 11.44 17.81
CA SER A 126 -55.04 11.12 17.90
C SER A 126 -55.85 11.83 16.78
N GLY A 127 -57.17 11.60 16.78
CA GLY A 127 -58.10 12.27 15.88
C GLY A 127 -59.53 12.22 16.38
N GLN A 128 -59.67 12.05 17.72
CA GLN A 128 -60.99 11.92 18.39
C GLN A 128 -61.65 13.31 18.53
N LEU A 129 -62.42 13.70 17.50
CA LEU A 129 -63.14 14.99 17.41
C LEU A 129 -62.15 16.19 17.55
N ASN A 130 -61.45 16.50 16.45
CA ASN A 130 -60.47 17.59 16.39
C ASN A 130 -60.91 18.64 15.34
N SER A 131 -61.34 19.82 15.81
CA SER A 131 -61.74 20.97 14.97
C SER A 131 -61.61 22.27 15.78
N THR A 132 -61.46 23.40 15.05
CA THR A 132 -61.41 24.75 15.63
C THR A 132 -62.54 25.59 14.98
N SER A 1 -43.43 10.40 36.32
CA SER A 1 -42.82 9.71 35.17
C SER A 1 -42.09 10.73 34.28
N MET A 2 -40.77 10.89 34.51
CA MET A 2 -39.90 11.83 33.75
C MET A 2 -38.82 11.02 33.00
N LYS A 3 -39.20 10.45 31.85
CA LYS A 3 -38.31 9.61 31.03
C LYS A 3 -37.70 10.42 29.88
N THR A 4 -36.49 10.01 29.47
CA THR A 4 -35.79 10.56 28.30
C THR A 4 -34.69 9.57 27.85
N ALA A 5 -34.92 8.93 26.70
CA ALA A 5 -34.01 7.92 26.13
C ALA A 5 -32.85 8.60 25.37
N PRO A 6 -31.67 7.90 25.21
CA PRO A 6 -30.56 8.41 24.34
C PRO A 6 -30.96 8.34 22.84
N PRO A 7 -30.32 9.16 21.95
CA PRO A 7 -30.62 9.13 20.48
C PRO A 7 -30.11 7.83 19.81
N ALA A 8 -30.51 7.62 18.54
CA ALA A 8 -30.07 6.46 17.75
C ALA A 8 -28.58 6.59 17.43
N LEU A 9 -27.78 5.78 18.16
CA LEU A 9 -26.31 5.78 18.08
C LEU A 9 -25.71 7.14 18.54
N PRO A 10 -25.52 7.34 19.89
CA PRO A 10 -24.81 8.54 20.42
C PRO A 10 -23.27 8.38 20.26
N THR A 11 -22.50 9.34 20.83
CA THR A 11 -21.02 9.27 20.82
C THR A 11 -20.54 8.08 21.68
N GLY A 12 -20.18 6.98 20.99
CA GLY A 12 -19.72 5.77 21.65
C GLY A 12 -19.83 4.57 20.72
N TYR A 13 -18.90 4.51 19.75
CA TYR A 13 -18.81 3.42 18.76
C TYR A 13 -17.56 2.57 19.03
N ASP A 14 -17.47 1.39 18.37
CA ASP A 14 -16.27 0.52 18.48
C ASP A 14 -15.17 1.07 17.56
N SER A 15 -13.91 0.88 17.99
CA SER A 15 -12.73 1.24 17.23
C SER A 15 -11.63 0.22 17.59
N GLU A 16 -11.53 -0.85 16.79
CA GLU A 16 -10.63 -1.98 17.09
C GLU A 16 -9.56 -2.09 16.00
N GLU A 17 -9.94 -2.65 14.84
CA GLU A 17 -9.00 -3.05 13.76
C GLU A 17 -8.42 -1.86 12.99
N GLU A 18 -9.23 -0.79 12.85
CA GLU A 18 -8.92 0.37 11.99
C GLU A 18 -7.65 1.14 12.44
N GLU A 19 -7.38 1.13 13.76
CA GLU A 19 -6.18 1.76 14.36
C GLU A 19 -5.10 0.69 14.51
N GLU A 20 -5.53 -0.47 15.08
CA GLU A 20 -4.65 -1.61 15.42
C GLU A 20 -3.78 -2.05 14.23
N SER A 21 -4.36 -1.93 13.02
CA SER A 21 -3.77 -2.44 11.76
C SER A 21 -3.43 -3.94 11.90
N ARG A 22 -4.46 -4.77 11.69
CA ARG A 22 -4.36 -6.23 11.84
C ARG A 22 -3.68 -6.87 10.60
N PRO A 23 -2.94 -8.03 10.77
CA PRO A 23 -2.25 -8.75 9.65
C PRO A 23 -3.18 -9.10 8.48
N MET A 24 -2.57 -9.48 7.36
CA MET A 24 -3.26 -9.75 6.08
C MET A 24 -2.87 -11.13 5.57
N SER A 25 -3.49 -11.55 4.45
CA SER A 25 -3.05 -12.72 3.72
C SER A 25 -1.73 -12.38 3.01
N TYR A 26 -0.74 -13.27 3.17
CA TYR A 26 0.62 -13.06 2.67
C TYR A 26 0.66 -13.17 1.15
N ASP A 27 -0.29 -13.95 0.60
CA ASP A 27 -0.54 -14.08 -0.85
C ASP A 27 -0.72 -12.71 -1.54
N GLU A 28 -1.37 -11.77 -0.83
CA GLU A 28 -1.67 -10.43 -1.37
C GLU A 28 -0.36 -9.64 -1.62
N LYS A 29 0.44 -9.47 -0.55
CA LYS A 29 1.67 -8.67 -0.57
C LYS A 29 2.82 -9.39 -1.33
N ARG A 30 2.76 -10.72 -1.35
CA ARG A 30 3.76 -11.57 -2.06
C ARG A 30 3.50 -11.52 -3.58
N GLN A 31 2.23 -11.31 -3.94
CA GLN A 31 1.82 -10.99 -5.34
C GLN A 31 2.36 -9.59 -5.73
N LEU A 32 2.36 -8.67 -4.74
CA LEU A 32 2.87 -7.29 -4.93
C LEU A 32 4.39 -7.27 -5.07
N SER A 33 5.09 -8.29 -4.52
CA SER A 33 6.57 -8.40 -4.62
C SER A 33 7.02 -8.43 -6.10
N LEU A 34 6.28 -9.22 -6.90
CA LEU A 34 6.46 -9.32 -8.36
C LEU A 34 6.19 -7.96 -9.04
N ASP A 35 5.20 -7.25 -8.47
CA ASP A 35 4.74 -5.94 -8.97
C ASP A 35 5.79 -4.84 -8.68
N ILE A 36 6.52 -4.98 -7.56
CA ILE A 36 7.60 -4.05 -7.16
C ILE A 36 8.82 -4.20 -8.09
N ASN A 37 9.01 -5.44 -8.61
CA ASN A 37 10.08 -5.76 -9.56
C ASN A 37 9.91 -5.02 -10.92
N LYS A 38 8.73 -4.38 -11.13
CA LYS A 38 8.43 -3.57 -12.35
C LYS A 38 8.91 -2.12 -12.20
N LEU A 39 9.37 -1.74 -11.00
CA LEU A 39 9.95 -0.42 -10.72
C LEU A 39 11.47 -0.44 -11.01
N PRO A 40 12.10 0.71 -11.45
CA PRO A 40 13.57 0.78 -11.64
C PRO A 40 14.35 0.67 -10.31
N GLY A 41 15.56 0.09 -10.38
CA GLY A 41 16.41 -0.22 -9.22
C GLY A 41 16.72 0.98 -8.34
N GLU A 42 16.85 2.17 -8.98
CA GLU A 42 17.08 3.46 -8.29
C GLU A 42 15.98 3.75 -7.24
N LYS A 43 14.74 3.36 -7.56
CA LYS A 43 13.55 3.62 -6.73
C LYS A 43 13.30 2.47 -5.74
N LEU A 44 13.86 1.27 -6.04
CA LEU A 44 13.74 0.08 -5.14
C LEU A 44 14.31 0.38 -3.74
N GLY A 45 15.41 1.17 -3.69
CA GLY A 45 16.03 1.58 -2.43
C GLY A 45 15.18 2.55 -1.62
N ARG A 46 14.24 3.24 -2.30
CA ARG A 46 13.25 4.14 -1.64
C ARG A 46 12.05 3.31 -1.14
N VAL A 47 11.60 2.37 -1.99
CA VAL A 47 10.43 1.51 -1.71
C VAL A 47 10.68 0.62 -0.48
N VAL A 48 11.87 0.03 -0.43
CA VAL A 48 12.26 -0.87 0.67
C VAL A 48 12.62 -0.07 1.94
N HIS A 49 13.01 1.22 1.77
CA HIS A 49 13.52 2.07 2.89
C HIS A 49 12.47 2.29 4.00
N ILE A 50 11.17 2.27 3.61
CA ILE A 50 10.03 2.39 4.55
C ILE A 50 9.94 1.14 5.45
N ILE A 51 10.37 -0.02 4.90
CA ILE A 51 10.45 -1.30 5.64
C ILE A 51 11.68 -1.30 6.58
N GLN A 52 12.81 -0.77 6.04
CA GLN A 52 14.11 -0.71 6.74
C GLN A 52 14.04 0.24 7.94
N ALA A 53 13.14 1.25 7.80
CA ALA A 53 12.85 2.25 8.83
C ALA A 53 12.36 1.61 10.14
N ARG A 54 11.62 0.50 10.00
CA ARG A 54 11.06 -0.24 11.14
C ARG A 54 12.00 -1.38 11.54
N GLU A 55 12.18 -2.36 10.64
CA GLU A 55 12.89 -3.62 10.93
C GLU A 55 14.42 -3.46 10.74
N PRO A 56 15.22 -3.45 11.87
CA PRO A 56 16.68 -3.24 11.82
C PRO A 56 17.46 -4.51 11.35
N SER A 57 16.74 -5.64 11.29
CA SER A 57 17.27 -6.92 10.83
C SER A 57 17.57 -6.87 9.31
N LEU A 58 16.71 -6.17 8.56
CA LEU A 58 16.77 -6.13 7.08
C LEU A 58 17.71 -5.04 6.56
N ARG A 59 17.72 -3.86 7.23
CA ARG A 59 18.46 -2.64 6.78
C ARG A 59 19.98 -2.86 6.64
N ASP A 60 20.49 -3.90 7.32
CA ASP A 60 21.92 -4.27 7.30
C ASP A 60 22.34 -4.79 5.91
N SER A 61 21.39 -5.41 5.18
CA SER A 61 21.60 -5.90 3.80
C SER A 61 21.29 -4.78 2.78
N ASN A 62 21.79 -4.97 1.54
CA ASN A 62 21.55 -4.04 0.41
C ASN A 62 20.20 -4.38 -0.27
N PRO A 63 19.58 -3.39 -1.04
CA PRO A 63 18.32 -3.64 -1.80
C PRO A 63 18.49 -4.72 -2.91
N GLU A 64 19.76 -5.00 -3.26
CA GLU A 64 20.13 -5.98 -4.29
C GLU A 64 20.09 -7.42 -3.74
N GLU A 65 20.10 -7.57 -2.40
CA GLU A 65 20.08 -8.88 -1.71
C GLU A 65 18.85 -8.98 -0.76
N ILE A 66 18.10 -7.86 -0.64
CA ILE A 66 17.06 -7.69 0.40
C ILE A 66 15.96 -8.77 0.36
N GLU A 67 15.50 -9.16 1.55
CA GLU A 67 14.36 -10.08 1.72
C GLU A 67 13.15 -9.30 2.24
N ILE A 68 11.98 -9.62 1.70
CA ILE A 68 10.69 -9.10 2.16
C ILE A 68 9.72 -10.28 2.36
N ASP A 69 9.77 -10.86 3.58
CA ASP A 69 8.93 -12.00 3.97
C ASP A 69 7.83 -11.49 4.89
N PHE A 70 6.60 -11.42 4.36
CA PHE A 70 5.47 -10.75 5.02
C PHE A 70 4.92 -11.54 6.22
N GLU A 71 5.44 -12.78 6.41
CA GLU A 71 5.15 -13.61 7.57
C GLU A 71 5.90 -13.11 8.83
N THR A 72 7.17 -12.66 8.62
CA THR A 72 7.99 -12.09 9.71
C THR A 72 7.78 -10.57 9.80
N LEU A 73 7.42 -9.93 8.67
CA LEU A 73 7.13 -8.49 8.61
C LEU A 73 5.81 -8.18 9.32
N LYS A 74 5.78 -7.03 10.00
CA LYS A 74 4.64 -6.58 10.80
C LYS A 74 3.55 -5.98 9.91
N PRO A 75 2.22 -6.10 10.29
CA PRO A 75 1.08 -5.57 9.49
C PRO A 75 1.20 -4.07 9.11
N SER A 76 1.95 -3.31 9.93
CA SER A 76 2.30 -1.90 9.65
C SER A 76 3.10 -1.80 8.34
N THR A 77 4.12 -2.67 8.22
CA THR A 77 4.98 -2.77 7.03
C THR A 77 4.15 -3.18 5.79
N LEU A 78 3.24 -4.17 5.96
CA LEU A 78 2.35 -4.66 4.88
C LEU A 78 1.41 -3.54 4.38
N ARG A 79 0.91 -2.73 5.33
CA ARG A 79 -0.10 -1.68 5.08
C ARG A 79 0.52 -0.50 4.31
N GLU A 80 1.74 -0.12 4.72
CA GLU A 80 2.49 0.96 4.09
C GLU A 80 2.99 0.54 2.70
N LEU A 81 3.46 -0.73 2.59
CA LEU A 81 4.04 -1.28 1.35
C LEU A 81 3.00 -1.23 0.22
N GLU A 82 1.82 -1.84 0.45
CA GLU A 82 0.77 -1.92 -0.58
C GLU A 82 0.29 -0.54 -1.02
N ARG A 83 0.19 0.39 -0.05
CA ARG A 83 -0.26 1.76 -0.30
C ARG A 83 0.77 2.52 -1.16
N TYR A 84 2.06 2.28 -0.86
CA TYR A 84 3.20 2.96 -1.51
C TYR A 84 3.36 2.46 -2.97
N VAL A 85 3.21 1.14 -3.15
CA VAL A 85 3.33 0.48 -4.47
C VAL A 85 2.17 0.88 -5.39
N LEU A 86 0.93 0.75 -4.87
CA LEU A 86 -0.31 1.14 -5.59
C LEU A 86 -0.29 2.63 -5.94
N SER A 87 0.32 3.47 -5.07
CA SER A 87 0.51 4.91 -5.34
C SER A 87 1.46 5.13 -6.54
N CYS A 88 2.51 4.30 -6.63
CA CYS A 88 3.47 4.30 -7.75
C CYS A 88 2.87 3.67 -9.03
N LEU A 89 1.75 2.94 -8.88
CA LEU A 89 0.98 2.39 -10.01
C LEU A 89 -0.01 3.42 -10.56
N ARG A 90 -0.47 4.36 -9.69
CA ARG A 90 -1.38 5.45 -10.09
C ARG A 90 -0.65 6.32 -11.14
N LYS A 91 -1.14 6.26 -12.38
CA LYS A 91 -0.56 6.96 -13.55
C LYS A 91 0.85 6.42 -13.83
N LYS A 92 0.93 5.29 -14.57
CA LYS A 92 2.22 4.64 -14.90
C LYS A 92 3.08 5.60 -15.77
N PRO A 93 4.25 6.07 -15.25
CA PRO A 93 5.08 7.08 -15.95
C PRO A 93 6.03 6.45 -16.98
N ARG A 94 5.58 6.39 -18.25
CA ARG A 94 6.45 5.97 -19.38
C ARG A 94 7.47 7.09 -19.67
N LYS A 95 8.65 6.70 -20.16
CA LYS A 95 9.83 7.58 -20.30
C LYS A 95 9.57 8.70 -21.35
N PRO A 96 9.46 10.00 -20.92
CA PRO A 96 9.24 11.12 -21.86
C PRO A 96 10.58 11.64 -22.44
N TYR A 97 10.51 12.73 -23.20
CA TYR A 97 11.69 13.40 -23.78
C TYR A 97 11.80 14.82 -23.25
N THR A 98 12.66 15.02 -22.23
CA THR A 98 12.88 16.32 -21.59
C THR A 98 13.62 17.26 -22.55
N ILE A 99 12.94 18.36 -22.94
CA ILE A 99 13.52 19.41 -23.80
C ILE A 99 14.50 20.29 -22.96
N LYS A 100 15.78 19.88 -22.93
CA LYS A 100 16.83 20.59 -22.21
C LYS A 100 17.37 21.74 -23.10
N LYS A 101 16.71 22.90 -23.00
CA LYS A 101 17.11 24.14 -23.69
C LYS A 101 17.12 25.30 -22.67
N PRO A 102 18.00 26.34 -22.86
CA PRO A 102 18.09 27.51 -21.97
C PRO A 102 16.72 28.21 -21.76
N VAL A 103 16.52 28.77 -20.53
CA VAL A 103 15.26 29.45 -20.15
C VAL A 103 15.11 30.73 -21.00
N GLY A 104 14.30 30.61 -22.05
CA GLY A 104 14.03 31.68 -23.01
C GLY A 104 13.74 31.08 -24.36
N LYS A 105 14.81 30.66 -25.07
CA LYS A 105 14.79 30.04 -26.44
C LYS A 105 13.85 30.76 -27.44
N THR A 106 13.71 32.09 -27.26
CA THR A 106 12.79 32.95 -28.02
C THR A 106 13.44 33.43 -29.34
N LYS A 107 12.58 33.97 -30.22
CA LYS A 107 13.01 34.72 -31.42
C LYS A 107 13.75 36.00 -31.00
N GLU A 108 13.26 36.60 -29.88
CA GLU A 108 13.82 37.82 -29.27
C GLU A 108 15.28 37.59 -28.79
N GLU A 109 15.60 36.35 -28.39
CA GLU A 109 16.96 35.96 -27.96
C GLU A 109 17.93 36.01 -29.15
N LEU A 110 17.50 35.37 -30.26
CA LEU A 110 18.26 35.40 -31.53
C LEU A 110 18.35 36.82 -32.09
N ALA A 111 17.29 37.62 -31.82
CA ALA A 111 17.21 39.04 -32.21
C ALA A 111 18.02 39.92 -31.26
N LEU A 112 18.30 39.42 -30.03
CA LEU A 112 19.11 40.14 -29.02
C LEU A 112 20.59 40.15 -29.44
N GLU A 113 20.98 39.11 -30.19
CA GLU A 113 22.29 39.07 -30.89
C GLU A 113 22.37 40.21 -31.93
N LYS A 114 21.27 40.39 -32.69
CA LYS A 114 21.15 41.46 -33.71
C LYS A 114 20.91 42.83 -33.05
N LYS A 115 20.40 42.81 -31.80
CA LYS A 115 20.15 44.01 -30.98
C LYS A 115 21.49 44.61 -30.52
N ARG A 116 22.46 43.71 -30.26
CA ARG A 116 23.87 44.05 -29.96
C ARG A 116 24.46 44.86 -31.13
N GLU A 117 24.18 44.38 -32.37
CA GLU A 117 24.62 45.06 -33.60
C GLU A 117 23.78 46.32 -33.87
N LEU A 118 22.51 46.30 -33.43
CA LEU A 118 21.53 47.37 -33.66
C LEU A 118 21.98 48.67 -32.96
N GLU A 119 22.48 48.53 -31.72
CA GLU A 119 23.00 49.65 -30.91
C GLU A 119 24.31 50.19 -31.52
N LYS A 120 25.08 49.28 -32.16
CA LYS A 120 26.37 49.61 -32.80
C LYS A 120 26.16 50.51 -34.03
N ARG A 121 25.28 50.07 -34.94
CA ARG A 121 24.95 50.82 -36.19
C ARG A 121 24.13 52.10 -35.88
N LEU A 122 23.43 52.09 -34.72
CA LEU A 122 22.74 53.28 -34.18
C LEU A 122 23.77 54.30 -33.63
N GLN A 123 24.89 53.77 -33.11
CA GLN A 123 26.03 54.59 -32.63
C GLN A 123 26.82 55.17 -33.84
N ASP A 124 26.84 54.40 -34.96
CA ASP A 124 27.53 54.82 -36.21
C ASP A 124 26.87 56.05 -36.87
N VAL A 125 25.59 56.30 -36.52
CA VAL A 125 24.83 57.46 -37.02
C VAL A 125 25.54 58.79 -36.68
N SER A 126 26.09 58.85 -35.44
CA SER A 126 26.82 60.02 -34.90
C SER A 126 25.89 61.24 -34.70
N GLY A 127 26.46 62.37 -34.28
CA GLY A 127 25.72 63.62 -34.12
C GLY A 127 26.04 64.61 -35.23
N GLN A 128 26.16 65.90 -34.87
CA GLN A 128 26.55 66.98 -35.79
C GLN A 128 26.94 68.23 -34.97
N LEU A 129 28.13 68.80 -35.24
CA LEU A 129 28.67 69.95 -34.48
C LEU A 129 27.96 71.25 -34.89
N ASN A 130 28.01 71.56 -36.21
CA ASN A 130 27.53 72.81 -36.83
C ASN A 130 28.43 74.01 -36.43
N SER A 131 28.90 74.77 -37.44
CA SER A 131 29.68 76.00 -37.24
C SER A 131 28.78 77.13 -36.69
N THR A 132 27.48 77.06 -37.04
CA THR A 132 26.47 78.04 -36.59
C THR A 132 25.91 77.61 -35.20
N SER A 1 -21.73 31.40 15.61
CA SER A 1 -21.14 30.65 16.73
C SER A 1 -21.94 30.90 18.02
N MET A 2 -23.10 30.22 18.14
CA MET A 2 -23.94 30.30 19.34
C MET A 2 -23.32 29.43 20.45
N LYS A 3 -23.43 28.10 20.26
CA LYS A 3 -22.88 27.09 21.19
C LYS A 3 -21.66 26.42 20.54
N THR A 4 -20.50 26.50 21.21
CA THR A 4 -19.33 25.67 20.91
C THR A 4 -19.31 24.50 21.90
N ALA A 5 -20.42 23.74 21.91
CA ALA A 5 -20.67 22.64 22.85
C ALA A 5 -19.95 21.35 22.39
N PRO A 6 -19.52 20.45 23.35
CA PRO A 6 -18.78 19.20 23.02
C PRO A 6 -19.59 18.26 22.10
N PRO A 7 -18.93 17.54 21.13
CA PRO A 7 -19.64 16.64 20.18
C PRO A 7 -20.26 15.39 20.86
N ALA A 8 -21.29 14.82 20.22
CA ALA A 8 -22.06 13.68 20.75
C ALA A 8 -21.21 12.39 20.76
N LEU A 9 -21.38 11.58 21.83
CA LEU A 9 -20.61 10.34 22.04
C LEU A 9 -20.85 9.31 20.89
N PRO A 10 -19.79 8.93 20.12
CA PRO A 10 -19.90 7.88 19.11
C PRO A 10 -19.70 6.47 19.73
N THR A 11 -20.80 5.72 19.86
CA THR A 11 -20.78 4.37 20.47
C THR A 11 -20.13 3.34 19.50
N GLY A 12 -18.85 3.05 19.78
CA GLY A 12 -18.06 2.12 18.96
C GLY A 12 -16.69 1.87 19.58
N TYR A 13 -16.08 0.72 19.24
CA TYR A 13 -14.76 0.30 19.78
C TYR A 13 -13.82 -0.07 18.61
N ASP A 14 -13.96 0.66 17.49
CA ASP A 14 -13.16 0.43 16.26
C ASP A 14 -11.69 0.89 16.45
N SER A 15 -10.94 0.07 17.16
CA SER A 15 -9.54 0.36 17.54
C SER A 15 -8.68 -0.92 17.45
N GLU A 16 -9.34 -2.09 17.32
CA GLU A 16 -8.68 -3.40 17.19
C GLU A 16 -7.83 -3.46 15.90
N GLU A 17 -8.36 -2.79 14.85
CA GLU A 17 -7.67 -2.64 13.55
C GLU A 17 -6.44 -1.72 13.68
N GLU A 18 -6.55 -0.77 14.64
CA GLU A 18 -5.52 0.24 14.89
C GLU A 18 -4.45 -0.27 15.89
N GLU A 19 -4.70 -1.45 16.50
CA GLU A 19 -3.70 -2.12 17.37
C GLU A 19 -2.53 -2.63 16.51
N GLU A 20 -2.83 -3.63 15.66
CA GLU A 20 -1.82 -4.32 14.81
C GLU A 20 -2.39 -4.56 13.40
N SER A 21 -3.68 -5.02 13.35
CA SER A 21 -4.40 -5.54 12.14
C SER A 21 -3.62 -6.68 11.44
N ARG A 22 -4.22 -7.89 11.38
CA ARG A 22 -3.60 -9.10 10.76
C ARG A 22 -3.11 -8.80 9.32
N PRO A 23 -1.87 -9.27 8.94
CA PRO A 23 -1.28 -9.02 7.60
C PRO A 23 -2.18 -9.54 6.46
N MET A 24 -2.21 -8.78 5.35
CA MET A 24 -2.91 -9.16 4.10
C MET A 24 -2.34 -10.48 3.53
N SER A 25 -3.07 -11.09 2.57
CA SER A 25 -2.82 -12.47 2.09
C SER A 25 -1.35 -12.69 1.65
N TYR A 26 -0.73 -13.79 2.13
CA TYR A 26 0.67 -14.14 1.82
C TYR A 26 0.87 -14.36 0.32
N ASP A 27 -0.14 -15.00 -0.31
CA ASP A 27 -0.15 -15.30 -1.77
C ASP A 27 -0.21 -13.99 -2.58
N GLU A 28 -1.06 -13.07 -2.11
CA GLU A 28 -1.20 -11.71 -2.68
C GLU A 28 0.14 -10.95 -2.60
N LYS A 29 0.84 -11.16 -1.47
CA LYS A 29 2.13 -10.52 -1.16
C LYS A 29 3.30 -11.14 -1.94
N ARG A 30 3.15 -12.41 -2.30
CA ARG A 30 4.12 -13.11 -3.16
C ARG A 30 3.97 -12.62 -4.61
N GLN A 31 2.72 -12.36 -5.04
CA GLN A 31 2.44 -11.73 -6.35
C GLN A 31 2.83 -10.23 -6.33
N LEU A 32 2.68 -9.59 -5.14
CA LEU A 32 3.03 -8.18 -4.91
C LEU A 32 4.55 -8.00 -5.00
N SER A 33 5.31 -9.04 -4.63
CA SER A 33 6.78 -9.06 -4.74
C SER A 33 7.23 -8.91 -6.22
N LEU A 34 6.42 -9.46 -7.15
CA LEU A 34 6.65 -9.28 -8.61
C LEU A 34 6.19 -7.88 -9.07
N ASP A 35 5.16 -7.33 -8.40
CA ASP A 35 4.66 -5.96 -8.68
C ASP A 35 5.67 -4.89 -8.21
N ILE A 36 6.46 -5.25 -7.20
CA ILE A 36 7.61 -4.43 -6.73
C ILE A 36 8.82 -4.66 -7.67
N ASN A 37 8.96 -5.90 -8.14
CA ASN A 37 10.05 -6.33 -9.06
C ASN A 37 9.91 -5.67 -10.46
N LYS A 38 8.69 -5.23 -10.83
CA LYS A 38 8.44 -4.59 -12.14
C LYS A 38 9.02 -3.16 -12.14
N LEU A 39 9.14 -2.58 -10.93
CA LEU A 39 9.68 -1.23 -10.72
C LEU A 39 11.22 -1.30 -10.85
N PRO A 40 11.89 -0.26 -11.43
CA PRO A 40 13.36 -0.20 -11.54
C PRO A 40 14.04 0.03 -10.17
N GLY A 41 15.36 -0.25 -10.11
CA GLY A 41 16.16 -0.22 -8.88
C GLY A 41 16.13 1.15 -8.18
N GLU A 42 16.02 2.23 -8.98
CA GLU A 42 15.92 3.62 -8.47
C GLU A 42 14.68 3.80 -7.55
N LYS A 43 13.60 3.04 -7.82
CA LYS A 43 12.37 3.07 -6.98
C LYS A 43 12.54 2.12 -5.79
N LEU A 44 13.21 0.98 -6.02
CA LEU A 44 13.42 -0.07 -4.98
C LEU A 44 14.23 0.48 -3.82
N GLY A 45 15.27 1.29 -4.13
CA GLY A 45 16.16 1.87 -3.14
C GLY A 45 15.48 2.86 -2.18
N ARG A 46 14.30 3.37 -2.59
CA ARG A 46 13.52 4.36 -1.83
C ARG A 46 12.39 3.68 -1.03
N VAL A 47 11.73 2.68 -1.68
CA VAL A 47 10.66 1.88 -1.04
C VAL A 47 11.24 1.06 0.13
N VAL A 48 12.41 0.46 -0.09
CA VAL A 48 13.09 -0.40 0.89
C VAL A 48 13.57 0.42 2.10
N HIS A 49 13.90 1.71 1.87
CA HIS A 49 14.51 2.58 2.91
C HIS A 49 13.55 2.79 4.10
N ILE A 50 12.26 3.01 3.79
CA ILE A 50 11.22 3.22 4.81
C ILE A 50 10.85 1.90 5.52
N ILE A 51 10.96 0.76 4.78
CA ILE A 51 10.66 -0.58 5.31
C ILE A 51 11.74 -1.01 6.31
N GLN A 52 13.03 -0.84 5.93
CA GLN A 52 14.20 -1.26 6.72
C GLN A 52 14.44 -0.30 7.91
N ALA A 53 13.90 0.94 7.80
CA ALA A 53 13.88 1.92 8.90
C ALA A 53 13.01 1.41 10.06
N ARG A 54 11.91 0.72 9.70
CA ARG A 54 10.98 0.11 10.66
C ARG A 54 11.48 -1.29 11.08
N GLU A 55 12.09 -2.03 10.14
CA GLU A 55 12.55 -3.41 10.34
C GLU A 55 14.09 -3.45 10.43
N PRO A 56 14.69 -3.44 11.68
CA PRO A 56 16.17 -3.43 11.87
C PRO A 56 16.88 -4.66 11.23
N SER A 57 16.14 -5.78 11.12
CA SER A 57 16.63 -7.03 10.49
C SER A 57 16.96 -6.80 9.00
N LEU A 58 16.10 -6.00 8.34
CA LEU A 58 16.21 -5.71 6.90
C LEU A 58 17.22 -4.58 6.62
N ARG A 59 17.57 -3.81 7.66
CA ARG A 59 18.48 -2.66 7.51
C ARG A 59 19.89 -3.15 7.13
N ASP A 60 20.34 -4.24 7.79
CA ASP A 60 21.66 -4.86 7.51
C ASP A 60 21.70 -5.44 6.07
N SER A 61 20.53 -5.90 5.59
CA SER A 61 20.38 -6.52 4.27
C SER A 61 20.57 -5.48 3.14
N ASN A 62 21.22 -5.93 2.04
CA ASN A 62 21.48 -5.11 0.84
C ASN A 62 20.20 -4.97 0.00
N PRO A 63 19.83 -3.71 -0.44
CA PRO A 63 18.51 -3.40 -1.07
C PRO A 63 18.30 -4.05 -2.46
N GLU A 64 19.40 -4.47 -3.12
CA GLU A 64 19.34 -5.01 -4.48
C GLU A 64 19.03 -6.52 -4.52
N GLU A 65 19.13 -7.20 -3.36
CA GLU A 65 18.86 -8.65 -3.24
C GLU A 65 17.97 -8.94 -2.01
N ILE A 66 17.48 -7.87 -1.35
CA ILE A 66 16.72 -7.98 -0.08
C ILE A 66 15.41 -8.79 -0.26
N GLU A 67 15.22 -9.78 0.62
CA GLU A 67 13.98 -10.57 0.68
C GLU A 67 13.13 -10.02 1.83
N ILE A 68 12.08 -9.28 1.46
CA ILE A 68 11.14 -8.70 2.41
C ILE A 68 10.04 -9.73 2.73
N ASP A 69 10.30 -10.55 3.77
CA ASP A 69 9.39 -11.63 4.21
C ASP A 69 8.17 -11.01 4.94
N PHE A 70 7.12 -10.72 4.16
CA PHE A 70 5.89 -10.03 4.64
C PHE A 70 5.23 -10.72 5.85
N GLU A 71 5.46 -12.04 5.96
CA GLU A 71 4.93 -12.87 7.06
C GLU A 71 5.53 -12.46 8.43
N THR A 72 6.84 -12.15 8.43
CA THR A 72 7.62 -11.87 9.65
C THR A 72 7.61 -10.37 10.00
N LEU A 73 7.48 -9.50 8.96
CA LEU A 73 7.51 -8.02 9.12
C LEU A 73 6.27 -7.51 9.85
N LYS A 74 6.36 -6.30 10.43
CA LYS A 74 5.24 -5.67 11.15
C LYS A 74 4.05 -5.44 10.21
N PRO A 75 2.80 -5.82 10.63
CA PRO A 75 1.58 -5.61 9.82
C PRO A 75 1.30 -4.11 9.54
N SER A 76 1.79 -3.25 10.45
CA SER A 76 1.74 -1.79 10.31
C SER A 76 2.67 -1.28 9.19
N THR A 77 3.84 -1.95 9.06
CA THR A 77 4.81 -1.68 7.98
C THR A 77 4.24 -2.10 6.61
N LEU A 78 3.50 -3.23 6.61
CA LEU A 78 2.74 -3.69 5.42
C LEU A 78 1.64 -2.67 5.07
N ARG A 79 0.90 -2.24 6.09
CA ARG A 79 -0.24 -1.28 5.96
C ARG A 79 0.23 0.08 5.39
N GLU A 80 1.49 0.42 5.69
CA GLU A 80 2.18 1.61 5.14
C GLU A 80 2.47 1.40 3.64
N LEU A 81 3.16 0.28 3.32
CA LEU A 81 3.64 0.00 1.95
C LEU A 81 2.47 -0.26 0.97
N GLU A 82 1.26 -0.64 1.48
CA GLU A 82 0.05 -0.84 0.65
C GLU A 82 -0.20 0.38 -0.25
N ARG A 83 -0.34 1.53 0.41
CA ARG A 83 -0.67 2.81 -0.26
C ARG A 83 0.55 3.35 -1.03
N TYR A 84 1.76 3.03 -0.53
CA TYR A 84 3.04 3.50 -1.08
C TYR A 84 3.32 2.83 -2.45
N VAL A 85 3.08 1.52 -2.51
CA VAL A 85 3.27 0.71 -3.74
C VAL A 85 2.17 1.04 -4.76
N LEU A 86 0.95 1.34 -4.27
CA LEU A 86 -0.18 1.79 -5.13
C LEU A 86 0.13 3.16 -5.80
N SER A 87 0.92 4.00 -5.10
CA SER A 87 1.41 5.28 -5.65
C SER A 87 2.47 5.02 -6.75
N CYS A 88 3.35 4.02 -6.49
CA CYS A 88 4.41 3.61 -7.44
C CYS A 88 3.82 2.85 -8.65
N LEU A 89 2.67 2.20 -8.43
CA LEU A 89 1.94 1.43 -9.43
C LEU A 89 1.21 2.44 -10.35
N ARG A 90 0.60 3.45 -9.69
CA ARG A 90 -0.20 4.52 -10.35
C ARG A 90 -1.43 3.88 -11.08
N LYS A 91 -1.89 2.73 -10.53
CA LYS A 91 -2.98 1.89 -11.10
C LYS A 91 -2.59 1.39 -12.52
N LYS A 92 -3.57 0.85 -13.26
CA LYS A 92 -3.35 0.37 -14.64
C LYS A 92 -4.02 1.32 -15.64
N PRO A 93 -3.23 2.19 -16.36
CA PRO A 93 -3.75 3.05 -17.45
C PRO A 93 -4.29 2.20 -18.61
N ARG A 94 -3.39 1.35 -19.20
CA ARG A 94 -3.68 0.45 -20.33
C ARG A 94 -4.36 1.20 -21.50
N LYS A 95 -3.53 1.72 -22.42
CA LYS A 95 -4.01 2.55 -23.55
C LYS A 95 -3.47 1.98 -24.88
N PRO A 96 -4.34 1.85 -25.94
CA PRO A 96 -3.87 1.58 -27.30
C PRO A 96 -3.46 2.91 -27.99
N TYR A 97 -2.17 3.02 -28.33
CA TYR A 97 -1.60 4.22 -28.96
C TYR A 97 -2.22 4.41 -30.35
N THR A 98 -2.41 5.67 -30.76
CA THR A 98 -3.22 6.06 -31.92
C THR A 98 -2.44 5.93 -33.27
N ILE A 99 -1.56 4.89 -33.36
CA ILE A 99 -0.70 4.60 -34.51
C ILE A 99 0.23 5.80 -34.82
N LYS A 100 1.38 5.83 -34.13
CA LYS A 100 2.40 6.87 -34.33
C LYS A 100 3.15 6.64 -35.64
N LYS A 101 3.43 5.34 -35.95
CA LYS A 101 4.05 4.92 -37.22
C LYS A 101 3.00 4.20 -38.09
N PRO A 102 2.38 4.91 -39.09
CA PRO A 102 1.47 4.27 -40.07
C PRO A 102 2.25 3.41 -41.08
N VAL A 103 1.77 2.18 -41.33
CA VAL A 103 2.39 1.23 -42.27
C VAL A 103 1.58 1.21 -43.57
N GLY A 104 2.00 2.06 -44.53
CA GLY A 104 1.31 2.21 -45.81
C GLY A 104 -0.05 2.90 -45.65
N LYS A 105 -0.01 4.17 -45.25
CA LYS A 105 -1.22 4.98 -44.99
C LYS A 105 -0.97 6.49 -45.23
N THR A 106 0.30 6.92 -45.07
CA THR A 106 0.70 8.34 -45.15
C THR A 106 0.35 8.98 -46.53
N LYS A 107 0.07 10.29 -46.53
CA LYS A 107 -0.38 11.08 -47.70
C LYS A 107 0.69 11.17 -48.81
N GLU A 108 1.97 10.88 -48.45
CA GLU A 108 3.10 10.86 -49.40
C GLU A 108 2.89 9.79 -50.48
N GLU A 109 2.28 8.67 -50.09
CA GLU A 109 1.89 7.56 -50.98
C GLU A 109 0.82 8.02 -52.00
N LEU A 110 -0.12 8.84 -51.51
CA LEU A 110 -1.22 9.42 -52.32
C LEU A 110 -0.68 10.40 -53.38
N ALA A 111 0.47 11.02 -53.09
CA ALA A 111 1.14 11.94 -54.04
C ALA A 111 2.01 11.14 -55.05
N LEU A 112 2.67 10.09 -54.53
CA LEU A 112 3.66 9.29 -55.28
C LEU A 112 3.03 8.55 -56.47
N GLU A 113 1.82 7.99 -56.24
CA GLU A 113 1.09 7.16 -57.23
C GLU A 113 0.84 7.93 -58.56
N LYS A 114 0.41 9.21 -58.47
CA LYS A 114 0.12 10.05 -59.65
C LYS A 114 1.40 10.31 -60.45
N LYS A 115 2.52 10.55 -59.75
CA LYS A 115 3.81 10.88 -60.37
C LYS A 115 4.37 9.66 -61.16
N ARG A 116 4.23 8.46 -60.56
CA ARG A 116 4.69 7.19 -61.17
C ARG A 116 3.93 6.91 -62.48
N GLU A 117 2.63 7.21 -62.47
CA GLU A 117 1.73 7.03 -63.63
C GLU A 117 1.87 8.20 -64.63
N LEU A 118 2.29 9.38 -64.12
CA LEU A 118 2.35 10.64 -64.90
C LEU A 118 3.31 10.52 -66.08
N GLU A 119 4.53 9.99 -65.81
CA GLU A 119 5.59 9.81 -66.83
C GLU A 119 5.14 8.84 -67.95
N LYS A 120 4.27 7.88 -67.58
CA LYS A 120 3.71 6.88 -68.52
C LYS A 120 2.63 7.51 -69.42
N ARG A 121 1.93 8.52 -68.87
CA ARG A 121 0.93 9.31 -69.60
C ARG A 121 1.60 10.44 -70.40
N LEU A 122 2.85 10.80 -70.01
CA LEU A 122 3.70 11.77 -70.74
C LEU A 122 4.64 11.05 -71.74
N GLN A 123 4.56 9.70 -71.80
CA GLN A 123 5.40 8.86 -72.69
C GLN A 123 5.25 9.26 -74.17
N ASP A 124 4.01 9.59 -74.57
CA ASP A 124 3.66 10.01 -75.94
C ASP A 124 4.35 11.35 -76.31
N VAL A 125 4.43 12.27 -75.32
CA VAL A 125 5.08 13.59 -75.46
C VAL A 125 6.62 13.43 -75.50
N SER A 126 7.13 12.55 -74.64
CA SER A 126 8.58 12.26 -74.52
C SER A 126 9.08 11.42 -75.72
N GLY A 127 8.13 10.83 -76.46
CA GLY A 127 8.43 10.07 -77.69
C GLY A 127 7.77 10.67 -78.92
N GLN A 128 7.25 11.92 -78.79
CA GLN A 128 6.62 12.66 -79.92
C GLN A 128 7.67 12.99 -80.98
N LEU A 129 7.22 13.06 -82.25
CA LEU A 129 8.10 13.13 -83.43
C LEU A 129 8.94 11.84 -83.48
N ASN A 130 8.28 10.76 -83.94
CA ASN A 130 8.81 9.38 -83.91
C ASN A 130 10.09 9.23 -84.78
N SER A 131 10.05 9.81 -86.00
CA SER A 131 11.18 9.81 -86.96
C SER A 131 11.53 8.36 -87.40
N THR A 132 12.70 8.18 -88.05
CA THR A 132 13.25 6.86 -88.41
C THR A 132 14.79 6.91 -88.45
N SER A 1 -31.41 24.11 -12.55
CA SER A 1 -30.89 22.85 -13.10
C SER A 1 -29.36 22.80 -13.00
N MET A 2 -28.85 22.26 -11.87
CA MET A 2 -27.41 22.04 -11.63
C MET A 2 -27.17 21.16 -10.37
N LYS A 3 -28.13 21.16 -9.45
CA LYS A 3 -27.98 20.53 -8.11
C LYS A 3 -28.17 19.01 -8.13
N THR A 4 -28.63 18.44 -9.26
CA THR A 4 -28.77 16.98 -9.42
C THR A 4 -27.38 16.35 -9.72
N ALA A 5 -26.60 16.16 -8.63
CA ALA A 5 -25.23 15.63 -8.67
C ALA A 5 -25.13 14.27 -7.91
N PRO A 6 -24.16 13.37 -8.30
CA PRO A 6 -23.84 12.16 -7.49
C PRO A 6 -23.21 12.55 -6.12
N PRO A 7 -23.72 11.99 -4.96
CA PRO A 7 -23.11 12.22 -3.64
C PRO A 7 -21.83 11.40 -3.41
N ALA A 8 -21.01 11.83 -2.44
CA ALA A 8 -19.79 11.11 -2.02
C ALA A 8 -20.19 9.90 -1.15
N LEU A 9 -19.50 8.76 -1.37
CA LEU A 9 -19.75 7.52 -0.62
C LEU A 9 -19.16 7.64 0.82
N PRO A 10 -19.98 7.39 1.90
CA PRO A 10 -19.48 7.38 3.29
C PRO A 10 -18.40 6.31 3.52
N THR A 11 -17.32 6.69 4.22
CA THR A 11 -16.20 5.80 4.51
C THR A 11 -15.65 6.09 5.91
N GLY A 12 -15.05 5.06 6.54
CA GLY A 12 -14.52 5.19 7.89
C GLY A 12 -13.91 3.90 8.41
N TYR A 13 -13.13 3.21 7.56
CA TYR A 13 -12.37 2.02 7.96
C TYR A 13 -10.93 2.45 8.26
N ASP A 14 -10.62 2.61 9.56
CA ASP A 14 -9.31 3.11 10.02
C ASP A 14 -9.13 2.78 11.51
N SER A 15 -7.87 2.48 11.90
CA SER A 15 -7.47 2.17 13.30
C SER A 15 -8.16 0.88 13.80
N GLU A 16 -8.24 -0.12 12.91
CA GLU A 16 -8.89 -1.41 13.19
C GLU A 16 -7.92 -2.59 12.93
N GLU A 17 -6.95 -2.37 12.04
CA GLU A 17 -6.10 -3.45 11.48
C GLU A 17 -4.91 -3.78 12.41
N GLU A 18 -4.30 -2.73 13.00
CA GLU A 18 -3.11 -2.88 13.90
C GLU A 18 -3.52 -3.42 15.30
N GLU A 19 -4.83 -3.27 15.63
CA GLU A 19 -5.39 -3.67 16.94
C GLU A 19 -5.15 -5.17 17.21
N GLU A 20 -5.82 -6.02 16.44
CA GLU A 20 -5.67 -7.49 16.53
C GLU A 20 -6.08 -8.17 15.21
N SER A 21 -6.20 -7.38 14.12
CA SER A 21 -6.62 -7.91 12.81
C SER A 21 -5.43 -8.53 12.06
N ARG A 22 -5.76 -9.34 11.05
CA ARG A 22 -4.79 -10.18 10.32
C ARG A 22 -4.11 -9.38 9.17
N PRO A 23 -2.87 -9.77 8.75
CA PRO A 23 -2.26 -9.32 7.47
C PRO A 23 -3.20 -9.57 6.27
N MET A 24 -3.14 -8.69 5.25
CA MET A 24 -3.84 -8.92 3.95
C MET A 24 -3.34 -10.22 3.31
N SER A 25 -4.15 -10.81 2.41
CA SER A 25 -3.95 -12.16 1.89
C SER A 25 -2.55 -12.36 1.27
N TYR A 26 -1.97 -13.56 1.51
CA TYR A 26 -0.63 -13.95 1.03
C TYR A 26 -0.56 -13.96 -0.51
N ASP A 27 -1.76 -14.03 -1.14
CA ASP A 27 -1.96 -13.82 -2.58
C ASP A 27 -1.28 -12.49 -3.01
N GLU A 28 -1.67 -11.37 -2.35
CA GLU A 28 -1.06 -10.06 -2.59
C GLU A 28 0.43 -10.09 -2.26
N LYS A 29 0.76 -10.60 -1.05
CA LYS A 29 2.15 -10.55 -0.49
C LYS A 29 3.21 -11.20 -1.40
N ARG A 30 2.92 -12.43 -1.86
CA ARG A 30 3.81 -13.19 -2.76
C ARG A 30 3.96 -12.49 -4.11
N GLN A 31 2.85 -11.92 -4.62
CA GLN A 31 2.86 -11.11 -5.85
C GLN A 31 3.44 -9.70 -5.60
N LEU A 32 3.40 -9.23 -4.34
CA LEU A 32 3.78 -7.85 -3.96
C LEU A 32 5.28 -7.67 -4.05
N SER A 33 6.01 -8.77 -3.77
CA SER A 33 7.46 -8.82 -4.00
C SER A 33 7.75 -8.51 -5.48
N LEU A 34 6.96 -9.14 -6.39
CA LEU A 34 7.08 -8.93 -7.86
C LEU A 34 6.68 -7.51 -8.26
N ASP A 35 5.66 -6.93 -7.56
CA ASP A 35 5.18 -5.56 -7.82
C ASP A 35 6.25 -4.52 -7.46
N ILE A 36 7.02 -4.80 -6.41
CA ILE A 36 8.15 -3.96 -6.01
C ILE A 36 9.39 -4.25 -6.88
N ASN A 37 9.54 -5.53 -7.28
CA ASN A 37 10.70 -6.01 -8.10
C ASN A 37 10.62 -5.50 -9.56
N LYS A 38 9.39 -5.18 -10.03
CA LYS A 38 9.17 -4.70 -11.42
C LYS A 38 9.39 -3.18 -11.53
N LEU A 39 9.24 -2.47 -10.39
CA LEU A 39 9.46 -1.01 -10.33
C LEU A 39 10.94 -0.67 -10.63
N PRO A 40 11.25 0.51 -11.24
CA PRO A 40 12.65 0.93 -11.54
C PRO A 40 13.54 0.96 -10.29
N GLY A 41 14.80 0.48 -10.46
CA GLY A 41 15.76 0.32 -9.36
C GLY A 41 16.05 1.59 -8.58
N GLU A 42 16.00 2.74 -9.28
CA GLU A 42 16.16 4.08 -8.67
C GLU A 42 15.14 4.32 -7.55
N LYS A 43 13.91 3.76 -7.73
CA LYS A 43 12.81 3.88 -6.77
C LYS A 43 12.95 2.84 -5.67
N LEU A 44 13.53 1.65 -6.00
CA LEU A 44 13.74 0.55 -5.03
C LEU A 44 14.68 0.97 -3.90
N GLY A 45 15.71 1.77 -4.22
CA GLY A 45 16.63 2.32 -3.23
C GLY A 45 15.97 3.26 -2.23
N ARG A 46 14.79 3.79 -2.62
CA ARG A 46 14.00 4.74 -1.81
C ARG A 46 12.94 3.97 -0.98
N VAL A 47 12.25 3.02 -1.63
CA VAL A 47 11.14 2.24 -1.02
C VAL A 47 11.67 1.20 -0.01
N VAL A 48 12.88 0.67 -0.26
CA VAL A 48 13.51 -0.32 0.63
C VAL A 48 13.78 0.30 2.03
N HIS A 49 13.93 1.65 2.06
CA HIS A 49 14.28 2.39 3.28
C HIS A 49 13.16 2.34 4.33
N ILE A 50 11.88 2.48 3.91
CA ILE A 50 10.71 2.44 4.84
C ILE A 50 10.58 1.04 5.46
N ILE A 51 10.91 0.00 4.66
CA ILE A 51 10.81 -1.42 5.06
C ILE A 51 11.87 -1.75 6.13
N GLN A 52 13.12 -1.30 5.87
CA GLN A 52 14.27 -1.57 6.76
C GLN A 52 14.29 -0.58 7.94
N ALA A 53 13.48 0.50 7.87
CA ALA A 53 13.28 1.44 8.98
C ALA A 53 12.47 0.77 10.11
N ARG A 54 11.65 -0.23 9.73
CA ARG A 54 10.96 -1.12 10.67
C ARG A 54 11.90 -2.23 11.14
N GLU A 55 12.52 -2.94 10.16
CA GLU A 55 13.38 -4.11 10.42
C GLU A 55 14.88 -3.77 10.23
N PRO A 56 15.66 -3.53 11.34
CA PRO A 56 17.13 -3.33 11.26
C PRO A 56 17.87 -4.58 10.74
N SER A 57 17.19 -5.75 10.85
CA SER A 57 17.68 -7.04 10.29
C SER A 57 17.87 -6.94 8.76
N LEU A 58 16.95 -6.22 8.10
CA LEU A 58 16.96 -6.02 6.63
C LEU A 58 17.65 -4.69 6.24
N ARG A 59 18.18 -3.96 7.24
CA ARG A 59 18.84 -2.65 7.01
C ARG A 59 20.27 -2.83 6.49
N ASP A 60 21.00 -3.79 7.08
CA ASP A 60 22.38 -4.13 6.67
C ASP A 60 22.38 -5.14 5.50
N SER A 61 21.20 -5.69 5.18
CA SER A 61 21.03 -6.64 4.05
C SER A 61 21.15 -5.87 2.71
N ASN A 62 22.10 -6.31 1.86
CA ASN A 62 22.39 -5.71 0.53
C ASN A 62 21.10 -5.66 -0.31
N PRO A 63 20.78 -4.51 -0.99
CA PRO A 63 19.57 -4.40 -1.86
C PRO A 63 19.58 -5.43 -3.02
N GLU A 64 20.79 -5.88 -3.41
CA GLU A 64 21.00 -6.89 -4.47
C GLU A 64 20.77 -8.33 -3.96
N GLU A 65 20.56 -8.48 -2.65
CA GLU A 65 20.42 -9.80 -1.99
C GLU A 65 19.19 -9.82 -1.06
N ILE A 66 18.59 -8.64 -0.82
CA ILE A 66 17.48 -8.46 0.14
C ILE A 66 16.18 -9.04 -0.42
N GLU A 67 15.38 -9.65 0.46
CA GLU A 67 14.04 -10.13 0.12
C GLU A 67 13.10 -9.81 1.29
N ILE A 68 11.84 -9.48 0.96
CA ILE A 68 10.90 -8.93 1.92
C ILE A 68 10.15 -10.08 2.62
N ASP A 69 10.57 -10.39 3.85
CA ASP A 69 9.87 -11.36 4.69
C ASP A 69 8.67 -10.65 5.35
N PHE A 70 7.47 -10.96 4.87
CA PHE A 70 6.23 -10.32 5.35
C PHE A 70 5.83 -10.86 6.74
N GLU A 71 6.42 -12.01 7.13
CA GLU A 71 6.24 -12.62 8.46
C GLU A 71 6.90 -11.76 9.57
N THR A 72 8.06 -11.17 9.25
CA THR A 72 8.81 -10.33 10.21
C THR A 72 8.27 -8.88 10.21
N LEU A 73 7.46 -8.51 9.18
CA LEU A 73 6.75 -7.22 9.11
C LEU A 73 5.43 -7.27 9.90
N LYS A 74 4.99 -6.10 10.37
CA LYS A 74 3.71 -5.94 11.08
C LYS A 74 2.58 -5.64 10.07
N PRO A 75 1.27 -5.97 10.42
CA PRO A 75 0.09 -5.58 9.60
C PRO A 75 0.07 -4.07 9.28
N SER A 76 0.56 -3.26 10.23
CA SER A 76 0.70 -1.79 10.09
C SER A 76 1.64 -1.42 8.92
N THR A 77 2.84 -2.06 8.91
CA THR A 77 3.85 -1.86 7.87
C THR A 77 3.29 -2.24 6.48
N LEU A 78 2.52 -3.34 6.47
CA LEU A 78 1.87 -3.87 5.28
C LEU A 78 0.83 -2.89 4.71
N ARG A 79 0.03 -2.28 5.61
CA ARG A 79 -1.05 -1.31 5.26
C ARG A 79 -0.47 -0.13 4.46
N GLU A 80 0.63 0.45 4.99
CA GLU A 80 1.33 1.56 4.34
C GLU A 80 1.83 1.10 2.97
N LEU A 81 2.43 -0.11 2.94
CA LEU A 81 3.06 -0.69 1.74
C LEU A 81 2.01 -0.97 0.63
N GLU A 82 0.76 -1.32 1.02
CA GLU A 82 -0.37 -1.53 0.07
C GLU A 82 -0.63 -0.25 -0.71
N ARG A 83 -0.82 0.85 0.04
CA ARG A 83 -1.16 2.18 -0.49
C ARG A 83 0.02 2.80 -1.24
N TYR A 84 1.23 2.46 -0.76
CA TYR A 84 2.49 3.01 -1.24
C TYR A 84 2.74 2.54 -2.68
N VAL A 85 2.53 1.23 -2.92
CA VAL A 85 2.71 0.63 -4.24
C VAL A 85 1.49 0.88 -5.13
N LEU A 86 0.27 0.90 -4.55
CA LEU A 86 -1.00 1.00 -5.33
C LEU A 86 -1.08 2.34 -6.08
N SER A 87 -0.57 3.41 -5.43
CA SER A 87 -0.45 4.74 -6.04
C SER A 87 0.50 4.70 -7.26
N CYS A 88 1.62 3.97 -7.09
CA CYS A 88 2.66 3.81 -8.14
C CYS A 88 2.17 2.92 -9.29
N LEU A 89 1.35 1.90 -8.95
CA LEU A 89 0.83 0.91 -9.91
C LEU A 89 -0.33 1.49 -10.72
N ARG A 90 -1.04 2.48 -10.12
CA ARG A 90 -2.24 3.13 -10.72
C ARG A 90 -3.42 2.13 -10.84
N LYS A 91 -4.57 2.66 -11.34
CA LYS A 91 -5.81 1.89 -11.59
C LYS A 91 -6.32 1.21 -10.30
N LYS A 92 -7.06 2.00 -9.50
CA LYS A 92 -7.66 1.52 -8.24
C LYS A 92 -8.81 0.53 -8.56
N PRO A 93 -8.77 -0.75 -8.02
CA PRO A 93 -9.81 -1.76 -8.29
C PRO A 93 -11.20 -1.35 -7.73
N ARG A 94 -11.97 -0.62 -8.57
CA ARG A 94 -13.35 -0.24 -8.29
C ARG A 94 -14.28 -1.40 -8.65
N LYS A 95 -14.48 -2.31 -7.69
CA LYS A 95 -15.30 -3.51 -7.86
C LYS A 95 -15.71 -4.05 -6.48
N PRO A 96 -16.96 -3.70 -5.99
CA PRO A 96 -17.52 -4.32 -4.77
C PRO A 96 -17.77 -5.83 -4.95
N TYR A 97 -17.69 -6.58 -3.84
CA TYR A 97 -17.93 -8.04 -3.83
C TYR A 97 -19.37 -8.37 -4.26
N THR A 98 -19.51 -9.34 -5.17
CA THR A 98 -20.81 -9.80 -5.67
C THR A 98 -21.52 -10.63 -4.59
N ILE A 99 -22.81 -10.32 -4.34
CA ILE A 99 -23.64 -11.06 -3.37
C ILE A 99 -25.09 -11.19 -3.91
N LYS A 100 -26.02 -10.31 -3.51
CA LYS A 100 -27.44 -10.35 -3.89
C LYS A 100 -28.04 -8.94 -3.84
N LYS A 101 -29.25 -8.81 -4.40
CA LYS A 101 -30.07 -7.58 -4.30
C LYS A 101 -31.21 -7.81 -3.29
N PRO A 102 -31.05 -7.33 -2.01
CA PRO A 102 -32.09 -7.50 -0.96
C PRO A 102 -33.15 -6.39 -1.02
N VAL A 103 -34.15 -6.50 -0.12
CA VAL A 103 -35.22 -5.49 0.03
C VAL A 103 -34.63 -4.13 0.51
N GLY A 104 -33.47 -4.21 1.21
CA GLY A 104 -32.72 -3.04 1.64
C GLY A 104 -31.89 -3.32 2.89
N LYS A 105 -30.70 -3.90 2.68
CA LYS A 105 -29.75 -4.25 3.79
C LYS A 105 -29.05 -2.98 4.32
N THR A 106 -29.11 -1.90 3.53
CA THR A 106 -28.50 -0.59 3.84
C THR A 106 -29.18 0.11 5.04
N LYS A 107 -28.43 1.04 5.66
CA LYS A 107 -28.89 1.86 6.80
C LYS A 107 -30.09 2.75 6.42
N GLU A 108 -30.16 3.09 5.12
CA GLU A 108 -31.21 3.94 4.55
C GLU A 108 -32.60 3.31 4.73
N GLU A 109 -32.72 2.02 4.33
CA GLU A 109 -34.01 1.31 4.29
C GLU A 109 -34.49 0.92 5.69
N LEU A 110 -33.57 0.40 6.55
CA LEU A 110 -33.93 -0.03 7.92
C LEU A 110 -34.41 1.15 8.79
N ALA A 111 -34.03 2.38 8.41
CA ALA A 111 -34.57 3.63 9.00
C ALA A 111 -35.88 4.08 8.30
N LEU A 112 -35.93 3.87 6.97
CA LEU A 112 -37.02 4.36 6.08
C LEU A 112 -38.37 3.69 6.41
N GLU A 113 -38.31 2.39 6.69
CA GLU A 113 -39.48 1.56 7.04
C GLU A 113 -40.15 2.02 8.37
N LYS A 114 -39.35 2.63 9.27
CA LYS A 114 -39.85 3.22 10.54
C LYS A 114 -40.64 4.52 10.26
N LYS A 115 -40.20 5.27 9.22
CA LYS A 115 -40.88 6.50 8.77
C LYS A 115 -42.29 6.18 8.24
N ARG A 116 -42.39 5.05 7.50
CA ARG A 116 -43.66 4.52 6.99
C ARG A 116 -44.54 4.03 8.15
N GLU A 117 -43.94 3.30 9.11
CA GLU A 117 -44.69 2.76 10.26
C GLU A 117 -45.18 3.90 11.18
N LEU A 118 -44.41 5.00 11.21
CA LEU A 118 -44.72 6.18 12.05
C LEU A 118 -46.01 6.86 11.58
N GLU A 119 -46.17 7.02 10.25
CA GLU A 119 -47.39 7.61 9.65
C GLU A 119 -48.58 6.62 9.72
N LYS A 120 -48.28 5.30 9.72
CA LYS A 120 -49.33 4.24 9.82
C LYS A 120 -50.03 4.28 11.20
N ARG A 121 -49.22 4.15 12.27
CA ARG A 121 -49.71 4.19 13.67
C ARG A 121 -50.33 5.56 14.01
N LEU A 122 -49.81 6.62 13.36
CA LEU A 122 -50.36 7.98 13.46
C LEU A 122 -51.79 8.03 12.90
N GLN A 123 -51.98 7.50 11.68
CA GLN A 123 -53.28 7.49 10.99
C GLN A 123 -54.20 6.37 11.51
N ASP A 124 -53.68 5.53 12.43
CA ASP A 124 -54.48 4.52 13.16
C ASP A 124 -55.17 5.18 14.36
N VAL A 125 -54.38 5.90 15.18
CA VAL A 125 -54.88 6.58 16.39
C VAL A 125 -55.64 7.88 16.03
N SER A 126 -55.27 8.47 14.88
CA SER A 126 -55.90 9.70 14.34
C SER A 126 -56.78 9.33 13.12
N GLY A 127 -57.36 10.37 12.48
CA GLY A 127 -58.17 10.21 11.29
C GLY A 127 -58.20 11.47 10.46
N GLN A 128 -58.88 11.43 9.29
CA GLN A 128 -58.98 12.59 8.37
C GLN A 128 -60.09 13.57 8.82
N LEU A 129 -60.10 13.89 10.14
CA LEU A 129 -61.05 14.82 10.75
C LEU A 129 -60.70 16.26 10.35
N ASN A 130 -61.16 16.65 9.16
CA ASN A 130 -60.96 17.98 8.58
C ASN A 130 -62.31 18.70 8.52
N SER A 131 -63.29 18.01 7.88
CA SER A 131 -64.69 18.47 7.74
C SER A 131 -64.75 19.83 6.98
N THR A 132 -65.94 20.44 6.95
CA THR A 132 -66.16 21.77 6.38
C THR A 132 -66.99 22.60 7.38
N SER A 1 -45.28 28.86 25.12
CA SER A 1 -45.07 27.88 26.21
C SER A 1 -44.07 26.79 25.79
N MET A 2 -43.11 27.16 24.92
CA MET A 2 -42.08 26.24 24.39
C MET A 2 -41.04 25.91 25.48
N LYS A 3 -41.33 24.83 26.24
CA LYS A 3 -40.47 24.35 27.33
C LYS A 3 -39.24 23.62 26.78
N THR A 4 -38.07 23.89 27.38
CA THR A 4 -36.79 23.37 26.92
C THR A 4 -36.65 21.86 27.26
N ALA A 5 -36.59 21.02 26.21
CA ALA A 5 -36.37 19.57 26.32
C ALA A 5 -34.87 19.30 26.64
N PRO A 6 -34.53 18.22 27.42
CA PRO A 6 -33.12 17.91 27.82
C PRO A 6 -32.19 17.66 26.60
N PRO A 7 -30.82 17.80 26.75
CA PRO A 7 -29.85 17.56 25.65
C PRO A 7 -29.66 16.06 25.33
N ALA A 8 -28.65 15.76 24.49
CA ALA A 8 -28.27 14.38 24.13
C ALA A 8 -27.77 13.61 25.37
N LEU A 9 -28.14 12.32 25.48
CA LEU A 9 -27.82 11.48 26.65
C LEU A 9 -26.34 11.02 26.62
N PRO A 10 -25.63 10.98 27.80
CA PRO A 10 -24.20 10.54 27.88
C PRO A 10 -23.99 9.11 27.32
N THR A 11 -23.35 9.04 26.13
CA THR A 11 -23.04 7.77 25.44
C THR A 11 -21.53 7.49 25.48
N GLY A 12 -21.16 6.20 25.45
CA GLY A 12 -19.76 5.77 25.43
C GLY A 12 -19.14 5.78 24.03
N TYR A 13 -17.93 5.24 23.91
CA TYR A 13 -17.17 5.21 22.63
C TYR A 13 -16.55 3.82 22.40
N ASP A 14 -16.98 3.17 21.30
CA ASP A 14 -16.34 1.95 20.77
C ASP A 14 -15.16 2.37 19.86
N SER A 15 -14.14 1.50 19.74
CA SER A 15 -12.91 1.80 19.01
C SER A 15 -12.45 0.60 18.17
N GLU A 16 -12.40 0.80 16.85
CA GLU A 16 -11.79 -0.15 15.88
C GLU A 16 -10.40 0.36 15.43
N GLU A 17 -9.91 1.40 16.14
CA GLU A 17 -8.73 2.20 15.76
C GLU A 17 -7.44 1.40 16.03
N GLU A 18 -7.48 0.63 17.13
CA GLU A 18 -6.31 -0.09 17.65
C GLU A 18 -6.10 -1.41 16.88
N GLU A 19 -7.21 -1.97 16.38
CA GLU A 19 -7.25 -3.21 15.60
C GLU A 19 -7.64 -2.89 14.14
N GLU A 20 -7.31 -1.67 13.68
CA GLU A 20 -7.58 -1.20 12.32
C GLU A 20 -6.69 -1.94 11.30
N SER A 21 -5.37 -1.81 11.47
CA SER A 21 -4.39 -2.44 10.57
C SER A 21 -4.16 -3.91 10.93
N ARG A 22 -4.44 -4.80 9.96
CA ARG A 22 -4.10 -6.24 10.04
C ARG A 22 -3.11 -6.57 8.90
N PRO A 23 -2.28 -7.66 9.06
CA PRO A 23 -1.42 -8.16 7.96
C PRO A 23 -2.27 -8.68 6.79
N MET A 24 -1.82 -8.43 5.55
CA MET A 24 -2.62 -8.71 4.33
C MET A 24 -2.43 -10.16 3.86
N SER A 25 -3.22 -10.56 2.84
CA SER A 25 -3.15 -11.90 2.25
C SER A 25 -1.75 -12.22 1.70
N TYR A 26 -1.23 -13.41 2.04
CA TYR A 26 0.09 -13.88 1.61
C TYR A 26 0.15 -14.04 0.07
N ASP A 27 -1.02 -14.37 -0.52
CA ASP A 27 -1.20 -14.45 -2.00
C ASP A 27 -0.82 -13.12 -2.67
N GLU A 28 -1.38 -12.03 -2.12
CA GLU A 28 -1.09 -10.66 -2.54
C GLU A 28 0.42 -10.39 -2.43
N LYS A 29 1.04 -10.85 -1.35
CA LYS A 29 2.46 -10.59 -1.03
C LYS A 29 3.42 -11.33 -1.98
N ARG A 30 2.97 -12.48 -2.51
CA ARG A 30 3.71 -13.28 -3.50
C ARG A 30 3.74 -12.57 -4.87
N GLN A 31 2.64 -11.88 -5.21
CA GLN A 31 2.53 -11.14 -6.49
C GLN A 31 3.19 -9.74 -6.39
N LEU A 32 2.84 -9.01 -5.32
CA LEU A 32 3.23 -7.60 -5.11
C LEU A 32 4.74 -7.45 -4.84
N SER A 33 5.42 -8.53 -4.39
CA SER A 33 6.89 -8.56 -4.25
C SER A 33 7.57 -8.36 -5.63
N LEU A 34 6.96 -8.93 -6.68
CA LEU A 34 7.43 -8.77 -8.06
C LEU A 34 7.06 -7.36 -8.59
N ASP A 35 5.91 -6.81 -8.13
CA ASP A 35 5.49 -5.42 -8.48
C ASP A 35 6.41 -4.36 -7.85
N ILE A 36 7.02 -4.71 -6.71
CA ILE A 36 8.07 -3.89 -6.07
C ILE A 36 9.36 -3.97 -6.91
N ASN A 37 9.66 -5.20 -7.38
CA ASN A 37 10.88 -5.48 -8.18
C ASN A 37 10.71 -5.02 -9.66
N LYS A 38 9.46 -4.73 -10.08
CA LYS A 38 9.15 -4.23 -11.44
C LYS A 38 9.55 -2.75 -11.55
N LEU A 39 9.58 -2.06 -10.40
CA LEU A 39 9.95 -0.65 -10.29
C LEU A 39 11.46 -0.49 -10.56
N PRO A 40 11.91 0.68 -11.18
CA PRO A 40 13.35 0.93 -11.46
C PRO A 40 14.17 0.91 -10.15
N GLY A 41 15.49 0.62 -10.26
CA GLY A 41 16.37 0.45 -9.07
C GLY A 41 16.33 1.60 -8.06
N GLU A 42 16.15 2.84 -8.58
CA GLU A 42 16.00 4.07 -7.78
C GLU A 42 14.77 4.00 -6.85
N LYS A 43 13.68 3.41 -7.35
CA LYS A 43 12.41 3.31 -6.64
C LYS A 43 12.34 2.01 -5.83
N LEU A 44 13.00 0.96 -6.33
CA LEU A 44 13.10 -0.36 -5.68
C LEU A 44 13.74 -0.20 -4.29
N GLY A 45 14.88 0.54 -4.28
CA GLY A 45 15.59 0.85 -3.06
C GLY A 45 14.86 1.84 -2.17
N ARG A 46 13.92 2.60 -2.76
CA ARG A 46 13.12 3.60 -2.05
C ARG A 46 11.89 2.95 -1.38
N VAL A 47 11.40 1.83 -1.98
CA VAL A 47 10.30 1.02 -1.40
C VAL A 47 10.82 0.30 -0.15
N VAL A 48 12.01 -0.31 -0.28
CA VAL A 48 12.62 -1.09 0.80
C VAL A 48 13.07 -0.20 1.97
N HIS A 49 13.23 1.14 1.74
CA HIS A 49 13.57 2.12 2.80
C HIS A 49 12.54 2.11 3.97
N ILE A 50 11.22 2.12 3.64
CA ILE A 50 10.14 2.10 4.65
C ILE A 50 10.13 0.77 5.43
N ILE A 51 10.58 -0.29 4.75
CA ILE A 51 10.67 -1.65 5.30
C ILE A 51 11.85 -1.76 6.29
N GLN A 52 13.05 -1.38 5.83
CA GLN A 52 14.33 -1.60 6.55
C GLN A 52 14.53 -0.59 7.72
N ALA A 53 13.80 0.54 7.66
CA ALA A 53 13.76 1.52 8.77
C ALA A 53 12.99 0.93 9.97
N ARG A 54 11.94 0.16 9.66
CA ARG A 54 11.09 -0.51 10.65
C ARG A 54 11.59 -1.94 10.95
N GLU A 55 12.52 -2.45 10.09
CA GLU A 55 13.21 -3.74 10.27
C GLU A 55 14.74 -3.51 10.33
N PRO A 56 15.28 -3.04 11.51
CA PRO A 56 16.75 -2.82 11.68
C PRO A 56 17.55 -4.14 11.79
N SER A 57 16.83 -5.27 11.78
CA SER A 57 17.42 -6.61 11.72
C SER A 57 17.74 -7.00 10.26
N LEU A 58 16.90 -6.54 9.32
CA LEU A 58 17.01 -6.83 7.87
C LEU A 58 17.60 -5.64 7.08
N ARG A 59 17.95 -4.57 7.82
CA ARG A 59 18.45 -3.30 7.23
C ARG A 59 19.82 -3.50 6.53
N ASP A 60 20.66 -4.34 7.14
CA ASP A 60 22.04 -4.62 6.65
C ASP A 60 22.06 -5.44 5.36
N SER A 61 20.90 -6.05 5.00
CA SER A 61 20.76 -6.83 3.76
C SER A 61 20.82 -5.90 2.54
N ASN A 62 21.60 -6.32 1.51
CA ASN A 62 21.83 -5.54 0.27
C ASN A 62 20.50 -5.30 -0.46
N PRO A 63 20.06 -4.01 -0.67
CA PRO A 63 18.75 -3.67 -1.32
C PRO A 63 18.61 -4.20 -2.77
N GLU A 64 19.75 -4.56 -3.38
CA GLU A 64 19.81 -5.13 -4.73
C GLU A 64 19.38 -6.61 -4.74
N GLU A 65 19.61 -7.33 -3.62
CA GLU A 65 19.33 -8.79 -3.50
C GLU A 65 18.58 -9.10 -2.17
N ILE A 66 17.88 -8.10 -1.61
CA ILE A 66 17.16 -8.26 -0.33
C ILE A 66 15.82 -9.00 -0.54
N GLU A 67 15.50 -9.93 0.37
CA GLU A 67 14.20 -10.61 0.41
C GLU A 67 13.34 -9.95 1.49
N ILE A 68 12.16 -9.46 1.09
CA ILE A 68 11.24 -8.74 1.96
C ILE A 68 10.43 -9.77 2.76
N ASP A 69 10.80 -9.95 4.03
CA ASP A 69 10.14 -10.93 4.92
C ASP A 69 8.81 -10.31 5.40
N PHE A 70 7.72 -10.65 4.68
CA PHE A 70 6.37 -10.12 4.93
C PHE A 70 5.80 -10.61 6.27
N GLU A 71 6.32 -11.75 6.77
CA GLU A 71 5.86 -12.35 8.03
C GLU A 71 6.39 -11.56 9.24
N THR A 72 7.62 -11.01 9.13
CA THR A 72 8.23 -10.18 10.18
C THR A 72 7.71 -8.74 10.13
N LEU A 73 7.16 -8.31 8.97
CA LEU A 73 6.57 -6.97 8.82
C LEU A 73 5.33 -6.80 9.72
N LYS A 74 5.31 -5.68 10.46
CA LYS A 74 4.21 -5.31 11.37
C LYS A 74 2.94 -4.94 10.53
N PRO A 75 1.68 -5.22 11.03
CA PRO A 75 0.40 -4.88 10.35
C PRO A 75 0.35 -3.47 9.70
N SER A 76 0.88 -2.45 10.42
CA SER A 76 0.94 -1.06 9.93
C SER A 76 1.95 -0.96 8.78
N THR A 77 3.14 -1.56 8.96
CA THR A 77 4.23 -1.58 7.95
C THR A 77 3.78 -2.26 6.64
N LEU A 78 2.91 -3.28 6.78
CA LEU A 78 2.32 -4.00 5.65
C LEU A 78 1.36 -3.05 4.91
N ARG A 79 0.51 -2.33 5.68
CA ARG A 79 -0.45 -1.33 5.15
C ARG A 79 0.28 -0.16 4.46
N GLU A 80 1.44 0.21 5.02
CA GLU A 80 2.32 1.26 4.49
C GLU A 80 2.92 0.83 3.15
N LEU A 81 3.26 -0.47 3.08
CA LEU A 81 3.80 -1.10 1.87
C LEU A 81 2.72 -1.16 0.77
N GLU A 82 1.45 -1.39 1.19
CA GLU A 82 0.29 -1.40 0.28
C GLU A 82 0.12 -0.05 -0.36
N ARG A 83 -0.02 1.00 0.48
CA ARG A 83 -0.21 2.39 0.02
C ARG A 83 0.91 2.80 -0.96
N TYR A 84 2.14 2.39 -0.62
CA TYR A 84 3.35 2.77 -1.36
C TYR A 84 3.30 2.22 -2.81
N VAL A 85 3.16 0.88 -2.94
CA VAL A 85 3.19 0.20 -4.25
C VAL A 85 1.91 0.54 -5.08
N LEU A 86 0.76 0.69 -4.40
CA LEU A 86 -0.54 0.97 -5.04
C LEU A 86 -0.64 2.43 -5.53
N SER A 87 0.18 3.34 -4.96
CA SER A 87 0.32 4.73 -5.48
C SER A 87 0.98 4.71 -6.89
N CYS A 88 1.88 3.73 -7.11
CA CYS A 88 2.57 3.54 -8.40
C CYS A 88 1.65 2.83 -9.42
N LEU A 89 1.03 1.72 -8.97
CA LEU A 89 0.14 0.89 -9.82
C LEU A 89 -1.14 1.67 -10.19
N ARG A 90 -1.61 2.50 -9.23
CA ARG A 90 -2.78 3.41 -9.35
C ARG A 90 -4.15 2.65 -9.33
N LYS A 91 -4.10 1.32 -9.57
CA LYS A 91 -5.29 0.46 -9.75
C LYS A 91 -6.13 0.95 -10.95
N LYS A 92 -5.50 0.94 -12.14
CA LYS A 92 -6.19 1.19 -13.42
C LYS A 92 -5.33 0.65 -14.58
N PRO A 93 -5.51 -0.66 -14.98
CA PRO A 93 -4.79 -1.26 -16.13
C PRO A 93 -5.44 -0.89 -17.48
N ARG A 94 -5.57 0.43 -17.72
CA ARG A 94 -6.11 0.98 -18.97
C ARG A 94 -5.09 0.80 -20.11
N LYS A 95 -5.58 0.66 -21.34
CA LYS A 95 -4.76 0.42 -22.53
C LYS A 95 -4.77 1.69 -23.41
N PRO A 96 -3.59 2.10 -23.99
CA PRO A 96 -3.45 3.37 -24.73
C PRO A 96 -3.91 3.25 -26.21
N TYR A 97 -5.16 2.84 -26.42
CA TYR A 97 -5.78 2.80 -27.75
C TYR A 97 -6.18 4.24 -28.15
N THR A 98 -5.47 4.82 -29.14
CA THR A 98 -5.70 6.18 -29.66
C THR A 98 -5.25 7.26 -28.65
N ILE A 99 -4.77 8.41 -29.16
CA ILE A 99 -4.39 9.57 -28.33
C ILE A 99 -5.61 10.30 -27.73
N LYS A 100 -6.84 9.88 -28.15
CA LYS A 100 -8.13 10.50 -27.83
C LYS A 100 -8.26 11.85 -28.55
N LYS A 101 -9.26 11.96 -29.45
CA LYS A 101 -9.45 13.14 -30.32
C LYS A 101 -9.87 14.38 -29.48
N PRO A 102 -8.96 15.41 -29.34
CA PRO A 102 -9.25 16.61 -28.56
C PRO A 102 -10.11 17.62 -29.36
N VAL A 103 -11.43 17.62 -29.08
CA VAL A 103 -12.45 18.53 -29.66
C VAL A 103 -12.50 18.40 -31.21
N GLY A 104 -13.29 17.44 -31.67
CA GLY A 104 -13.47 17.19 -33.10
C GLY A 104 -12.26 16.52 -33.72
N LYS A 105 -11.42 17.32 -34.43
CA LYS A 105 -10.28 16.83 -35.25
C LYS A 105 -10.73 15.77 -36.27
N THR A 106 -11.94 15.99 -36.81
CA THR A 106 -12.61 15.06 -37.74
C THR A 106 -13.01 15.83 -39.02
N LYS A 107 -13.38 15.09 -40.09
CA LYS A 107 -13.93 15.67 -41.32
C LYS A 107 -15.22 16.49 -41.04
N GLU A 108 -15.99 16.04 -40.04
CA GLU A 108 -17.24 16.70 -39.59
C GLU A 108 -16.97 18.08 -38.98
N GLU A 109 -15.80 18.21 -38.31
CA GLU A 109 -15.32 19.48 -37.72
C GLU A 109 -15.00 20.47 -38.87
N LEU A 110 -14.32 19.94 -39.90
CA LEU A 110 -13.98 20.72 -41.11
C LEU A 110 -15.26 21.09 -41.90
N ALA A 111 -16.26 20.19 -41.86
CA ALA A 111 -17.58 20.40 -42.50
C ALA A 111 -18.42 21.45 -41.75
N LEU A 112 -18.16 21.58 -40.43
CA LEU A 112 -18.77 22.63 -39.57
C LEU A 112 -18.29 24.03 -40.01
N GLU A 113 -16.97 24.12 -40.33
CA GLU A 113 -16.34 25.34 -40.86
C GLU A 113 -16.94 25.72 -42.23
N LYS A 114 -17.04 24.71 -43.12
CA LYS A 114 -17.57 24.88 -44.49
C LYS A 114 -19.07 25.22 -44.48
N LYS A 115 -19.79 24.68 -43.48
CA LYS A 115 -21.21 24.97 -43.26
C LYS A 115 -21.38 26.44 -42.83
N ARG A 116 -20.44 26.90 -42.00
CA ARG A 116 -20.40 28.30 -41.51
C ARG A 116 -20.15 29.28 -42.67
N GLU A 117 -19.35 28.82 -43.65
CA GLU A 117 -19.08 29.59 -44.88
C GLU A 117 -20.37 29.81 -45.69
N LEU A 118 -21.20 28.75 -45.75
CA LEU A 118 -22.54 28.81 -46.37
C LEU A 118 -23.43 29.81 -45.63
N GLU A 119 -23.42 29.73 -44.28
CA GLU A 119 -24.23 30.59 -43.38
C GLU A 119 -23.92 32.08 -43.56
N LYS A 120 -22.64 32.41 -43.84
CA LYS A 120 -22.21 33.79 -44.16
C LYS A 120 -22.85 34.23 -45.49
N ARG A 121 -22.79 33.33 -46.50
CA ARG A 121 -23.35 33.59 -47.84
C ARG A 121 -24.90 33.69 -47.81
N LEU A 122 -25.54 32.99 -46.86
CA LEU A 122 -27.01 33.01 -46.69
C LEU A 122 -27.48 34.41 -46.25
N GLN A 123 -26.61 35.14 -45.53
CA GLN A 123 -26.84 36.54 -45.14
C GLN A 123 -26.55 37.47 -46.34
N ASP A 124 -25.51 37.11 -47.12
CA ASP A 124 -25.08 37.87 -48.32
C ASP A 124 -26.19 37.94 -49.39
N VAL A 125 -27.02 36.87 -49.46
CA VAL A 125 -28.22 36.81 -50.32
C VAL A 125 -29.15 38.00 -50.00
N SER A 126 -29.48 38.15 -48.70
CA SER A 126 -30.28 39.28 -48.16
C SER A 126 -31.70 39.32 -48.79
N GLY A 127 -32.47 40.36 -48.43
CA GLY A 127 -33.78 40.64 -49.02
C GLY A 127 -33.85 42.04 -49.61
N GLN A 128 -34.85 42.30 -50.46
CA GLN A 128 -35.12 43.62 -51.03
C GLN A 128 -36.34 44.26 -50.33
N LEU A 129 -36.74 45.46 -50.79
CA LEU A 129 -37.93 46.16 -50.27
C LEU A 129 -38.96 46.39 -51.40
N ASN A 130 -40.22 46.67 -50.98
CA ASN A 130 -41.33 47.02 -51.89
C ASN A 130 -42.49 47.59 -51.07
N SER A 131 -42.92 48.82 -51.39
CA SER A 131 -44.07 49.49 -50.77
C SER A 131 -44.75 50.41 -51.81
N THR A 132 -46.02 50.10 -52.11
CA THR A 132 -46.82 50.85 -53.09
C THR A 132 -48.34 50.59 -52.86
N SER A 1 -8.21 32.61 40.98
CA SER A 1 -8.79 31.40 41.61
C SER A 1 -7.70 30.65 42.42
N MET A 2 -6.45 30.63 41.88
CA MET A 2 -5.28 29.90 42.44
C MET A 2 -5.47 28.37 42.38
N LYS A 3 -4.39 27.64 42.04
CA LYS A 3 -4.39 26.18 41.82
C LYS A 3 -5.33 25.81 40.66
N THR A 4 -4.76 25.69 39.44
CA THR A 4 -5.53 25.36 38.24
C THR A 4 -6.11 23.94 38.32
N ALA A 5 -7.41 23.81 38.04
CA ALA A 5 -8.13 22.52 37.99
C ALA A 5 -7.76 21.76 36.69
N PRO A 6 -7.77 20.39 36.68
CA PRO A 6 -7.54 19.61 35.44
C PRO A 6 -8.58 19.95 34.33
N PRO A 7 -8.15 20.04 33.02
CA PRO A 7 -9.07 20.39 31.90
C PRO A 7 -9.98 19.20 31.52
N ALA A 8 -11.12 19.53 30.89
CA ALA A 8 -12.10 18.54 30.40
C ALA A 8 -11.52 17.79 29.17
N LEU A 9 -12.07 16.59 28.89
CA LEU A 9 -11.60 15.75 27.78
C LEU A 9 -12.80 15.02 27.13
N PRO A 10 -12.83 14.91 25.76
CA PRO A 10 -13.85 14.10 25.05
C PRO A 10 -13.58 12.59 25.18
N THR A 11 -14.61 11.78 24.89
CA THR A 11 -14.50 10.32 24.88
C THR A 11 -13.83 9.86 23.57
N GLY A 12 -12.50 9.62 23.65
CA GLY A 12 -11.73 9.11 22.52
C GLY A 12 -11.85 7.60 22.36
N TYR A 13 -11.81 7.12 21.11
CA TYR A 13 -11.95 5.68 20.80
C TYR A 13 -10.66 4.90 21.18
N ASP A 14 -10.83 3.69 21.73
CA ASP A 14 -9.72 2.79 22.10
C ASP A 14 -9.86 1.48 21.33
N SER A 15 -8.79 1.06 20.63
CA SER A 15 -8.74 -0.23 19.88
C SER A 15 -9.80 -0.25 18.74
N GLU A 16 -9.40 0.16 17.53
CA GLU A 16 -10.29 0.19 16.34
C GLU A 16 -9.53 -0.29 15.10
N GLU A 17 -8.45 0.45 14.76
CA GLU A 17 -7.57 0.14 13.60
C GLU A 17 -6.42 -0.79 14.02
N GLU A 18 -6.04 -0.68 15.31
CA GLU A 18 -5.05 -1.57 15.96
C GLU A 18 -5.75 -2.81 16.58
N GLU A 19 -7.10 -2.82 16.56
CA GLU A 19 -7.94 -3.90 17.14
C GLU A 19 -7.65 -5.26 16.48
N GLU A 20 -7.57 -5.27 15.14
CA GLU A 20 -7.35 -6.50 14.36
C GLU A 20 -5.88 -6.95 14.46
N SER A 21 -4.96 -6.12 13.92
CA SER A 21 -3.50 -6.37 13.85
C SER A 21 -3.17 -7.80 13.37
N ARG A 22 -3.40 -8.02 12.07
CA ARG A 22 -3.23 -9.32 11.42
C ARG A 22 -2.36 -9.16 10.17
N PRO A 23 -1.62 -10.24 9.71
CA PRO A 23 -0.92 -10.23 8.42
C PRO A 23 -1.96 -10.28 7.27
N MET A 24 -1.59 -9.67 6.14
CA MET A 24 -2.47 -9.57 4.97
C MET A 24 -2.55 -10.92 4.23
N SER A 25 -3.36 -10.99 3.16
CA SER A 25 -3.51 -12.22 2.39
C SER A 25 -2.17 -12.54 1.67
N TYR A 26 -1.69 -13.78 1.84
CA TYR A 26 -0.35 -14.20 1.36
C TYR A 26 -0.31 -14.36 -0.17
N ASP A 27 -1.49 -14.68 -0.77
CA ASP A 27 -1.66 -14.73 -2.24
C ASP A 27 -1.36 -13.35 -2.85
N GLU A 28 -1.90 -12.29 -2.22
CA GLU A 28 -1.62 -10.90 -2.61
C GLU A 28 -0.11 -10.66 -2.61
N LYS A 29 0.51 -10.95 -1.45
CA LYS A 29 1.93 -10.62 -1.17
C LYS A 29 2.92 -11.34 -2.13
N ARG A 30 2.57 -12.54 -2.61
CA ARG A 30 3.44 -13.28 -3.55
C ARG A 30 3.39 -12.65 -4.97
N GLN A 31 2.17 -12.34 -5.46
CA GLN A 31 1.99 -11.69 -6.78
C GLN A 31 2.50 -10.23 -6.76
N LEU A 32 2.30 -9.56 -5.61
CA LEU A 32 2.71 -8.17 -5.39
C LEU A 32 4.23 -8.06 -5.15
N SER A 33 4.88 -9.17 -4.73
CA SER A 33 6.35 -9.20 -4.54
C SER A 33 7.07 -8.82 -5.85
N LEU A 34 6.72 -9.55 -6.94
CA LEU A 34 7.30 -9.33 -8.27
C LEU A 34 6.76 -8.02 -8.89
N ASP A 35 5.50 -7.66 -8.53
CA ASP A 35 4.86 -6.41 -8.98
C ASP A 35 5.57 -5.16 -8.40
N ILE A 36 6.18 -5.32 -7.22
CA ILE A 36 7.02 -4.28 -6.59
C ILE A 36 8.42 -4.27 -7.25
N ASN A 37 8.93 -5.47 -7.56
CA ASN A 37 10.28 -5.65 -8.16
C ASN A 37 10.36 -5.14 -9.61
N LYS A 38 9.19 -4.85 -10.24
CA LYS A 38 9.15 -4.29 -11.62
C LYS A 38 9.46 -2.77 -11.61
N LEU A 39 9.28 -2.12 -10.44
CA LEU A 39 9.52 -0.67 -10.27
C LEU A 39 11.03 -0.37 -10.50
N PRO A 40 11.38 0.72 -11.28
CA PRO A 40 12.78 1.09 -11.58
C PRO A 40 13.59 1.35 -10.30
N GLY A 41 14.92 1.20 -10.39
CA GLY A 41 15.84 1.24 -9.24
C GLY A 41 15.70 2.46 -8.34
N GLU A 42 15.36 3.63 -8.94
CA GLU A 42 15.17 4.90 -8.22
C GLU A 42 13.96 4.83 -7.25
N LYS A 43 12.93 4.06 -7.63
CA LYS A 43 11.74 3.82 -6.77
C LYS A 43 11.98 2.61 -5.87
N LEU A 44 12.65 1.60 -6.42
CA LEU A 44 12.87 0.29 -5.77
C LEU A 44 13.74 0.46 -4.51
N GLY A 45 14.73 1.35 -4.64
CA GLY A 45 15.65 1.69 -3.56
C GLY A 45 14.97 2.49 -2.44
N ARG A 46 13.81 3.13 -2.77
CA ARG A 46 13.00 3.90 -1.79
C ARG A 46 11.85 3.04 -1.25
N VAL A 47 11.48 1.97 -1.97
CA VAL A 47 10.53 0.97 -1.48
C VAL A 47 11.19 0.17 -0.36
N VAL A 48 12.34 -0.44 -0.68
CA VAL A 48 13.10 -1.27 0.26
C VAL A 48 13.64 -0.42 1.44
N HIS A 49 13.85 0.90 1.16
CA HIS A 49 14.31 1.87 2.17
C HIS A 49 13.34 1.94 3.36
N ILE A 50 12.04 2.17 3.09
CA ILE A 50 11.01 2.33 4.15
C ILE A 50 10.80 1.01 4.91
N ILE A 51 11.01 -0.12 4.22
CA ILE A 51 10.88 -1.48 4.80
C ILE A 51 11.99 -1.72 5.84
N GLN A 52 13.24 -1.42 5.45
CA GLN A 52 14.43 -1.65 6.29
C GLN A 52 14.63 -0.52 7.33
N ALA A 53 13.96 0.62 7.11
CA ALA A 53 13.96 1.76 8.04
C ALA A 53 12.98 1.51 9.19
N ARG A 54 11.75 1.03 8.84
CA ARG A 54 10.73 0.69 9.83
C ARG A 54 11.11 -0.58 10.59
N GLU A 55 11.73 -1.54 9.88
CA GLU A 55 12.22 -2.81 10.46
C GLU A 55 13.77 -2.83 10.39
N PRO A 56 14.49 -2.39 11.49
CA PRO A 56 15.97 -2.29 11.52
C PRO A 56 16.69 -3.63 11.31
N SER A 57 15.95 -4.74 11.46
CA SER A 57 16.45 -6.10 11.19
C SER A 57 16.95 -6.23 9.74
N LEU A 58 16.16 -5.68 8.79
CA LEU A 58 16.45 -5.77 7.34
C LEU A 58 17.46 -4.69 6.89
N ARG A 59 17.74 -3.71 7.78
CA ARG A 59 18.65 -2.58 7.48
C ARG A 59 20.11 -3.05 7.34
N ASP A 60 20.45 -4.15 8.03
CA ASP A 60 21.79 -4.78 7.97
C ASP A 60 22.01 -5.42 6.58
N SER A 61 20.92 -6.00 6.02
CA SER A 61 20.95 -6.78 4.78
C SER A 61 21.29 -5.90 3.56
N ASN A 62 22.10 -6.47 2.63
CA ASN A 62 22.46 -5.82 1.36
C ASN A 62 21.20 -5.64 0.50
N PRO A 63 20.97 -4.42 -0.12
CA PRO A 63 19.77 -4.16 -0.96
C PRO A 63 19.76 -4.99 -2.27
N GLU A 64 20.90 -5.66 -2.53
CA GLU A 64 21.08 -6.59 -3.65
C GLU A 64 20.38 -7.93 -3.35
N GLU A 65 20.66 -8.45 -2.15
CA GLU A 65 20.29 -9.82 -1.75
C GLU A 65 19.07 -9.85 -0.81
N ILE A 66 18.57 -8.67 -0.45
CA ILE A 66 17.43 -8.53 0.47
C ILE A 66 16.13 -8.97 -0.24
N GLU A 67 15.28 -9.66 0.53
CA GLU A 67 13.91 -9.98 0.11
C GLU A 67 12.96 -9.38 1.15
N ILE A 68 11.74 -9.03 0.71
CA ILE A 68 10.73 -8.44 1.59
C ILE A 68 10.12 -9.56 2.43
N ASP A 69 10.62 -9.71 3.66
CA ASP A 69 10.15 -10.71 4.60
C ASP A 69 8.78 -10.27 5.18
N PHE A 70 7.70 -10.54 4.39
CA PHE A 70 6.33 -10.00 4.62
C PHE A 70 5.77 -10.38 6.00
N GLU A 71 5.79 -11.67 6.31
CA GLU A 71 5.25 -12.24 7.57
C GLU A 71 6.12 -11.85 8.77
N THR A 72 7.33 -11.38 8.49
CA THR A 72 8.30 -10.91 9.49
C THR A 72 8.09 -9.41 9.82
N LEU A 73 7.56 -8.64 8.83
CA LEU A 73 7.24 -7.20 9.00
C LEU A 73 6.03 -7.03 9.94
N LYS A 74 5.98 -5.88 10.64
CA LYS A 74 4.80 -5.48 11.44
C LYS A 74 3.55 -5.33 10.52
N PRO A 75 2.30 -5.63 11.01
CA PRO A 75 1.05 -5.31 10.28
C PRO A 75 0.98 -3.86 9.75
N SER A 76 1.55 -2.92 10.54
CA SER A 76 1.64 -1.49 10.16
C SER A 76 2.65 -1.28 9.02
N THR A 77 3.80 -1.97 9.09
CA THR A 77 4.87 -1.90 8.06
C THR A 77 4.38 -2.50 6.72
N LEU A 78 3.57 -3.58 6.82
CA LEU A 78 3.04 -4.31 5.67
C LEU A 78 2.00 -3.44 4.94
N ARG A 79 1.11 -2.82 5.74
CA ARG A 79 0.07 -1.92 5.22
C ARG A 79 0.73 -0.69 4.58
N GLU A 80 1.74 -0.13 5.26
CA GLU A 80 2.52 1.03 4.79
C GLU A 80 3.15 0.76 3.42
N LEU A 81 3.66 -0.48 3.27
CA LEU A 81 4.31 -0.95 2.04
C LEU A 81 3.33 -0.99 0.86
N GLU A 82 2.20 -1.70 1.03
CA GLU A 82 1.24 -1.93 -0.08
C GLU A 82 0.48 -0.63 -0.44
N ARG A 83 0.33 0.27 0.55
CA ARG A 83 -0.22 1.62 0.32
C ARG A 83 0.76 2.48 -0.52
N TYR A 84 2.06 2.37 -0.16
CA TYR A 84 3.15 3.11 -0.79
C TYR A 84 3.25 2.77 -2.28
N VAL A 85 3.37 1.46 -2.57
CA VAL A 85 3.60 0.97 -3.94
C VAL A 85 2.34 1.12 -4.81
N LEU A 86 1.14 1.05 -4.19
CA LEU A 86 -0.15 1.24 -4.90
C LEU A 86 -0.24 2.71 -5.38
N SER A 87 0.31 3.63 -4.56
CA SER A 87 0.42 5.07 -4.90
C SER A 87 1.42 5.28 -6.05
N CYS A 88 2.52 4.47 -6.05
CA CYS A 88 3.57 4.51 -7.10
C CYS A 88 3.02 4.03 -8.46
N LEU A 89 2.13 3.03 -8.41
CA LEU A 89 1.45 2.48 -9.60
C LEU A 89 0.33 3.42 -10.08
N ARG A 90 -0.42 3.98 -9.11
CA ARG A 90 -1.59 4.87 -9.33
C ARG A 90 -2.82 4.11 -9.93
N LYS A 91 -2.65 2.78 -10.13
CA LYS A 91 -3.64 1.92 -10.81
C LYS A 91 -3.25 0.43 -10.61
N LYS A 92 -4.02 -0.48 -11.23
CA LYS A 92 -3.78 -1.94 -11.14
C LYS A 92 -3.64 -2.57 -12.55
N PRO A 93 -2.40 -2.99 -12.97
CA PRO A 93 -2.21 -3.73 -14.23
C PRO A 93 -2.77 -5.17 -14.14
N ARG A 94 -3.62 -5.54 -15.09
CA ARG A 94 -4.21 -6.89 -15.17
C ARG A 94 -4.03 -7.47 -16.59
N LYS A 95 -3.75 -8.79 -16.65
CA LYS A 95 -3.55 -9.53 -17.92
C LYS A 95 -4.89 -9.70 -18.68
N PRO A 96 -4.94 -9.38 -20.01
CA PRO A 96 -6.07 -9.71 -20.88
C PRO A 96 -5.82 -11.07 -21.61
N TYR A 97 -5.52 -11.04 -22.92
CA TYR A 97 -5.26 -12.24 -23.73
C TYR A 97 -4.39 -11.87 -24.95
N THR A 98 -3.79 -12.89 -25.58
CA THR A 98 -2.93 -12.73 -26.77
C THR A 98 -3.78 -12.81 -28.06
N ILE A 99 -3.10 -12.74 -29.24
CA ILE A 99 -3.76 -12.94 -30.55
C ILE A 99 -4.33 -14.39 -30.63
N LYS A 100 -5.60 -14.53 -30.19
CA LYS A 100 -6.26 -15.84 -30.07
C LYS A 100 -6.96 -16.19 -31.40
N LYS A 101 -7.38 -15.16 -32.15
CA LYS A 101 -8.08 -15.34 -33.44
C LYS A 101 -7.23 -14.75 -34.58
N PRO A 102 -6.60 -15.61 -35.44
CA PRO A 102 -5.86 -15.16 -36.62
C PRO A 102 -6.84 -14.86 -37.78
N VAL A 103 -7.28 -13.59 -37.86
CA VAL A 103 -8.23 -13.13 -38.89
C VAL A 103 -7.57 -13.15 -40.29
N GLY A 104 -6.27 -12.83 -40.33
CA GLY A 104 -5.48 -12.89 -41.56
C GLY A 104 -5.07 -14.31 -41.91
N LYS A 105 -4.51 -15.01 -40.92
CA LYS A 105 -4.01 -16.40 -41.07
C LYS A 105 -5.17 -17.39 -40.86
N THR A 106 -6.02 -17.50 -41.88
CA THR A 106 -7.12 -18.47 -41.91
C THR A 106 -6.59 -19.84 -42.36
N LYS A 107 -7.39 -20.90 -42.17
CA LYS A 107 -7.07 -22.27 -42.66
C LYS A 107 -6.88 -22.26 -44.21
N GLU A 108 -7.58 -21.29 -44.85
CA GLU A 108 -7.61 -21.10 -46.30
C GLU A 108 -6.22 -20.64 -46.80
N GLU A 109 -5.59 -19.73 -46.01
CA GLU A 109 -4.29 -19.09 -46.30
C GLU A 109 -3.18 -20.14 -46.59
N LEU A 110 -3.18 -21.22 -45.78
CA LEU A 110 -2.17 -22.30 -45.85
C LEU A 110 -2.22 -23.07 -47.19
N ALA A 111 -3.42 -23.13 -47.78
CA ALA A 111 -3.63 -23.81 -49.09
C ALA A 111 -3.25 -22.87 -50.25
N LEU A 112 -3.55 -21.56 -50.09
CA LEU A 112 -3.25 -20.53 -51.11
C LEU A 112 -1.72 -20.38 -51.32
N GLU A 113 -0.99 -20.20 -50.21
CA GLU A 113 0.47 -19.99 -50.23
C GLU A 113 1.22 -21.26 -50.73
N LYS A 114 0.59 -22.42 -50.52
CA LYS A 114 1.18 -23.74 -50.80
C LYS A 114 1.41 -23.98 -52.30
N LYS A 115 0.45 -23.57 -53.14
CA LYS A 115 0.49 -23.82 -54.60
C LYS A 115 1.66 -23.06 -55.29
N ARG A 116 2.04 -21.89 -54.74
CA ARG A 116 3.20 -21.11 -55.23
C ARG A 116 4.51 -21.82 -54.82
N GLU A 117 4.54 -22.26 -53.54
CA GLU A 117 5.70 -22.94 -52.94
C GLU A 117 5.98 -24.30 -53.61
N LEU A 118 4.89 -24.97 -54.03
CA LEU A 118 4.92 -26.29 -54.67
C LEU A 118 5.61 -26.21 -56.05
N GLU A 119 5.48 -25.06 -56.71
CA GLU A 119 6.17 -24.76 -57.97
C GLU A 119 7.61 -24.25 -57.70
N LYS A 120 7.76 -23.48 -56.61
CA LYS A 120 9.00 -22.77 -56.24
C LYS A 120 10.15 -23.75 -55.89
N ARG A 121 9.81 -24.92 -55.31
CA ARG A 121 10.79 -25.96 -54.93
C ARG A 121 11.51 -26.61 -56.15
N LEU A 122 10.98 -26.38 -57.37
CA LEU A 122 11.62 -26.84 -58.62
C LEU A 122 12.82 -25.93 -58.97
N GLN A 123 12.72 -24.64 -58.62
CA GLN A 123 13.83 -23.67 -58.74
C GLN A 123 14.93 -24.01 -57.71
N ASP A 124 14.48 -24.40 -56.49
CA ASP A 124 15.37 -24.72 -55.34
C ASP A 124 16.42 -25.81 -55.67
N VAL A 125 16.02 -26.78 -56.52
CA VAL A 125 16.83 -27.97 -56.86
C VAL A 125 18.28 -27.62 -57.27
N SER A 126 18.42 -26.86 -58.39
CA SER A 126 19.72 -26.40 -58.93
C SER A 126 20.68 -27.59 -59.24
N GLY A 127 21.98 -27.27 -59.45
CA GLY A 127 23.01 -28.29 -59.67
C GLY A 127 24.42 -27.73 -59.52
N GLN A 128 24.62 -26.92 -58.46
CA GLN A 128 25.94 -26.37 -58.10
C GLN A 128 26.63 -27.33 -57.11
N LEU A 129 27.96 -27.52 -57.27
CA LEU A 129 28.75 -28.47 -56.46
C LEU A 129 28.80 -28.02 -54.98
N ASN A 130 28.18 -28.81 -54.09
CA ASN A 130 28.10 -28.54 -52.64
C ASN A 130 28.91 -29.63 -51.92
N SER A 131 30.15 -29.29 -51.51
CA SER A 131 31.07 -30.20 -50.81
C SER A 131 31.89 -29.42 -49.77
N THR A 132 32.64 -30.14 -48.92
CA THR A 132 33.48 -29.55 -47.87
C THR A 132 34.94 -29.35 -48.37
N SER A 1 -44.30 24.67 22.74
CA SER A 1 -43.24 23.95 22.01
C SER A 1 -41.86 24.27 22.64
N MET A 2 -41.40 23.37 23.51
CA MET A 2 -40.14 23.53 24.25
C MET A 2 -38.95 22.98 23.43
N LYS A 3 -39.06 21.68 23.06
CA LYS A 3 -37.99 20.90 22.40
C LYS A 3 -36.74 20.83 23.30
N THR A 4 -36.66 19.77 24.12
CA THR A 4 -35.61 19.58 25.13
C THR A 4 -34.19 19.56 24.50
N ALA A 5 -33.22 20.15 25.23
CA ALA A 5 -31.81 20.18 24.82
C ALA A 5 -31.19 18.77 24.90
N PRO A 6 -30.44 18.32 23.84
CA PRO A 6 -29.73 17.01 23.84
C PRO A 6 -28.73 16.86 25.03
N PRO A 7 -28.81 15.74 25.83
CA PRO A 7 -27.88 15.50 26.97
C PRO A 7 -26.48 15.03 26.49
N ALA A 8 -25.52 15.05 27.43
CA ALA A 8 -24.09 14.75 27.14
C ALA A 8 -23.87 13.25 26.87
N LEU A 9 -23.97 12.86 25.58
CA LEU A 9 -23.83 11.47 25.11
C LEU A 9 -22.86 11.41 23.91
N PRO A 10 -21.52 11.16 24.15
CA PRO A 10 -20.53 10.93 23.06
C PRO A 10 -20.95 9.76 22.14
N THR A 11 -21.25 10.08 20.87
CA THR A 11 -21.72 9.11 19.88
C THR A 11 -20.66 8.93 18.78
N GLY A 12 -20.21 7.68 18.58
CA GLY A 12 -19.28 7.33 17.51
C GLY A 12 -17.83 7.64 17.87
N TYR A 13 -16.91 6.75 17.44
CA TYR A 13 -15.45 6.95 17.55
C TYR A 13 -14.82 6.66 16.18
N ASP A 14 -15.37 5.63 15.48
CA ASP A 14 -15.07 5.32 14.06
C ASP A 14 -13.56 5.08 13.85
N SER A 15 -13.05 4.01 14.47
CA SER A 15 -11.62 3.68 14.49
C SER A 15 -11.45 2.23 15.04
N GLU A 16 -11.75 1.25 14.18
CA GLU A 16 -11.89 -0.17 14.57
C GLU A 16 -10.95 -1.09 13.76
N GLU A 17 -10.64 -0.68 12.51
CA GLU A 17 -9.86 -1.49 11.54
C GLU A 17 -8.41 -1.73 12.01
N GLU A 18 -7.91 -0.84 12.89
CA GLU A 18 -6.51 -0.84 13.37
C GLU A 18 -6.11 -2.18 14.03
N GLU A 19 -7.03 -2.76 14.81
CA GLU A 19 -6.79 -4.06 15.49
C GLU A 19 -6.79 -5.22 14.47
N GLU A 20 -7.62 -5.07 13.41
CA GLU A 20 -7.75 -6.07 12.33
C GLU A 20 -6.60 -5.96 11.32
N SER A 21 -5.86 -4.83 11.34
CA SER A 21 -4.70 -4.59 10.46
C SER A 21 -3.53 -5.49 10.91
N ARG A 22 -3.57 -6.73 10.42
CA ARG A 22 -2.57 -7.79 10.70
C ARG A 22 -1.67 -8.01 9.46
N PRO A 23 -0.62 -8.92 9.50
CA PRO A 23 0.05 -9.42 8.28
C PRO A 23 -0.99 -9.90 7.23
N MET A 24 -0.97 -9.22 6.07
CA MET A 24 -2.02 -9.34 5.02
C MET A 24 -1.99 -10.72 4.32
N SER A 25 -2.93 -10.94 3.36
CA SER A 25 -2.98 -12.19 2.57
C SER A 25 -1.64 -12.40 1.83
N TYR A 26 -1.07 -13.60 2.01
CA TYR A 26 0.30 -13.91 1.60
C TYR A 26 0.41 -14.08 0.09
N ASP A 27 -0.58 -14.76 -0.52
CA ASP A 27 -0.64 -14.98 -1.98
C ASP A 27 -0.80 -13.65 -2.74
N GLU A 28 -1.63 -12.76 -2.19
CA GLU A 28 -1.86 -11.42 -2.72
C GLU A 28 -0.57 -10.58 -2.64
N LYS A 29 0.19 -10.79 -1.55
CA LYS A 29 1.51 -10.16 -1.32
C LYS A 29 2.64 -10.79 -2.15
N ARG A 30 2.49 -12.06 -2.62
CA ARG A 30 3.41 -12.65 -3.61
C ARG A 30 3.32 -11.87 -4.94
N GLN A 31 2.06 -11.58 -5.31
CA GLN A 31 1.72 -10.79 -6.50
C GLN A 31 2.11 -9.32 -6.31
N LEU A 32 2.01 -8.83 -5.06
CA LEU A 32 2.42 -7.45 -4.69
C LEU A 32 3.94 -7.31 -4.83
N SER A 33 4.67 -8.38 -4.45
CA SER A 33 6.15 -8.42 -4.54
C SER A 33 6.63 -8.47 -6.01
N LEU A 34 5.75 -8.99 -6.88
CA LEU A 34 5.95 -8.97 -8.34
C LEU A 34 5.86 -7.50 -8.85
N ASP A 35 4.91 -6.74 -8.26
CA ASP A 35 4.73 -5.30 -8.55
C ASP A 35 5.82 -4.44 -7.90
N ILE A 36 6.41 -4.92 -6.79
CA ILE A 36 7.60 -4.28 -6.17
C ILE A 36 8.81 -4.44 -7.12
N ASN A 37 8.93 -5.65 -7.68
CA ASN A 37 10.00 -6.03 -8.64
C ASN A 37 9.97 -5.14 -9.91
N LYS A 38 8.75 -4.69 -10.32
CA LYS A 38 8.56 -3.93 -11.59
C LYS A 38 9.07 -2.47 -11.45
N LEU A 39 9.16 -1.98 -10.20
CA LEU A 39 9.52 -0.58 -9.90
C LEU A 39 10.99 -0.28 -10.26
N PRO A 40 11.29 0.89 -10.95
CA PRO A 40 12.67 1.27 -11.36
C PRO A 40 13.64 1.33 -10.16
N GLY A 41 14.90 0.91 -10.38
CA GLY A 41 15.91 0.72 -9.32
C GLY A 41 16.15 1.93 -8.42
N GLU A 42 16.08 3.13 -9.01
CA GLU A 42 16.27 4.42 -8.29
C GLU A 42 15.13 4.66 -7.26
N LYS A 43 13.94 4.14 -7.60
CA LYS A 43 12.74 4.21 -6.74
C LYS A 43 12.62 2.95 -5.88
N LEU A 44 13.17 1.83 -6.38
CA LEU A 44 12.98 0.50 -5.77
C LEU A 44 13.60 0.44 -4.37
N GLY A 45 14.87 0.89 -4.27
CA GLY A 45 15.56 0.96 -2.97
C GLY A 45 14.98 2.00 -2.04
N ARG A 46 14.23 2.97 -2.61
CA ARG A 46 13.49 4.02 -1.85
C ARG A 46 12.19 3.43 -1.26
N VAL A 47 11.59 2.47 -2.00
CA VAL A 47 10.43 1.68 -1.54
C VAL A 47 10.86 0.68 -0.46
N VAL A 48 12.06 0.12 -0.64
CA VAL A 48 12.68 -0.78 0.33
C VAL A 48 13.18 0.02 1.56
N HIS A 49 13.53 1.30 1.36
CA HIS A 49 14.14 2.15 2.43
C HIS A 49 13.16 2.42 3.59
N ILE A 50 11.84 2.48 3.29
CA ILE A 50 10.79 2.62 4.33
C ILE A 50 10.72 1.34 5.18
N ILE A 51 11.05 0.20 4.55
CA ILE A 51 11.11 -1.13 5.20
C ILE A 51 12.43 -1.24 6.03
N GLN A 52 13.53 -0.61 5.54
CA GLN A 52 14.83 -0.56 6.26
C GLN A 52 14.69 0.29 7.53
N ALA A 53 13.86 1.34 7.42
CA ALA A 53 13.62 2.33 8.46
C ALA A 53 12.70 1.76 9.55
N ARG A 54 11.54 1.21 9.12
CA ARG A 54 10.50 0.66 10.03
C ARG A 54 10.95 -0.69 10.62
N GLU A 55 11.75 -1.42 9.84
CA GLU A 55 12.30 -2.73 10.25
C GLU A 55 13.84 -2.67 10.13
N PRO A 56 14.55 -2.20 11.21
CA PRO A 56 16.04 -2.09 11.23
C PRO A 56 16.75 -3.45 11.05
N SER A 57 16.03 -4.56 11.34
CA SER A 57 16.54 -5.94 11.17
C SER A 57 16.89 -6.24 9.69
N LEU A 58 16.23 -5.51 8.78
CA LEU A 58 16.42 -5.66 7.33
C LEU A 58 17.32 -4.56 6.75
N ARG A 59 17.69 -3.56 7.57
CA ARG A 59 18.48 -2.39 7.13
C ARG A 59 19.91 -2.79 6.70
N ASP A 60 20.51 -3.71 7.47
CA ASP A 60 21.85 -4.25 7.19
C ASP A 60 21.81 -5.21 5.99
N SER A 61 20.61 -5.77 5.72
CA SER A 61 20.35 -6.61 4.55
C SER A 61 20.16 -5.69 3.32
N ASN A 62 21.12 -5.72 2.38
CA ASN A 62 21.14 -4.82 1.21
C ASN A 62 19.86 -5.01 0.34
N PRO A 63 19.29 -3.90 -0.26
CA PRO A 63 18.00 -3.95 -1.00
C PRO A 63 18.00 -4.88 -2.23
N GLU A 64 19.22 -5.22 -2.73
CA GLU A 64 19.38 -6.11 -3.89
C GLU A 64 19.14 -7.57 -3.50
N GLU A 65 19.55 -7.94 -2.27
CA GLU A 65 19.50 -9.32 -1.75
C GLU A 65 18.68 -9.41 -0.46
N ILE A 66 17.78 -8.43 -0.24
CA ILE A 66 16.93 -8.38 0.97
C ILE A 66 15.87 -9.49 0.95
N GLU A 67 15.74 -10.21 2.07
CA GLU A 67 14.68 -11.23 2.27
C GLU A 67 13.44 -10.56 2.90
N ILE A 68 12.51 -10.15 2.05
CA ILE A 68 11.23 -9.56 2.47
C ILE A 68 10.16 -10.67 2.56
N ASP A 69 10.11 -11.29 3.75
CA ASP A 69 9.12 -12.33 4.07
C ASP A 69 7.97 -11.67 4.86
N PHE A 70 6.73 -11.84 4.39
CA PHE A 70 5.55 -11.08 4.88
C PHE A 70 5.06 -11.58 6.26
N GLU A 71 5.63 -12.70 6.75
CA GLU A 71 5.37 -13.21 8.11
C GLU A 71 6.40 -12.65 9.11
N THR A 72 7.64 -12.40 8.62
CA THR A 72 8.69 -11.74 9.41
C THR A 72 8.49 -10.21 9.39
N LEU A 73 7.74 -9.71 8.40
CA LEU A 73 7.35 -8.30 8.30
C LEU A 73 6.18 -8.00 9.22
N LYS A 74 6.25 -6.84 9.88
CA LYS A 74 5.24 -6.37 10.86
C LYS A 74 4.02 -5.76 10.12
N PRO A 75 2.78 -5.82 10.71
CA PRO A 75 1.55 -5.24 10.08
C PRO A 75 1.69 -3.74 9.73
N SER A 76 2.56 -3.02 10.46
CA SER A 76 2.94 -1.63 10.16
C SER A 76 3.69 -1.56 8.81
N THR A 77 4.69 -2.44 8.67
CA THR A 77 5.49 -2.54 7.44
C THR A 77 4.59 -2.93 6.24
N LEU A 78 3.65 -3.87 6.48
CA LEU A 78 2.68 -4.37 5.46
C LEU A 78 1.81 -3.23 4.90
N ARG A 79 1.11 -2.50 5.81
CA ARG A 79 0.12 -1.46 5.44
C ARG A 79 0.81 -0.29 4.71
N GLU A 80 2.08 -0.04 5.07
CA GLU A 80 2.92 0.99 4.43
C GLU A 80 3.33 0.56 3.02
N LEU A 81 3.99 -0.62 2.90
CA LEU A 81 4.63 -1.05 1.64
C LEU A 81 3.62 -1.25 0.51
N GLU A 82 2.42 -1.80 0.84
CA GLU A 82 1.40 -2.13 -0.18
C GLU A 82 0.86 -0.86 -0.85
N ARG A 83 0.55 0.17 -0.03
CA ARG A 83 -0.04 1.42 -0.51
C ARG A 83 1.05 2.34 -1.10
N TYR A 84 2.30 2.16 -0.65
CA TYR A 84 3.48 2.89 -1.18
C TYR A 84 3.75 2.44 -2.62
N VAL A 85 3.72 1.12 -2.83
CA VAL A 85 3.85 0.49 -4.16
C VAL A 85 2.62 0.81 -5.02
N LEU A 86 1.43 0.88 -4.38
CA LEU A 86 0.15 1.24 -5.05
C LEU A 86 0.22 2.69 -5.59
N SER A 87 0.93 3.56 -4.85
CA SER A 87 1.18 4.95 -5.25
C SER A 87 2.08 5.01 -6.51
N CYS A 88 2.99 4.02 -6.63
CA CYS A 88 3.92 3.89 -7.78
C CYS A 88 3.28 3.07 -8.92
N LEU A 89 2.29 2.23 -8.56
CA LEU A 89 1.59 1.32 -9.47
C LEU A 89 0.61 2.12 -10.34
N ARG A 90 -0.13 3.02 -9.64
CA ARG A 90 -1.14 3.94 -10.20
C ARG A 90 -2.43 3.18 -10.58
N LYS A 91 -3.58 3.83 -10.35
CA LYS A 91 -4.91 3.26 -10.63
C LYS A 91 -5.21 3.22 -12.14
N LYS A 92 -6.10 2.32 -12.52
CA LYS A 92 -6.51 2.09 -13.92
C LYS A 92 -8.00 2.47 -14.09
N PRO A 93 -8.39 3.11 -15.26
CA PRO A 93 -9.77 3.62 -15.47
C PRO A 93 -10.85 2.52 -15.62
N ARG A 94 -10.41 1.24 -15.74
CA ARG A 94 -11.30 0.04 -15.74
C ARG A 94 -12.32 0.11 -16.92
N LYS A 95 -11.90 0.77 -18.02
CA LYS A 95 -12.74 0.92 -19.22
C LYS A 95 -12.88 -0.43 -19.96
N PRO A 96 -14.14 -0.89 -20.26
CA PRO A 96 -14.39 -2.20 -20.91
C PRO A 96 -13.88 -2.24 -22.38
N TYR A 97 -13.62 -3.46 -22.87
CA TYR A 97 -13.16 -3.70 -24.24
C TYR A 97 -14.23 -3.28 -25.26
N THR A 98 -13.78 -2.65 -26.37
CA THR A 98 -14.66 -2.17 -27.44
C THR A 98 -14.88 -3.29 -28.49
N ILE A 99 -13.76 -3.74 -29.08
CA ILE A 99 -13.75 -4.76 -30.13
C ILE A 99 -12.38 -5.45 -30.14
N LYS A 100 -12.37 -6.75 -30.43
CA LYS A 100 -11.14 -7.56 -30.52
C LYS A 100 -10.80 -7.80 -32.01
N LYS A 101 -11.76 -8.39 -32.76
CA LYS A 101 -11.63 -8.66 -34.21
C LYS A 101 -12.84 -8.09 -34.97
N PRO A 102 -12.64 -7.40 -36.13
CA PRO A 102 -13.74 -6.90 -36.98
C PRO A 102 -14.42 -8.05 -37.75
N VAL A 103 -15.52 -8.57 -37.18
CA VAL A 103 -16.34 -9.62 -37.81
C VAL A 103 -17.36 -8.98 -38.77
N GLY A 104 -17.90 -7.81 -38.35
CA GLY A 104 -18.84 -7.03 -39.16
C GLY A 104 -18.15 -6.14 -40.20
N LYS A 105 -16.79 -6.12 -40.17
CA LYS A 105 -15.96 -5.37 -41.13
C LYS A 105 -14.93 -6.30 -41.77
N THR A 106 -15.16 -6.65 -43.04
CA THR A 106 -14.19 -7.39 -43.86
C THR A 106 -13.54 -6.43 -44.87
N LYS A 107 -12.49 -6.90 -45.54
CA LYS A 107 -11.77 -6.15 -46.60
C LYS A 107 -12.65 -6.03 -47.87
N GLU A 108 -13.69 -6.89 -47.96
CA GLU A 108 -14.72 -6.85 -49.02
C GLU A 108 -15.47 -5.52 -49.03
N GLU A 109 -15.61 -4.92 -47.83
CA GLU A 109 -16.23 -3.59 -47.64
C GLU A 109 -15.44 -2.50 -48.41
N LEU A 110 -14.11 -2.58 -48.28
CA LEU A 110 -13.16 -1.67 -48.93
C LEU A 110 -13.18 -1.88 -50.47
N ALA A 111 -13.32 -3.15 -50.87
CA ALA A 111 -13.39 -3.56 -52.29
C ALA A 111 -14.75 -3.22 -52.92
N LEU A 112 -15.79 -3.10 -52.08
CA LEU A 112 -17.16 -2.77 -52.52
C LEU A 112 -17.28 -1.27 -52.84
N GLU A 113 -16.49 -0.44 -52.12
CA GLU A 113 -16.38 1.02 -52.38
C GLU A 113 -15.79 1.31 -53.78
N LYS A 114 -15.00 0.34 -54.31
CA LYS A 114 -14.45 0.41 -55.68
C LYS A 114 -15.59 0.41 -56.72
N LYS A 115 -16.64 -0.41 -56.47
CA LYS A 115 -17.80 -0.55 -57.39
C LYS A 115 -18.43 0.81 -57.74
N ARG A 116 -18.48 1.72 -56.74
CA ARG A 116 -19.00 3.10 -56.91
C ARG A 116 -18.28 3.83 -58.07
N GLU A 117 -16.95 3.69 -58.12
CA GLU A 117 -16.08 4.25 -59.18
C GLU A 117 -16.36 3.54 -60.53
N LEU A 118 -16.59 2.22 -60.47
CA LEU A 118 -16.86 1.39 -61.67
C LEU A 118 -18.16 1.83 -62.37
N GLU A 119 -19.20 2.17 -61.57
CA GLU A 119 -20.49 2.68 -62.09
C GLU A 119 -20.25 3.97 -62.87
N LYS A 120 -19.52 4.89 -62.22
CA LYS A 120 -19.19 6.22 -62.75
C LYS A 120 -18.31 6.14 -64.00
N ARG A 121 -17.48 5.09 -64.08
CA ARG A 121 -16.53 4.85 -65.20
C ARG A 121 -17.28 4.71 -66.55
N LEU A 122 -18.29 3.82 -66.57
CA LEU A 122 -19.06 3.50 -67.79
C LEU A 122 -20.09 4.61 -68.11
N GLN A 123 -20.48 5.37 -67.08
CA GLN A 123 -21.35 6.56 -67.24
C GLN A 123 -20.54 7.78 -67.73
N ASP A 124 -19.20 7.70 -67.58
CA ASP A 124 -18.26 8.76 -68.02
C ASP A 124 -17.83 8.56 -69.49
N VAL A 125 -18.16 7.39 -70.08
CA VAL A 125 -17.81 7.07 -71.49
C VAL A 125 -18.54 8.01 -72.47
N SER A 126 -19.85 8.20 -72.27
CA SER A 126 -20.66 9.14 -73.06
C SER A 126 -20.68 10.54 -72.41
N GLY A 127 -20.75 11.60 -73.23
CA GLY A 127 -20.78 12.98 -72.73
C GLY A 127 -20.50 14.01 -73.82
N GLN A 128 -21.52 14.26 -74.68
CA GLN A 128 -21.45 15.31 -75.72
C GLN A 128 -22.04 16.61 -75.16
N LEU A 129 -21.17 17.52 -74.67
CA LEU A 129 -21.58 18.80 -74.09
C LEU A 129 -21.78 19.85 -75.19
N ASN A 130 -23.02 19.91 -75.73
CA ASN A 130 -23.44 20.94 -76.69
C ASN A 130 -23.71 22.23 -75.90
N SER A 131 -22.73 23.17 -75.96
CA SER A 131 -22.77 24.40 -75.17
C SER A 131 -23.29 25.58 -76.02
N THR A 132 -22.65 25.79 -77.18
CA THR A 132 -22.98 26.89 -78.10
C THR A 132 -22.92 26.37 -79.56
N SER A 1 -25.95 23.73 -6.38
CA SER A 1 -24.55 23.92 -6.79
C SER A 1 -24.05 25.27 -6.25
N MET A 2 -23.50 25.25 -5.02
CA MET A 2 -22.98 26.47 -4.34
C MET A 2 -21.97 26.06 -3.25
N LYS A 3 -21.05 26.98 -2.91
CA LYS A 3 -19.96 26.75 -1.93
C LYS A 3 -20.42 26.97 -0.46
N THR A 4 -21.73 26.78 -0.19
CA THR A 4 -22.32 26.94 1.14
C THR A 4 -21.87 25.80 2.07
N ALA A 5 -20.70 26.01 2.71
CA ALA A 5 -20.05 25.02 3.58
C ALA A 5 -20.50 25.20 5.04
N PRO A 6 -20.67 24.08 5.84
CA PRO A 6 -21.16 24.16 7.24
C PRO A 6 -20.12 24.81 8.20
N PRO A 7 -20.58 25.51 9.30
CA PRO A 7 -19.68 26.06 10.35
C PRO A 7 -18.84 24.95 11.01
N ALA A 8 -17.56 25.27 11.29
CA ALA A 8 -16.55 24.34 11.86
C ALA A 8 -16.10 23.29 10.82
N LEU A 9 -14.79 23.00 10.82
CA LEU A 9 -14.16 21.96 9.97
C LEU A 9 -14.06 20.64 10.76
N PRO A 10 -13.96 19.45 10.06
CA PRO A 10 -13.69 18.15 10.73
C PRO A 10 -12.28 18.11 11.36
N THR A 11 -12.10 17.22 12.34
CA THR A 11 -10.86 17.11 13.13
C THR A 11 -10.69 15.67 13.64
N GLY A 12 -9.61 15.41 14.40
CA GLY A 12 -9.33 14.10 14.97
C GLY A 12 -8.58 13.19 14.00
N TYR A 13 -7.70 12.35 14.55
CA TYR A 13 -6.86 11.41 13.77
C TYR A 13 -7.46 10.00 13.81
N ASP A 14 -8.82 9.94 13.91
CA ASP A 14 -9.58 8.69 14.16
C ASP A 14 -9.42 7.69 13.01
N SER A 15 -8.42 6.81 13.15
CA SER A 15 -8.15 5.72 12.22
C SER A 15 -8.67 4.42 12.83
N GLU A 16 -9.87 4.01 12.38
CA GLU A 16 -10.58 2.81 12.87
C GLU A 16 -9.84 1.51 12.45
N GLU A 17 -9.02 1.61 11.39
CA GLU A 17 -8.26 0.51 10.78
C GLU A 17 -7.18 -0.07 11.75
N GLU A 18 -6.74 0.75 12.72
CA GLU A 18 -5.61 0.44 13.62
C GLU A 18 -5.88 -0.77 14.52
N GLU A 19 -7.11 -0.85 15.07
CA GLU A 19 -7.49 -1.92 16.03
C GLU A 19 -7.77 -3.26 15.31
N GLU A 20 -7.92 -3.21 13.98
CA GLU A 20 -8.15 -4.41 13.14
C GLU A 20 -6.90 -4.67 12.24
N SER A 21 -5.74 -4.12 12.67
CA SER A 21 -4.47 -4.26 11.94
C SER A 21 -3.96 -5.71 11.99
N ARG A 22 -4.09 -6.41 10.84
CA ARG A 22 -3.64 -7.81 10.68
C ARG A 22 -2.69 -7.92 9.46
N PRO A 23 -1.63 -8.80 9.53
CA PRO A 23 -0.77 -9.12 8.38
C PRO A 23 -1.61 -9.76 7.25
N MET A 24 -1.86 -8.96 6.20
CA MET A 24 -2.75 -9.31 5.08
C MET A 24 -2.19 -10.49 4.25
N SER A 25 -3.10 -11.12 3.46
CA SER A 25 -2.85 -12.41 2.79
C SER A 25 -1.58 -12.37 1.90
N TYR A 26 -0.72 -13.38 2.11
CA TYR A 26 0.63 -13.46 1.54
C TYR A 26 0.62 -13.79 0.04
N ASP A 27 -0.50 -14.38 -0.44
CA ASP A 27 -0.71 -14.70 -1.88
C ASP A 27 -0.53 -13.45 -2.74
N GLU A 28 -1.22 -12.38 -2.32
CA GLU A 28 -1.20 -11.06 -2.97
C GLU A 28 0.17 -10.40 -2.81
N LYS A 29 0.85 -10.67 -1.69
CA LYS A 29 2.17 -10.07 -1.35
C LYS A 29 3.33 -10.72 -2.13
N ARG A 30 3.16 -11.98 -2.54
CA ARG A 30 4.13 -12.66 -3.42
C ARG A 30 4.00 -12.14 -4.86
N GLN A 31 2.73 -11.94 -5.27
CA GLN A 31 2.40 -11.29 -6.57
C GLN A 31 2.79 -9.79 -6.54
N LEU A 32 2.76 -9.20 -5.33
CA LEU A 32 3.10 -7.79 -5.09
C LEU A 32 4.60 -7.58 -5.24
N SER A 33 5.40 -8.55 -4.73
CA SER A 33 6.87 -8.53 -4.83
C SER A 33 7.30 -8.49 -6.32
N LEU A 34 6.60 -9.28 -7.15
CA LEU A 34 6.77 -9.27 -8.63
C LEU A 34 6.45 -7.88 -9.23
N ASP A 35 5.39 -7.26 -8.67
CA ASP A 35 4.88 -5.93 -9.11
C ASP A 35 5.85 -4.81 -8.66
N ILE A 36 6.59 -5.02 -7.56
CA ILE A 36 7.61 -4.07 -7.07
C ILE A 36 8.84 -4.10 -8.02
N ASN A 37 9.14 -5.29 -8.57
CA ASN A 37 10.24 -5.47 -9.55
C ASN A 37 9.88 -4.95 -10.96
N LYS A 38 8.64 -4.45 -11.15
CA LYS A 38 8.22 -3.80 -12.42
C LYS A 38 8.85 -2.38 -12.49
N LEU A 39 9.14 -1.84 -11.31
CA LEU A 39 9.70 -0.50 -11.11
C LEU A 39 11.22 -0.51 -11.38
N PRO A 40 11.86 0.67 -11.75
CA PRO A 40 13.33 0.78 -11.93
C PRO A 40 14.12 0.36 -10.67
N GLY A 41 15.39 -0.06 -10.85
CA GLY A 41 16.23 -0.56 -9.74
C GLY A 41 16.40 0.44 -8.59
N GLU A 42 16.47 1.73 -8.96
CA GLU A 42 16.58 2.85 -7.99
C GLU A 42 15.33 2.93 -7.09
N LYS A 43 14.17 2.52 -7.62
CA LYS A 43 12.86 2.67 -6.98
C LYS A 43 12.67 1.56 -5.92
N LEU A 44 13.21 0.36 -6.20
CA LEU A 44 13.12 -0.81 -5.29
C LEU A 44 13.66 -0.44 -3.90
N GLY A 45 14.88 0.12 -3.86
CA GLY A 45 15.55 0.50 -2.60
C GLY A 45 14.85 1.60 -1.81
N ARG A 46 13.98 2.37 -2.50
CA ARG A 46 13.22 3.48 -1.90
C ARG A 46 11.85 2.99 -1.38
N VAL A 47 11.29 1.96 -2.04
CA VAL A 47 10.06 1.27 -1.58
C VAL A 47 10.37 0.33 -0.39
N VAL A 48 11.57 -0.25 -0.44
CA VAL A 48 12.11 -1.12 0.62
C VAL A 48 12.61 -0.29 1.81
N HIS A 49 12.96 0.99 1.59
CA HIS A 49 13.57 1.86 2.63
C HIS A 49 12.64 2.05 3.86
N ILE A 50 11.31 1.99 3.63
CA ILE A 50 10.30 2.07 4.71
C ILE A 50 10.33 0.78 5.59
N ILE A 51 10.68 -0.35 4.95
CA ILE A 51 10.84 -1.67 5.59
C ILE A 51 12.19 -1.74 6.35
N GLN A 52 13.21 -1.05 5.80
CA GLN A 52 14.55 -0.91 6.43
C GLN A 52 14.41 -0.12 7.74
N ALA A 53 13.59 0.94 7.67
CA ALA A 53 13.31 1.85 8.81
C ALA A 53 12.47 1.15 9.87
N ARG A 54 11.64 0.18 9.41
CA ARG A 54 10.80 -0.64 10.30
C ARG A 54 11.67 -1.62 11.09
N GLU A 55 12.39 -2.49 10.36
CA GLU A 55 13.17 -3.59 10.94
C GLU A 55 14.68 -3.33 10.77
N PRO A 56 15.40 -2.95 11.89
CA PRO A 56 16.89 -2.90 11.93
C PRO A 56 17.54 -4.24 11.53
N SER A 57 16.78 -5.34 11.69
CA SER A 57 17.18 -6.71 11.31
C SER A 57 17.60 -6.80 9.83
N LEU A 58 16.92 -6.05 8.95
CA LEU A 58 17.18 -6.06 7.48
C LEU A 58 17.69 -4.69 6.98
N ARG A 59 17.85 -3.73 7.90
CA ARG A 59 18.17 -2.32 7.56
C ARG A 59 19.54 -2.19 6.85
N ASP A 60 20.54 -2.94 7.35
CA ASP A 60 21.90 -2.90 6.80
C ASP A 60 22.01 -3.80 5.54
N SER A 61 21.10 -4.80 5.43
CA SER A 61 21.04 -5.72 4.27
C SER A 61 20.70 -4.94 2.99
N ASN A 62 21.52 -5.15 1.93
CA ASN A 62 21.40 -4.41 0.66
C ASN A 62 20.05 -4.69 -0.03
N PRO A 63 19.26 -3.61 -0.40
CA PRO A 63 17.91 -3.75 -0.99
C PRO A 63 17.89 -4.34 -2.42
N GLU A 64 19.10 -4.64 -2.95
CA GLU A 64 19.25 -5.38 -4.22
C GLU A 64 18.84 -6.85 -4.01
N GLU A 65 19.38 -7.45 -2.93
CA GLU A 65 19.28 -8.90 -2.66
C GLU A 65 18.46 -9.18 -1.39
N ILE A 66 17.69 -8.19 -0.91
CA ILE A 66 16.86 -8.36 0.31
C ILE A 66 15.69 -9.33 0.04
N GLU A 67 15.45 -10.22 1.00
CA GLU A 67 14.30 -11.13 0.99
C GLU A 67 13.29 -10.62 2.02
N ILE A 68 12.24 -9.96 1.50
CA ILE A 68 11.23 -9.29 2.34
C ILE A 68 10.22 -10.33 2.84
N ASP A 69 10.51 -10.91 4.01
CA ASP A 69 9.57 -11.82 4.67
C ASP A 69 8.48 -10.99 5.35
N PHE A 70 7.33 -10.92 4.67
CA PHE A 70 6.17 -10.07 5.06
C PHE A 70 5.62 -10.46 6.44
N GLU A 71 5.80 -11.74 6.80
CA GLU A 71 5.34 -12.31 8.08
C GLU A 71 6.23 -11.85 9.26
N THR A 72 7.55 -11.69 9.00
CA THR A 72 8.52 -11.22 10.03
C THR A 72 8.38 -9.69 10.27
N LEU A 73 7.63 -9.02 9.36
CA LEU A 73 7.33 -7.58 9.48
C LEU A 73 6.04 -7.38 10.29
N LYS A 74 5.87 -6.18 10.86
CA LYS A 74 4.63 -5.75 11.53
C LYS A 74 3.47 -5.60 10.50
N PRO A 75 2.17 -5.72 10.92
CA PRO A 75 1.01 -5.43 10.04
C PRO A 75 1.01 -3.95 9.57
N SER A 76 1.64 -3.10 10.40
CA SER A 76 1.90 -1.67 10.10
C SER A 76 2.73 -1.50 8.81
N THR A 77 3.76 -2.37 8.67
CA THR A 77 4.68 -2.36 7.52
C THR A 77 3.92 -2.65 6.23
N LEU A 78 3.05 -3.68 6.30
CA LEU A 78 2.25 -4.17 5.16
C LEU A 78 1.23 -3.12 4.72
N ARG A 79 0.58 -2.46 5.69
CA ARG A 79 -0.47 -1.47 5.42
C ARG A 79 0.12 -0.22 4.73
N GLU A 80 1.30 0.18 5.20
CA GLU A 80 2.07 1.30 4.64
C GLU A 80 2.61 0.92 3.25
N LEU A 81 3.06 -0.34 3.11
CA LEU A 81 3.64 -0.88 1.85
C LEU A 81 2.60 -0.86 0.74
N GLU A 82 1.34 -1.23 1.08
CA GLU A 82 0.19 -1.20 0.14
C GLU A 82 -0.02 0.22 -0.40
N ARG A 83 -0.03 1.19 0.52
CA ARG A 83 -0.29 2.60 0.20
C ARG A 83 0.90 3.24 -0.57
N TYR A 84 2.12 2.76 -0.29
CA TYR A 84 3.37 3.29 -0.86
C TYR A 84 3.55 2.79 -2.30
N VAL A 85 3.27 1.49 -2.52
CA VAL A 85 3.37 0.85 -3.84
C VAL A 85 2.16 1.29 -4.72
N LEU A 86 1.03 1.66 -4.06
CA LEU A 86 -0.15 2.25 -4.73
C LEU A 86 0.13 3.71 -5.13
N SER A 87 1.08 4.37 -4.43
CA SER A 87 1.57 5.71 -4.82
C SER A 87 2.45 5.62 -6.08
N CYS A 88 3.08 4.43 -6.29
CA CYS A 88 3.91 4.13 -7.47
C CYS A 88 3.05 3.55 -8.63
N LEU A 89 2.00 2.78 -8.27
CA LEU A 89 1.12 2.10 -9.24
C LEU A 89 0.02 3.06 -9.71
N ARG A 90 -0.77 3.54 -8.72
CA ARG A 90 -1.86 4.54 -8.86
C ARG A 90 -3.12 3.92 -9.51
N LYS A 91 -2.95 3.44 -10.75
CA LYS A 91 -3.98 2.72 -11.51
C LYS A 91 -4.40 1.44 -10.74
N LYS A 92 -5.69 1.10 -10.78
CA LYS A 92 -6.25 -0.04 -10.00
C LYS A 92 -6.97 -1.07 -10.92
N PRO A 93 -6.18 -1.94 -11.65
CA PRO A 93 -6.74 -3.01 -12.50
C PRO A 93 -6.96 -4.33 -11.71
N ARG A 94 -8.05 -5.02 -12.03
CA ARG A 94 -8.36 -6.36 -11.49
C ARG A 94 -8.15 -7.38 -12.60
N LYS A 95 -7.02 -8.10 -12.53
CA LYS A 95 -6.60 -9.08 -13.55
C LYS A 95 -7.55 -10.31 -13.54
N PRO A 96 -7.99 -10.82 -14.76
CA PRO A 96 -8.88 -11.99 -14.89
C PRO A 96 -8.27 -13.26 -14.28
N TYR A 97 -8.59 -13.52 -13.00
CA TYR A 97 -8.14 -14.71 -12.27
C TYR A 97 -8.95 -15.94 -12.72
N THR A 98 -8.27 -17.08 -12.81
CA THR A 98 -8.87 -18.36 -13.16
C THR A 98 -9.30 -19.10 -11.88
N ILE A 99 -10.62 -19.31 -11.71
CA ILE A 99 -11.20 -19.93 -10.50
C ILE A 99 -10.90 -21.44 -10.53
N LYS A 100 -9.69 -21.82 -10.03
CA LYS A 100 -9.17 -23.21 -9.92
C LYS A 100 -9.42 -24.08 -11.19
N LYS A 101 -9.44 -23.40 -12.35
CA LYS A 101 -9.64 -23.99 -13.68
C LYS A 101 -8.59 -23.42 -14.65
N PRO A 102 -8.37 -24.03 -15.86
CA PRO A 102 -7.53 -23.40 -16.90
C PRO A 102 -8.19 -22.14 -17.50
N VAL A 103 -7.47 -21.44 -18.39
CA VAL A 103 -8.02 -20.29 -19.15
C VAL A 103 -9.24 -20.76 -19.97
N GLY A 104 -9.09 -21.92 -20.63
CA GLY A 104 -10.19 -22.59 -21.34
C GLY A 104 -11.07 -23.41 -20.40
N LYS A 105 -11.71 -22.73 -19.44
CA LYS A 105 -12.62 -23.35 -18.46
C LYS A 105 -13.86 -23.96 -19.15
N THR A 106 -14.42 -23.22 -20.11
CA THR A 106 -15.57 -23.65 -20.92
C THR A 106 -15.25 -23.50 -22.43
N LYS A 107 -16.18 -23.96 -23.29
CA LYS A 107 -16.05 -23.96 -24.77
C LYS A 107 -15.88 -22.54 -25.36
N GLU A 108 -16.31 -21.52 -24.59
CA GLU A 108 -16.18 -20.11 -24.97
C GLU A 108 -14.70 -19.73 -25.16
N GLU A 109 -13.87 -20.08 -24.16
CA GLU A 109 -12.43 -19.74 -24.15
C GLU A 109 -11.62 -20.73 -24.98
N LEU A 110 -12.15 -21.96 -25.18
CA LEU A 110 -11.54 -22.96 -26.09
C LEU A 110 -11.62 -22.47 -27.56
N ALA A 111 -12.62 -21.62 -27.85
CA ALA A 111 -12.75 -20.90 -29.13
C ALA A 111 -11.97 -19.57 -29.10
N LEU A 112 -12.04 -18.86 -27.95
CA LEU A 112 -11.48 -17.49 -27.78
C LEU A 112 -9.93 -17.51 -27.77
N GLU A 113 -9.34 -18.67 -27.38
CA GLU A 113 -7.87 -18.86 -27.38
C GLU A 113 -7.29 -18.75 -28.79
N LYS A 114 -8.14 -18.99 -29.82
CA LYS A 114 -7.76 -18.85 -31.24
C LYS A 114 -7.40 -17.39 -31.57
N LYS A 115 -8.03 -16.45 -30.85
CA LYS A 115 -7.67 -15.02 -30.94
C LYS A 115 -6.28 -14.79 -30.33
N ARG A 116 -5.98 -15.47 -29.21
CA ARG A 116 -4.67 -15.37 -28.52
C ARG A 116 -3.58 -16.04 -29.41
N GLU A 117 -3.99 -17.06 -30.18
CA GLU A 117 -3.14 -17.73 -31.19
C GLU A 117 -2.85 -16.72 -32.33
N LEU A 118 -3.89 -15.95 -32.70
CA LEU A 118 -3.79 -14.88 -33.70
C LEU A 118 -2.83 -13.77 -33.23
N GLU A 119 -2.88 -13.45 -31.92
CA GLU A 119 -2.04 -12.41 -31.30
C GLU A 119 -0.54 -12.80 -31.34
N LYS A 120 -0.27 -14.09 -31.08
CA LYS A 120 1.11 -14.62 -31.01
C LYS A 120 1.72 -14.66 -32.43
N ARG A 121 0.95 -15.16 -33.42
CA ARG A 121 1.41 -15.25 -34.83
C ARG A 121 1.49 -13.86 -35.48
N LEU A 122 0.66 -12.91 -34.99
CA LEU A 122 0.65 -11.51 -35.45
C LEU A 122 1.95 -10.82 -35.02
N GLN A 123 2.39 -11.17 -33.78
CA GLN A 123 3.64 -10.67 -33.19
C GLN A 123 4.84 -11.31 -33.92
N ASP A 124 4.71 -12.62 -34.21
CA ASP A 124 5.77 -13.46 -34.80
C ASP A 124 6.11 -13.04 -36.24
N VAL A 125 5.07 -12.70 -37.02
CA VAL A 125 5.21 -12.30 -38.45
C VAL A 125 5.69 -10.82 -38.56
N SER A 126 5.90 -10.17 -37.40
CA SER A 126 6.43 -8.78 -37.26
C SER A 126 5.39 -7.71 -37.66
N GLY A 127 5.39 -6.59 -36.92
CA GLY A 127 4.50 -5.47 -37.14
C GLY A 127 5.21 -4.15 -36.96
N GLN A 128 6.44 -4.10 -37.50
CA GLN A 128 7.31 -2.92 -37.46
C GLN A 128 6.75 -1.82 -38.38
N LEU A 129 6.52 -0.62 -37.81
CA LEU A 129 5.92 0.52 -38.51
C LEU A 129 7.01 1.46 -39.05
N ASN A 130 6.95 1.75 -40.37
CA ASN A 130 7.89 2.64 -41.09
C ASN A 130 9.33 2.05 -41.07
N SER A 131 10.05 2.31 -39.97
CA SER A 131 11.46 1.93 -39.80
C SER A 131 11.86 2.15 -38.32
N THR A 132 13.15 2.01 -38.02
CA THR A 132 13.71 2.24 -36.68
C THR A 132 15.09 2.95 -36.80
#